data_6C1D
#
_entry.id   6C1D
#
loop_
_entity.id
_entity.type
_entity.pdbx_description
1 polymer 'Actin, alpha skeletal muscle'
2 polymer 'Unconventional myosin-Ib'
3 polymer Calmodulin
4 polymer Phalloidin
5 non-polymer "ADENOSINE-5'-DIPHOSPHATE"
6 non-polymer 'MAGNESIUM ION'
#
loop_
_entity_poly.entity_id
_entity_poly.type
_entity_poly.pdbx_seq_one_letter_code
_entity_poly.pdbx_strand_id
1 'polypeptide(L)'
;DEDETTALVCDNGSGLVKAGFAGDDAPRAVFPSIVGRPRHQGVMVGMGQKDSYVGDEAQSKRGILTLKYPIEHGIITNWD
DMEKIWHHTFYNELRVAPEEHPTLLTEAPLNPKANREKMTQIMFETFNVPAMYVAIQAVLSLYASGRTTGIVLDSGDGVT
HNVPIYEGYALPHAIMRLDLAGRDLTDYLMKILTERGYSFVTTAEREIVRDIKEKLCYVALDFENEMATAASSSSLEKSY
ELPDGQVITIGNERFRCPETLFQPSFIGMESAGIHETTYNSIMKCDIDIRKDLYANNVMSGGTTMYPGIADRMQKEITAL
APSTMKIKIIAPPERKYSVWIGGSILASLSTFQQMWITKQEYDEAGPSIVHRKCF
;
A,B,C,D,E
2 'polypeptide(L)'
;VKSSLLDNMIGVGDTVLLEPLNEETFIDNLKKRFDHNEIYTYIGSVVISVNPYRSLPIYSPEKVEDYRNRNFYELSPHIF
ALSDEAYRSLRDQDKDQCILITGESGAGKTEASKLVMSYVAAVCGKGAEVNQVKEQLLQSTPVLEAFGNAKTVRNDNSSR
FGKYMDIEFDFKGDPLGGVISNYLLEKSRVVKQPRGERNFHVFYQLLSGASEELLHKLKLERDFSRYNYLSLDSAKVNGV
DDAANFRTVRNAMQIVGFSDPEAESVLEVVAAVLKLGNIEFKPESRMNGLDESKIKDKNELKEICELTSIDQVVLERAFS
FRTVEAKQEKVSTTLNVAQAYYARDALAKNLYSRLFSWLVNRINESIKAQTKVRKKVMGVLDIYGFEIFEDNSFEQFIIN
YCNEKLQQIFIELTLKEEQEEYIREDIEWTHIDYFNNAIICDLIENNTNGILAMLDEECLRPGTVTDETFLEKLNQVCAT
HQHFESRMSKCSRFLNDTTLPHSCFRIQHYAGKVLYQVEGFVDKNNDLLYRDLSQAMWKAGHALIKSLFPEGNPAKVNLK
RPPTAGSQFKASVATLMKNLQTKNPNYIRCIKPNDKKAAHIFSESLVCHQIRYLGLLENVRVRRAGYAFRQAYEPCLERY
KMLCKQTWPHWKGPARSGVEVLFNELEIPVEEYSFGRSKIFIRNPRTLFQLEDLRKQRLEDLATLIQKIYRGWKCRTHFL
LMKGLNDIF
;
P
3 'polypeptide(L)'
;ADQLTEEQIAEFKEAFSLFDKDGDGTITTKELGTVMRSLGQNPTEAELQDMINEVDADGNGTIDFPEFLTMMARKMKDTD
SEEEIREAFRVFDKDGNGYISAAELRHVMTNLGEKLTDEEVDEMIREADIDGDGQVNYEEFVQMMTAK
;
R
4 'polypeptide(L)' A(2TL)(DCY)(HYP)AW(EEP) F
#
# COMPACT_ATOMS: atom_id res chain seq x y z
N ASP A 1 -4.67 13.94 86.45
CA ASP A 1 -4.78 14.10 85.00
C ASP A 1 -4.33 12.84 84.26
N GLU A 2 -3.62 13.05 83.16
CA GLU A 2 -3.03 11.95 82.39
C GLU A 2 -1.54 11.91 82.70
N ASP A 3 -1.10 10.81 83.30
CA ASP A 3 0.28 10.66 83.75
C ASP A 3 1.22 10.22 82.63
N GLU A 4 0.72 10.08 81.40
CA GLU A 4 1.54 9.68 80.27
C GLU A 4 1.38 10.65 79.11
N THR A 5 2.04 10.30 78.01
CA THR A 5 2.02 11.04 76.75
C THR A 5 1.12 10.36 75.73
N THR A 6 -0.04 9.90 76.19
CA THR A 6 -0.99 9.21 75.33
C THR A 6 -1.50 10.14 74.23
N ALA A 7 -1.58 9.63 73.02
CA ALA A 7 -1.99 10.44 71.89
C ALA A 7 -3.48 10.76 71.97
N LEU A 8 -3.83 11.97 71.56
CA LEU A 8 -5.21 12.38 71.44
C LEU A 8 -5.74 11.95 70.09
N VAL A 9 -6.96 11.42 70.10
CA VAL A 9 -7.66 11.11 68.87
C VAL A 9 -8.91 12.00 68.87
N CYS A 10 -8.83 13.12 68.17
CA CYS A 10 -9.95 14.02 68.02
C CYS A 10 -10.57 13.81 66.65
N ASP A 11 -11.88 13.64 66.61
CA ASP A 11 -12.58 13.29 65.38
C ASP A 11 -13.82 14.18 65.29
N ASN A 12 -13.68 15.27 64.56
CA ASN A 12 -14.83 16.07 64.16
C ASN A 12 -15.08 15.77 62.70
N GLY A 13 -16.16 15.05 62.43
CA GLY A 13 -16.48 14.79 61.04
C GLY A 13 -17.02 16.03 60.37
N SER A 14 -18.28 16.39 60.63
CA SER A 14 -18.75 17.75 60.38
C SER A 14 -19.80 18.17 61.37
N GLY A 15 -20.29 17.26 62.20
CA GLY A 15 -21.44 17.59 63.00
C GLY A 15 -21.43 17.08 64.41
N LEU A 16 -20.36 16.39 64.80
CA LEU A 16 -20.31 15.77 66.11
C LEU A 16 -18.84 15.59 66.47
N VAL A 17 -18.39 16.23 67.53
CA VAL A 17 -17.02 16.03 68.01
C VAL A 17 -17.00 14.77 68.86
N LYS A 18 -16.11 13.86 68.52
CA LYS A 18 -15.85 12.69 69.35
C LYS A 18 -14.34 12.58 69.52
N ALA A 19 -13.88 12.84 70.73
CA ALA A 19 -12.47 12.92 71.04
C ALA A 19 -12.15 12.03 72.21
N GLY A 20 -10.87 11.69 72.33
CA GLY A 20 -10.43 10.90 73.46
C GLY A 20 -8.96 10.58 73.35
N PHE A 21 -8.58 9.46 73.95
CA PHE A 21 -7.19 9.07 74.03
C PHE A 21 -6.95 7.88 73.12
N ALA A 22 -5.70 7.64 72.78
CA ALA A 22 -5.38 6.45 72.01
C ALA A 22 -5.30 5.24 72.94
N GLY A 23 -5.51 4.06 72.38
CA GLY A 23 -5.51 2.85 73.17
C GLY A 23 -6.72 2.79 74.07
N ASP A 24 -7.89 2.95 73.46
CA ASP A 24 -9.10 3.23 74.22
C ASP A 24 -10.28 2.70 73.43
N ASP A 25 -11.30 2.21 74.14
CA ASP A 25 -12.45 1.60 73.47
C ASP A 25 -13.31 2.65 72.78
N ALA A 26 -13.89 3.56 73.55
CA ALA A 26 -14.83 4.55 73.10
C ALA A 26 -14.26 5.95 73.27
N PRO A 27 -14.72 6.92 72.48
CA PRO A 27 -14.27 8.30 72.71
C PRO A 27 -14.79 8.81 74.03
N ARG A 28 -13.94 9.55 74.72
CA ARG A 28 -14.28 10.02 76.06
C ARG A 28 -15.27 11.16 76.01
N ALA A 29 -15.17 12.00 74.98
CA ALA A 29 -16.01 13.18 74.84
C ALA A 29 -16.75 13.08 73.53
N VAL A 30 -18.07 13.04 73.58
CA VAL A 30 -18.91 13.10 72.39
C VAL A 30 -19.91 14.22 72.61
N PHE A 31 -19.83 15.28 71.82
CA PHE A 31 -20.72 16.41 71.98
C PHE A 31 -20.98 17.04 70.62
N PRO A 32 -22.07 17.80 70.47
CA PRO A 32 -22.33 18.44 69.18
C PRO A 32 -21.29 19.48 68.82
N SER A 33 -20.93 19.49 67.54
CA SER A 33 -19.98 20.46 67.01
C SER A 33 -20.69 21.75 66.61
N ILE A 34 -21.26 22.42 67.61
CA ILE A 34 -21.97 23.67 67.42
C ILE A 34 -21.36 24.72 68.32
N VAL A 35 -21.51 25.97 67.92
CA VAL A 35 -21.21 27.10 68.78
C VAL A 35 -22.42 28.03 68.75
N GLY A 36 -23.03 28.22 69.90
CA GLY A 36 -24.23 29.02 69.99
C GLY A 36 -23.94 30.42 70.47
N ARG A 37 -24.87 31.32 70.24
CA ARG A 37 -24.57 32.72 70.46
C ARG A 37 -25.88 33.48 70.63
N PRO A 38 -26.02 34.32 71.65
CA PRO A 38 -27.33 34.89 71.99
C PRO A 38 -27.79 35.90 70.96
N ARG A 39 -29.05 35.79 70.55
CA ARG A 39 -29.56 36.67 69.52
C ARG A 39 -30.49 37.75 70.04
N HIS A 40 -30.67 37.85 71.35
CA HIS A 40 -31.30 39.00 71.98
C HIS A 40 -30.66 39.26 73.33
N GLN A 41 -31.08 40.36 73.96
CA GLN A 41 -30.25 41.02 74.96
C GLN A 41 -30.39 40.39 76.33
N GLY A 42 -29.32 40.52 77.12
CA GLY A 42 -29.30 40.02 78.48
C GLY A 42 -29.87 41.05 79.43
N VAL A 43 -30.77 40.59 80.31
CA VAL A 43 -31.58 41.47 81.13
C VAL A 43 -31.37 41.21 82.62
N MET A 44 -31.29 39.95 83.02
CA MET A 44 -30.89 39.63 84.38
C MET A 44 -29.44 40.00 84.60
N VAL A 45 -29.21 41.06 85.37
CA VAL A 45 -27.88 41.57 85.68
C VAL A 45 -27.25 40.64 86.71
N GLY A 46 -25.97 40.36 86.56
CA GLY A 46 -25.32 39.42 87.45
C GLY A 46 -25.73 38.01 87.16
N MET A 47 -25.33 37.50 86.00
CA MET A 47 -25.81 36.23 85.48
C MET A 47 -24.68 35.36 84.95
N GLY A 48 -23.56 35.97 84.55
CA GLY A 48 -22.58 35.26 83.76
C GLY A 48 -22.91 35.53 82.31
N GLN A 49 -23.65 34.59 81.71
CA GLN A 49 -24.20 34.63 80.35
C GLN A 49 -23.15 35.08 79.32
N LYS A 50 -22.18 34.19 79.15
CA LYS A 50 -21.12 34.33 78.17
C LYS A 50 -21.70 34.40 76.76
N ASP A 51 -21.02 35.12 75.88
CA ASP A 51 -21.52 35.38 74.53
C ASP A 51 -20.93 34.37 73.55
N SER A 52 -20.91 33.10 73.94
CA SER A 52 -20.58 31.95 73.09
C SER A 52 -20.86 30.70 73.90
N TYR A 53 -21.62 29.77 73.35
CA TYR A 53 -21.88 28.49 73.99
C TYR A 53 -21.50 27.41 73.01
N VAL A 54 -20.51 26.61 73.38
CA VAL A 54 -19.99 25.57 72.51
C VAL A 54 -20.43 24.21 73.04
N GLY A 55 -20.74 23.31 72.12
CA GLY A 55 -20.98 21.94 72.50
C GLY A 55 -22.35 21.71 73.09
N ASP A 56 -22.41 20.79 74.06
CA ASP A 56 -23.67 20.33 74.62
C ASP A 56 -24.41 21.43 75.36
N GLU A 57 -23.68 22.38 75.94
CA GLU A 57 -24.28 23.52 76.61
C GLU A 57 -25.12 24.35 75.65
N ALA A 58 -24.71 24.41 74.38
CA ALA A 58 -25.48 25.14 73.39
C ALA A 58 -26.84 24.47 73.16
N GLN A 59 -26.88 23.14 73.14
CA GLN A 59 -28.20 22.50 73.08
C GLN A 59 -28.95 22.60 74.40
N SER A 60 -28.26 22.91 75.50
CA SER A 60 -29.02 23.18 76.71
C SER A 60 -29.67 24.56 76.67
N LYS A 61 -29.19 25.46 75.81
CA LYS A 61 -29.68 26.84 75.79
C LYS A 61 -30.16 27.25 74.42
N ARG A 62 -30.44 26.29 73.53
CA ARG A 62 -30.71 26.57 72.13
C ARG A 62 -31.97 27.36 71.87
N GLY A 63 -32.84 27.52 72.87
CA GLY A 63 -34.01 28.36 72.68
C GLY A 63 -33.70 29.84 72.61
N ILE A 64 -32.53 30.26 73.09
CA ILE A 64 -32.15 31.67 73.04
C ILE A 64 -30.86 31.88 72.27
N LEU A 65 -30.42 30.89 71.51
CA LEU A 65 -29.18 30.97 70.77
C LEU A 65 -29.45 30.75 69.29
N THR A 66 -28.56 31.25 68.45
CA THR A 66 -28.51 30.87 67.06
C THR A 66 -27.35 29.89 66.91
N LEU A 67 -27.68 28.63 66.70
CA LEU A 67 -26.67 27.59 66.63
C LEU A 67 -26.01 27.62 65.27
N LYS A 68 -24.71 27.38 65.24
CA LYS A 68 -23.95 27.53 64.01
C LYS A 68 -22.85 26.47 63.98
N TYR A 69 -22.89 25.63 62.98
CA TYR A 69 -21.90 24.57 62.81
C TYR A 69 -20.67 25.13 62.12
N PRO A 70 -19.49 25.11 62.75
CA PRO A 70 -18.29 25.65 62.11
C PRO A 70 -17.70 24.78 61.02
N ILE A 71 -18.30 23.64 60.71
CA ILE A 71 -17.73 22.71 59.75
C ILE A 71 -18.85 22.12 58.91
N GLU A 72 -18.77 22.35 57.60
CA GLU A 72 -19.87 22.11 56.67
C GLU A 72 -19.34 21.29 55.51
N HIS A 73 -19.96 20.14 55.26
CA HIS A 73 -19.52 19.15 54.27
C HIS A 73 -18.08 18.72 54.49
N GLY A 74 -17.68 18.58 55.75
CA GLY A 74 -16.33 18.20 56.06
C GLY A 74 -15.30 19.29 55.87
N ILE A 75 -15.72 20.50 55.52
CA ILE A 75 -14.84 21.64 55.32
C ILE A 75 -15.08 22.61 56.46
N ILE A 76 -14.00 23.05 57.10
CA ILE A 76 -14.12 24.00 58.19
C ILE A 76 -14.31 25.40 57.61
N THR A 77 -15.46 26.00 57.88
CA THR A 77 -15.81 27.30 57.32
C THR A 77 -15.45 28.44 58.27
N ASN A 78 -15.94 28.40 59.50
CA ASN A 78 -15.51 29.33 60.54
C ASN A 78 -14.26 28.75 61.21
N TRP A 79 -13.17 29.49 61.18
CA TRP A 79 -11.95 29.01 61.80
C TRP A 79 -11.84 29.41 63.25
N ASP A 80 -12.29 30.61 63.60
CA ASP A 80 -12.32 31.00 65.00
C ASP A 80 -13.32 30.20 65.81
N ASP A 81 -14.45 29.84 65.22
CA ASP A 81 -15.42 28.98 65.89
C ASP A 81 -14.93 27.55 66.00
N MET A 82 -14.19 27.06 65.00
CA MET A 82 -13.57 25.74 65.14
C MET A 82 -12.48 25.77 66.19
N GLU A 83 -11.82 26.91 66.37
CA GLU A 83 -10.90 27.06 67.48
C GLU A 83 -11.63 27.11 68.81
N LYS A 84 -12.87 27.63 68.84
CA LYS A 84 -13.70 27.51 70.04
C LYS A 84 -14.04 26.05 70.30
N ILE A 85 -14.30 25.29 69.23
CA ILE A 85 -14.67 23.88 69.35
C ILE A 85 -13.50 23.05 69.84
N TRP A 86 -12.32 23.29 69.29
CA TRP A 86 -11.12 22.60 69.73
C TRP A 86 -10.70 23.02 71.13
N HIS A 87 -10.81 24.30 71.46
CA HIS A 87 -10.48 24.79 72.80
C HIS A 87 -11.39 24.17 73.85
N HIS A 88 -12.69 24.11 73.56
CA HIS A 88 -13.63 23.42 74.42
C HIS A 88 -13.38 21.92 74.44
N THR A 89 -12.87 21.38 73.34
CA THR A 89 -12.60 19.96 73.26
C THR A 89 -11.47 19.57 74.19
N PHE A 90 -10.33 20.24 74.10
CA PHE A 90 -9.20 19.89 74.94
C PHE A 90 -9.35 20.35 76.37
N TYR A 91 -9.81 21.58 76.59
CA TYR A 91 -9.69 22.19 77.92
C TYR A 91 -10.92 22.03 78.79
N ASN A 92 -12.10 21.77 78.22
CA ASN A 92 -13.32 21.65 79.01
C ASN A 92 -13.84 20.22 79.04
N GLU A 93 -14.01 19.59 77.89
CA GLU A 93 -14.57 18.25 77.84
C GLU A 93 -13.52 17.20 78.17
N LEU A 94 -12.49 17.11 77.35
CA LEU A 94 -11.46 16.10 77.55
C LEU A 94 -10.52 16.50 78.66
N ARG A 95 -10.42 17.80 78.93
CA ARG A 95 -9.88 18.39 80.16
C ARG A 95 -8.40 18.00 80.33
N VAL A 96 -7.60 18.50 79.39
CA VAL A 96 -6.22 18.07 79.23
C VAL A 96 -5.47 19.18 78.49
N ALA A 97 -4.15 19.16 78.56
CA ALA A 97 -3.35 20.15 77.86
C ALA A 97 -2.86 19.59 76.54
N PRO A 98 -3.05 20.29 75.42
CA PRO A 98 -2.60 19.77 74.12
C PRO A 98 -1.10 19.78 73.96
N GLU A 99 -0.38 20.51 74.80
CA GLU A 99 1.07 20.59 74.73
C GLU A 99 1.73 19.27 75.09
N GLU A 100 1.04 18.39 75.80
CA GLU A 100 1.59 17.15 76.30
C GLU A 100 1.26 15.95 75.42
N HIS A 101 0.41 16.11 74.41
CA HIS A 101 -0.13 14.97 73.70
C HIS A 101 -0.05 15.17 72.19
N PRO A 102 0.48 14.22 71.44
CA PRO A 102 0.29 14.24 69.98
C PRO A 102 -1.17 14.05 69.66
N THR A 103 -1.63 14.73 68.63
CA THR A 103 -3.05 14.66 68.29
C THR A 103 -3.26 14.11 66.89
N LEU A 104 -4.32 13.33 66.77
CA LEU A 104 -4.71 12.67 65.52
C LEU A 104 -6.04 13.27 65.09
N LEU A 105 -6.00 14.09 64.05
CA LEU A 105 -7.19 14.64 63.45
C LEU A 105 -7.61 13.77 62.28
N THR A 106 -8.86 13.92 61.86
CA THR A 106 -9.40 13.19 60.73
C THR A 106 -10.02 14.16 59.74
N GLU A 107 -9.94 13.83 58.45
CA GLU A 107 -10.79 14.49 57.49
C GLU A 107 -11.11 13.52 56.38
N ALA A 108 -11.90 14.00 55.43
CA ALA A 108 -12.36 13.23 54.31
C ALA A 108 -11.34 13.27 53.17
N PRO A 109 -11.41 12.33 52.23
CA PRO A 109 -10.66 12.49 50.99
C PRO A 109 -11.26 13.61 50.16
N LEU A 110 -10.48 14.05 49.19
CA LEU A 110 -10.91 15.00 48.16
C LEU A 110 -11.39 16.30 48.80
N ASN A 111 -10.69 16.74 49.80
CA ASN A 111 -11.04 17.94 50.56
C ASN A 111 -10.13 19.05 50.08
N PRO A 112 -10.46 20.31 50.31
CA PRO A 112 -9.47 21.36 50.07
C PRO A 112 -8.26 21.19 50.97
N LYS A 113 -7.08 21.36 50.39
CA LYS A 113 -5.86 21.13 51.14
C LYS A 113 -5.53 22.27 52.09
N ALA A 114 -6.24 23.40 52.00
CA ALA A 114 -6.11 24.44 53.00
C ALA A 114 -6.85 24.10 54.29
N ASN A 115 -7.81 23.17 54.21
CA ASN A 115 -8.44 22.66 55.42
C ASN A 115 -7.44 21.87 56.25
N ARG A 116 -6.74 20.98 55.59
CA ARG A 116 -5.73 20.13 56.22
C ARG A 116 -4.55 20.97 56.68
N GLU A 117 -4.14 21.92 55.85
CA GLU A 117 -2.99 22.75 56.12
C GLU A 117 -3.26 23.75 57.24
N LYS A 118 -4.41 24.41 57.20
CA LYS A 118 -4.78 25.31 58.29
C LYS A 118 -5.11 24.56 59.56
N MET A 119 -5.56 23.32 59.45
CA MET A 119 -5.78 22.52 60.65
C MET A 119 -4.45 22.16 61.30
N THR A 120 -3.42 21.93 60.49
CA THR A 120 -2.08 21.70 61.04
C THR A 120 -1.49 22.98 61.63
N GLN A 121 -1.74 24.12 60.98
CA GLN A 121 -1.26 25.39 61.49
C GLN A 121 -1.94 25.76 62.80
N ILE A 122 -3.23 25.45 62.93
CA ILE A 122 -3.91 25.74 64.20
C ILE A 122 -3.48 24.76 65.28
N MET A 123 -3.18 23.51 64.92
CA MET A 123 -2.72 22.58 65.96
C MET A 123 -1.33 22.91 66.48
N PHE A 124 -0.42 23.32 65.61
CA PHE A 124 0.91 23.64 66.13
C PHE A 124 1.02 25.07 66.65
N GLU A 125 0.45 26.04 65.94
CA GLU A 125 0.64 27.43 66.32
C GLU A 125 -0.20 27.80 67.54
N THR A 126 -1.46 27.37 67.59
CA THR A 126 -2.35 27.80 68.65
C THR A 126 -2.31 26.88 69.87
N PHE A 127 -2.44 25.59 69.66
CA PHE A 127 -2.52 24.66 70.78
C PHE A 127 -1.18 24.05 71.16
N ASN A 128 -0.14 24.24 70.34
CA ASN A 128 1.24 23.83 70.61
C ASN A 128 1.37 22.33 70.86
N VAL A 129 0.78 21.54 69.96
CA VAL A 129 0.86 20.08 70.11
C VAL A 129 2.28 19.65 69.75
N PRO A 130 2.80 18.58 70.36
CA PRO A 130 4.14 18.12 69.99
C PRO A 130 4.18 17.44 68.66
N ALA A 131 3.12 16.74 68.30
CA ALA A 131 3.01 16.04 67.02
C ALA A 131 1.55 16.08 66.62
N MET A 132 1.30 15.78 65.36
CA MET A 132 -0.01 15.99 64.78
C MET A 132 -0.09 15.13 63.54
N TYR A 133 -1.30 14.67 63.20
CA TYR A 133 -1.45 13.84 62.01
C TYR A 133 -2.89 13.89 61.56
N VAL A 134 -3.12 14.25 60.31
CA VAL A 134 -4.47 14.20 59.73
C VAL A 134 -4.64 12.79 59.20
N ALA A 135 -5.85 12.27 59.18
CA ALA A 135 -6.04 10.91 58.73
C ALA A 135 -7.33 10.78 57.95
N ILE A 136 -7.28 10.01 56.85
CA ILE A 136 -8.45 9.80 56.03
C ILE A 136 -9.43 8.91 56.78
N GLN A 137 -10.67 9.36 56.86
CA GLN A 137 -11.60 8.95 57.88
C GLN A 137 -12.13 7.54 57.64
N ALA A 138 -12.38 7.19 56.38
CA ALA A 138 -12.83 5.85 56.03
C ALA A 138 -11.72 4.81 56.13
N VAL A 139 -10.47 5.22 55.92
CA VAL A 139 -9.32 4.35 56.17
C VAL A 139 -9.31 3.91 57.62
N LEU A 140 -9.45 4.86 58.54
CA LEU A 140 -9.55 4.57 59.95
C LEU A 140 -10.79 3.75 60.27
N SER A 141 -11.87 3.96 59.51
CA SER A 141 -13.05 3.14 59.64
C SER A 141 -12.79 1.70 59.21
N LEU A 142 -11.77 1.45 58.38
CA LEU A 142 -11.35 0.07 58.12
C LEU A 142 -10.36 -0.44 59.17
N TYR A 143 -9.61 0.46 59.83
CA TYR A 143 -8.79 0.04 60.97
C TYR A 143 -9.63 -0.51 62.11
N ALA A 144 -10.83 0.03 62.31
CA ALA A 144 -11.68 -0.49 63.37
C ALA A 144 -12.27 -1.84 63.02
N SER A 145 -12.37 -2.18 61.74
CA SER A 145 -12.93 -3.46 61.34
C SER A 145 -11.97 -4.62 61.57
N GLY A 146 -10.70 -4.35 61.81
CA GLY A 146 -9.73 -5.42 61.86
C GLY A 146 -9.41 -6.00 60.50
N ARG A 147 -9.69 -5.27 59.44
CA ARG A 147 -9.48 -5.72 58.07
C ARG A 147 -8.45 -4.84 57.39
N THR A 148 -7.71 -5.42 56.47
CA THR A 148 -6.86 -4.68 55.57
C THR A 148 -7.30 -4.77 54.12
N THR A 149 -8.45 -5.39 53.89
CA THR A 149 -9.06 -5.43 52.56
C THR A 149 -10.54 -5.14 52.71
N GLY A 150 -11.01 -4.12 51.99
CA GLY A 150 -12.41 -3.78 51.98
C GLY A 150 -12.63 -2.41 51.44
N ILE A 151 -13.86 -2.15 51.01
CA ILE A 151 -14.29 -0.83 50.59
C ILE A 151 -15.15 -0.26 51.70
N VAL A 152 -14.93 1.01 52.02
CA VAL A 152 -15.52 1.60 53.21
C VAL A 152 -16.46 2.72 52.81
N LEU A 153 -17.72 2.59 53.19
CA LEU A 153 -18.70 3.65 53.19
C LEU A 153 -18.89 4.09 54.64
N ASP A 154 -18.95 5.39 54.90
CA ASP A 154 -19.23 5.77 56.27
C ASP A 154 -20.38 6.76 56.43
N SER A 155 -20.40 7.84 55.64
CA SER A 155 -21.49 8.82 55.56
C SER A 155 -21.72 9.54 56.90
N GLY A 156 -20.79 10.41 57.27
CA GLY A 156 -20.98 11.22 58.47
C GLY A 156 -22.03 12.32 58.38
N ASP A 157 -21.82 13.48 59.00
CA ASP A 157 -22.85 14.49 58.94
C ASP A 157 -22.76 15.37 57.70
N GLY A 158 -21.61 15.41 57.03
CA GLY A 158 -21.48 16.28 55.89
C GLY A 158 -20.93 15.66 54.63
N VAL A 159 -20.43 14.43 54.71
CA VAL A 159 -19.69 13.83 53.61
C VAL A 159 -19.84 12.32 53.70
N THR A 160 -19.84 11.64 52.55
CA THR A 160 -19.73 10.20 52.47
C THR A 160 -18.59 9.81 51.52
N HIS A 161 -17.99 8.64 51.76
CA HIS A 161 -16.60 8.39 51.38
C HIS A 161 -16.41 7.33 50.29
N ASN A 162 -16.68 6.06 50.58
CA ASN A 162 -16.27 4.92 49.74
C ASN A 162 -14.79 4.96 49.36
N VAL A 163 -13.95 4.65 50.34
CA VAL A 163 -12.52 4.43 50.11
C VAL A 163 -12.27 2.94 49.96
N PRO A 164 -11.85 2.46 48.78
CA PRO A 164 -11.48 1.05 48.65
C PRO A 164 -10.02 0.78 48.96
N ILE A 165 -9.77 -0.33 49.65
CA ILE A 165 -8.44 -0.73 50.09
C ILE A 165 -8.29 -2.22 49.82
N TYR A 166 -7.17 -2.63 49.24
CA TYR A 166 -6.91 -4.04 48.97
C TYR A 166 -5.53 -4.39 49.47
N GLU A 167 -5.47 -5.35 50.42
CA GLU A 167 -4.22 -5.87 50.99
C GLU A 167 -3.36 -4.76 51.59
N GLY A 168 -3.99 -3.76 52.17
CA GLY A 168 -3.27 -2.66 52.75
C GLY A 168 -3.02 -1.50 51.84
N TYR A 169 -3.32 -1.64 50.55
CA TYR A 169 -3.04 -0.61 49.57
C TYR A 169 -4.36 0.05 49.19
N ALA A 170 -4.44 1.36 49.38
CA ALA A 170 -5.63 2.06 48.94
C ALA A 170 -5.56 2.29 47.44
N LEU A 171 -6.73 2.56 46.86
CA LEU A 171 -6.88 2.77 45.43
C LEU A 171 -7.39 4.19 45.26
N PRO A 172 -6.51 5.19 45.29
CA PRO A 172 -6.97 6.58 45.38
C PRO A 172 -7.59 7.11 44.11
N HIS A 173 -7.42 6.42 42.98
CA HIS A 173 -8.17 6.75 41.78
C HIS A 173 -9.60 6.23 41.86
N ALA A 174 -9.82 5.18 42.64
CA ALA A 174 -11.13 4.58 42.80
C ALA A 174 -11.86 5.14 44.00
N ILE A 175 -11.35 6.22 44.56
CA ILE A 175 -11.96 6.82 45.74
C ILE A 175 -13.20 7.60 45.31
N MET A 176 -14.06 7.92 46.27
CA MET A 176 -15.29 8.59 45.93
C MET A 176 -15.49 9.71 46.94
N ARG A 177 -16.43 10.61 46.65
CA ARG A 177 -16.88 11.60 47.63
C ARG A 177 -18.23 12.11 47.15
N LEU A 178 -19.24 11.97 47.98
CA LEU A 178 -20.52 12.60 47.76
C LEU A 178 -20.82 13.51 48.95
N ASP A 179 -21.30 14.71 48.68
CA ASP A 179 -21.60 15.67 49.73
C ASP A 179 -23.05 15.59 50.19
N LEU A 180 -23.61 14.39 50.16
CA LEU A 180 -24.94 14.12 50.67
C LEU A 180 -24.80 13.31 51.94
N ALA A 181 -25.24 13.87 53.05
CA ALA A 181 -25.08 13.21 54.32
C ALA A 181 -26.21 13.65 55.25
N GLY A 182 -26.01 13.47 56.55
CA GLY A 182 -27.11 13.53 57.49
C GLY A 182 -27.65 14.92 57.77
N ARG A 183 -26.86 15.96 57.55
CA ARG A 183 -27.40 17.31 57.72
C ARG A 183 -28.30 17.65 56.56
N ASP A 184 -27.98 17.13 55.38
CA ASP A 184 -28.85 17.27 54.22
C ASP A 184 -30.13 16.46 54.39
N LEU A 185 -30.04 15.31 55.05
CA LEU A 185 -31.23 14.53 55.35
C LEU A 185 -32.08 15.22 56.41
N THR A 186 -31.43 15.90 57.34
CA THR A 186 -32.16 16.69 58.34
C THR A 186 -32.91 17.83 57.68
N ASP A 187 -32.28 18.50 56.72
CA ASP A 187 -32.94 19.60 56.03
C ASP A 187 -34.09 19.11 55.16
N TYR A 188 -33.91 17.95 54.52
CA TYR A 188 -34.97 17.41 53.69
C TYR A 188 -36.14 16.91 54.53
N LEU A 189 -35.85 16.29 55.68
CA LEU A 189 -36.90 15.90 56.60
C LEU A 189 -37.64 17.12 57.13
N MET A 190 -36.93 18.21 57.35
CA MET A 190 -37.55 19.44 57.82
C MET A 190 -38.49 20.01 56.77
N LYS A 191 -38.11 19.87 55.49
CA LYS A 191 -38.97 20.27 54.38
C LYS A 191 -40.25 19.42 54.29
N ILE A 192 -40.12 18.10 54.36
CA ILE A 192 -41.32 17.28 54.22
C ILE A 192 -42.16 17.24 55.50
N LEU A 193 -41.57 17.58 56.63
CA LEU A 193 -42.38 17.86 57.80
C LEU A 193 -43.17 19.14 57.62
N THR A 194 -42.62 20.11 56.89
CA THR A 194 -43.43 21.26 56.52
C THR A 194 -44.55 20.86 55.56
N GLU A 195 -44.31 19.83 54.75
CA GLU A 195 -45.37 19.29 53.88
C GLU A 195 -46.52 18.68 54.69
N ARG A 196 -46.21 18.00 55.79
CA ARG A 196 -47.29 17.42 56.58
C ARG A 196 -48.07 18.46 57.37
N GLY A 197 -47.40 19.50 57.86
CA GLY A 197 -48.11 20.51 58.61
C GLY A 197 -47.31 21.13 59.74
N TYR A 198 -46.12 20.63 59.99
CA TYR A 198 -45.31 21.06 61.11
C TYR A 198 -44.16 21.92 60.59
N SER A 199 -44.11 23.17 61.03
CA SER A 199 -43.14 24.13 60.51
C SER A 199 -41.96 24.22 61.45
N PHE A 200 -40.79 23.77 60.98
CA PHE A 200 -39.55 23.90 61.72
C PHE A 200 -38.60 24.74 60.86
N VAL A 201 -38.20 25.90 61.37
CA VAL A 201 -37.35 26.78 60.59
C VAL A 201 -36.13 27.29 61.35
N THR A 202 -36.18 27.35 62.67
CA THR A 202 -35.07 27.87 63.46
C THR A 202 -33.98 26.81 63.54
N THR A 203 -32.76 27.25 63.83
CA THR A 203 -31.64 26.32 64.02
C THR A 203 -31.88 25.37 65.19
N ALA A 204 -32.55 25.86 66.23
CA ALA A 204 -32.95 24.98 67.32
C ALA A 204 -34.01 24.00 66.88
N GLU A 205 -34.94 24.44 66.04
CA GLU A 205 -35.94 23.55 65.47
C GLU A 205 -35.32 22.59 64.48
N ARG A 206 -34.25 23.00 63.81
CA ARG A 206 -33.44 22.09 63.01
C ARG A 206 -32.81 21.02 63.87
N GLU A 207 -32.44 21.35 65.09
CA GLU A 207 -31.90 20.35 65.99
C GLU A 207 -32.98 19.40 66.48
N ILE A 208 -34.21 19.91 66.64
CA ILE A 208 -35.35 19.06 66.96
C ILE A 208 -35.65 18.09 65.82
N VAL A 209 -35.61 18.57 64.58
CA VAL A 209 -35.86 17.73 63.41
C VAL A 209 -34.77 16.67 63.29
N ARG A 210 -33.52 17.03 63.59
CA ARG A 210 -32.44 16.05 63.61
C ARG A 210 -32.70 14.98 64.64
N ASP A 211 -33.27 15.36 65.79
CA ASP A 211 -33.64 14.35 66.79
C ASP A 211 -34.77 13.45 66.28
N ILE A 212 -35.74 14.00 65.56
CA ILE A 212 -36.80 13.19 64.96
C ILE A 212 -36.23 12.21 63.95
N LYS A 213 -35.22 12.65 63.19
CA LYS A 213 -34.57 11.80 62.22
C LYS A 213 -33.83 10.65 62.89
N GLU A 214 -33.19 10.93 64.03
CA GLU A 214 -32.44 9.88 64.71
C GLU A 214 -33.35 8.88 65.39
N LYS A 215 -34.40 9.37 66.07
CA LYS A 215 -35.27 8.49 66.82
C LYS A 215 -36.18 7.67 65.92
N LEU A 216 -36.58 8.24 64.78
CA LEU A 216 -37.85 7.85 64.21
C LEU A 216 -37.76 7.73 62.69
N CYS A 217 -36.69 7.14 62.18
CA CYS A 217 -36.54 6.96 60.74
C CYS A 217 -35.88 5.62 60.45
N TYR A 218 -36.32 5.00 59.35
CA TYR A 218 -35.74 3.78 58.81
C TYR A 218 -35.67 3.94 57.30
N VAL A 219 -35.15 2.92 56.61
CA VAL A 219 -34.66 3.15 55.26
C VAL A 219 -35.53 2.55 54.16
N ALA A 220 -36.49 1.67 54.49
CA ALA A 220 -37.46 1.10 53.53
C ALA A 220 -36.81 0.30 52.41
N LEU A 221 -36.43 -0.95 52.71
CA LEU A 221 -35.89 -1.96 51.77
C LEU A 221 -36.45 -1.93 50.35
N ASP A 222 -37.77 -1.87 50.20
CA ASP A 222 -38.38 -1.61 48.90
C ASP A 222 -39.21 -0.36 49.03
N PHE A 223 -38.75 0.72 48.40
CA PHE A 223 -39.32 2.04 48.67
C PHE A 223 -40.71 2.21 48.08
N GLU A 224 -41.00 1.56 46.96
CA GLU A 224 -42.30 1.73 46.34
C GLU A 224 -43.39 1.00 47.12
N ASN A 225 -43.13 -0.24 47.53
CA ASN A 225 -44.12 -0.97 48.29
C ASN A 225 -44.22 -0.48 49.73
N GLU A 226 -43.16 0.12 50.25
CA GLU A 226 -43.27 0.76 51.55
C GLU A 226 -44.07 2.05 51.43
N MET A 227 -43.92 2.74 50.31
CA MET A 227 -44.63 3.98 50.06
C MET A 227 -46.13 3.71 49.94
N ALA A 228 -46.49 2.68 49.18
CA ALA A 228 -47.89 2.29 49.08
C ALA A 228 -48.39 1.63 50.38
N THR A 229 -47.49 1.06 51.17
CA THR A 229 -47.87 0.53 52.48
C THR A 229 -48.28 1.67 53.41
N ALA A 230 -47.53 2.76 53.40
CA ALA A 230 -47.93 3.93 54.18
C ALA A 230 -49.16 4.60 53.58
N ALA A 231 -49.34 4.51 52.26
CA ALA A 231 -50.54 5.07 51.66
C ALA A 231 -51.79 4.24 51.94
N SER A 232 -51.62 2.95 52.25
CA SER A 232 -52.78 2.09 52.48
C SER A 232 -53.36 2.31 53.86
N SER A 233 -52.55 2.12 54.90
CA SER A 233 -53.02 2.20 56.28
C SER A 233 -52.10 3.10 57.08
N SER A 234 -52.48 3.33 58.34
CA SER A 234 -51.73 4.17 59.27
C SER A 234 -50.87 3.35 60.22
N SER A 235 -50.44 2.16 59.80
CA SER A 235 -49.65 1.29 60.64
C SER A 235 -48.19 1.70 60.71
N LEU A 236 -47.78 2.66 59.88
CA LEU A 236 -46.42 3.17 59.87
C LEU A 236 -46.31 4.54 60.51
N GLU A 237 -47.45 5.15 60.87
CA GLU A 237 -47.45 6.43 61.56
C GLU A 237 -46.84 6.26 62.93
N LYS A 238 -46.13 7.28 63.40
CA LYS A 238 -45.57 7.20 64.73
C LYS A 238 -45.50 8.61 65.29
N SER A 239 -45.80 8.75 66.58
CA SER A 239 -45.88 10.05 67.22
C SER A 239 -44.57 10.39 67.90
N TYR A 240 -44.26 11.67 67.94
CA TYR A 240 -43.08 12.20 68.62
C TYR A 240 -43.52 13.42 69.40
N GLU A 241 -43.28 13.40 70.71
CA GLU A 241 -43.57 14.56 71.53
C GLU A 241 -42.45 15.58 71.36
N LEU A 242 -42.78 16.75 70.84
CA LEU A 242 -41.84 17.83 70.71
C LEU A 242 -41.46 18.34 72.08
N PRO A 243 -40.32 19.04 72.22
CA PRO A 243 -40.04 19.72 73.48
C PRO A 243 -41.11 20.76 73.75
N ASP A 244 -41.59 20.74 74.99
CA ASP A 244 -42.60 21.65 75.51
C ASP A 244 -43.91 21.53 74.73
N GLY A 245 -44.53 20.36 74.87
CA GLY A 245 -45.91 20.22 74.49
C GLY A 245 -46.25 19.34 73.31
N GLN A 246 -46.54 20.00 72.18
CA GLN A 246 -47.32 19.45 71.07
C GLN A 246 -46.70 18.18 70.49
N VAL A 247 -47.53 17.17 70.26
CA VAL A 247 -47.05 15.92 69.67
C VAL A 247 -47.30 15.96 68.18
N ILE A 248 -46.43 15.28 67.43
CA ILE A 248 -46.54 15.19 65.98
C ILE A 248 -46.69 13.72 65.63
N THR A 249 -47.12 13.47 64.40
CA THR A 249 -47.37 12.10 63.95
C THR A 249 -46.89 11.99 62.51
N ILE A 250 -45.79 11.28 62.27
CA ILE A 250 -45.20 11.24 60.95
C ILE A 250 -45.45 9.88 60.31
N GLY A 251 -45.61 9.88 58.99
CA GLY A 251 -45.98 8.71 58.23
C GLY A 251 -44.93 8.27 57.25
N ASN A 252 -45.11 8.60 55.97
CA ASN A 252 -44.14 8.27 54.95
C ASN A 252 -42.86 9.07 55.05
N GLU A 253 -42.83 10.15 55.83
CA GLU A 253 -41.62 10.92 56.04
C GLU A 253 -40.59 10.15 56.84
N ARG A 254 -41.05 9.13 57.56
CA ARG A 254 -40.19 8.25 58.34
C ARG A 254 -39.19 7.50 57.46
N PHE A 255 -39.56 7.18 56.22
CA PHE A 255 -38.64 6.51 55.32
C PHE A 255 -38.35 7.27 54.04
N ARG A 256 -39.00 8.40 53.80
CA ARG A 256 -38.57 9.23 52.69
C ARG A 256 -37.34 10.05 53.02
N CYS A 257 -36.97 10.16 54.29
CA CYS A 257 -35.77 10.92 54.64
C CYS A 257 -34.47 10.22 54.23
N PRO A 258 -34.21 8.94 54.56
CA PRO A 258 -32.97 8.34 54.06
C PRO A 258 -33.09 7.69 52.69
N GLU A 259 -34.26 7.72 52.07
CA GLU A 259 -34.31 7.33 50.67
C GLU A 259 -33.61 8.36 49.80
N THR A 260 -33.54 9.61 50.28
CA THR A 260 -32.70 10.62 49.65
C THR A 260 -31.25 10.19 49.61
N LEU A 261 -30.80 9.45 50.61
CA LEU A 261 -29.45 8.92 50.60
C LEU A 261 -29.30 7.87 49.51
N PHE A 262 -30.33 7.06 49.29
CA PHE A 262 -30.31 6.12 48.17
C PHE A 262 -30.80 6.69 46.87
N GLN A 263 -31.28 7.91 46.87
CA GLN A 263 -31.86 8.47 45.66
C GLN A 263 -31.78 9.99 45.78
N PRO A 264 -30.63 10.58 45.43
CA PRO A 264 -30.37 11.99 45.76
C PRO A 264 -31.17 13.00 44.96
N SER A 265 -32.06 12.56 44.07
CA SER A 265 -32.91 13.46 43.32
C SER A 265 -33.94 14.13 44.20
N PHE A 266 -34.20 13.60 45.39
CA PHE A 266 -35.21 14.16 46.27
C PHE A 266 -34.79 15.52 46.79
N ILE A 267 -33.49 15.69 47.01
CA ILE A 267 -32.96 16.95 47.50
C ILE A 267 -32.41 17.72 46.31
N GLY A 268 -32.73 17.26 45.11
CA GLY A 268 -32.34 17.96 43.89
C GLY A 268 -30.87 17.89 43.58
N MET A 269 -30.22 16.79 43.90
CA MET A 269 -28.78 16.66 43.80
C MET A 269 -28.49 15.60 42.76
N GLU A 270 -27.83 15.99 41.67
CA GLU A 270 -27.52 15.07 40.59
C GLU A 270 -26.40 14.15 41.03
N SER A 271 -26.76 12.91 41.37
CA SER A 271 -25.77 11.92 41.77
C SER A 271 -26.34 10.55 41.49
N ALA A 272 -25.56 9.53 41.82
CA ALA A 272 -25.91 8.16 41.51
C ALA A 272 -26.50 7.43 42.71
N GLY A 273 -26.41 8.00 43.90
CA GLY A 273 -26.85 7.32 45.08
C GLY A 273 -25.71 6.62 45.79
N ILE A 274 -26.00 6.18 47.00
CA ILE A 274 -25.00 5.52 47.83
C ILE A 274 -24.64 4.16 47.25
N HIS A 275 -25.65 3.38 46.88
CA HIS A 275 -25.46 2.04 46.36
C HIS A 275 -24.74 2.01 45.03
N GLU A 276 -24.88 3.04 44.20
CA GLU A 276 -24.17 3.07 42.94
C GLU A 276 -22.79 3.69 43.05
N THR A 277 -22.53 4.53 44.05
CA THR A 277 -21.16 5.01 44.21
C THR A 277 -20.29 3.94 44.85
N THR A 278 -20.87 3.02 45.63
CA THR A 278 -20.09 1.86 46.07
C THR A 278 -19.72 0.98 44.91
N TYR A 279 -20.70 0.65 44.06
CA TYR A 279 -20.45 -0.23 42.93
C TYR A 279 -19.53 0.42 41.92
N ASN A 280 -19.63 1.74 41.75
CA ASN A 280 -18.72 2.43 40.85
C ASN A 280 -17.32 2.54 41.43
N SER A 281 -17.20 2.64 42.75
CA SER A 281 -15.87 2.58 43.35
C SER A 281 -15.26 1.19 43.22
N ILE A 282 -16.09 0.14 43.25
CA ILE A 282 -15.57 -1.20 43.07
C ILE A 282 -15.15 -1.44 41.62
N MET A 283 -15.97 -0.97 40.68
CA MET A 283 -15.65 -1.15 39.26
C MET A 283 -14.48 -0.28 38.82
N LYS A 284 -14.16 0.79 39.54
CA LYS A 284 -12.93 1.50 39.23
C LYS A 284 -11.69 0.77 39.72
N CYS A 285 -11.83 -0.19 40.62
CA CYS A 285 -10.70 -1.01 41.03
C CYS A 285 -10.39 -2.05 39.96
N ASP A 286 -9.29 -2.76 40.13
CA ASP A 286 -8.90 -3.75 39.15
C ASP A 286 -9.77 -5.00 39.28
N ILE A 287 -9.60 -5.91 38.33
CA ILE A 287 -10.50 -7.05 38.19
C ILE A 287 -10.31 -8.03 39.33
N ASP A 288 -9.09 -8.15 39.83
CA ASP A 288 -8.71 -9.13 40.85
C ASP A 288 -8.86 -8.58 42.26
N ILE A 289 -9.68 -7.56 42.46
CA ILE A 289 -9.82 -6.90 43.75
C ILE A 289 -11.27 -7.06 44.17
N ARG A 290 -12.15 -7.23 43.18
CA ARG A 290 -13.55 -6.86 43.33
C ARG A 290 -14.32 -7.82 44.23
N LYS A 291 -14.07 -9.12 44.15
CA LYS A 291 -14.80 -10.01 45.05
C LYS A 291 -14.32 -9.88 46.48
N ASP A 292 -13.08 -9.43 46.70
CA ASP A 292 -12.63 -9.13 48.04
C ASP A 292 -13.14 -7.79 48.52
N LEU A 293 -13.68 -6.97 47.62
CA LEU A 293 -14.41 -5.78 48.02
C LEU A 293 -15.88 -6.06 48.21
N TYR A 294 -16.42 -7.03 47.47
CA TYR A 294 -17.82 -7.42 47.61
C TYR A 294 -18.06 -8.09 48.95
N ALA A 295 -17.13 -8.93 49.39
CA ALA A 295 -17.29 -9.67 50.63
C ALA A 295 -16.85 -8.85 51.84
N ASN A 296 -16.32 -7.66 51.64
CA ASN A 296 -15.80 -6.85 52.71
C ASN A 296 -16.27 -5.42 52.59
N ASN A 297 -17.56 -5.24 52.38
CA ASN A 297 -18.09 -3.91 52.11
C ASN A 297 -18.52 -3.27 53.43
N VAL A 298 -17.58 -2.61 54.07
CA VAL A 298 -17.74 -2.02 55.39
C VAL A 298 -18.57 -0.75 55.28
N MET A 299 -19.51 -0.55 56.20
CA MET A 299 -20.56 0.46 56.09
C MET A 299 -20.64 1.26 57.39
N SER A 300 -19.53 1.89 57.76
CA SER A 300 -19.22 2.13 59.16
C SER A 300 -18.94 3.59 59.54
N GLY A 301 -19.89 4.49 59.32
CA GLY A 301 -19.84 5.75 60.05
C GLY A 301 -21.18 6.11 60.68
N GLY A 302 -21.46 7.39 60.88
CA GLY A 302 -22.79 7.84 61.26
C GLY A 302 -23.75 7.72 60.09
N THR A 303 -24.99 8.17 60.31
CA THR A 303 -26.11 8.12 59.34
C THR A 303 -26.29 6.75 58.69
N THR A 304 -25.85 5.68 59.35
CA THR A 304 -26.01 4.33 58.90
C THR A 304 -26.73 3.52 59.95
N MET A 305 -27.15 4.17 61.04
CA MET A 305 -27.98 3.54 62.04
C MET A 305 -29.46 3.60 61.70
N TYR A 306 -29.78 3.95 60.46
CA TYR A 306 -31.12 3.72 59.97
C TYR A 306 -31.36 2.22 59.96
N PRO A 307 -32.46 1.74 60.52
CA PRO A 307 -32.73 0.30 60.50
C PRO A 307 -32.97 -0.20 59.07
N GLY A 308 -32.20 -1.21 58.69
CA GLY A 308 -32.38 -1.84 57.41
C GLY A 308 -31.52 -1.31 56.29
N ILE A 309 -30.59 -0.39 56.57
CA ILE A 309 -29.80 0.19 55.49
C ILE A 309 -28.73 -0.79 55.02
N ALA A 310 -28.37 -1.76 55.85
CA ALA A 310 -27.53 -2.85 55.36
C ALA A 310 -28.34 -3.82 54.51
N ASP A 311 -29.64 -3.95 54.80
CA ASP A 311 -30.50 -4.82 54.00
C ASP A 311 -30.79 -4.19 52.64
N ARG A 312 -31.10 -2.89 52.65
CA ARG A 312 -31.24 -2.14 51.40
C ARG A 312 -29.93 -2.09 50.64
N MET A 313 -28.83 -2.04 51.38
CA MET A 313 -27.51 -1.88 50.79
C MET A 313 -27.08 -3.14 50.08
N GLN A 314 -27.18 -4.29 50.76
CA GLN A 314 -26.90 -5.57 50.13
C GLN A 314 -27.89 -5.88 49.03
N LYS A 315 -29.16 -5.54 49.26
CA LYS A 315 -30.22 -5.82 48.30
C LYS A 315 -30.05 -5.04 47.01
N GLU A 316 -29.40 -3.88 47.08
CA GLU A 316 -29.20 -3.09 45.87
C GLU A 316 -27.84 -3.31 45.22
N ILE A 317 -26.79 -3.57 46.01
CA ILE A 317 -25.49 -3.86 45.43
C ILE A 317 -25.49 -5.24 44.76
N THR A 318 -26.25 -6.18 45.32
CA THR A 318 -26.42 -7.48 44.68
C THR A 318 -27.08 -7.36 43.31
N ALA A 319 -28.01 -6.40 43.17
CA ALA A 319 -28.64 -6.15 41.88
C ALA A 319 -27.67 -5.52 40.89
N LEU A 320 -26.64 -4.82 41.37
CA LEU A 320 -25.65 -4.23 40.48
C LEU A 320 -24.50 -5.19 40.17
N ALA A 321 -23.94 -5.82 41.20
CA ALA A 321 -22.82 -6.74 41.04
C ALA A 321 -23.29 -8.00 40.30
N PRO A 322 -22.37 -8.71 39.62
CA PRO A 322 -22.77 -9.95 38.96
C PRO A 322 -23.17 -11.02 39.95
N SER A 323 -23.89 -12.01 39.44
CA SER A 323 -24.25 -13.16 40.27
C SER A 323 -22.99 -14.00 40.52
N THR A 324 -23.14 -14.95 41.46
CA THR A 324 -22.05 -15.74 42.04
C THR A 324 -20.96 -14.89 42.69
N MET A 325 -21.30 -13.66 43.09
CA MET A 325 -20.49 -12.83 43.96
C MET A 325 -21.13 -12.78 45.33
N LYS A 326 -20.32 -12.77 46.36
CA LYS A 326 -20.80 -12.77 47.73
C LYS A 326 -20.75 -11.35 48.25
N ILE A 327 -21.91 -10.73 48.35
CA ILE A 327 -22.03 -9.35 48.82
C ILE A 327 -22.23 -9.39 50.32
N LYS A 328 -21.23 -8.95 51.08
CA LYS A 328 -21.35 -8.87 52.53
C LYS A 328 -21.20 -7.41 52.94
N ILE A 329 -22.29 -6.83 53.45
CA ILE A 329 -22.29 -5.47 53.96
C ILE A 329 -21.96 -5.55 55.45
N ILE A 330 -20.78 -5.10 55.83
CA ILE A 330 -20.37 -5.12 57.22
C ILE A 330 -20.89 -3.85 57.88
N ALA A 331 -21.78 -4.01 58.87
CA ALA A 331 -22.39 -2.89 59.57
C ALA A 331 -22.21 -3.09 61.08
N PRO A 332 -21.02 -2.80 61.60
CA PRO A 332 -20.70 -3.20 62.96
C PRO A 332 -21.32 -2.23 63.94
N PRO A 333 -22.19 -2.69 64.85
CA PRO A 333 -23.07 -1.78 65.62
C PRO A 333 -22.37 -0.72 66.46
N GLU A 334 -21.07 -0.87 66.67
CA GLU A 334 -20.20 0.16 67.20
C GLU A 334 -19.87 1.25 66.18
N ARG A 335 -20.43 1.24 64.98
CA ARG A 335 -20.24 2.40 64.10
C ARG A 335 -21.04 3.57 64.64
N LYS A 336 -20.77 4.75 64.04
CA LYS A 336 -20.89 6.13 64.50
C LYS A 336 -19.68 6.47 65.38
N TYR A 337 -18.88 5.48 65.75
CA TYR A 337 -17.73 5.64 66.60
C TYR A 337 -16.49 5.00 66.03
N SER A 338 -16.63 4.22 64.96
CA SER A 338 -15.54 3.40 64.46
C SER A 338 -14.49 4.19 63.70
N VAL A 339 -14.82 5.38 63.22
CA VAL A 339 -13.77 6.27 62.74
C VAL A 339 -12.88 6.69 63.90
N TRP A 340 -13.47 6.96 65.06
CA TRP A 340 -12.67 7.25 66.23
C TRP A 340 -11.94 6.01 66.70
N ILE A 341 -12.60 4.85 66.68
CA ILE A 341 -12.01 3.62 67.20
C ILE A 341 -10.82 3.20 66.34
N GLY A 342 -10.94 3.31 65.02
CA GLY A 342 -9.79 3.07 64.18
C GLY A 342 -8.72 4.14 64.30
N GLY A 343 -9.13 5.36 64.64
CA GLY A 343 -8.14 6.36 65.03
C GLY A 343 -7.37 5.95 66.28
N SER A 344 -8.07 5.32 67.23
CA SER A 344 -7.43 4.83 68.44
C SER A 344 -6.49 3.68 68.14
N ILE A 345 -6.86 2.81 67.20
CA ILE A 345 -5.97 1.72 66.80
C ILE A 345 -4.72 2.27 66.14
N LEU A 346 -4.89 3.13 65.14
CA LEU A 346 -3.77 3.66 64.37
C LEU A 346 -2.82 4.49 65.22
N ALA A 347 -3.35 5.33 66.11
CA ALA A 347 -2.49 6.09 66.99
C ALA A 347 -1.82 5.24 68.05
N SER A 348 -2.37 4.06 68.36
CA SER A 348 -1.73 3.17 69.32
C SER A 348 -0.81 2.15 68.67
N LEU A 349 -0.67 2.15 67.35
CA LEU A 349 0.32 1.30 66.71
C LEU A 349 1.73 1.78 66.95
N SER A 350 2.64 0.83 67.05
CA SER A 350 4.05 1.12 67.30
C SER A 350 4.83 1.44 66.03
N THR A 351 4.37 0.95 64.89
CA THR A 351 4.94 1.33 63.60
C THR A 351 4.60 2.77 63.25
N PHE A 352 3.52 3.29 63.82
CA PHE A 352 2.99 4.60 63.45
C PHE A 352 3.76 5.76 64.07
N GLN A 353 4.54 5.51 65.13
CA GLN A 353 5.13 6.63 65.87
C GLN A 353 6.28 7.34 65.16
N GLN A 354 6.66 6.94 63.95
CA GLN A 354 7.51 7.80 63.13
C GLN A 354 6.74 8.40 61.97
N MET A 355 5.42 8.26 61.96
CA MET A 355 4.58 8.86 60.94
C MET A 355 3.87 10.10 61.43
N TRP A 356 4.03 10.46 62.70
CA TRP A 356 3.51 11.73 63.20
C TRP A 356 4.25 12.88 62.54
N ILE A 357 3.49 13.88 62.08
CA ILE A 357 4.10 15.15 61.69
C ILE A 357 4.48 15.84 62.99
N THR A 358 5.76 15.93 63.26
CA THR A 358 6.19 16.48 64.53
C THR A 358 6.57 17.94 64.39
N LYS A 359 6.57 18.64 65.51
CA LYS A 359 7.16 19.96 65.56
C LYS A 359 8.68 19.79 65.51
N GLN A 360 9.36 20.84 65.01
CA GLN A 360 10.74 20.96 64.52
C GLN A 360 10.83 20.33 63.12
N GLU A 361 9.79 19.67 62.66
CA GLU A 361 9.61 19.31 61.27
C GLU A 361 8.50 20.13 60.64
N TYR A 362 7.49 20.51 61.42
CA TYR A 362 6.59 21.58 61.04
C TYR A 362 7.31 22.90 60.91
N ASP A 363 8.17 23.22 61.88
CA ASP A 363 8.91 24.48 61.85
C ASP A 363 9.95 24.49 60.76
N GLU A 364 10.39 23.32 60.31
CA GLU A 364 11.41 23.22 59.29
C GLU A 364 10.80 23.36 57.90
N ALA A 365 9.62 22.77 57.69
CA ALA A 365 9.05 22.65 56.35
C ALA A 365 7.74 23.41 56.20
N GLY A 366 7.38 24.26 57.15
CA GLY A 366 6.15 25.02 57.08
C GLY A 366 4.93 24.16 57.26
N PRO A 367 3.74 24.70 56.97
CA PRO A 367 2.51 23.89 57.07
C PRO A 367 2.25 22.98 55.89
N SER A 368 3.07 22.99 54.84
CA SER A 368 2.86 22.10 53.71
C SER A 368 3.46 20.73 53.91
N ILE A 369 4.04 20.46 55.09
CA ILE A 369 4.61 19.16 55.45
C ILE A 369 3.56 18.06 55.42
N VAL A 370 2.29 18.44 55.60
CA VAL A 370 1.17 17.51 55.61
C VAL A 370 0.99 16.85 54.25
N HIS A 371 1.48 17.47 53.20
CA HIS A 371 1.31 16.85 51.90
C HIS A 371 2.50 16.00 51.50
N ARG A 372 3.41 15.72 52.44
CA ARG A 372 4.45 14.72 52.20
C ARG A 372 4.52 13.68 53.30
N LYS A 373 3.99 13.95 54.49
CA LYS A 373 4.05 12.98 55.57
C LYS A 373 2.71 12.32 55.84
N CYS A 374 1.62 13.04 55.66
CA CYS A 374 0.31 12.51 56.00
C CYS A 374 -0.19 11.53 54.94
N PHE A 375 -0.43 12.01 53.73
CA PHE A 375 -0.70 11.13 52.60
C PHE A 375 -0.12 11.70 51.30
N ASP B 1 -30.64 23.05 -1.28
CA ASP B 1 -29.96 21.96 -0.58
C ASP B 1 -28.63 21.61 -1.26
N GLU B 2 -28.34 20.32 -1.33
CA GLU B 2 -27.18 19.80 -2.04
C GLU B 2 -27.65 19.21 -3.36
N ASP B 3 -27.20 19.80 -4.46
CA ASP B 3 -27.64 19.42 -5.80
C ASP B 3 -26.88 18.22 -6.34
N GLU B 4 -25.98 17.63 -5.56
CA GLU B 4 -25.21 16.47 -5.99
C GLU B 4 -25.32 15.34 -4.97
N THR B 5 -24.58 14.27 -5.26
CA THR B 5 -24.48 13.09 -4.42
C THR B 5 -23.18 13.06 -3.65
N THR B 6 -22.78 14.22 -3.11
CA THR B 6 -21.54 14.35 -2.37
C THR B 6 -21.58 13.48 -1.12
N ALA B 7 -20.47 12.79 -0.84
CA ALA B 7 -20.41 11.91 0.29
C ALA B 7 -20.37 12.68 1.60
N LEU B 8 -21.05 12.14 2.60
CA LEU B 8 -21.00 12.68 3.95
C LEU B 8 -19.79 12.12 4.67
N VAL B 9 -19.10 12.98 5.38
CA VAL B 9 -18.01 12.57 6.25
C VAL B 9 -18.43 12.96 7.66
N CYS B 10 -18.97 11.99 8.39
CA CYS B 10 -19.36 12.19 9.78
C CYS B 10 -18.29 11.58 10.68
N ASP B 11 -17.85 12.36 11.65
CA ASP B 11 -16.74 11.94 12.50
C ASP B 11 -17.10 12.25 13.94
N ASN B 12 -17.62 11.24 14.63
CA ASN B 12 -17.79 11.31 16.07
C ASN B 12 -16.68 10.45 16.67
N GLY B 13 -15.70 11.11 17.28
CA GLY B 13 -14.67 10.35 17.93
C GLY B 13 -15.18 9.70 19.21
N SER B 14 -15.32 10.48 20.28
CA SER B 14 -16.16 10.06 21.39
C SER B 14 -16.82 11.26 22.07
N GLY B 15 -16.43 12.47 21.72
CA GLY B 15 -16.89 13.60 22.51
C GLY B 15 -17.24 14.83 21.72
N LEU B 16 -17.15 14.76 20.40
CA LEU B 16 -17.39 15.94 19.58
C LEU B 16 -17.76 15.44 18.18
N VAL B 17 -18.97 15.76 17.75
CA VAL B 17 -19.38 15.43 16.38
C VAL B 17 -18.84 16.49 15.45
N LYS B 18 -18.12 16.07 14.43
CA LYS B 18 -17.70 16.96 13.36
C LYS B 18 -18.04 16.28 12.04
N ALA B 19 -19.02 16.84 11.34
CA ALA B 19 -19.58 16.24 10.15
C ALA B 19 -19.58 17.27 9.03
N GLY B 20 -19.65 16.76 7.80
CA GLY B 20 -19.74 17.64 6.66
C GLY B 20 -19.76 16.85 5.37
N PHE B 21 -19.27 17.48 4.32
CA PHE B 21 -19.32 16.90 2.98
C PHE B 21 -17.92 16.51 2.57
N ALA B 22 -17.81 15.64 1.58
CA ALA B 22 -16.50 15.31 1.04
C ALA B 22 -16.07 16.39 0.06
N GLY B 23 -14.76 16.52 -0.12
CA GLY B 23 -14.22 17.53 -1.00
C GLY B 23 -14.40 18.90 -0.39
N ASP B 24 -13.93 19.05 0.84
CA ASP B 24 -14.31 20.19 1.66
C ASP B 24 -13.17 20.45 2.64
N ASP B 25 -12.94 21.73 2.96
CA ASP B 25 -11.83 22.10 3.83
C ASP B 25 -12.10 21.68 5.27
N ALA B 26 -13.12 22.26 5.88
CA ALA B 26 -13.46 22.11 7.27
C ALA B 26 -14.80 21.41 7.42
N PRO B 27 -15.05 20.73 8.54
CA PRO B 27 -16.38 20.16 8.76
C PRO B 27 -17.41 21.25 8.93
N ARG B 28 -18.57 21.03 8.35
CA ARG B 28 -19.61 22.05 8.33
C ARG B 28 -20.27 22.17 9.70
N ALA B 29 -20.41 21.04 10.40
CA ALA B 29 -21.08 20.99 11.68
C ALA B 29 -20.11 20.44 12.72
N VAL B 30 -19.80 21.25 13.73
CA VAL B 30 -19.02 20.80 14.87
C VAL B 30 -19.81 21.14 16.12
N PHE B 31 -20.25 20.11 16.85
CA PHE B 31 -21.05 20.33 18.04
C PHE B 31 -20.74 19.24 19.05
N PRO B 32 -21.02 19.46 20.34
CA PRO B 32 -20.76 18.41 21.34
C PRO B 32 -21.64 17.19 21.13
N SER B 33 -21.02 16.03 21.32
CA SER B 33 -21.72 14.75 21.21
C SER B 33 -22.38 14.40 22.55
N ILE B 34 -23.33 15.22 22.95
CA ILE B 34 -24.07 15.03 24.19
C ILE B 34 -25.56 14.99 23.87
N VAL B 35 -26.31 14.33 24.74
CA VAL B 35 -27.76 14.40 24.72
C VAL B 35 -28.21 14.72 26.14
N GLY B 36 -28.86 15.85 26.29
CA GLY B 36 -29.28 16.32 27.59
C GLY B 36 -30.74 16.01 27.84
N ARG B 37 -31.13 16.02 29.10
CA ARG B 37 -32.45 15.54 29.46
C ARG B 37 -32.85 16.12 30.80
N PRO B 38 -34.06 16.66 30.93
CA PRO B 38 -34.40 17.45 32.11
C PRO B 38 -34.55 16.57 33.35
N ARG B 39 -33.95 17.03 34.45
CA ARG B 39 -33.97 16.22 35.66
C ARG B 39 -34.92 16.74 36.71
N HIS B 40 -35.69 17.79 36.42
CA HIS B 40 -36.81 18.20 37.25
C HIS B 40 -37.91 18.76 36.37
N GLN B 41 -39.04 19.07 36.99
CA GLN B 41 -40.30 19.12 36.28
C GLN B 41 -40.53 20.46 35.57
N GLY B 42 -41.31 20.39 34.49
CA GLY B 42 -41.67 21.58 33.74
C GLY B 42 -42.88 22.25 34.33
N VAL B 43 -42.80 23.56 34.51
CA VAL B 43 -43.78 24.32 35.26
C VAL B 43 -44.43 25.41 34.42
N MET B 44 -43.66 26.12 33.61
CA MET B 44 -44.25 27.03 32.64
C MET B 44 -45.00 26.24 31.57
N VAL B 45 -46.32 26.31 31.62
CA VAL B 45 -47.19 25.62 30.68
C VAL B 45 -47.16 26.37 29.36
N GLY B 46 -47.14 25.64 28.25
CA GLY B 46 -47.03 26.28 26.97
C GLY B 46 -45.63 26.78 26.73
N MET B 47 -44.68 25.88 26.59
CA MET B 47 -43.26 26.21 26.55
C MET B 47 -42.52 25.49 25.45
N GLY B 48 -43.05 24.35 24.99
CA GLY B 48 -42.26 23.47 24.16
C GLY B 48 -41.60 22.47 25.08
N GLN B 49 -40.36 22.76 25.45
CA GLN B 49 -39.52 22.05 26.42
C GLN B 49 -39.54 20.52 26.17
N LYS B 50 -38.96 20.18 25.03
CA LYS B 50 -38.77 18.79 24.61
C LYS B 50 -37.90 18.04 25.63
N ASP B 51 -38.16 16.75 25.76
CA ASP B 51 -37.51 15.92 26.77
C ASP B 51 -36.29 15.22 26.19
N SER B 52 -35.49 15.95 25.42
CA SER B 52 -34.17 15.55 24.92
C SER B 52 -33.55 16.75 24.25
N TYR B 53 -32.32 17.09 24.63
CA TYR B 53 -31.60 18.17 23.98
C TYR B 53 -30.28 17.61 23.52
N VAL B 54 -30.05 17.61 22.22
CA VAL B 54 -28.86 17.05 21.63
C VAL B 54 -27.96 18.18 21.14
N GLY B 55 -26.66 17.99 21.30
CA GLY B 55 -25.71 18.89 20.69
C GLY B 55 -25.55 20.18 21.46
N ASP B 56 -25.33 21.26 20.71
CA ASP B 56 -24.98 22.55 21.28
C ASP B 56 -26.11 23.14 22.12
N GLU B 57 -27.35 22.82 21.78
CA GLU B 57 -28.50 23.25 22.57
C GLU B 57 -28.46 22.70 23.98
N ALA B 58 -27.90 21.50 24.15
CA ALA B 58 -27.76 20.95 25.48
C ALA B 58 -26.80 21.76 26.33
N GLN B 59 -25.70 22.25 25.73
CA GLN B 59 -24.86 23.17 26.50
C GLN B 59 -25.49 24.54 26.66
N SER B 60 -26.50 24.87 25.85
CA SER B 60 -27.23 26.10 26.13
C SER B 60 -28.16 25.94 27.32
N LYS B 61 -28.51 24.71 27.69
CA LYS B 61 -29.50 24.48 28.75
C LYS B 61 -28.97 23.57 29.85
N ARG B 62 -27.65 23.41 29.93
CA ARG B 62 -27.03 22.41 30.79
C ARG B 62 -27.25 22.65 32.28
N GLY B 63 -27.73 23.81 32.68
CA GLY B 63 -28.04 24.04 34.08
C GLY B 63 -29.26 23.28 34.57
N ILE B 64 -30.13 22.83 33.66
CA ILE B 64 -31.30 22.08 34.04
C ILE B 64 -31.36 20.71 33.40
N LEU B 65 -30.23 20.25 32.85
CA LEU B 65 -30.17 18.96 32.18
C LEU B 65 -29.12 18.10 32.84
N THR B 66 -29.26 16.79 32.67
CA THR B 66 -28.19 15.85 32.97
C THR B 66 -27.58 15.44 31.63
N LEU B 67 -26.37 15.92 31.37
CA LEU B 67 -25.74 15.68 30.09
C LEU B 67 -25.16 14.28 30.08
N LYS B 68 -25.25 13.61 28.94
CA LYS B 68 -24.85 12.21 28.86
C LYS B 68 -24.24 11.95 27.50
N TYR B 69 -22.99 11.53 27.49
CA TYR B 69 -22.28 11.22 26.27
C TYR B 69 -22.63 9.81 25.80
N PRO B 70 -23.22 9.63 24.62
CA PRO B 70 -23.57 8.30 24.17
C PRO B 70 -22.41 7.46 23.67
N ILE B 71 -21.18 7.96 23.72
CA ILE B 71 -20.03 7.26 23.18
C ILE B 71 -18.85 7.48 24.10
N GLU B 72 -18.32 6.37 24.63
CA GLU B 72 -17.37 6.37 25.73
C GLU B 72 -16.19 5.49 25.36
N HIS B 73 -14.99 6.07 25.39
CA HIS B 73 -13.76 5.43 24.94
C HIS B 73 -13.85 4.94 23.50
N GLY B 74 -14.52 5.70 22.65
CA GLY B 74 -14.69 5.32 21.27
C GLY B 74 -15.70 4.22 21.05
N ILE B 75 -16.38 3.76 22.09
CA ILE B 75 -17.38 2.71 22.00
C ILE B 75 -18.73 3.36 22.23
N ILE B 76 -19.68 3.07 21.35
CA ILE B 76 -21.03 3.62 21.50
C ILE B 76 -21.78 2.79 22.53
N THR B 77 -22.16 3.42 23.63
CA THR B 77 -22.81 2.74 24.74
C THR B 77 -24.34 2.83 24.65
N ASN B 78 -24.86 4.04 24.56
CA ASN B 78 -26.28 4.25 24.26
C ASN B 78 -26.47 4.27 22.76
N TRP B 79 -27.30 3.36 22.26
CA TRP B 79 -27.52 3.32 20.82
C TRP B 79 -28.67 4.20 20.38
N ASP B 80 -29.72 4.29 21.20
CA ASP B 80 -30.81 5.20 20.88
C ASP B 80 -30.38 6.66 21.00
N ASP B 81 -29.51 6.98 21.95
CA ASP B 81 -28.97 8.33 22.06
C ASP B 81 -28.00 8.65 20.95
N MET B 82 -27.22 7.67 20.49
CA MET B 82 -26.38 7.89 19.33
C MET B 82 -27.22 8.05 18.07
N GLU B 83 -28.39 7.40 18.02
CA GLU B 83 -29.33 7.67 16.94
C GLU B 83 -29.94 9.05 17.06
N LYS B 84 -30.09 9.58 18.29
CA LYS B 84 -30.46 10.98 18.46
C LYS B 84 -29.36 11.89 17.93
N ILE B 85 -28.11 11.52 18.17
CA ILE B 85 -26.96 12.32 17.76
C ILE B 85 -26.82 12.31 16.24
N TRP B 86 -26.98 11.15 15.62
CA TRP B 86 -26.94 11.06 14.16
C TRP B 86 -28.14 11.74 13.52
N HIS B 87 -29.33 11.57 14.10
CA HIS B 87 -30.53 12.22 13.58
C HIS B 87 -30.40 13.74 13.61
N HIS B 88 -29.91 14.27 14.72
CA HIS B 88 -29.61 15.70 14.82
C HIS B 88 -28.48 16.09 13.90
N THR B 89 -27.55 15.18 13.65
CA THR B 89 -26.42 15.48 12.78
C THR B 89 -26.87 15.67 11.35
N PHE B 90 -27.63 14.72 10.80
CA PHE B 90 -28.06 14.85 9.42
C PHE B 90 -29.19 15.84 9.24
N TYR B 91 -30.19 15.83 10.10
CA TYR B 91 -31.44 16.53 9.80
C TYR B 91 -31.52 17.94 10.39
N ASN B 92 -30.73 18.26 11.41
CA ASN B 92 -30.79 19.57 12.04
C ASN B 92 -29.55 20.41 11.76
N GLU B 93 -28.36 19.86 12.03
CA GLU B 93 -27.14 20.61 11.84
C GLU B 93 -26.71 20.64 10.39
N LEU B 94 -26.42 19.48 9.82
CA LEU B 94 -25.95 19.41 8.45
C LEU B 94 -27.09 19.57 7.48
N ARG B 95 -28.31 19.26 7.92
CA ARG B 95 -29.57 19.67 7.31
C ARG B 95 -29.71 19.11 5.89
N VAL B 96 -29.75 17.78 5.84
CA VAL B 96 -29.64 17.04 4.60
C VAL B 96 -30.29 15.67 4.80
N ALA B 97 -30.61 14.99 3.70
CA ALA B 97 -31.20 13.67 3.79
C ALA B 97 -30.13 12.60 3.63
N PRO B 98 -30.04 11.63 4.52
CA PRO B 98 -29.00 10.59 4.39
C PRO B 98 -29.26 9.61 3.28
N GLU B 99 -30.47 9.58 2.73
CA GLU B 99 -30.81 8.69 1.64
C GLU B 99 -30.10 9.06 0.35
N GLU B 100 -29.64 10.31 0.23
CA GLU B 100 -29.04 10.81 -0.99
C GLU B 100 -27.52 10.76 -0.99
N HIS B 101 -26.90 10.42 0.15
CA HIS B 101 -25.46 10.59 0.29
C HIS B 101 -24.81 9.36 0.89
N PRO B 102 -23.75 8.84 0.29
CA PRO B 102 -22.93 7.85 0.97
C PRO B 102 -22.26 8.48 2.18
N THR B 103 -22.13 7.73 3.27
CA THR B 103 -21.59 8.30 4.48
C THR B 103 -20.31 7.57 4.90
N LEU B 104 -19.38 8.34 5.42
CA LEU B 104 -18.08 7.87 5.87
C LEU B 104 -18.02 8.07 7.38
N LEU B 105 -18.12 6.98 8.12
CA LEU B 105 -17.96 7.00 9.56
C LEU B 105 -16.52 6.68 9.91
N THR B 106 -16.14 7.00 11.14
CA THR B 106 -14.80 6.72 11.63
C THR B 106 -14.90 5.99 12.95
N GLU B 107 -13.94 5.10 13.21
CA GLU B 107 -13.75 4.61 14.56
C GLU B 107 -12.28 4.30 14.77
N ALA B 108 -11.96 3.87 15.98
CA ALA B 108 -10.61 3.56 16.40
C ALA B 108 -10.26 2.13 16.01
N PRO B 109 -8.97 1.79 15.98
CA PRO B 109 -8.59 0.40 15.91
C PRO B 109 -8.89 -0.28 17.22
N LEU B 110 -8.89 -1.62 17.18
CA LEU B 110 -9.00 -2.48 18.34
C LEU B 110 -10.27 -2.20 19.12
N ASN B 111 -11.35 -1.98 18.40
CA ASN B 111 -12.63 -1.65 18.97
C ASN B 111 -13.47 -2.93 18.95
N PRO B 112 -14.55 -3.01 19.73
CA PRO B 112 -15.48 -4.12 19.53
C PRO B 112 -16.11 -4.06 18.15
N LYS B 113 -16.18 -5.22 17.51
CA LYS B 113 -16.69 -5.26 16.15
C LYS B 113 -18.21 -5.14 16.08
N ALA B 114 -18.90 -5.21 17.21
CA ALA B 114 -20.32 -4.91 17.24
C ALA B 114 -20.58 -3.41 17.19
N ASN B 115 -19.59 -2.59 17.54
CA ASN B 115 -19.70 -1.16 17.35
C ASN B 115 -19.75 -0.83 15.87
N ARG B 116 -18.82 -1.39 15.12
CA ARG B 116 -18.72 -1.17 13.69
C ARG B 116 -19.91 -1.79 12.97
N GLU B 117 -20.30 -2.98 13.41
CA GLU B 117 -21.38 -3.72 12.79
C GLU B 117 -22.74 -3.09 13.06
N LYS B 118 -22.99 -2.72 14.32
CA LYS B 118 -24.23 -2.02 14.63
C LYS B 118 -24.25 -0.61 14.07
N MET B 119 -23.10 0.00 13.88
CA MET B 119 -23.07 1.31 13.23
C MET B 119 -23.44 1.18 11.76
N THR B 120 -23.04 0.08 11.12
CA THR B 120 -23.46 -0.17 9.75
C THR B 120 -24.94 -0.52 9.66
N GLN B 121 -25.44 -1.27 10.64
CA GLN B 121 -26.86 -1.61 10.68
C GLN B 121 -27.71 -0.38 10.92
N ILE B 122 -27.26 0.55 11.75
CA ILE B 122 -28.03 1.76 11.96
C ILE B 122 -27.94 2.69 10.75
N MET B 123 -26.81 2.70 10.05
CA MET B 123 -26.72 3.55 8.85
C MET B 123 -27.60 3.04 7.71
N PHE B 124 -27.66 1.72 7.49
CA PHE B 124 -28.50 1.27 6.40
C PHE B 124 -29.95 1.09 6.80
N GLU B 125 -30.22 0.53 7.99
CA GLU B 125 -31.59 0.21 8.36
C GLU B 125 -32.37 1.45 8.75
N THR B 126 -31.75 2.35 9.53
CA THR B 126 -32.50 3.50 10.06
C THR B 126 -32.43 4.70 9.14
N PHE B 127 -31.24 5.09 8.70
CA PHE B 127 -31.09 6.29 7.90
C PHE B 127 -31.12 6.06 6.40
N ASN B 128 -31.06 4.79 5.98
CA ASN B 128 -31.20 4.37 4.57
C ASN B 128 -30.15 5.02 3.67
N VAL B 129 -28.90 4.95 4.08
CA VAL B 129 -27.82 5.54 3.27
C VAL B 129 -27.59 4.63 2.06
N PRO B 130 -27.18 5.18 0.92
CA PRO B 130 -26.92 4.31 -0.24
C PRO B 130 -25.64 3.53 -0.10
N ALA B 131 -24.64 4.11 0.55
CA ALA B 131 -23.35 3.47 0.78
C ALA B 131 -22.84 3.97 2.11
N MET B 132 -21.84 3.27 2.62
CA MET B 132 -21.40 3.50 3.98
C MET B 132 -20.00 2.92 4.10
N TYR B 133 -19.18 3.51 4.96
CA TYR B 133 -17.82 3.00 5.13
C TYR B 133 -17.29 3.45 6.47
N VAL B 134 -16.83 2.51 7.29
CA VAL B 134 -16.17 2.85 8.55
C VAL B 134 -14.70 3.06 8.21
N ALA B 135 -14.01 3.90 8.94
CA ALA B 135 -12.62 4.16 8.61
C ALA B 135 -11.79 4.34 9.87
N ILE B 136 -10.59 3.77 9.86
CA ILE B 136 -9.71 3.89 11.00
C ILE B 136 -9.18 5.32 11.07
N GLN B 137 -9.30 5.90 12.25
CA GLN B 137 -9.33 7.34 12.42
C GLN B 137 -7.94 7.96 12.26
N ALA B 138 -6.91 7.27 12.77
CA ALA B 138 -5.54 7.75 12.61
C ALA B 138 -5.01 7.56 11.19
N VAL B 139 -5.50 6.57 10.46
CA VAL B 139 -5.20 6.42 9.03
C VAL B 139 -5.64 7.65 8.28
N LEU B 140 -6.88 8.07 8.51
CA LEU B 140 -7.41 9.30 7.93
C LEU B 140 -6.65 10.51 8.41
N SER B 141 -6.16 10.48 9.65
CA SER B 141 -5.30 11.53 10.15
C SER B 141 -3.97 11.58 9.41
N LEU B 142 -3.54 10.47 8.78
CA LEU B 142 -2.39 10.54 7.90
C LEU B 142 -2.78 10.96 6.48
N TYR B 143 -4.03 10.70 6.06
CA TYR B 143 -4.50 11.25 4.79
C TYR B 143 -4.51 12.77 4.78
N ALA B 144 -4.78 13.39 5.92
CA ALA B 144 -4.76 14.85 5.95
C ALA B 144 -3.34 15.41 5.90
N SER B 145 -2.34 14.62 6.29
CA SER B 145 -0.96 15.09 6.28
C SER B 145 -0.38 15.14 4.88
N GLY B 146 -1.01 14.50 3.91
CA GLY B 146 -0.40 14.37 2.61
C GLY B 146 0.74 13.40 2.58
N ARG B 147 0.80 12.50 3.54
CA ARG B 147 1.87 11.52 3.66
C ARG B 147 1.31 10.12 3.51
N THR B 148 2.13 9.22 2.98
CA THR B 148 1.82 7.80 2.99
C THR B 148 2.80 7.01 3.84
N THR B 149 3.68 7.68 4.54
CA THR B 149 4.58 7.06 5.50
C THR B 149 4.60 7.88 6.77
N GLY B 150 4.28 7.26 7.89
CA GLY B 150 4.34 7.91 9.17
C GLY B 150 3.57 7.14 10.21
N ILE B 151 3.89 7.41 11.46
CA ILE B 151 3.16 6.87 12.59
C ILE B 151 2.27 7.98 13.14
N VAL B 152 1.03 7.65 13.45
CA VAL B 152 0.03 8.67 13.77
C VAL B 152 -0.43 8.47 15.20
N LEU B 153 -0.26 9.52 16.00
CA LEU B 153 -0.89 9.69 17.29
C LEU B 153 -1.99 10.73 17.12
N ASP B 154 -3.17 10.48 17.68
CA ASP B 154 -4.18 11.54 17.58
C ASP B 154 -4.79 11.95 18.92
N SER B 155 -5.22 10.98 19.74
CA SER B 155 -5.73 11.19 21.10
C SER B 155 -6.99 12.05 21.13
N GLY B 156 -8.11 11.50 20.67
CA GLY B 156 -9.37 12.21 20.76
C GLY B 156 -9.96 12.35 22.16
N ASP B 157 -11.28 12.28 22.31
CA ASP B 157 -11.83 12.46 23.65
C ASP B 157 -11.87 11.16 24.44
N GLY B 158 -11.80 10.00 23.79
CA GLY B 158 -11.90 8.76 24.53
C GLY B 158 -10.83 7.73 24.26
N VAL B 159 -9.99 7.95 23.25
CA VAL B 159 -9.07 6.93 22.78
C VAL B 159 -7.87 7.62 22.14
N THR B 160 -6.70 7.00 22.25
CA THR B 160 -5.52 7.39 21.49
C THR B 160 -4.94 6.19 20.76
N HIS B 161 -4.27 6.44 19.63
CA HIS B 161 -4.17 5.46 18.55
C HIS B 161 -2.77 4.93 18.28
N ASN B 162 -1.84 5.75 17.80
CA ASN B 162 -0.55 5.29 17.24
C ASN B 162 -0.71 4.17 16.21
N VAL B 163 -1.18 4.54 15.03
CA VAL B 163 -1.22 3.64 13.88
C VAL B 163 0.02 3.93 13.02
N PRO B 164 0.96 2.99 12.88
CA PRO B 164 2.09 3.18 11.97
C PRO B 164 1.80 2.68 10.56
N ILE B 165 2.25 3.45 9.58
CA ILE B 165 2.03 3.19 8.16
C ILE B 165 3.34 3.44 7.44
N TYR B 166 3.74 2.52 6.56
CA TYR B 166 4.97 2.67 5.78
C TYR B 166 4.66 2.41 4.32
N GLU B 167 4.90 3.41 3.47
CA GLU B 167 4.71 3.34 2.02
C GLU B 167 3.30 2.90 1.63
N GLY B 168 2.32 3.34 2.41
CA GLY B 168 0.96 2.98 2.13
C GLY B 168 0.47 1.74 2.82
N TYR B 169 1.34 0.99 3.48
CA TYR B 169 1.01 -0.27 4.11
C TYR B 169 0.98 -0.04 5.61
N ALA B 170 -0.16 -0.32 6.23
CA ALA B 170 -0.21 -0.24 7.68
C ALA B 170 0.42 -1.48 8.29
N LEU B 171 0.78 -1.36 9.56
CA LEU B 171 1.44 -2.42 10.32
C LEU B 171 0.51 -2.77 11.46
N PRO B 172 -0.51 -3.59 11.23
CA PRO B 172 -1.57 -3.77 12.23
C PRO B 172 -1.16 -4.56 13.44
N HIS B 173 -0.03 -5.25 13.38
CA HIS B 173 0.54 -5.84 14.59
C HIS B 173 1.24 -4.80 15.44
N ALA B 174 1.70 -3.72 14.84
CA ALA B 174 2.38 -2.65 15.53
C ALA B 174 1.45 -1.55 15.95
N ILE B 175 0.15 -1.79 15.85
CA ILE B 175 -0.84 -0.79 16.18
C ILE B 175 -0.95 -0.68 17.70
N MET B 176 -1.54 0.39 18.18
CA MET B 176 -1.62 0.59 19.62
C MET B 176 -3.03 1.06 19.93
N ARG B 177 -3.38 1.05 21.22
CA ARG B 177 -4.62 1.68 21.69
C ARG B 177 -4.45 1.89 23.18
N LEU B 178 -4.58 3.13 23.61
CA LEU B 178 -4.68 3.46 25.01
C LEU B 178 -5.99 4.19 25.24
N ASP B 179 -6.69 3.83 26.31
CA ASP B 179 -7.98 4.44 26.62
C ASP B 179 -7.84 5.63 27.55
N LEU B 180 -6.75 6.35 27.44
CA LEU B 180 -6.51 7.56 28.19
C LEU B 180 -6.59 8.73 27.23
N ALA B 181 -7.55 9.60 27.44
CA ALA B 181 -7.76 10.70 26.52
C ALA B 181 -8.37 11.86 27.28
N GLY B 182 -8.99 12.80 26.56
CA GLY B 182 -9.31 14.10 27.13
C GLY B 182 -10.45 14.11 28.11
N ARG B 183 -11.35 13.13 28.05
CA ARG B 183 -12.39 13.09 29.06
C ARG B 183 -11.83 12.59 30.38
N ASP B 184 -10.83 11.72 30.31
CA ASP B 184 -10.11 11.29 31.50
C ASP B 184 -9.27 12.42 32.07
N LEU B 185 -8.72 13.28 31.20
CA LEU B 185 -8.00 14.44 31.68
C LEU B 185 -8.94 15.46 32.28
N THR B 186 -10.15 15.56 31.75
CA THR B 186 -11.16 16.43 32.33
C THR B 186 -11.56 15.95 33.72
N ASP B 187 -11.71 14.65 33.89
CA ASP B 187 -12.07 14.10 35.20
C ASP B 187 -10.93 14.27 36.20
N TYR B 188 -9.69 14.11 35.75
CA TYR B 188 -8.55 14.28 36.64
C TYR B 188 -8.36 15.74 37.03
N LEU B 189 -8.56 16.65 36.08
CA LEU B 189 -8.52 18.08 36.39
C LEU B 189 -9.62 18.44 37.36
N MET B 190 -10.78 17.82 37.23
CA MET B 190 -11.88 18.09 38.13
C MET B 190 -11.56 17.61 39.54
N LYS B 191 -10.82 16.51 39.65
CA LYS B 191 -10.34 16.02 40.94
C LYS B 191 -9.31 16.96 41.59
N ILE B 192 -8.32 17.40 40.83
CA ILE B 192 -7.31 18.26 41.45
C ILE B 192 -7.80 19.71 41.63
N LEU B 193 -8.83 20.11 40.90
CA LEU B 193 -9.52 21.33 41.24
C LEU B 193 -10.26 21.18 42.56
N THR B 194 -10.76 19.98 42.85
CA THR B 194 -11.31 19.75 44.18
C THR B 194 -10.20 19.79 45.23
N GLU B 195 -8.98 19.43 44.85
CA GLU B 195 -7.83 19.56 45.75
C GLU B 195 -7.53 21.02 46.08
N ARG B 196 -7.66 21.92 45.10
CA ARG B 196 -7.38 23.33 45.40
C ARG B 196 -8.48 23.97 46.23
N GLY B 197 -9.73 23.60 46.01
CA GLY B 197 -10.80 24.20 46.78
C GLY B 197 -12.11 24.37 46.03
N TYR B 198 -12.10 24.07 44.74
CA TYR B 198 -13.25 24.31 43.88
C TYR B 198 -13.92 22.97 43.58
N SER B 199 -15.18 22.82 43.97
CA SER B 199 -15.88 21.56 43.84
C SER B 199 -16.73 21.56 42.59
N PHE B 200 -16.38 20.72 41.62
CA PHE B 200 -17.17 20.52 40.42
C PHE B 200 -17.58 19.06 40.39
N VAL B 201 -18.89 18.80 40.43
CA VAL B 201 -19.35 17.41 40.46
C VAL B 201 -20.45 17.13 39.44
N THR B 202 -21.22 18.12 39.03
CA THR B 202 -22.32 17.91 38.11
C THR B 202 -21.76 17.73 36.70
N THR B 203 -22.55 17.11 35.82
CA THR B 203 -22.16 16.96 34.42
C THR B 203 -21.99 18.30 33.73
N ALA B 204 -22.80 19.29 34.10
CA ALA B 204 -22.61 20.63 33.59
C ALA B 204 -21.34 21.24 34.14
N GLU B 205 -21.02 20.98 35.40
CA GLU B 205 -19.77 21.43 35.98
C GLU B 205 -18.58 20.69 35.40
N ARG B 206 -18.79 19.43 35.00
CA ARG B 206 -17.79 18.71 34.21
C ARG B 206 -17.55 19.39 32.87
N GLU B 207 -18.59 19.98 32.29
CA GLU B 207 -18.39 20.70 31.05
C GLU B 207 -17.66 22.01 31.27
N ILE B 208 -17.87 22.64 32.43
CA ILE B 208 -17.12 23.82 32.82
C ILE B 208 -15.64 23.49 33.02
N VAL B 209 -15.35 22.35 33.68
CA VAL B 209 -13.97 21.93 33.90
C VAL B 209 -13.30 21.60 32.58
N ARG B 210 -14.04 20.99 31.64
CA ARG B 210 -13.51 20.76 30.31
C ARG B 210 -13.15 22.07 29.62
N ASP B 211 -13.95 23.10 29.84
CA ASP B 211 -13.62 24.41 29.29
C ASP B 211 -12.36 24.99 29.93
N ILE B 212 -12.18 24.79 31.24
CA ILE B 212 -10.97 25.23 31.93
C ILE B 212 -9.75 24.50 31.37
N LYS B 213 -9.91 23.21 31.06
CA LYS B 213 -8.83 22.42 30.48
C LYS B 213 -8.45 22.92 29.10
N GLU B 214 -9.45 23.31 28.31
CA GLU B 214 -9.15 23.79 26.95
C GLU B 214 -8.51 25.16 26.96
N LYS B 215 -9.05 26.07 27.78
CA LYS B 215 -8.55 27.44 27.77
C LYS B 215 -7.21 27.56 28.44
N LEU B 216 -6.94 26.74 29.45
CA LEU B 216 -6.03 27.16 30.49
C LEU B 216 -5.12 26.02 30.92
N CYS B 217 -4.60 25.24 29.98
CA CYS B 217 -3.69 24.15 30.30
C CYS B 217 -2.61 24.03 29.25
N TYR B 218 -1.40 23.67 29.70
CA TYR B 218 -0.25 23.39 28.86
C TYR B 218 0.43 22.16 29.43
N VAL B 219 1.51 21.72 28.80
CA VAL B 219 1.97 20.35 29.00
C VAL B 219 3.25 20.23 29.83
N ALA B 220 3.99 21.33 30.06
CA ALA B 220 5.20 21.36 30.90
C ALA B 220 6.32 20.44 30.43
N LEU B 221 7.07 20.90 29.41
CA LEU B 221 8.27 20.26 28.85
C LEU B 221 9.16 19.49 29.83
N ASP B 222 9.48 20.10 30.97
CA ASP B 222 10.14 19.38 32.05
C ASP B 222 9.24 19.49 33.27
N PHE B 223 8.61 18.38 33.66
CA PHE B 223 7.54 18.43 34.63
C PHE B 223 8.04 18.71 36.04
N GLU B 224 9.25 18.26 36.37
CA GLU B 224 9.75 18.45 37.73
C GLU B 224 10.14 19.91 37.96
N ASN B 225 10.85 20.52 37.01
CA ASN B 225 11.25 21.90 37.17
C ASN B 225 10.09 22.86 36.96
N GLU B 226 9.07 22.44 36.19
CA GLU B 226 7.87 23.26 36.11
C GLU B 226 7.08 23.16 37.40
N MET B 227 7.11 21.98 38.02
CA MET B 227 6.42 21.75 39.28
C MET B 227 7.03 22.59 40.38
N ALA B 228 8.36 22.60 40.47
CA ALA B 228 9.04 23.45 41.43
C ALA B 228 8.97 24.92 41.04
N THR B 229 8.79 25.22 39.75
CA THR B 229 8.57 26.60 39.33
C THR B 229 7.25 27.12 39.85
N ALA B 230 6.20 26.31 39.78
CA ALA B 230 4.92 26.69 40.37
C ALA B 230 4.98 26.70 41.89
N ALA B 231 5.83 25.85 42.47
CA ALA B 231 5.98 25.86 43.93
C ALA B 231 6.77 27.07 44.41
N SER B 232 7.59 27.67 43.56
CA SER B 232 8.42 28.79 43.99
C SER B 232 7.61 30.08 44.04
N SER B 233 7.02 30.47 42.92
CA SER B 233 6.30 31.73 42.82
C SER B 233 4.92 31.49 42.22
N SER B 234 4.14 32.57 42.16
CA SER B 234 2.78 32.55 41.63
C SER B 234 2.71 33.07 40.20
N SER B 235 3.81 32.94 39.45
CA SER B 235 3.86 33.44 38.08
C SER B 235 3.17 32.52 37.10
N LEU B 236 2.76 31.33 37.53
CA LEU B 236 2.05 30.38 36.69
C LEU B 236 0.57 30.31 37.03
N GLU B 237 0.14 30.99 38.09
CA GLU B 237 -1.26 31.05 38.44
C GLU B 237 -2.02 31.80 37.37
N LYS B 238 -3.26 31.40 37.12
CA LYS B 238 -4.06 32.11 36.14
C LYS B 238 -5.51 31.97 36.55
N SER B 239 -6.26 33.06 36.38
CA SER B 239 -7.64 33.11 36.83
C SER B 239 -8.58 32.78 35.68
N TYR B 240 -9.71 32.17 36.04
CA TYR B 240 -10.77 31.82 35.11
C TYR B 240 -12.08 32.24 35.74
N GLU B 241 -12.85 33.08 35.07
CA GLU B 241 -14.17 33.44 35.55
C GLU B 241 -15.14 32.34 35.19
N LEU B 242 -15.72 31.71 36.23
CA LEU B 242 -16.74 30.69 36.03
C LEU B 242 -17.99 31.33 35.46
N PRO B 243 -18.87 30.55 34.84
CA PRO B 243 -20.18 31.09 34.48
C PRO B 243 -20.92 31.52 35.72
N ASP B 244 -21.48 32.72 35.63
CA ASP B 244 -22.27 33.35 36.68
C ASP B 244 -21.45 33.54 37.96
N GLY B 245 -20.46 34.42 37.84
CA GLY B 245 -19.82 34.96 39.02
C GLY B 245 -18.38 34.56 39.30
N GLN B 246 -18.22 33.66 40.25
CA GLN B 246 -16.99 33.46 41.03
C GLN B 246 -15.80 33.12 40.15
N VAL B 247 -14.67 33.77 40.42
CA VAL B 247 -13.46 33.51 39.65
C VAL B 247 -12.61 32.52 40.42
N ILE B 248 -11.85 31.71 39.68
CA ILE B 248 -10.95 30.74 40.26
C ILE B 248 -9.53 31.08 39.81
N THR B 249 -8.56 30.49 40.48
CA THR B 249 -7.15 30.77 40.19
C THR B 249 -6.38 29.47 40.30
N ILE B 250 -5.93 28.94 39.18
CA ILE B 250 -5.30 27.62 39.17
C ILE B 250 -3.80 27.77 38.95
N GLY B 251 -3.04 26.88 39.58
CA GLY B 251 -1.60 26.93 39.60
C GLY B 251 -0.94 25.76 38.91
N ASN B 252 -0.45 24.80 39.69
CA ASN B 252 0.16 23.60 39.14
C ASN B 252 -0.84 22.67 38.45
N GLU B 253 -2.14 22.87 38.65
CA GLU B 253 -3.14 22.07 37.98
C GLU B 253 -3.20 22.37 36.49
N ARG B 254 -2.67 23.52 36.10
CA ARG B 254 -2.58 23.94 34.72
C ARG B 254 -1.72 22.98 33.90
N PHE B 255 -0.70 22.38 34.49
CA PHE B 255 0.13 21.44 33.76
C PHE B 255 0.16 20.04 34.37
N ARG B 256 -0.46 19.83 35.52
CA ARG B 256 -0.62 18.46 35.98
C ARG B 256 -1.74 17.72 35.26
N CYS B 257 -2.61 18.43 34.55
CA CYS B 257 -3.69 17.74 33.83
C CYS B 257 -3.18 16.96 32.62
N PRO B 258 -2.41 17.52 31.67
CA PRO B 258 -1.92 16.67 30.58
C PRO B 258 -0.63 15.93 30.87
N GLU B 259 -0.04 16.12 32.05
CA GLU B 259 1.05 15.23 32.43
C GLU B 259 0.55 13.83 32.69
N THR B 260 -0.73 13.70 33.03
CA THR B 260 -1.39 12.40 33.08
C THR B 260 -1.34 11.70 31.74
N LEU B 261 -1.40 12.47 30.66
CA LEU B 261 -1.27 11.89 29.33
C LEU B 261 0.14 11.37 29.12
N PHE B 262 1.14 12.08 29.63
CA PHE B 262 2.51 11.56 29.57
C PHE B 262 2.88 10.65 30.72
N GLN B 263 2.01 10.49 31.68
CA GLN B 263 2.35 9.71 32.86
C GLN B 263 1.05 9.21 33.48
N PRO B 264 0.50 8.09 32.98
CA PRO B 264 -0.86 7.69 33.32
C PRO B 264 -1.06 7.18 34.74
N SER B 265 -0.02 7.17 35.56
CA SER B 265 -0.13 6.77 36.94
C SER B 265 -0.92 7.76 37.77
N PHE B 266 -1.09 8.99 37.28
CA PHE B 266 -1.80 10.02 38.03
C PHE B 266 -3.28 9.68 38.14
N ILE B 267 -3.82 9.06 37.11
CA ILE B 267 -5.23 8.69 37.11
C ILE B 267 -5.32 7.20 37.47
N GLY B 268 -4.21 6.65 37.95
CA GLY B 268 -4.19 5.28 38.43
C GLY B 268 -4.29 4.24 37.34
N MET B 269 -3.73 4.51 36.17
CA MET B 269 -3.91 3.67 35.01
C MET B 269 -2.54 3.11 34.65
N GLU B 270 -2.40 1.79 34.72
CA GLU B 270 -1.13 1.13 34.43
C GLU B 270 -0.88 1.17 32.92
N SER B 271 0.00 2.06 32.50
CA SER B 271 0.35 2.16 31.10
C SER B 271 1.74 2.76 30.99
N ALA B 272 2.20 2.93 29.77
CA ALA B 272 3.55 3.39 29.51
C ALA B 272 3.62 4.87 29.19
N GLY B 273 2.48 5.50 28.94
CA GLY B 273 2.47 6.88 28.54
C GLY B 273 2.39 7.01 27.03
N ILE B 274 2.13 8.24 26.60
CA ILE B 274 1.98 8.53 25.18
C ILE B 274 3.31 8.39 24.46
N HIS B 275 4.37 8.96 25.04
CA HIS B 275 5.69 8.95 24.43
C HIS B 275 6.29 7.55 24.34
N GLU B 276 5.94 6.65 25.25
CA GLU B 276 6.45 5.29 25.15
C GLU B 276 5.59 4.37 24.32
N THR B 277 4.31 4.67 24.14
CA THR B 277 3.52 3.88 23.22
C THR B 277 3.84 4.23 21.78
N THR B 278 4.27 5.47 21.51
CA THR B 278 4.78 5.78 20.18
C THR B 278 6.07 5.02 19.89
N TYR B 279 7.01 5.06 20.83
CA TYR B 279 8.28 4.37 20.63
C TYR B 279 8.10 2.86 20.58
N ASN B 280 7.16 2.34 21.35
CA ASN B 280 6.91 0.90 21.29
C ASN B 280 6.18 0.51 20.01
N SER B 281 5.35 1.40 19.47
CA SER B 281 4.77 1.13 18.16
C SER B 281 5.81 1.19 17.06
N ILE B 282 6.82 2.03 17.21
CA ILE B 282 7.89 2.09 16.21
C ILE B 282 8.78 0.87 16.32
N MET B 283 9.10 0.45 17.54
CA MET B 283 9.96 -0.72 17.71
C MET B 283 9.24 -2.01 17.36
N LYS B 284 7.91 -2.04 17.35
CA LYS B 284 7.23 -3.22 16.82
C LYS B 284 7.27 -3.28 15.30
N CYS B 285 7.59 -2.18 14.62
CA CYS B 285 7.76 -2.23 13.19
C CYS B 285 9.12 -2.82 12.84
N ASP B 286 9.34 -3.07 11.55
CA ASP B 286 10.60 -3.66 11.13
C ASP B 286 11.72 -2.63 11.18
N ILE B 287 12.94 -3.11 10.97
CA ILE B 287 14.13 -2.31 11.20
C ILE B 287 14.25 -1.21 10.15
N ASP B 288 13.79 -1.48 8.94
CA ASP B 288 13.92 -0.57 7.80
C ASP B 288 12.75 0.36 7.64
N ILE B 289 12.00 0.61 8.71
CA ILE B 289 10.80 1.42 8.67
C ILE B 289 11.02 2.61 9.59
N ARG B 290 11.90 2.41 10.57
CA ARG B 290 11.83 3.17 11.81
C ARG B 290 12.27 4.62 11.64
N LYS B 291 13.32 4.89 10.84
CA LYS B 291 13.70 6.29 10.66
C LYS B 291 12.70 7.05 9.82
N ASP B 292 11.94 6.35 8.97
CA ASP B 292 10.86 6.99 8.26
C ASP B 292 9.63 7.16 9.13
N LEU B 293 9.59 6.49 10.29
CA LEU B 293 8.58 6.77 11.28
C LEU B 293 9.03 7.85 12.25
N TYR B 294 10.33 7.93 12.50
CA TYR B 294 10.88 8.97 13.36
C TYR B 294 10.73 10.35 12.75
N ALA B 295 10.97 10.45 11.45
CA ALA B 295 10.90 11.73 10.77
C ALA B 295 9.48 12.11 10.35
N ASN B 296 8.52 11.22 10.58
CA ASN B 296 7.16 11.45 10.14
C ASN B 296 6.18 11.12 11.24
N ASN B 297 6.44 11.61 12.44
CA ASN B 297 5.65 11.24 13.59
C ASN B 297 4.51 12.23 13.76
N VAL B 298 3.39 11.94 13.08
CA VAL B 298 2.24 12.82 13.00
C VAL B 298 1.47 12.75 14.31
N MET B 299 1.01 13.90 14.82
CA MET B 299 0.49 14.03 16.18
C MET B 299 -0.85 14.78 16.14
N SER B 300 -1.80 14.20 15.41
CA SER B 300 -2.84 14.99 14.77
C SER B 300 -4.28 14.60 15.10
N GLY B 301 -4.68 14.63 16.37
CA GLY B 301 -6.10 14.71 16.67
C GLY B 301 -6.43 15.81 17.66
N GLY B 302 -7.51 15.65 18.43
CA GLY B 302 -7.78 16.52 19.56
C GLY B 302 -6.83 16.22 20.70
N THR B 303 -7.03 16.92 21.84
CA THR B 303 -6.20 16.85 23.05
C THR B 303 -4.69 16.95 22.78
N THR B 304 -4.32 17.58 21.69
CA THR B 304 -2.93 17.81 21.32
C THR B 304 -2.71 19.29 21.13
N MET B 305 -3.73 20.10 21.37
CA MET B 305 -3.59 21.54 21.36
C MET B 305 -3.12 22.09 22.70
N TYR B 306 -2.65 21.22 23.59
CA TYR B 306 -1.89 21.70 24.72
C TYR B 306 -0.61 22.35 24.20
N PRO B 307 -0.28 23.56 24.64
CA PRO B 307 0.94 24.21 24.18
C PRO B 307 2.18 23.45 24.66
N GLY B 308 3.03 23.10 23.71
CA GLY B 308 4.28 22.46 24.01
C GLY B 308 4.27 20.96 24.01
N ILE B 309 3.17 20.32 23.60
CA ILE B 309 3.12 18.86 23.64
C ILE B 309 3.93 18.26 22.50
N ALA B 310 4.17 19.03 21.43
CA ALA B 310 5.13 18.57 20.43
C ALA B 310 6.56 18.74 20.92
N ASP B 311 6.80 19.73 21.79
CA ASP B 311 8.13 19.92 22.36
C ASP B 311 8.43 18.84 23.40
N ARG B 312 7.45 18.56 24.26
CA ARG B 312 7.58 17.43 25.20
C ARG B 312 7.66 16.12 24.45
N MET B 313 6.96 16.04 23.33
CA MET B 313 6.85 14.81 22.57
C MET B 313 8.17 14.47 21.88
N GLN B 314 8.74 15.45 21.16
CA GLN B 314 10.05 15.27 20.56
C GLN B 314 11.13 15.12 21.62
N LYS B 315 11.01 15.89 22.70
CA LYS B 315 12.01 15.87 23.76
C LYS B 315 12.06 14.52 24.48
N GLU B 316 10.95 13.79 24.49
CA GLU B 316 10.93 12.50 25.16
C GLU B 316 11.16 11.33 24.20
N ILE B 317 10.69 11.43 22.96
CA ILE B 317 10.96 10.37 21.99
C ILE B 317 12.43 10.36 21.58
N THR B 318 13.06 11.53 21.53
CA THR B 318 14.49 11.62 21.29
C THR B 318 15.28 10.91 22.38
N ALA B 319 14.82 10.99 23.62
CA ALA B 319 15.47 10.28 24.71
C ALA B 319 15.28 8.78 24.63
N LEU B 320 14.22 8.32 23.95
CA LEU B 320 14.03 6.89 23.77
C LEU B 320 14.69 6.34 22.51
N ALA B 321 14.51 7.03 21.38
CA ALA B 321 15.09 6.62 20.12
C ALA B 321 16.60 6.77 20.15
N PRO B 322 17.34 6.01 19.34
CA PRO B 322 18.80 6.17 19.31
C PRO B 322 19.21 7.52 18.75
N SER B 323 20.44 7.90 19.03
CA SER B 323 20.99 9.11 18.47
C SER B 323 21.25 8.91 16.98
N THR B 324 21.52 10.02 16.29
CA THR B 324 21.59 10.14 14.83
C THR B 324 20.30 9.71 14.13
N MET B 325 19.18 9.76 14.84
CA MET B 325 17.86 9.66 14.26
C MET B 325 17.20 11.03 14.31
N LYS B 326 16.44 11.34 13.26
CA LYS B 326 15.79 12.63 13.13
C LYS B 326 14.35 12.49 13.59
N ILE B 327 14.06 12.99 14.78
CA ILE B 327 12.72 12.92 15.35
C ILE B 327 11.97 14.17 14.94
N LYS B 328 10.97 14.02 14.08
CA LYS B 328 10.13 15.14 13.67
C LYS B 328 8.70 14.85 14.10
N ILE B 329 8.20 15.63 15.06
CA ILE B 329 6.82 15.54 15.51
C ILE B 329 5.99 16.49 14.66
N ILE B 330 5.16 15.94 13.79
CA ILE B 330 4.30 16.77 12.94
C ILE B 330 3.04 17.11 13.73
N ALA B 331 2.83 18.40 13.98
CA ALA B 331 1.68 18.86 14.76
C ALA B 331 0.97 19.95 13.97
N PRO B 332 0.19 19.58 12.95
CA PRO B 332 -0.32 20.55 12.00
C PRO B 332 -1.51 21.29 12.59
N PRO B 333 -1.43 22.62 12.74
CA PRO B 333 -2.39 23.37 13.59
C PRO B 333 -3.86 23.22 13.22
N GLU B 334 -4.16 22.71 12.04
CA GLU B 334 -5.47 22.25 11.63
C GLU B 334 -5.86 20.93 12.27
N ARG B 335 -5.06 20.33 13.17
CA ARG B 335 -5.55 19.16 13.88
C ARG B 335 -6.61 19.59 14.88
N LYS B 336 -7.29 18.58 15.45
CA LYS B 336 -8.63 18.50 16.04
C LYS B 336 -9.66 18.36 14.91
N TYR B 337 -9.24 18.53 13.66
CA TYR B 337 -10.10 18.47 12.50
C TYR B 337 -9.55 17.57 11.43
N SER B 338 -8.30 17.13 11.57
CA SER B 338 -7.61 16.43 10.49
C SER B 338 -8.06 15.00 10.31
N VAL B 339 -8.68 14.40 11.31
CA VAL B 339 -9.37 13.14 11.07
C VAL B 339 -10.55 13.35 10.14
N TRP B 340 -11.27 14.47 10.31
CA TRP B 340 -12.33 14.79 9.38
C TRP B 340 -11.76 15.17 8.02
N ILE B 341 -10.66 15.94 8.01
CA ILE B 341 -10.08 16.42 6.76
C ILE B 341 -9.56 15.27 5.92
N GLY B 342 -8.88 14.32 6.57
CA GLY B 342 -8.49 13.13 5.84
C GLY B 342 -9.65 12.24 5.46
N GLY B 343 -10.74 12.29 6.24
CA GLY B 343 -11.97 11.68 5.77
C GLY B 343 -12.49 12.32 4.51
N SER B 344 -12.37 13.64 4.42
CA SER B 344 -12.78 14.37 3.23
C SER B 344 -11.91 14.03 2.04
N ILE B 345 -10.61 13.84 2.26
CA ILE B 345 -9.71 13.43 1.19
C ILE B 345 -10.06 12.04 0.70
N LEU B 346 -10.16 11.08 1.62
CA LEU B 346 -10.41 9.69 1.26
C LEU B 346 -11.76 9.50 0.57
N ALA B 347 -12.80 10.16 1.07
CA ALA B 347 -14.10 10.05 0.42
C ALA B 347 -14.15 10.79 -0.91
N SER B 348 -13.25 11.75 -1.15
CA SER B 348 -13.21 12.43 -2.43
C SER B 348 -12.25 11.79 -3.42
N LEU B 349 -11.55 10.72 -3.03
CA LEU B 349 -10.72 9.99 -3.99
C LEU B 349 -11.56 9.21 -4.97
N SER B 350 -11.07 9.12 -6.20
CA SER B 350 -11.75 8.41 -7.28
C SER B 350 -11.48 6.92 -7.27
N THR B 351 -10.35 6.49 -6.72
CA THR B 351 -10.08 5.06 -6.52
C THR B 351 -10.96 4.48 -5.42
N PHE B 352 -11.46 5.33 -4.52
CA PHE B 352 -12.17 4.88 -3.35
C PHE B 352 -13.63 4.51 -3.65
N GLN B 353 -14.20 4.95 -4.77
CA GLN B 353 -15.64 4.77 -4.98
C GLN B 353 -16.07 3.34 -5.30
N GLN B 354 -15.17 2.36 -5.34
CA GLN B 354 -15.59 0.97 -5.31
C GLN B 354 -15.26 0.31 -3.98
N MET B 355 -14.84 1.10 -2.99
CA MET B 355 -14.58 0.60 -1.66
C MET B 355 -15.69 0.92 -0.67
N TRP B 356 -16.72 1.65 -1.10
CA TRP B 356 -17.89 1.86 -0.27
C TRP B 356 -18.63 0.55 -0.07
N ILE B 357 -19.00 0.27 1.18
CA ILE B 357 -19.94 -0.81 1.45
C ILE B 357 -21.30 -0.30 0.99
N THR B 358 -21.81 -0.85 -0.09
CA THR B 358 -23.05 -0.33 -0.63
C THR B 358 -24.22 -1.18 -0.19
N LYS B 359 -25.41 -0.58 -0.26
CA LYS B 359 -26.63 -1.36 -0.12
C LYS B 359 -26.81 -2.18 -1.40
N GLN B 360 -27.52 -3.31 -1.26
CA GLN B 360 -27.66 -4.49 -2.12
C GLN B 360 -26.41 -5.36 -1.97
N GLU B 361 -25.40 -4.88 -1.28
CA GLU B 361 -24.30 -5.70 -0.79
C GLU B 361 -24.36 -5.85 0.71
N TYR B 362 -24.86 -4.82 1.40
CA TYR B 362 -25.30 -4.98 2.78
C TYR B 362 -26.47 -5.96 2.87
N ASP B 363 -27.45 -5.83 1.98
CA ASP B 363 -28.61 -6.71 2.01
C ASP B 363 -28.25 -8.13 1.58
N GLU B 364 -27.16 -8.28 0.83
CA GLU B 364 -26.74 -9.59 0.36
C GLU B 364 -25.95 -10.33 1.42
N ALA B 365 -25.09 -9.62 2.16
CA ALA B 365 -24.14 -10.25 3.06
C ALA B 365 -24.37 -9.90 4.52
N GLY B 366 -25.49 -9.29 4.86
CA GLY B 366 -25.79 -8.94 6.22
C GLY B 366 -24.92 -7.80 6.72
N PRO B 367 -24.94 -7.55 8.03
CA PRO B 367 -24.07 -6.50 8.60
C PRO B 367 -22.62 -6.91 8.80
N SER B 368 -22.24 -8.16 8.54
CA SER B 368 -20.85 -8.57 8.70
C SER B 368 -19.99 -8.25 7.49
N ILE B 369 -20.55 -7.61 6.47
CA ILE B 369 -19.84 -7.20 5.26
C ILE B 369 -18.70 -6.24 5.58
N VAL B 370 -18.82 -5.54 6.71
CA VAL B 370 -17.82 -4.56 7.16
C VAL B 370 -16.51 -5.25 7.49
N HIS B 371 -16.54 -6.53 7.78
CA HIS B 371 -15.28 -7.18 8.10
C HIS B 371 -14.65 -7.83 6.90
N ARG B 372 -15.14 -7.55 5.69
CA ARG B 372 -14.44 -7.95 4.49
C ARG B 372 -14.22 -6.80 3.52
N LYS B 373 -14.99 -5.72 3.62
CA LYS B 373 -14.81 -4.59 2.72
C LYS B 373 -14.13 -3.41 3.37
N CYS B 374 -14.37 -3.18 4.65
CA CYS B 374 -13.83 -2.01 5.32
C CYS B 374 -12.35 -2.18 5.64
N PHE B 375 -12.02 -3.12 6.51
CA PHE B 375 -10.62 -3.50 6.71
C PHE B 375 -10.50 -4.99 7.02
N ASP C 1 16.27 -31.47 55.98
CA ASP C 1 16.60 -30.94 54.67
C ASP C 1 16.97 -32.05 53.68
N GLU C 2 17.99 -31.80 52.88
CA GLU C 2 18.53 -32.79 51.95
C GLU C 2 19.84 -33.31 52.53
N ASP C 3 19.87 -34.60 52.86
CA ASP C 3 21.01 -35.21 53.51
C ASP C 3 22.10 -35.61 52.54
N GLU C 4 21.95 -35.31 51.25
CA GLU C 4 22.95 -35.64 50.25
C GLU C 4 23.31 -34.41 49.43
N THR C 5 24.17 -34.64 48.43
CA THR C 5 24.65 -33.64 47.49
C THR C 5 23.95 -33.78 46.15
N THR C 6 22.64 -34.00 46.18
CA THR C 6 21.85 -34.18 44.97
C THR C 6 21.87 -32.91 44.14
N ALA C 7 22.02 -33.07 42.83
CA ALA C 7 22.09 -31.93 41.94
C ALA C 7 20.74 -31.25 41.80
N LEU C 8 20.78 -29.93 41.72
CA LEU C 8 19.60 -29.14 41.44
C LEU C 8 19.37 -29.07 39.95
N VAL C 9 18.13 -29.23 39.54
CA VAL C 9 17.75 -29.03 38.15
C VAL C 9 16.75 -27.88 38.17
N CYS C 10 17.25 -26.68 37.87
CA CYS C 10 16.41 -25.49 37.77
C CYS C 10 16.17 -25.20 36.30
N ASP C 11 14.91 -24.99 35.95
CA ASP C 11 14.52 -24.83 34.55
C ASP C 11 13.57 -23.65 34.47
N ASN C 12 14.12 -22.48 34.15
CA ASN C 12 13.31 -21.33 33.79
C ASN C 12 13.41 -21.19 32.28
N GLY C 13 12.33 -21.51 31.58
CA GLY C 13 12.36 -21.31 30.15
C GLY C 13 12.29 -19.85 29.79
N SER C 14 11.10 -19.23 29.88
CA SER C 14 11.01 -17.79 29.96
C SER C 14 9.82 -17.35 30.79
N GLY C 15 8.95 -18.27 31.18
CA GLY C 15 7.72 -17.84 31.79
C GLY C 15 7.23 -18.67 32.95
N LEU C 16 7.99 -19.69 33.32
CA LEU C 16 7.56 -20.60 34.37
C LEU C 16 8.80 -21.26 34.94
N VAL C 17 9.06 -21.03 36.22
CA VAL C 17 10.17 -21.70 36.89
C VAL C 17 9.70 -23.09 37.31
N LYS C 18 10.45 -24.10 36.91
CA LYS C 18 10.23 -25.46 37.38
C LYS C 18 11.58 -26.02 37.81
N ALA C 19 11.73 -26.20 39.11
CA ALA C 19 12.99 -26.57 39.71
C ALA C 19 12.79 -27.78 40.61
N GLY C 20 13.88 -28.47 40.88
CA GLY C 20 13.82 -29.60 41.78
C GLY C 20 15.18 -30.26 41.89
N PHE C 21 15.14 -31.56 42.18
CA PHE C 21 16.35 -32.32 42.43
C PHE C 21 16.59 -33.27 41.28
N ALA C 22 17.81 -33.76 41.15
CA ALA C 22 18.08 -34.76 40.14
C ALA C 22 17.66 -36.13 40.66
N GLY C 23 17.37 -37.04 39.73
CA GLY C 23 16.91 -38.36 40.10
C GLY C 23 15.51 -38.30 40.67
N ASP C 24 14.61 -37.68 39.91
CA ASP C 24 13.33 -37.28 40.44
C ASP C 24 12.33 -37.27 39.30
N ASP C 25 11.08 -37.61 39.61
CA ASP C 25 10.05 -37.71 38.57
C ASP C 25 9.66 -36.33 38.05
N ALA C 26 9.09 -35.52 38.92
CA ALA C 26 8.51 -34.23 38.61
C ALA C 26 9.29 -33.13 39.31
N PRO C 27 9.28 -31.90 38.78
CA PRO C 27 9.90 -30.80 39.49
C PRO C 27 9.15 -30.49 40.78
N ARG C 28 9.92 -30.20 41.83
CA ARG C 28 9.32 -30.01 43.13
C ARG C 28 8.63 -28.66 43.22
N ALA C 29 9.17 -27.66 42.55
CA ALA C 29 8.66 -26.30 42.60
C ALA C 29 8.32 -25.86 41.19
N VAL C 30 7.05 -25.56 40.95
CA VAL C 30 6.60 -24.99 39.68
C VAL C 30 5.82 -23.72 40.03
N PHE C 31 6.33 -22.58 39.62
CA PHE C 31 5.68 -21.32 39.94
C PHE C 31 5.94 -20.33 38.81
N PRO C 32 5.10 -19.29 38.67
CA PRO C 32 5.34 -18.31 37.60
C PRO C 32 6.63 -17.54 37.80
N SER C 33 7.33 -17.31 36.70
CA SER C 33 8.56 -16.54 36.69
C SER C 33 8.26 -15.05 36.57
N ILE C 34 7.59 -14.52 37.57
CA ILE C 34 7.22 -13.11 37.63
C ILE C 34 7.75 -12.51 38.91
N VAL C 35 7.98 -11.21 38.88
CA VAL C 35 8.25 -10.45 40.09
C VAL C 35 7.31 -9.25 40.09
N GLY C 36 6.45 -9.18 41.09
CA GLY C 36 5.46 -8.14 41.17
C GLY C 36 5.90 -7.03 42.10
N ARG C 37 5.27 -5.89 41.96
CA ARG C 37 5.76 -4.71 42.65
C ARG C 37 4.64 -3.68 42.77
N PRO C 38 4.40 -3.12 43.95
CA PRO C 38 3.19 -2.32 44.17
C PRO C 38 3.24 -0.99 43.41
N ARG C 39 2.14 -0.66 42.74
CA ARG C 39 2.13 0.54 41.93
C ARG C 39 1.34 1.68 42.56
N HIS C 40 0.83 1.50 43.77
CA HIS C 40 0.29 2.59 44.56
C HIS C 40 0.57 2.33 46.03
N GLN C 41 0.22 3.31 46.86
CA GLN C 41 0.85 3.46 48.17
C GLN C 41 0.22 2.59 49.23
N GLY C 42 1.04 2.23 50.21
CA GLY C 42 0.57 1.42 51.33
C GLY C 42 -0.02 2.31 52.41
N VAL C 43 -1.19 1.91 52.90
CA VAL C 43 -2.00 2.75 53.77
C VAL C 43 -2.28 2.09 55.12
N MET C 44 -2.57 0.79 55.12
CA MET C 44 -2.63 0.06 56.38
C MET C 44 -1.24 -0.04 56.99
N VAL C 45 -1.04 0.70 58.07
CA VAL C 45 0.23 0.73 58.79
C VAL C 45 0.35 -0.55 59.61
N GLY C 46 1.55 -1.13 59.65
CA GLY C 46 1.71 -2.39 60.33
C GLY C 46 1.13 -3.53 59.54
N MET C 47 1.73 -3.82 58.39
CA MET C 47 1.16 -4.76 57.43
C MET C 47 2.19 -5.73 56.91
N GLY C 48 3.48 -5.38 56.95
CA GLY C 48 4.47 -6.11 56.21
C GLY C 48 4.62 -5.42 54.88
N GLN C 49 3.90 -5.95 53.87
CA GLN C 49 3.77 -5.43 52.51
C GLN C 49 5.12 -5.05 51.91
N LYS C 50 5.91 -6.10 51.69
CA LYS C 50 7.21 -6.01 51.04
C LYS C 50 7.06 -5.46 49.62
N ASP C 51 8.09 -4.75 49.17
CA ASP C 51 8.05 -4.05 47.89
C ASP C 51 8.67 -4.91 46.79
N SER C 52 8.33 -6.20 46.77
CA SER C 52 8.63 -7.15 45.70
C SER C 52 7.89 -8.44 46.01
N TYR C 53 7.15 -8.96 45.06
CA TYR C 53 6.46 -10.23 45.22
C TYR C 53 6.88 -11.11 44.06
N VAL C 54 7.54 -12.21 44.36
CA VAL C 54 8.06 -13.12 43.35
C VAL C 54 7.23 -14.38 43.34
N GLY C 55 7.00 -14.91 42.15
CA GLY C 55 6.41 -16.22 42.03
C GLY C 55 4.91 -16.21 42.24
N ASP C 56 4.40 -17.28 42.84
CA ASP C 56 2.97 -17.51 42.96
C ASP C 56 2.28 -16.46 43.83
N GLU C 57 3.01 -15.92 44.81
CA GLU C 57 2.48 -14.84 45.65
C GLU C 57 2.13 -13.62 44.83
N ALA C 58 2.88 -13.37 43.75
CA ALA C 58 2.56 -12.24 42.90
C ALA C 58 1.23 -12.43 42.19
N GLN C 59 0.92 -13.66 41.77
CA GLN C 59 -0.42 -13.88 41.25
C GLN C 59 -1.48 -13.91 42.34
N SER C 60 -1.08 -14.07 43.60
CA SER C 60 -2.06 -13.91 44.66
C SER C 60 -2.39 -12.44 44.90
N LYS C 61 -1.51 -11.53 44.46
CA LYS C 61 -1.70 -10.10 44.76
C LYS C 61 -1.69 -9.25 43.51
N ARG C 62 -1.91 -9.85 42.34
CA ARG C 62 -1.69 -9.19 41.07
C ARG C 62 -2.67 -8.04 40.80
N GLY C 63 -3.72 -7.89 41.59
CA GLY C 63 -4.60 -6.75 41.44
C GLY C 63 -3.99 -5.44 41.88
N ILE C 64 -2.94 -5.49 42.70
CA ILE C 64 -2.28 -4.26 43.15
C ILE C 64 -0.81 -4.23 42.78
N LEU C 65 -0.39 -5.09 41.85
CA LEU C 65 0.99 -5.17 41.45
C LEU C 65 1.10 -4.94 39.96
N THR C 66 2.28 -4.52 39.52
CA THR C 66 2.63 -4.55 38.10
C THR C 66 3.57 -5.73 37.91
N LEU C 67 3.06 -6.77 37.27
CA LEU C 67 3.81 -8.00 37.11
C LEU C 67 4.82 -7.81 35.98
N LYS C 68 6.01 -8.38 36.17
CA LYS C 68 7.08 -8.15 35.21
C LYS C 68 7.91 -9.43 35.10
N TYR C 69 7.98 -9.97 33.90
CA TYR C 69 8.74 -11.17 33.62
C TYR C 69 10.21 -10.82 33.41
N PRO C 70 11.13 -11.31 34.23
CA PRO C 70 12.55 -10.98 34.06
C PRO C 70 13.23 -11.69 32.91
N ILE C 71 12.53 -12.51 32.14
CA ILE C 71 13.14 -13.30 31.09
C ILE C 71 12.19 -13.33 29.89
N GLU C 72 12.67 -12.83 28.77
CA GLU C 72 11.86 -12.53 27.59
C GLU C 72 12.51 -13.14 26.38
N HIS C 73 11.77 -13.99 25.67
CA HIS C 73 12.25 -14.79 24.54
C HIS C 73 13.46 -15.64 24.92
N GLY C 74 13.46 -16.18 26.12
CA GLY C 74 14.57 -16.98 26.58
C GLY C 74 15.80 -16.19 26.96
N ILE C 75 15.75 -14.87 26.91
CA ILE C 75 16.86 -14.00 27.24
C ILE C 75 16.52 -13.31 28.55
N ILE C 76 17.44 -13.34 29.51
CA ILE C 76 17.21 -12.68 30.79
C ILE C 76 17.48 -11.19 30.63
N THR C 77 16.44 -10.39 30.82
CA THR C 77 16.53 -8.95 30.62
C THR C 77 16.85 -8.21 31.92
N ASN C 78 16.04 -8.42 32.96
CA ASN C 78 16.34 -7.93 34.29
C ASN C 78 17.20 -8.96 35.00
N TRP C 79 18.38 -8.55 35.43
CA TRP C 79 19.27 -9.49 36.11
C TRP C 79 19.05 -9.50 37.60
N ASP C 80 18.77 -8.34 38.19
CA ASP C 80 18.44 -8.31 39.61
C ASP C 80 17.12 -8.98 39.91
N ASP C 81 16.14 -8.86 39.01
CA ASP C 81 14.88 -9.57 39.19
C ASP C 81 15.01 -11.06 38.95
N MET C 82 15.89 -11.48 38.03
CA MET C 82 16.17 -12.90 37.89
C MET C 82 16.91 -13.43 39.10
N GLU C 83 17.71 -12.59 39.75
CA GLU C 83 18.30 -12.97 41.02
C GLU C 83 17.25 -13.04 42.13
N LYS C 84 16.19 -12.24 42.05
CA LYS C 84 15.05 -12.41 42.94
C LYS C 84 14.37 -13.75 42.68
N ILE C 85 14.26 -14.12 41.40
CA ILE C 85 13.59 -15.35 41.01
C ILE C 85 14.40 -16.57 41.45
N TRP C 86 15.71 -16.53 41.26
CA TRP C 86 16.57 -17.60 41.73
C TRP C 86 16.65 -17.67 43.24
N HIS C 87 16.73 -16.52 43.91
CA HIS C 87 16.76 -16.48 45.36
C HIS C 87 15.49 -17.07 45.97
N HIS C 88 14.34 -16.70 45.41
CA HIS C 88 13.08 -17.31 45.80
C HIS C 88 13.01 -18.77 45.42
N THR C 89 13.68 -19.15 44.34
CA THR C 89 13.67 -20.53 43.89
C THR C 89 14.39 -21.42 44.87
N PHE C 90 15.63 -21.08 45.22
CA PHE C 90 16.39 -21.92 46.13
C PHE C 90 15.95 -21.78 47.58
N TYR C 91 15.69 -20.57 48.06
CA TYR C 91 15.57 -20.37 49.50
C TYR C 91 14.13 -20.39 50.01
N ASN C 92 13.14 -20.18 49.16
CA ASN C 92 11.76 -20.15 49.59
C ASN C 92 10.95 -21.34 49.09
N GLU C 93 10.99 -21.61 47.79
CA GLU C 93 10.22 -22.69 47.22
C GLU C 93 10.89 -24.04 47.43
N LEU C 94 12.08 -24.19 46.85
CA LEU C 94 12.79 -25.46 46.95
C LEU C 94 13.45 -25.62 48.29
N ARG C 95 13.71 -24.49 48.97
CA ARG C 95 14.01 -24.40 50.39
C ARG C 95 15.26 -25.19 50.75
N VAL C 96 16.38 -24.73 50.19
CA VAL C 96 17.64 -25.46 50.20
C VAL C 96 18.77 -24.45 50.00
N ALA C 97 19.99 -24.85 50.34
CA ALA C 97 21.14 -23.96 50.15
C ALA C 97 21.85 -24.30 48.85
N PRO C 98 22.11 -23.32 48.00
CA PRO C 98 22.79 -23.61 46.72
C PRO C 98 24.25 -23.97 46.88
N GLU C 99 24.84 -23.69 48.04
CA GLU C 99 26.24 -23.99 48.30
C GLU C 99 26.49 -25.49 48.36
N GLU C 100 25.47 -26.29 48.62
CA GLU C 100 25.60 -27.72 48.82
C GLU C 100 25.29 -28.54 47.58
N HIS C 101 24.81 -27.90 46.50
CA HIS C 101 24.27 -28.67 45.39
C HIS C 101 24.80 -28.12 44.07
N PRO C 102 25.31 -28.97 43.18
CA PRO C 102 25.54 -28.55 41.80
C PRO C 102 24.22 -28.25 41.13
N THR C 103 24.21 -27.24 40.28
CA THR C 103 22.96 -26.83 39.65
C THR C 103 23.03 -26.96 38.13
N LEU C 104 21.91 -27.37 37.57
CA LEU C 104 21.75 -27.57 36.14
C LEU C 104 20.74 -26.55 35.63
N LEU C 105 21.24 -25.54 34.93
CA LEU C 105 20.39 -24.56 34.28
C LEU C 105 20.14 -24.98 32.84
N THR C 106 19.12 -24.39 32.24
CA THR C 106 18.78 -24.66 30.85
C THR C 106 18.66 -23.35 30.10
N GLU C 107 19.03 -23.36 28.82
CA GLU C 107 18.63 -22.27 27.95
C GLU C 107 18.43 -22.83 26.54
N ALA C 108 18.05 -21.94 25.65
CA ALA C 108 17.77 -22.25 24.27
C ALA C 108 19.05 -22.23 23.44
N PRO C 109 19.05 -22.84 22.26
CA PRO C 109 20.14 -22.60 21.33
C PRO C 109 20.03 -21.20 20.77
N LEU C 110 21.13 -20.76 20.16
CA LEU C 110 21.20 -19.51 19.41
C LEU C 110 20.82 -18.32 20.29
N ASN C 111 21.29 -18.35 21.50
CA ASN C 111 21.00 -17.33 22.49
C ASN C 111 22.21 -16.42 22.57
N PRO C 112 22.09 -15.21 23.10
CA PRO C 112 23.30 -14.44 23.41
C PRO C 112 24.16 -15.14 24.44
N LYS C 113 25.45 -15.16 24.19
CA LYS C 113 26.35 -15.89 25.08
C LYS C 113 26.62 -15.15 26.37
N ALA C 114 26.21 -13.89 26.48
CA ALA C 114 26.27 -13.19 27.76
C ALA C 114 25.15 -13.62 28.70
N ASN C 115 24.08 -14.20 28.15
CA ASN C 115 23.05 -14.80 28.99
C ASN C 115 23.61 -16.00 29.73
N ARG C 116 24.27 -16.88 28.98
CA ARG C 116 24.86 -18.08 29.53
C ARG C 116 26.02 -17.75 30.46
N GLU C 117 26.82 -16.77 30.04
CA GLU C 117 28.00 -16.37 30.79
C GLU C 117 27.63 -15.64 32.08
N LYS C 118 26.70 -14.69 32.00
CA LYS C 118 26.24 -14.03 33.22
C LYS C 118 25.42 -14.93 34.10
N MET C 119 24.78 -15.95 33.53
CA MET C 119 24.09 -16.92 34.35
C MET C 119 25.07 -17.78 35.13
N THR C 120 26.22 -18.08 34.53
CA THR C 120 27.28 -18.78 35.24
C THR C 120 27.92 -17.89 36.31
N GLN C 121 28.11 -16.62 35.99
CA GLN C 121 28.68 -15.67 36.95
C GLN C 121 27.74 -15.47 38.14
N ILE C 122 26.43 -15.45 37.91
CA ILE C 122 25.51 -15.29 39.02
C ILE C 122 25.41 -16.58 39.82
N MET C 123 25.54 -17.75 39.18
CA MET C 123 25.50 -18.99 39.95
C MET C 123 26.74 -19.17 40.82
N PHE C 124 27.92 -18.83 40.33
CA PHE C 124 29.08 -19.02 41.20
C PHE C 124 29.33 -17.84 42.13
N GLU C 125 29.18 -16.61 41.65
CA GLU C 125 29.53 -15.46 42.46
C GLU C 125 28.48 -15.18 43.53
N THR C 126 27.20 -15.26 43.18
CA THR C 126 26.15 -14.87 44.11
C THR C 126 25.68 -16.03 44.97
N PHE C 127 25.34 -17.17 44.36
CA PHE C 127 24.77 -18.28 45.10
C PHE C 127 25.81 -19.30 45.55
N ASN C 128 27.05 -19.20 45.07
CA ASN C 128 28.19 -20.03 45.49
C ASN C 128 27.93 -21.51 45.29
N VAL C 129 27.48 -21.88 44.10
CA VAL C 129 27.22 -23.29 43.80
C VAL C 129 28.56 -23.99 43.64
N PRO C 130 28.67 -25.27 43.99
CA PRO C 130 29.94 -25.97 43.79
C PRO C 130 30.21 -26.30 42.34
N ALA C 131 29.16 -26.58 41.58
CA ALA C 131 29.27 -26.88 40.16
C ALA C 131 28.02 -26.36 39.49
N MET C 132 28.07 -26.27 38.18
CA MET C 132 27.04 -25.57 37.43
C MET C 132 27.14 -26.05 35.99
N TYR C 133 26.01 -26.08 35.29
CA TYR C 133 26.02 -26.51 33.90
C TYR C 133 24.80 -25.97 33.20
N VAL C 134 25.00 -25.27 32.10
CA VAL C 134 23.90 -24.81 31.26
C VAL C 134 23.60 -25.95 30.30
N ALA C 135 22.36 -26.09 29.88
CA ALA C 135 22.02 -27.20 29.00
C ALA C 135 21.00 -26.78 27.96
N ILE C 136 21.20 -27.25 26.73
CA ILE C 136 20.27 -26.93 25.66
C ILE C 136 18.98 -27.68 25.88
N GLN C 137 17.88 -26.94 25.83
CA GLN C 137 16.64 -27.32 26.47
C GLN C 137 15.93 -28.42 25.70
N ALA C 138 15.97 -28.38 24.37
CA ALA C 138 15.37 -29.42 23.54
C ALA C 138 16.17 -30.72 23.56
N VAL C 139 17.49 -30.62 23.74
CA VAL C 139 18.33 -31.80 23.95
C VAL C 139 17.85 -32.58 25.17
N LEU C 140 17.66 -31.87 26.28
CA LEU C 140 17.11 -32.46 27.49
C LEU C 140 15.70 -32.96 27.27
N SER C 141 14.94 -32.28 26.41
CA SER C 141 13.62 -32.77 26.03
C SER C 141 13.70 -34.07 25.25
N LEU C 142 14.84 -34.38 24.62
CA LEU C 142 15.02 -35.71 24.06
C LEU C 142 15.56 -36.71 25.08
N TYR C 143 16.26 -36.24 26.12
CA TYR C 143 16.64 -37.13 27.23
C TYR C 143 15.42 -37.68 27.95
N ALA C 144 14.34 -36.90 28.03
CA ALA C 144 13.15 -37.42 28.69
C ALA C 144 12.42 -38.44 27.84
N SER C 145 12.62 -38.42 26.52
CA SER C 145 11.94 -39.36 25.65
C SER C 145 12.55 -40.75 25.71
N GLY C 146 13.73 -40.91 26.28
CA GLY C 146 14.41 -42.17 26.20
C GLY C 146 14.97 -42.47 24.83
N ARG C 147 15.14 -41.46 24.00
CA ARG C 147 15.63 -41.61 22.64
C ARG C 147 16.96 -40.90 22.49
N THR C 148 17.79 -41.42 21.60
CA THR C 148 19.00 -40.73 21.18
C THR C 148 18.96 -40.35 19.71
N THR C 149 17.82 -40.55 19.06
CA THR C 149 17.61 -40.11 17.70
C THR C 149 16.24 -39.46 17.61
N GLY C 150 16.19 -38.23 17.15
CA GLY C 150 14.95 -37.54 16.95
C GLY C 150 15.17 -36.05 16.82
N ILE C 151 14.19 -35.38 16.24
CA ILE C 151 14.16 -33.93 16.16
C ILE C 151 13.16 -33.43 17.19
N VAL C 152 13.53 -32.38 17.92
CA VAL C 152 12.77 -31.97 19.08
C VAL C 152 12.22 -30.57 18.84
N LEU C 153 10.92 -30.45 18.90
CA LEU C 153 10.20 -29.18 19.02
C LEU C 153 9.70 -29.08 20.45
N ASP C 154 9.84 -27.92 21.08
CA ASP C 154 9.28 -27.81 22.42
C ASP C 154 8.35 -26.62 22.62
N SER C 155 8.77 -25.42 22.20
CA SER C 155 7.96 -24.19 22.22
C SER C 155 7.52 -23.79 23.62
N GLY C 156 8.47 -23.31 24.42
CA GLY C 156 8.12 -22.80 25.75
C GLY C 156 7.38 -21.47 25.77
N ASP C 157 7.64 -20.61 26.75
CA ASP C 157 6.88 -19.36 26.79
C ASP C 157 7.49 -18.27 25.91
N GLY C 158 8.77 -18.38 25.54
CA GLY C 158 9.38 -17.33 24.77
C GLY C 158 10.13 -17.75 23.53
N VAL C 159 10.33 -19.05 23.33
CA VAL C 159 11.20 -19.55 22.28
C VAL C 159 10.73 -20.94 21.88
N THR C 160 10.91 -21.28 20.60
CA THR C 160 10.75 -22.64 20.12
C THR C 160 12.01 -23.07 19.35
N HIS C 161 12.27 -24.39 19.35
CA HIS C 161 13.63 -24.91 19.19
C HIS C 161 13.90 -25.68 17.92
N ASN C 162 13.31 -26.86 17.73
CA ASN C 162 13.69 -27.83 16.69
C ASN C 162 15.19 -28.10 16.67
N VAL C 163 15.65 -28.86 17.65
CA VAL C 163 17.01 -29.38 17.67
C VAL C 163 16.99 -30.81 17.14
N PRO C 164 17.61 -31.09 15.98
CA PRO C 164 17.71 -32.47 15.50
C PRO C 164 18.95 -33.19 16.01
N ILE C 165 18.76 -34.45 16.38
CA ILE C 165 19.81 -35.29 16.95
C ILE C 165 19.72 -36.66 16.28
N TYR C 166 20.86 -37.21 15.85
CA TYR C 166 20.89 -38.53 15.22
C TYR C 166 21.98 -39.35 15.87
N GLU C 167 21.59 -40.48 16.47
CA GLU C 167 22.49 -41.45 17.11
C GLU C 167 23.36 -40.80 18.17
N GLY C 168 22.80 -39.83 18.88
CA GLY C 168 23.54 -39.15 19.91
C GLY C 168 24.27 -37.91 19.47
N TYR C 169 24.32 -37.64 18.17
CA TYR C 169 25.06 -36.52 17.62
C TYR C 169 24.06 -35.46 17.20
N ALA C 170 24.19 -34.27 17.75
CA ALA C 170 23.34 -33.18 17.30
C ALA C 170 23.86 -32.62 15.99
N LEU C 171 22.98 -31.91 15.30
CA LEU C 171 23.27 -31.33 14.00
C LEU C 171 23.13 -29.83 14.16
N PRO C 172 24.15 -29.14 14.68
CA PRO C 172 23.97 -27.74 15.09
C PRO C 172 23.85 -26.77 13.93
N HIS C 173 24.18 -27.19 12.72
CA HIS C 173 23.86 -26.39 11.54
C HIS C 173 22.41 -26.51 11.16
N ALA C 174 21.76 -27.61 11.51
CA ALA C 174 20.36 -27.86 11.22
C ALA C 174 19.47 -27.42 12.34
N ILE C 175 20.00 -26.69 13.30
CA ILE C 175 19.23 -26.25 14.45
C ILE C 175 18.34 -25.10 14.03
N MET C 176 17.33 -24.79 14.84
CA MET C 176 16.40 -23.75 14.47
C MET C 176 16.16 -22.91 15.70
N ARG C 177 15.54 -21.73 15.51
CA ARG C 177 15.04 -20.92 16.63
C ARG C 177 14.01 -19.97 16.05
N LEU C 178 12.81 -20.03 16.57
CA LEU C 178 11.79 -19.04 16.30
C LEU C 178 11.37 -18.41 17.61
N ASP C 179 11.23 -17.09 17.62
CA ASP C 179 10.85 -16.36 18.83
C ASP C 179 9.34 -16.17 18.93
N LEU C 180 8.59 -17.12 18.43
CA LEU C 180 7.13 -17.13 18.53
C LEU C 180 6.76 -18.23 19.51
N ALA C 181 6.15 -17.86 20.62
CA ALA C 181 5.82 -18.83 21.63
C ALA C 181 4.59 -18.33 22.39
N GLY C 182 4.37 -18.88 23.59
CA GLY C 182 3.09 -18.74 24.26
C GLY C 182 2.79 -17.37 24.82
N ARG C 183 3.81 -16.57 25.10
CA ARG C 183 3.52 -15.22 25.55
C ARG C 183 3.06 -14.36 24.38
N ASP C 184 3.58 -14.65 23.19
CA ASP C 184 3.11 -14.01 21.99
C ASP C 184 1.70 -14.46 21.63
N LEU C 185 1.38 -15.71 21.92
CA LEU C 185 0.02 -16.18 21.70
C LEU C 185 -0.93 -15.57 22.72
N THR C 186 -0.44 -15.33 23.94
CA THR C 186 -1.25 -14.66 24.95
C THR C 186 -1.55 -13.23 24.53
N ASP C 187 -0.54 -12.54 23.96
CA ASP C 187 -0.76 -11.17 23.52
C ASP C 187 -1.69 -11.10 22.33
N TYR C 188 -1.58 -12.07 21.41
CA TYR C 188 -2.47 -12.09 20.25
C TYR C 188 -3.90 -12.43 20.65
N LEU C 189 -4.06 -13.37 21.59
CA LEU C 189 -5.39 -13.67 22.11
C LEU C 189 -5.99 -12.47 22.81
N MET C 190 -5.15 -11.70 23.49
CA MET C 190 -5.62 -10.50 24.18
C MET C 190 -6.09 -9.45 23.17
N LYS C 191 -5.42 -9.39 22.02
CA LYS C 191 -5.84 -8.51 20.94
C LYS C 191 -7.17 -8.93 20.32
N ILE C 192 -7.35 -10.22 20.01
CA ILE C 192 -8.60 -10.62 19.38
C ILE C 192 -9.75 -10.74 20.38
N LEU C 193 -9.44 -10.86 21.67
CA LEU C 193 -10.47 -10.65 22.67
C LEU C 193 -10.91 -9.21 22.71
N THR C 194 -9.99 -8.28 22.45
CA THR C 194 -10.41 -6.89 22.29
C THR C 194 -11.27 -6.73 21.04
N GLU C 195 -11.04 -7.56 20.02
CA GLU C 195 -11.90 -7.57 18.83
C GLU C 195 -13.33 -8.02 19.17
N ARG C 196 -13.48 -9.00 20.04
CA ARG C 196 -14.83 -9.45 20.37
C ARG C 196 -15.57 -8.44 21.26
N GLY C 197 -14.87 -7.79 22.17
CA GLY C 197 -15.54 -6.83 23.04
C GLY C 197 -14.98 -6.73 24.44
N TYR C 198 -14.02 -7.59 24.76
CA TYR C 198 -13.48 -7.70 26.11
C TYR C 198 -12.10 -7.06 26.11
N SER C 199 -11.92 -6.03 26.92
CA SER C 199 -10.68 -5.27 26.93
C SER C 199 -9.79 -5.74 28.08
N PHE C 200 -8.67 -6.35 27.75
CA PHE C 200 -7.67 -6.74 28.73
C PHE C 200 -6.39 -6.02 28.39
N VAL C 201 -5.91 -5.17 29.29
CA VAL C 201 -4.71 -4.38 29.00
C VAL C 201 -3.68 -4.43 30.12
N THR C 202 -4.07 -4.67 31.37
CA THR C 202 -3.15 -4.69 32.48
C THR C 202 -2.36 -5.99 32.46
N THR C 203 -1.20 -5.99 33.12
CA THR C 203 -0.39 -7.19 33.25
C THR C 203 -1.13 -8.29 34.00
N ALA C 204 -1.94 -7.91 34.98
CA ALA C 204 -2.80 -8.90 35.65
C ALA C 204 -3.87 -9.40 34.71
N GLU C 205 -4.43 -8.54 33.87
CA GLU C 205 -5.38 -8.97 32.87
C GLU C 205 -4.72 -9.79 31.78
N ARG C 206 -3.45 -9.52 31.50
CA ARG C 206 -2.65 -10.40 30.65
C ARG C 206 -2.51 -11.78 31.27
N GLU C 207 -2.45 -11.86 32.59
CA GLU C 207 -2.37 -13.16 33.23
C GLU C 207 -3.72 -13.88 33.17
N ILE C 208 -4.81 -13.11 33.22
CA ILE C 208 -6.15 -13.67 33.02
C ILE C 208 -6.31 -14.22 31.60
N VAL C 209 -5.84 -13.47 30.60
CA VAL C 209 -5.92 -13.92 29.21
C VAL C 209 -5.07 -15.16 28.99
N ARG C 210 -3.91 -15.23 29.65
CA ARG C 210 -3.10 -16.44 29.60
C ARG C 210 -3.85 -17.63 30.18
N ASP C 211 -4.63 -17.39 31.24
CA ASP C 211 -5.44 -18.47 31.78
C ASP C 211 -6.54 -18.89 30.80
N ILE C 212 -7.15 -17.93 30.09
CA ILE C 212 -8.15 -18.25 29.07
C ILE C 212 -7.52 -19.08 27.96
N LYS C 213 -6.28 -18.75 27.60
CA LYS C 213 -5.56 -19.50 26.57
C LYS C 213 -5.29 -20.93 27.01
N GLU C 214 -4.95 -21.12 28.27
CA GLU C 214 -4.64 -22.46 28.75
C GLU C 214 -5.89 -23.31 28.89
N LYS C 215 -6.96 -22.73 29.45
CA LYS C 215 -8.17 -23.51 29.70
C LYS C 215 -8.93 -23.79 28.42
N LEU C 216 -8.88 -22.89 27.45
CA LEU C 216 -10.00 -22.77 26.54
C LEU C 216 -9.52 -22.53 25.12
N CYS C 217 -8.49 -23.25 24.68
CA CYS C 217 -7.99 -23.11 23.32
C CYS C 217 -7.56 -24.46 22.78
N TYR C 218 -7.78 -24.66 21.48
CA TYR C 218 -7.34 -25.81 20.72
C TYR C 218 -6.82 -25.33 19.39
N VAL C 219 -6.35 -26.25 18.54
CA VAL C 219 -5.47 -25.84 17.46
C VAL C 219 -6.11 -25.89 16.08
N ALA C 220 -7.29 -26.53 15.91
CA ALA C 220 -8.04 -26.57 14.66
C ALA C 220 -7.28 -27.22 13.49
N LEU C 221 -7.26 -28.56 13.47
CA LEU C 221 -6.70 -29.41 12.41
C LEU C 221 -6.83 -28.90 10.98
N ASP C 222 -8.01 -28.45 10.58
CA ASP C 222 -8.16 -27.72 9.33
C ASP C 222 -8.74 -26.36 9.66
N PHE C 223 -7.92 -25.32 9.49
CA PHE C 223 -8.25 -24.01 10.02
C PHE C 223 -9.36 -23.33 9.24
N GLU C 224 -9.46 -23.60 7.94
CA GLU C 224 -10.47 -22.93 7.14
C GLU C 224 -11.86 -23.49 7.41
N ASN C 225 -11.97 -24.82 7.48
CA ASN C 225 -13.27 -25.42 7.76
C ASN C 225 -13.66 -25.29 9.22
N GLU C 226 -12.68 -25.15 10.11
CA GLU C 226 -13.03 -24.83 11.49
C GLU C 226 -13.48 -23.39 11.61
N MET C 227 -12.88 -22.52 10.81
CA MET C 227 -13.24 -21.11 10.78
C MET C 227 -14.67 -20.92 10.29
N ALA C 228 -15.01 -21.59 9.19
CA ALA C 228 -16.38 -21.56 8.70
C ALA C 228 -17.33 -22.34 9.60
N THR C 229 -16.82 -23.32 10.34
CA THR C 229 -17.65 -24.02 11.33
C THR C 229 -18.06 -23.08 12.45
N ALA C 230 -17.13 -22.26 12.93
CA ALA C 230 -17.49 -21.25 13.93
C ALA C 230 -18.34 -20.15 13.32
N ALA C 231 -18.17 -19.86 12.02
CA ALA C 231 -19.02 -18.87 11.39
C ALA C 231 -20.43 -19.38 11.14
N SER C 232 -20.63 -20.69 11.07
CA SER C 232 -21.95 -21.23 10.77
C SER C 232 -22.84 -21.21 12.01
N SER C 233 -22.39 -21.86 13.09
CA SER C 233 -23.20 -21.99 14.29
C SER C 233 -22.38 -21.60 15.51
N SER C 234 -23.03 -21.59 16.67
CA SER C 234 -22.42 -21.24 17.94
C SER C 234 -22.04 -22.46 18.76
N SER C 235 -21.76 -23.59 18.09
CA SER C 235 -21.42 -24.82 18.78
C SER C 235 -19.98 -24.84 19.27
N LEU C 236 -19.18 -23.86 18.88
CA LEU C 236 -17.80 -23.75 19.30
C LEU C 236 -17.59 -22.66 20.33
N GLU C 237 -18.63 -21.87 20.62
CA GLU C 237 -18.56 -20.85 21.65
C GLU C 237 -18.41 -21.51 23.00
N LYS C 238 -17.67 -20.86 23.89
CA LYS C 238 -17.53 -21.40 25.23
C LYS C 238 -17.33 -20.24 26.18
N SER C 239 -17.94 -20.35 27.35
CA SER C 239 -17.92 -19.28 28.33
C SER C 239 -16.81 -19.48 29.35
N TYR C 240 -16.28 -18.37 29.84
CA TYR C 240 -15.24 -18.37 30.86
C TYR C 240 -15.64 -17.31 31.88
N GLU C 241 -15.77 -17.70 33.14
CA GLU C 241 -16.04 -16.73 34.19
C GLU C 241 -14.74 -16.06 34.57
N LEU C 242 -14.68 -14.74 34.37
CA LEU C 242 -13.53 -13.96 34.77
C LEU C 242 -13.45 -13.92 36.30
N PRO C 243 -12.28 -13.62 36.86
CA PRO C 243 -12.23 -13.36 38.30
C PRO C 243 -13.09 -12.17 38.65
N ASP C 244 -13.89 -12.36 39.69
CA ASP C 244 -14.81 -11.37 40.24
C ASP C 244 -15.84 -10.92 39.21
N GLY C 245 -16.70 -11.89 38.86
CA GLY C 245 -17.92 -11.55 38.17
C GLY C 245 -18.10 -11.99 36.73
N GLN C 246 -17.92 -11.03 35.82
CA GLN C 246 -18.45 -11.07 34.46
C GLN C 246 -17.97 -12.27 33.67
N VAL C 247 -18.89 -12.92 32.97
CA VAL C 247 -18.52 -14.08 32.15
C VAL C 247 -18.34 -13.61 30.71
N ILE C 248 -17.45 -14.30 30.00
CA ILE C 248 -17.17 -14.00 28.60
C ILE C 248 -17.51 -15.24 27.79
N THR C 249 -17.62 -15.07 26.49
CA THR C 249 -18.01 -16.17 25.60
C THR C 249 -17.19 -16.05 24.33
N ILE C 250 -16.24 -16.95 24.13
CA ILE C 250 -15.32 -16.83 23.01
C ILE C 250 -15.66 -17.87 21.95
N GLY C 251 -15.44 -17.50 20.69
CA GLY C 251 -15.80 -18.31 19.55
C GLY C 251 -14.64 -18.77 18.72
N ASN C 252 -14.40 -18.09 17.60
CA ASN C 252 -13.26 -18.42 16.74
C ASN C 252 -11.92 -18.05 17.35
N GLU C 253 -11.91 -17.25 18.42
CA GLU C 253 -10.66 -16.90 19.10
C GLU C 253 -10.08 -18.09 19.82
N ARG C 254 -10.90 -19.09 20.07
CA ARG C 254 -10.50 -20.34 20.71
C ARG C 254 -9.47 -21.09 19.87
N PHE C 255 -9.53 -20.98 18.56
CA PHE C 255 -8.56 -21.65 17.70
C PHE C 255 -7.77 -20.71 16.80
N ARG C 256 -8.10 -19.42 16.78
CA ARG C 256 -7.22 -18.50 16.10
C ARG C 256 -5.98 -18.15 16.90
N CYS C 257 -5.96 -18.46 18.21
CA CYS C 257 -4.77 -18.15 19.00
C CYS C 257 -3.59 -19.05 18.67
N PRO C 258 -3.69 -20.40 18.67
CA PRO C 258 -2.51 -21.17 18.28
C PRO C 258 -2.37 -21.40 16.78
N GLU C 259 -3.30 -20.91 15.96
CA GLU C 259 -3.04 -20.92 14.53
C GLU C 259 -1.93 -19.93 14.19
N THR C 260 -1.74 -18.92 15.03
CA THR C 260 -0.58 -18.05 14.92
C THR C 260 0.71 -18.83 15.05
N LEU C 261 0.71 -19.88 15.85
CA LEU C 261 1.87 -20.75 15.96
C LEU C 261 2.10 -21.50 14.66
N PHE C 262 1.03 -21.92 13.99
CA PHE C 262 1.18 -22.54 12.68
C PHE C 262 1.19 -21.55 11.54
N GLN C 263 0.97 -20.29 11.80
CA GLN C 263 0.88 -19.31 10.73
C GLN C 263 1.23 -17.95 11.31
N PRO C 264 2.52 -17.62 11.41
CA PRO C 264 2.95 -16.46 12.20
C PRO C 264 2.64 -15.11 11.59
N SER C 265 1.96 -15.07 10.45
CA SER C 265 1.55 -13.81 9.85
C SER C 265 0.46 -13.12 10.65
N PHE C 266 -0.21 -13.83 11.54
CA PHE C 266 -1.29 -13.25 12.33
C PHE C 266 -0.76 -12.22 13.31
N ILE C 267 0.43 -12.46 13.83
CA ILE C 267 1.04 -11.56 14.77
C ILE C 267 2.05 -10.70 14.02
N GLY C 268 1.99 -10.76 12.70
CA GLY C 268 2.82 -9.91 11.86
C GLY C 268 4.28 -10.29 11.85
N MET C 269 4.58 -11.58 11.96
CA MET C 269 5.94 -12.06 12.13
C MET C 269 6.28 -12.87 10.89
N GLU C 270 7.28 -12.42 10.14
CA GLU C 270 7.69 -13.11 8.92
C GLU C 270 8.43 -14.38 9.29
N SER C 271 7.76 -15.52 9.16
CA SER C 271 8.38 -16.80 9.43
C SER C 271 7.64 -17.86 8.63
N ALA C 272 8.08 -19.10 8.79
CA ALA C 272 7.56 -20.21 8.02
C ALA C 272 6.52 -21.01 8.78
N GLY C 273 6.40 -20.80 10.08
CA GLY C 273 5.51 -21.60 10.89
C GLY C 273 6.25 -22.73 11.56
N ILE C 274 5.56 -23.35 12.51
CA ILE C 274 6.14 -24.44 13.28
C ILE C 274 6.36 -25.66 12.42
N HIS C 275 5.36 -26.03 11.61
CA HIS C 275 5.40 -27.21 10.77
C HIS C 275 6.44 -27.10 9.66
N GLU C 276 6.74 -25.90 9.18
CA GLU C 276 7.78 -25.77 8.17
C GLU C 276 9.17 -25.59 8.74
N THR C 277 9.30 -25.12 9.98
CA THR C 277 10.64 -25.09 10.57
C THR C 277 11.08 -26.47 11.01
N THR C 278 10.12 -27.35 11.34
CA THR C 278 10.49 -28.75 11.57
C THR C 278 10.99 -29.40 10.29
N TYR C 279 10.24 -29.24 9.20
CA TYR C 279 10.61 -29.84 7.93
C TYR C 279 11.89 -29.23 7.38
N ASN C 280 12.10 -27.94 7.60
CA ASN C 280 13.33 -27.33 7.16
C ASN C 280 14.52 -27.75 8.03
N SER C 281 14.29 -28.01 9.32
CA SER C 281 15.35 -28.57 10.13
C SER C 281 15.69 -29.99 9.71
N ILE C 282 14.70 -30.75 9.25
CA ILE C 282 14.97 -32.11 8.79
C ILE C 282 15.69 -32.08 7.46
N MET C 283 15.29 -31.20 6.55
CA MET C 283 15.94 -31.11 5.24
C MET C 283 17.34 -30.51 5.34
N LYS C 284 17.66 -29.77 6.40
CA LYS C 284 19.05 -29.37 6.59
C LYS C 284 19.93 -30.50 7.09
N CYS C 285 19.35 -31.59 7.59
CA CYS C 285 20.13 -32.75 7.96
C CYS C 285 20.51 -33.54 6.72
N ASP C 286 21.36 -34.54 6.89
CA ASP C 286 21.79 -35.34 5.76
C ASP C 286 20.69 -36.30 5.33
N ILE C 287 20.93 -36.96 4.19
CA ILE C 287 19.89 -37.74 3.53
C ILE C 287 19.56 -38.99 4.33
N ASP C 288 20.55 -39.54 5.02
CA ASP C 288 20.41 -40.79 5.75
C ASP C 288 20.01 -40.60 7.20
N ILE C 289 19.38 -39.48 7.52
CA ILE C 289 19.03 -39.14 8.89
C ILE C 289 17.51 -39.00 8.94
N ARG C 290 16.94 -38.67 7.78
CA ARG C 290 15.65 -37.99 7.74
C ARG C 290 14.49 -38.88 8.13
N LYS C 291 14.47 -40.15 7.71
CA LYS C 291 13.37 -41.01 8.12
C LYS C 291 13.44 -41.36 9.60
N ASP C 292 14.64 -41.32 10.18
CA ASP C 292 14.75 -41.49 11.62
C ASP C 292 14.41 -40.22 12.36
N LEU C 293 14.32 -39.09 11.66
CA LEU C 293 13.76 -37.88 12.24
C LEU C 293 12.26 -37.79 12.03
N TYR C 294 11.77 -38.36 10.94
CA TYR C 294 10.34 -38.38 10.66
C TYR C 294 9.61 -39.27 11.65
N ALA C 295 10.19 -40.42 11.99
CA ALA C 295 9.55 -41.35 12.90
C ALA C 295 9.79 -41.01 14.36
N ASN C 296 10.58 -39.99 14.64
CA ASN C 296 10.95 -39.65 16.00
C ASN C 296 10.82 -38.15 16.22
N ASN C 297 9.70 -37.59 15.81
CA ASN C 297 9.54 -36.15 15.84
C ASN C 297 8.91 -35.75 17.17
N VAL C 298 9.76 -35.54 18.18
CA VAL C 298 9.35 -35.27 19.55
C VAL C 298 8.87 -33.83 19.65
N MET C 299 7.76 -33.62 20.39
CA MET C 299 7.01 -32.36 20.35
C MET C 299 6.73 -31.91 21.79
N SER C 300 7.80 -31.72 22.55
CA SER C 300 7.75 -31.91 23.99
C SER C 300 8.20 -30.72 24.85
N GLY C 301 7.56 -29.57 24.72
CA GLY C 301 7.66 -28.59 25.79
C GLY C 301 6.29 -28.06 26.21
N GLY C 302 6.24 -26.83 26.72
CA GLY C 302 4.98 -26.14 26.93
C GLY C 302 4.38 -25.70 25.62
N THR C 303 3.23 -25.00 25.70
CA THR C 303 2.44 -24.51 24.54
C THR C 303 2.17 -25.59 23.48
N THR C 304 2.19 -26.85 23.87
CA THR C 304 1.89 -27.96 23.00
C THR C 304 0.76 -28.77 23.58
N MET C 305 0.20 -28.32 24.71
CA MET C 305 -0.99 -28.93 25.27
C MET C 305 -2.26 -28.39 24.67
N TYR C 306 -2.16 -27.67 23.56
CA TYR C 306 -3.33 -27.41 22.74
C TYR C 306 -3.86 -28.74 22.24
N PRO C 307 -5.15 -29.02 22.38
CA PRO C 307 -5.68 -30.28 21.86
C PRO C 307 -5.61 -30.34 20.35
N GLY C 308 -5.00 -31.39 19.84
CA GLY C 308 -4.92 -31.63 18.42
C GLY C 308 -3.71 -31.09 17.72
N ILE C 309 -2.72 -30.55 18.45
CA ILE C 309 -1.56 -29.96 17.79
C ILE C 309 -0.64 -31.05 17.28
N ALA C 310 -0.71 -32.26 17.83
CA ALA C 310 0.00 -33.38 17.22
C ALA C 310 -0.74 -33.86 15.98
N ASP C 311 -2.06 -33.71 15.93
CA ASP C 311 -2.81 -34.08 14.74
C ASP C 311 -2.59 -33.08 13.61
N ARG C 312 -2.62 -31.79 13.94
CA ARG C 312 -2.27 -30.75 12.98
C ARG C 312 -0.81 -30.88 12.57
N MET C 313 0.03 -31.31 13.50
CA MET C 313 1.47 -31.37 13.28
C MET C 313 1.81 -32.49 12.32
N GLN C 314 1.30 -33.70 12.58
CA GLN C 314 1.49 -34.82 11.66
C GLN C 314 0.79 -34.57 10.34
N LYS C 315 -0.40 -33.96 10.39
CA LYS C 315 -1.18 -33.71 9.20
C LYS C 315 -0.51 -32.71 8.27
N GLU C 316 0.32 -31.83 8.81
CA GLU C 316 0.99 -30.85 7.97
C GLU C 316 2.41 -31.27 7.60
N ILE C 317 3.12 -31.98 8.47
CA ILE C 317 4.45 -32.48 8.11
C ILE C 317 4.36 -33.58 7.07
N THR C 318 3.30 -34.40 7.14
CA THR C 318 3.04 -35.40 6.12
C THR C 318 2.84 -34.77 4.75
N ALA C 319 2.19 -33.61 4.70
CA ALA C 319 2.01 -32.89 3.46
C ALA C 319 3.32 -32.31 2.92
N LEU C 320 4.29 -32.07 3.79
CA LEU C 320 5.59 -31.57 3.35
C LEU C 320 6.57 -32.69 3.02
N ALA C 321 6.69 -33.68 3.90
CA ALA C 321 7.59 -34.80 3.71
C ALA C 321 7.11 -35.67 2.54
N PRO C 322 8.00 -36.42 1.89
CA PRO C 322 7.57 -37.30 0.81
C PRO C 322 6.71 -38.44 1.33
N SER C 323 5.97 -39.04 0.41
CA SER C 323 5.18 -40.21 0.75
C SER C 323 6.11 -41.40 1.00
N THR C 324 5.53 -42.47 1.55
CA THR C 324 6.22 -43.64 2.08
C THR C 324 7.25 -43.29 3.16
N MET C 325 7.06 -42.16 3.83
CA MET C 325 7.74 -41.83 5.06
C MET C 325 6.77 -41.92 6.22
N LYS C 326 7.26 -42.40 7.36
CA LYS C 326 6.42 -42.61 8.53
C LYS C 326 6.62 -41.41 9.45
N ILE C 327 5.62 -40.54 9.49
CA ILE C 327 5.66 -39.34 10.32
C ILE C 327 5.04 -39.69 11.66
N LYS C 328 5.86 -39.73 12.70
CA LYS C 328 5.37 -39.97 14.06
C LYS C 328 5.69 -38.76 14.92
N ILE C 329 4.64 -38.04 15.33
CA ILE C 329 4.77 -36.91 16.22
C ILE C 329 4.66 -37.43 17.65
N ILE C 330 5.77 -37.42 18.38
CA ILE C 330 5.75 -37.88 19.77
C ILE C 330 5.33 -36.72 20.66
N ALA C 331 4.19 -36.88 21.33
CA ALA C 331 3.64 -35.84 22.20
C ALA C 331 3.37 -36.43 23.57
N PRO C 332 4.39 -36.62 24.39
CA PRO C 332 4.25 -37.40 25.61
C PRO C 332 3.59 -36.57 26.70
N PRO C 333 2.42 -36.99 27.22
CA PRO C 333 1.56 -36.08 28.01
C PRO C 333 2.20 -35.49 29.26
N GLU C 334 3.33 -36.03 29.69
CA GLU C 334 4.22 -35.44 30.67
C GLU C 334 5.02 -34.26 30.13
N ARG C 335 4.83 -33.82 28.88
CA ARG C 335 5.49 -32.59 28.47
C ARG C 335 4.83 -31.40 29.15
N LYS C 336 5.48 -30.24 29.01
CA LYS C 336 5.52 -29.03 29.84
C LYS C 336 6.47 -29.26 31.00
N TYR C 337 6.92 -30.49 31.21
CA TYR C 337 7.81 -30.85 32.30
C TYR C 337 9.00 -31.65 31.82
N SER C 338 9.01 -32.08 30.56
CA SER C 338 10.01 -33.01 30.08
C SER C 338 11.36 -32.38 29.83
N VAL C 339 11.43 -31.06 29.68
CA VAL C 339 12.72 -30.41 29.72
C VAL C 339 13.33 -30.53 31.11
N TRP C 340 12.49 -30.40 32.15
CA TRP C 340 12.99 -30.63 33.49
C TRP C 340 13.30 -32.10 33.70
N ILE C 341 12.44 -33.00 33.20
CA ILE C 341 12.61 -34.43 33.42
C ILE C 341 13.88 -34.93 32.75
N GLY C 342 14.16 -34.48 31.53
CA GLY C 342 15.42 -34.81 30.92
C GLY C 342 16.60 -34.13 31.58
N GLY C 343 16.38 -32.96 32.19
CA GLY C 343 17.39 -32.41 33.05
C GLY C 343 17.69 -33.30 34.24
N SER C 344 16.65 -33.92 34.80
CA SER C 344 16.82 -34.84 35.91
C SER C 344 17.56 -36.09 35.48
N ILE C 345 17.28 -36.58 34.26
CA ILE C 345 18.01 -37.73 33.74
C ILE C 345 19.47 -37.40 33.56
N LEU C 346 19.76 -36.31 32.85
CA LEU C 346 21.14 -35.94 32.53
C LEU C 346 21.97 -35.64 33.76
N ALA C 347 21.39 -34.93 34.73
CA ALA C 347 22.12 -34.66 35.96
C ALA C 347 22.27 -35.90 36.83
N SER C 348 21.44 -36.91 36.65
CA SER C 348 21.60 -38.15 37.40
C SER C 348 22.44 -39.19 36.68
N LEU C 349 22.93 -38.91 35.49
CA LEU C 349 23.86 -39.81 34.84
C LEU C 349 25.22 -39.80 35.50
N SER C 350 25.86 -40.97 35.50
CA SER C 350 27.17 -41.13 36.11
C SER C 350 28.31 -40.75 35.20
N THR C 351 28.10 -40.79 33.87
CA THR C 351 29.08 -40.29 32.92
C THR C 351 29.13 -38.76 32.96
N PHE C 352 28.06 -38.13 33.42
CA PHE C 352 27.94 -36.68 33.36
C PHE C 352 28.72 -35.96 34.46
N GLN C 353 29.11 -36.65 35.54
CA GLN C 353 29.70 -35.95 36.68
C GLN C 353 31.12 -35.43 36.47
N GLN C 354 31.72 -35.61 35.30
CA GLN C 354 32.92 -34.84 34.97
C GLN C 354 32.64 -33.79 33.92
N MET C 355 31.37 -33.56 33.59
CA MET C 355 30.99 -32.53 32.65
C MET C 355 30.42 -31.29 33.34
N TRP C 356 30.30 -31.31 34.66
CA TRP C 356 29.94 -30.11 35.39
C TRP C 356 31.04 -29.08 35.29
N ILE C 357 30.66 -27.84 35.01
CA ILE C 357 31.59 -26.72 35.15
C ILE C 357 31.73 -26.50 36.66
N THR C 358 32.88 -26.83 37.21
CA THR C 358 33.04 -26.74 38.64
C THR C 358 33.73 -25.44 39.02
N LYS C 359 33.56 -25.06 40.28
CA LYS C 359 34.38 -24.00 40.84
C LYS C 359 35.78 -24.56 41.06
N GLN C 360 36.77 -23.66 41.06
CA GLN C 360 38.22 -23.79 40.93
C GLN C 360 38.57 -24.06 39.47
N GLU C 361 37.57 -24.28 38.61
CA GLU C 361 37.72 -24.23 37.18
C GLU C 361 37.02 -23.01 36.60
N TYR C 362 35.93 -22.58 37.24
CA TYR C 362 35.40 -21.25 37.01
C TYR C 362 36.39 -20.18 37.45
N ASP C 363 36.98 -20.35 38.62
CA ASP C 363 37.94 -19.37 39.13
C ASP C 363 39.24 -19.38 38.33
N GLU C 364 39.53 -20.49 37.66
CA GLU C 364 40.75 -20.59 36.88
C GLU C 364 40.59 -19.97 35.51
N ALA C 365 39.43 -20.15 34.88
CA ALA C 365 39.23 -19.78 33.49
C ALA C 365 38.19 -18.67 33.31
N GLY C 366 37.76 -18.02 34.38
CA GLY C 366 36.78 -16.96 34.28
C GLY C 366 35.40 -17.48 33.94
N PRO C 367 34.48 -16.58 33.58
CA PRO C 367 33.14 -17.03 33.18
C PRO C 367 33.04 -17.52 31.75
N SER C 368 34.10 -17.47 30.95
CA SER C 368 34.03 -17.97 29.59
C SER C 368 34.26 -19.46 29.47
N ILE C 369 34.43 -20.15 30.61
CA ILE C 369 34.61 -21.60 30.68
C ILE C 369 33.40 -22.34 30.09
N VAL C 370 32.23 -21.69 30.11
CA VAL C 370 30.99 -22.25 29.60
C VAL C 370 31.07 -22.49 28.11
N HIS C 371 31.94 -21.79 27.41
CA HIS C 371 32.01 -22.01 25.99
C HIS C 371 33.07 -23.03 25.61
N ARG C 372 33.62 -23.76 26.57
CA ARG C 372 34.45 -24.91 26.27
C ARG C 372 34.02 -26.17 26.99
N LYS C 373 33.24 -26.06 28.07
CA LYS C 373 32.80 -27.24 28.79
C LYS C 373 31.34 -27.56 28.56
N CYS C 374 30.50 -26.54 28.40
CA CYS C 374 29.07 -26.78 28.28
C CYS C 374 28.71 -27.29 26.88
N PHE C 375 28.90 -26.48 25.85
CA PHE C 375 28.79 -26.96 24.48
C PHE C 375 29.79 -26.27 23.57
N ASP D 1 18.09 5.03 -28.31
CA ASP D 1 18.31 3.67 -27.85
C ASP D 1 19.66 3.13 -28.31
N GLU D 2 19.67 1.86 -28.72
CA GLU D 2 20.85 1.22 -29.28
C GLU D 2 20.66 1.12 -30.79
N ASP D 3 21.50 1.82 -31.54
CA ASP D 3 21.38 1.91 -32.99
C ASP D 3 21.99 0.70 -33.71
N GLU D 4 22.49 -0.29 -32.97
CA GLU D 4 23.08 -1.48 -33.57
C GLU D 4 22.46 -2.73 -32.98
N THR D 5 23.00 -3.87 -33.42
CA THR D 5 22.60 -5.21 -32.98
C THR D 5 23.60 -5.78 -32.00
N THR D 6 24.06 -4.95 -31.06
CA THR D 6 25.05 -5.36 -30.07
C THR D 6 24.49 -6.45 -29.18
N ALA D 7 25.30 -7.46 -28.91
CA ALA D 7 24.86 -8.58 -28.11
C ALA D 7 24.69 -8.18 -26.65
N LEU D 8 23.66 -8.74 -26.03
CA LEU D 8 23.44 -8.58 -24.60
C LEU D 8 24.26 -9.61 -23.85
N VAL D 9 24.89 -9.17 -22.78
CA VAL D 9 25.59 -10.07 -21.87
C VAL D 9 24.87 -9.93 -20.53
N CYS D 10 23.96 -10.85 -20.25
CA CYS D 10 23.25 -10.90 -18.99
C CYS D 10 23.87 -11.98 -18.12
N ASP D 11 24.19 -11.61 -16.88
CA ASP D 11 24.90 -12.52 -15.99
C ASP D 11 24.21 -12.47 -14.63
N ASN D 12 23.33 -13.44 -14.40
CA ASN D 12 22.79 -13.67 -13.07
C ASN D 12 23.47 -14.92 -12.55
N GLY D 13 24.36 -14.73 -11.58
CA GLY D 13 24.98 -15.89 -10.99
C GLY D 13 24.02 -16.64 -10.11
N SER D 14 23.75 -16.15 -8.90
CA SER D 14 22.56 -16.56 -8.17
C SER D 14 22.01 -15.44 -7.32
N GLY D 15 22.74 -14.33 -7.19
CA GLY D 15 22.33 -13.35 -6.22
C GLY D 15 22.48 -11.91 -6.63
N LEU D 16 22.92 -11.68 -7.87
CA LEU D 16 23.17 -10.33 -8.33
C LEU D 16 23.11 -10.35 -9.85
N VAL D 17 22.16 -9.61 -10.41
CA VAL D 17 22.09 -9.47 -11.86
C VAL D 17 23.08 -8.40 -12.30
N LYS D 18 23.95 -8.76 -13.22
CA LYS D 18 24.83 -7.79 -13.87
C LYS D 18 24.73 -8.01 -15.36
N ALA D 19 24.13 -7.06 -16.05
CA ALA D 19 23.81 -7.16 -17.46
C ALA D 19 24.34 -5.94 -18.19
N GLY D 20 24.50 -6.09 -19.49
CA GLY D 20 24.93 -4.97 -20.31
C GLY D 20 25.10 -5.40 -21.75
N PHE D 21 25.98 -4.70 -22.44
CA PHE D 21 26.18 -4.90 -23.86
C PHE D 21 27.54 -5.56 -24.08
N ALA D 22 27.72 -6.15 -25.24
CA ALA D 22 29.03 -6.70 -25.56
C ALA D 22 29.94 -5.59 -26.07
N GLY D 23 31.24 -5.80 -25.93
CA GLY D 23 32.20 -4.80 -26.32
C GLY D 23 32.17 -3.62 -25.37
N ASP D 24 32.29 -3.91 -24.09
CA ASP D 24 31.95 -2.94 -23.06
C ASP D 24 32.80 -3.26 -21.84
N ASP D 25 33.20 -2.22 -21.11
CA ASP D 25 34.07 -2.41 -19.94
C ASP D 25 33.34 -3.05 -18.79
N ALA D 26 32.33 -2.38 -18.27
CA ALA D 26 31.59 -2.76 -17.08
C ALA D 26 30.15 -3.07 -17.44
N PRO D 27 29.46 -3.89 -16.65
CA PRO D 27 28.03 -4.10 -16.89
C PRO D 27 27.26 -2.82 -16.62
N ARG D 28 26.27 -2.57 -17.48
CA ARG D 28 25.54 -1.32 -17.38
C ARG D 28 24.56 -1.35 -16.22
N ALA D 29 24.00 -2.53 -15.94
CA ALA D 29 22.99 -2.69 -14.90
C ALA D 29 23.49 -3.72 -13.90
N VAL D 30 23.67 -3.31 -12.65
CA VAL D 30 24.00 -4.21 -11.56
C VAL D 30 22.97 -3.98 -10.46
N PHE D 31 22.16 -4.98 -10.19
CA PHE D 31 21.11 -4.84 -9.19
C PHE D 31 20.88 -6.19 -8.51
N PRO D 32 20.32 -6.21 -7.30
CA PRO D 32 20.06 -7.49 -6.65
C PRO D 32 19.04 -8.33 -7.39
N SER D 33 19.30 -9.62 -7.43
CA SER D 33 18.41 -10.60 -8.06
C SER D 33 17.35 -11.05 -7.07
N ILE D 34 16.52 -10.11 -6.63
CA ILE D 34 15.43 -10.38 -5.70
C ILE D 34 14.13 -9.92 -6.31
N VAL D 35 13.05 -10.53 -5.87
CA VAL D 35 11.70 -10.04 -6.16
C VAL D 35 10.95 -9.96 -4.84
N GLY D 36 10.54 -8.76 -4.48
CA GLY D 36 9.88 -8.52 -3.22
C GLY D 36 8.38 -8.47 -3.38
N ARG D 37 7.67 -8.64 -2.29
CA ARG D 37 6.24 -8.81 -2.38
C ARG D 37 5.61 -8.47 -1.04
N PRO D 38 4.56 -7.64 -1.01
CA PRO D 38 4.07 -7.11 0.27
C PRO D 38 3.40 -8.17 1.12
N ARG D 39 3.75 -8.19 2.40
CA ARG D 39 3.23 -9.22 3.29
C ARG D 39 2.15 -8.72 4.23
N HIS D 40 1.75 -7.47 4.11
CA HIS D 40 0.55 -6.96 4.78
C HIS D 40 -0.11 -5.92 3.89
N GLN D 41 -1.28 -5.46 4.33
CA GLN D 41 -2.27 -4.88 3.43
C GLN D 41 -1.99 -3.41 3.12
N GLY D 42 -2.42 -2.99 1.94
CA GLY D 42 -2.29 -1.61 1.53
C GLY D 42 -3.46 -0.79 2.04
N VAL D 43 -3.15 0.37 2.60
CA VAL D 43 -4.12 1.17 3.34
C VAL D 43 -4.27 2.57 2.76
N MET D 44 -3.15 3.20 2.38
CA MET D 44 -3.25 4.44 1.63
C MET D 44 -3.81 4.18 0.24
N VAL D 45 -5.05 4.61 0.02
CA VAL D 45 -5.76 4.44 -1.23
C VAL D 45 -5.20 5.45 -2.23
N GLY D 46 -5.03 5.03 -3.48
CA GLY D 46 -4.43 5.91 -4.46
C GLY D 46 -2.94 6.03 -4.24
N MET D 47 -2.21 4.95 -4.44
CA MET D 47 -0.81 4.88 -4.08
C MET D 47 0.04 4.26 -5.18
N GLY D 48 -0.56 3.46 -6.06
CA GLY D 48 0.21 2.62 -6.93
C GLY D 48 0.37 1.28 -6.25
N GLN D 49 1.50 1.11 -5.55
CA GLN D 49 1.85 -0.03 -4.70
C GLN D 49 1.57 -1.37 -5.39
N LYS D 50 2.36 -1.59 -6.43
CA LYS D 50 2.36 -2.83 -7.20
C LYS D 50 2.73 -4.02 -6.31
N ASP D 51 2.17 -5.17 -6.63
CA ASP D 51 2.32 -6.37 -5.80
C ASP D 51 3.48 -7.23 -6.30
N SER D 52 4.60 -6.59 -6.64
CA SER D 52 5.88 -7.21 -6.95
C SER D 52 6.92 -6.12 -7.07
N TYR D 53 8.02 -6.23 -6.38
CA TYR D 53 9.12 -5.28 -6.50
C TYR D 53 10.37 -6.07 -6.82
N VAL D 54 10.93 -5.81 -7.98
CA VAL D 54 12.10 -6.53 -8.46
C VAL D 54 13.32 -5.62 -8.38
N GLY D 55 14.45 -6.21 -8.02
CA GLY D 55 15.70 -5.49 -8.11
C GLY D 55 15.91 -4.52 -6.98
N ASP D 56 16.55 -3.40 -7.30
CA ASP D 56 17.00 -2.44 -6.31
C ASP D 56 15.84 -1.78 -5.58
N GLU D 57 14.70 -1.64 -6.25
CA GLU D 57 13.49 -1.10 -5.63
C GLU D 57 13.03 -1.96 -4.48
N ALA D 58 13.25 -3.27 -4.56
CA ALA D 58 12.89 -4.16 -3.46
C ALA D 58 13.73 -3.87 -2.22
N GLN D 59 15.03 -3.58 -2.40
CA GLN D 59 15.80 -3.15 -1.24
C GLN D 59 15.45 -1.75 -0.81
N SER D 60 14.80 -0.95 -1.67
CA SER D 60 14.30 0.32 -1.18
C SER D 60 13.07 0.15 -0.32
N LYS D 61 12.37 -0.98 -0.42
CA LYS D 61 11.11 -1.16 0.29
C LYS D 61 11.10 -2.42 1.14
N ARG D 62 12.28 -2.96 1.45
CA ARG D 62 12.40 -4.27 2.07
C ARG D 62 11.85 -4.35 3.48
N GLY D 63 11.52 -3.22 4.11
CA GLY D 63 10.89 -3.26 5.41
C GLY D 63 9.45 -3.74 5.38
N ILE D 64 8.81 -3.69 4.22
CA ILE D 64 7.42 -4.15 4.11
C ILE D 64 7.27 -5.26 3.08
N LEU D 65 8.37 -5.87 2.67
CA LEU D 65 8.35 -6.92 1.67
C LEU D 65 8.96 -8.18 2.23
N THR D 66 8.60 -9.31 1.65
CA THR D 66 9.32 -10.55 1.86
C THR D 66 10.17 -10.79 0.61
N LEU D 67 11.47 -10.62 0.77
CA LEU D 67 12.37 -10.73 -0.35
C LEU D 67 12.61 -12.19 -0.67
N LYS D 68 12.71 -12.50 -1.96
CA LYS D 68 12.80 -13.89 -2.37
C LYS D 68 13.70 -13.98 -3.59
N TYR D 69 14.78 -14.72 -3.46
CA TYR D 69 15.73 -14.92 -4.55
C TYR D 69 15.23 -16.03 -5.49
N PRO D 70 14.96 -15.73 -6.75
CA PRO D 70 14.47 -16.77 -7.66
C PRO D 70 15.53 -17.76 -8.14
N ILE D 71 16.76 -17.65 -7.68
CA ILE D 71 17.84 -18.49 -8.16
C ILE D 71 18.74 -18.86 -6.99
N GLU D 72 18.85 -20.15 -6.72
CA GLU D 72 19.43 -20.69 -5.49
C GLU D 72 20.45 -21.75 -5.88
N HIS D 73 21.69 -21.56 -5.42
CA HIS D 73 22.84 -22.40 -5.77
C HIS D 73 23.04 -22.48 -7.29
N GLY D 74 22.82 -21.38 -7.98
CA GLY D 74 22.95 -21.35 -9.42
C GLY D 74 21.84 -22.04 -10.17
N ILE D 75 20.82 -22.51 -9.48
CA ILE D 75 19.68 -23.19 -10.08
C ILE D 75 18.49 -22.26 -9.96
N ILE D 76 17.78 -22.04 -11.06
CA ILE D 76 16.60 -21.20 -11.03
C ILE D 76 15.42 -21.99 -10.49
N THR D 77 14.91 -21.57 -9.34
CA THR D 77 13.83 -22.28 -8.66
C THR D 77 12.45 -21.74 -9.03
N ASN D 78 12.24 -20.44 -8.86
CA ASN D 78 11.05 -19.78 -9.36
C ASN D 78 11.29 -19.35 -10.79
N TRP D 79 10.46 -19.83 -11.70
CA TRP D 79 10.64 -19.47 -13.10
C TRP D 79 9.88 -18.22 -13.48
N ASP D 80 8.69 -18.04 -12.92
CA ASP D 80 7.95 -16.80 -13.15
C ASP D 80 8.63 -15.61 -12.51
N ASP D 81 9.25 -15.78 -11.35
CA ASP D 81 10.01 -14.70 -10.73
C ASP D 81 11.31 -14.42 -11.46
N MET D 82 11.94 -15.45 -12.03
CA MET D 82 13.10 -15.19 -12.88
C MET D 82 12.70 -14.50 -14.16
N GLU D 83 11.49 -14.75 -14.64
CA GLU D 83 10.96 -13.99 -15.76
C GLU D 83 10.65 -12.55 -15.36
N LYS D 84 10.28 -12.32 -14.09
CA LYS D 84 10.19 -10.95 -13.58
C LYS D 84 11.56 -10.29 -13.57
N ILE D 85 12.58 -11.06 -13.20
CA ILE D 85 13.94 -10.54 -13.11
C ILE D 85 14.49 -10.21 -14.48
N TRP D 86 14.27 -11.09 -15.45
CA TRP D 86 14.69 -10.85 -16.82
C TRP D 86 13.89 -9.73 -17.47
N HIS D 87 12.59 -9.68 -17.22
CA HIS D 87 11.74 -8.61 -17.76
C HIS D 87 12.17 -7.25 -17.24
N HIS D 88 12.44 -7.16 -15.94
CA HIS D 88 13.00 -5.95 -15.36
C HIS D 88 14.40 -5.68 -15.86
N THR D 89 15.15 -6.73 -16.17
CA THR D 89 16.51 -6.56 -16.67
C THR D 89 16.52 -5.91 -18.02
N PHE D 90 15.77 -6.44 -18.97
CA PHE D 90 15.77 -5.88 -20.32
C PHE D 90 14.97 -4.59 -20.42
N TYR D 91 13.79 -4.52 -19.82
CA TYR D 91 12.87 -3.44 -20.15
C TYR D 91 12.92 -2.26 -19.19
N ASN D 92 13.45 -2.43 -17.98
CA ASN D 92 13.50 -1.35 -17.01
C ASN D 92 14.92 -0.86 -16.76
N GLU D 93 15.84 -1.76 -16.44
CA GLU D 93 17.21 -1.37 -16.12
C GLU D 93 18.01 -1.11 -17.37
N LEU D 94 18.19 -2.13 -18.19
CA LEU D 94 19.00 -2.00 -19.39
C LEU D 94 18.24 -1.29 -20.49
N ARG D 95 16.90 -1.35 -20.42
CA ARG D 95 15.97 -0.46 -21.13
C ARG D 95 16.13 -0.60 -22.64
N VAL D 96 15.82 -1.81 -23.11
CA VAL D 96 16.11 -2.24 -24.47
C VAL D 96 15.15 -3.37 -24.83
N ALA D 97 15.01 -3.65 -26.11
CA ALA D 97 14.15 -4.73 -26.55
C ALA D 97 14.97 -5.99 -26.81
N PRO D 98 14.60 -7.13 -26.25
CA PRO D 98 15.38 -8.36 -26.47
C PRO D 98 15.24 -8.92 -27.86
N GLU D 99 14.25 -8.47 -28.63
CA GLU D 99 14.05 -8.94 -29.99
C GLU D 99 15.15 -8.50 -30.93
N GLU D 100 15.88 -7.44 -30.57
CA GLU D 100 16.90 -6.85 -31.43
C GLU D 100 18.30 -7.32 -31.11
N HIS D 101 18.50 -8.09 -30.04
CA HIS D 101 19.84 -8.37 -29.56
C HIS D 101 20.01 -9.84 -29.24
N PRO D 102 21.06 -10.49 -29.75
CA PRO D 102 21.44 -11.81 -29.22
C PRO D 102 21.86 -11.69 -27.77
N THR D 103 21.52 -12.68 -26.98
CA THR D 103 21.81 -12.61 -25.55
C THR D 103 22.73 -13.75 -25.13
N LEU D 104 23.62 -13.42 -24.21
CA LEU D 104 24.62 -14.33 -23.66
C LEU D 104 24.29 -14.52 -22.19
N LEU D 105 23.76 -15.68 -21.85
CA LEU D 105 23.51 -16.05 -20.48
C LEU D 105 24.70 -16.85 -19.95
N THR D 106 24.79 -16.95 -18.63
CA THR D 106 25.85 -17.71 -17.98
C THR D 106 25.22 -18.68 -16.99
N GLU D 107 25.85 -19.84 -16.82
CA GLU D 107 25.55 -20.66 -15.67
C GLU D 107 26.81 -21.42 -15.27
N ALA D 108 26.68 -22.20 -14.21
CA ALA D 108 27.74 -22.97 -13.64
C ALA D 108 27.89 -24.30 -14.35
N PRO D 109 29.04 -24.98 -14.22
CA PRO D 109 29.11 -26.36 -14.64
C PRO D 109 28.32 -27.22 -13.68
N LEU D 110 28.05 -28.45 -14.13
CA LEU D 110 27.44 -29.51 -13.32
C LEU D 110 26.09 -29.07 -12.79
N ASN D 111 25.33 -28.40 -13.61
CA ASN D 111 24.04 -27.87 -13.25
C ASN D 111 22.99 -28.80 -13.83
N PRO D 112 21.75 -28.76 -13.35
CA PRO D 112 20.69 -29.48 -14.06
C PRO D 112 20.50 -28.92 -15.46
N LYS D 113 20.36 -29.82 -16.43
CA LYS D 113 20.26 -29.38 -17.81
C LYS D 113 18.88 -28.82 -18.15
N ALA D 114 17.90 -28.97 -17.26
CA ALA D 114 16.62 -28.29 -17.45
C ALA D 114 16.71 -26.81 -17.09
N ASN D 115 17.72 -26.43 -16.30
CA ASN D 115 17.97 -25.01 -16.06
C ASN D 115 18.41 -24.34 -17.35
N ARG D 116 19.37 -24.94 -18.03
CA ARG D 116 19.91 -24.42 -19.27
C ARG D 116 18.86 -24.48 -20.38
N GLU D 117 18.12 -25.59 -20.41
CA GLU D 117 17.12 -25.82 -21.43
C GLU D 117 15.91 -24.91 -21.26
N LYS D 118 15.40 -24.79 -20.04
CA LYS D 118 14.30 -23.87 -19.79
C LYS D 118 14.74 -22.42 -19.89
N MET D 119 16.00 -22.13 -19.64
CA MET D 119 16.50 -20.78 -19.84
C MET D 119 16.53 -20.44 -21.33
N THR D 120 16.84 -21.41 -22.18
CA THR D 120 16.78 -21.20 -23.61
C THR D 120 15.34 -21.08 -24.11
N GLN D 121 14.44 -21.88 -23.53
CA GLN D 121 13.03 -21.80 -23.89
C GLN D 121 12.42 -20.47 -23.47
N ILE D 122 12.82 -19.93 -22.33
CA ILE D 122 12.31 -18.64 -21.92
C ILE D 122 12.92 -17.52 -22.74
N MET D 123 14.18 -17.66 -23.16
CA MET D 123 14.77 -16.61 -23.99
C MET D 123 14.16 -16.56 -25.39
N PHE D 124 13.89 -17.72 -26.01
CA PHE D 124 13.30 -17.63 -27.34
C PHE D 124 11.79 -17.49 -27.32
N GLU D 125 11.10 -18.21 -26.45
CA GLU D 125 9.63 -18.21 -26.48
C GLU D 125 9.06 -16.93 -25.89
N THR D 126 9.61 -16.45 -24.77
CA THR D 126 9.02 -15.31 -24.08
C THR D 126 9.59 -13.98 -24.57
N PHE D 127 10.91 -13.86 -24.61
CA PHE D 127 11.52 -12.58 -24.95
C PHE D 127 11.87 -12.45 -26.42
N ASN D 128 11.78 -13.54 -27.20
CA ASN D 128 11.95 -13.56 -28.65
C ASN D 128 13.32 -13.03 -29.08
N VAL D 129 14.37 -13.55 -28.45
CA VAL D 129 15.72 -13.12 -28.81
C VAL D 129 16.08 -13.72 -30.16
N PRO D 130 16.89 -13.06 -30.98
CA PRO D 130 17.28 -13.67 -32.25
C PRO D 130 18.28 -14.79 -32.10
N ALA D 131 19.15 -14.68 -31.11
CA ALA D 131 20.15 -15.70 -30.83
C ALA D 131 20.38 -15.70 -29.33
N MET D 132 21.02 -16.76 -28.86
CA MET D 132 21.10 -17.00 -27.43
C MET D 132 22.25 -17.95 -27.21
N TYR D 133 22.91 -17.85 -26.06
CA TYR D 133 24.02 -18.74 -25.78
C TYR D 133 24.25 -18.80 -24.28
N VAL D 134 24.25 -19.99 -23.71
CA VAL D 134 24.58 -20.18 -22.31
C VAL D 134 26.09 -20.32 -22.25
N ALA D 135 26.73 -19.90 -21.17
CA ALA D 135 28.17 -19.98 -21.11
C ALA D 135 28.64 -20.35 -19.72
N ILE D 136 29.64 -21.22 -19.65
CA ILE D 136 30.18 -21.63 -18.37
C ILE D 136 30.96 -20.48 -17.76
N GLN D 137 30.64 -20.17 -16.51
CA GLN D 137 30.87 -18.87 -15.92
C GLN D 137 32.35 -18.66 -15.60
N ALA D 138 33.03 -19.70 -15.12
CA ALA D 138 34.46 -19.62 -14.85
C ALA D 138 35.31 -19.59 -16.10
N VAL D 139 34.83 -20.21 -17.18
CA VAL D 139 35.48 -20.09 -18.49
C VAL D 139 35.54 -18.63 -18.92
N LEU D 140 34.41 -17.95 -18.83
CA LEU D 140 34.34 -16.51 -19.11
C LEU D 140 35.18 -15.72 -18.12
N SER D 141 35.28 -16.19 -16.89
CA SER D 141 36.17 -15.57 -15.92
C SER D 141 37.64 -15.74 -16.32
N LEU D 142 37.97 -16.73 -17.15
CA LEU D 142 39.32 -16.77 -17.72
C LEU D 142 39.43 -15.95 -19.00
N TYR D 143 38.32 -15.72 -19.72
CA TYR D 143 38.36 -14.77 -20.84
C TYR D 143 38.67 -13.37 -20.39
N ALA D 144 38.25 -12.98 -19.18
CA ALA D 144 38.57 -11.64 -18.71
C ALA D 144 40.02 -11.52 -18.28
N SER D 145 40.68 -12.62 -17.96
CA SER D 145 42.07 -12.57 -17.55
C SER D 145 43.02 -12.35 -18.72
N GLY D 146 42.56 -12.53 -19.95
CA GLY D 146 43.47 -12.51 -21.07
C GLY D 146 44.34 -13.74 -21.15
N ARG D 147 43.94 -14.82 -20.51
CA ARG D 147 44.70 -16.06 -20.48
C ARG D 147 43.91 -17.16 -21.17
N THR D 148 44.63 -18.10 -21.76
CA THR D 148 44.04 -19.34 -22.23
C THR D 148 44.55 -20.56 -21.50
N THR D 149 45.33 -20.34 -20.44
CA THR D 149 45.76 -21.41 -19.57
C THR D 149 45.61 -20.95 -18.13
N GLY D 150 44.87 -21.72 -17.34
CA GLY D 150 44.70 -21.43 -15.94
C GLY D 150 43.53 -22.18 -15.37
N ILE D 151 43.53 -22.32 -14.05
CA ILE D 151 42.42 -22.89 -13.31
C ILE D 151 41.68 -21.74 -12.65
N VAL D 152 40.35 -21.76 -12.73
CA VAL D 152 39.55 -20.63 -12.33
C VAL D 152 38.68 -21.01 -11.15
N LEU D 153 38.84 -20.28 -10.06
CA LEU D 153 37.92 -20.25 -8.93
C LEU D 153 37.16 -18.94 -9.01
N ASP D 154 35.85 -18.96 -8.80
CA ASP D 154 35.16 -17.67 -8.78
C ASP D 154 34.30 -17.43 -7.54
N SER D 155 33.46 -18.41 -7.16
CA SER D 155 32.65 -18.41 -5.94
C SER D 155 31.65 -17.24 -5.90
N GLY D 156 30.62 -17.34 -6.73
CA GLY D 156 29.56 -16.33 -6.69
C GLY D 156 28.64 -16.38 -5.48
N ASP D 157 27.35 -16.10 -5.63
CA ASP D 157 26.50 -16.10 -4.45
C ASP D 157 25.97 -17.50 -4.11
N GLY D 158 25.97 -18.43 -5.04
CA GLY D 158 25.40 -19.73 -4.76
C GLY D 158 26.26 -20.93 -5.11
N VAL D 159 27.37 -20.71 -5.81
CA VAL D 159 28.15 -21.81 -6.35
C VAL D 159 29.60 -21.35 -6.50
N THR D 160 30.53 -22.30 -6.34
CA THR D 160 31.93 -22.08 -6.67
C THR D 160 32.42 -23.19 -7.61
N HIS D 161 33.42 -22.87 -8.44
CA HIS D 161 33.60 -23.55 -9.72
C HIS D 161 34.87 -24.38 -9.84
N ASN D 162 36.05 -23.77 -9.85
CA ASN D 162 37.31 -24.42 -10.25
C ASN D 162 37.21 -25.17 -11.57
N VAL D 163 37.18 -24.41 -12.66
CA VAL D 163 37.28 -24.95 -14.01
C VAL D 163 38.73 -24.83 -14.47
N PRO D 164 39.44 -25.94 -14.68
CA PRO D 164 40.80 -25.86 -15.24
C PRO D 164 40.82 -25.90 -16.76
N ILE D 165 41.68 -25.08 -17.34
CA ILE D 165 41.80 -24.92 -18.79
C ILE D 165 43.29 -24.88 -19.11
N TYR D 166 43.72 -25.64 -20.13
CA TYR D 166 45.11 -25.66 -20.55
C TYR D 166 45.18 -25.47 -22.05
N GLU D 167 45.84 -24.40 -22.49
CA GLU D 167 46.06 -24.07 -23.90
C GLU D 167 44.76 -23.98 -24.68
N GLY D 168 43.72 -23.48 -24.03
CA GLY D 168 42.44 -23.37 -24.68
C GLY D 168 41.52 -24.55 -24.52
N TYR D 169 42.01 -25.64 -23.96
CA TYR D 169 41.23 -26.87 -23.82
C TYR D 169 40.84 -27.01 -22.37
N ALA D 170 39.55 -27.11 -22.11
CA ALA D 170 39.12 -27.36 -20.74
C ALA D 170 39.27 -28.83 -20.42
N LEU D 171 39.28 -29.13 -19.12
CA LEU D 171 39.46 -30.48 -18.62
C LEU D 171 38.19 -30.81 -17.84
N PRO D 172 37.13 -31.23 -18.53
CA PRO D 172 35.81 -31.33 -17.87
C PRO D 172 35.70 -32.48 -16.89
N HIS D 173 36.62 -33.43 -16.91
CA HIS D 173 36.70 -34.42 -15.86
C HIS D 173 37.33 -33.87 -14.60
N ALA D 174 38.17 -32.85 -14.75
CA ALA D 174 38.85 -32.21 -13.63
C ALA D 174 38.08 -31.02 -13.11
N ILE D 175 36.85 -30.85 -13.54
CA ILE D 175 36.04 -29.73 -13.14
C ILE D 175 35.53 -29.97 -11.72
N MET D 176 35.08 -28.91 -11.07
CA MET D 176 34.65 -29.05 -9.69
C MET D 176 33.34 -28.28 -9.54
N ARG D 177 32.65 -28.51 -8.42
CA ARG D 177 31.49 -27.68 -8.05
C ARG D 177 31.28 -27.90 -6.56
N LEU D 178 31.31 -26.81 -5.81
CA LEU D 178 30.90 -26.82 -4.43
C LEU D 178 29.76 -25.82 -4.26
N ASP D 179 28.72 -26.21 -3.53
CA ASP D 179 27.56 -25.35 -3.32
C ASP D 179 27.69 -24.52 -2.06
N LEU D 180 28.90 -24.14 -1.71
CA LEU D 180 29.17 -23.24 -0.60
C LEU D 180 29.61 -21.92 -1.16
N ALA D 181 28.84 -20.88 -0.90
CA ALA D 181 29.14 -19.58 -1.46
C ALA D 181 28.60 -18.51 -0.52
N GLY D 182 28.42 -17.29 -1.04
CA GLY D 182 28.24 -16.13 -0.20
C GLY D 182 26.90 -16.04 0.49
N ARG D 183 25.87 -16.67 -0.04
CA ARG D 183 24.60 -16.66 0.67
C ARG D 183 24.65 -17.60 1.86
N ASP D 184 25.43 -18.67 1.74
CA ASP D 184 25.68 -19.56 2.86
C ASP D 184 26.55 -18.89 3.91
N LEU D 185 27.48 -18.04 3.47
CA LEU D 185 28.28 -17.27 4.42
C LEU D 185 27.45 -16.21 5.09
N THR D 186 26.47 -15.64 4.38
CA THR D 186 25.56 -14.69 4.98
C THR D 186 24.70 -15.35 6.04
N ASP D 187 24.23 -16.57 5.77
CA ASP D 187 23.42 -17.28 6.75
C ASP D 187 24.24 -17.69 7.97
N TYR D 188 25.49 -18.09 7.74
CA TYR D 188 26.34 -18.47 8.87
C TYR D 188 26.73 -17.26 9.71
N LEU D 189 27.00 -16.12 9.07
CA LEU D 189 27.26 -14.89 9.80
C LEU D 189 26.04 -14.47 10.59
N MET D 190 24.85 -14.68 10.03
CA MET D 190 23.62 -14.34 10.73
C MET D 190 23.43 -15.21 11.97
N LYS D 191 23.86 -16.47 11.87
CA LYS D 191 23.85 -17.37 13.02
C LYS D 191 24.83 -16.95 14.12
N ILE D 192 26.07 -16.63 13.76
CA ILE D 192 27.01 -16.26 14.81
C ILE D 192 26.82 -14.83 15.31
N LEU D 193 26.15 -13.99 14.54
CA LEU D 193 25.66 -12.74 15.10
C LEU D 193 24.57 -12.99 16.11
N THR D 194 23.77 -14.03 15.91
CA THR D 194 22.83 -14.41 16.97
C THR D 194 23.59 -14.94 18.19
N GLU D 195 24.75 -15.53 17.98
CA GLU D 195 25.61 -15.94 19.10
C GLU D 195 26.11 -14.75 19.91
N ARG D 196 26.46 -13.65 19.25
CA ARG D 196 26.94 -12.50 20.01
C ARG D 196 25.81 -11.78 20.75
N GLY D 197 24.62 -11.71 20.17
CA GLY D 197 23.53 -11.04 20.84
C GLY D 197 22.56 -10.33 19.93
N TYR D 198 22.85 -10.31 18.64
CA TYR D 198 22.07 -9.56 17.67
C TYR D 198 21.25 -10.54 16.85
N SER D 199 19.92 -10.41 16.90
CA SER D 199 19.03 -11.36 16.25
C SER D 199 18.58 -10.81 14.91
N PHE D 200 19.01 -11.46 13.84
CA PHE D 200 18.55 -11.14 12.50
C PHE D 200 17.87 -12.36 11.93
N VAL D 201 16.58 -12.25 11.63
CA VAL D 201 15.84 -13.40 11.14
C VAL D 201 15.02 -13.11 9.88
N THR D 202 14.64 -11.88 9.63
CA THR D 202 13.82 -11.55 8.48
C THR D 202 14.70 -11.53 7.23
N THR D 203 14.07 -11.68 6.06
CA THR D 203 14.79 -11.59 4.79
C THR D 203 15.44 -10.22 4.60
N ALA D 204 14.78 -9.16 5.08
CA ALA D 204 15.39 -7.84 5.06
C ALA D 204 16.56 -7.77 6.02
N GLU D 205 16.44 -8.41 7.17
CA GLU D 205 17.55 -8.48 8.11
C GLU D 205 18.67 -9.37 7.59
N ARG D 206 18.32 -10.38 6.78
CA ARG D 206 19.31 -11.14 6.03
C ARG D 206 20.06 -10.27 5.06
N GLU D 207 19.38 -9.29 4.48
CA GLU D 207 20.06 -8.37 3.57
C GLU D 207 20.97 -7.41 4.34
N ILE D 208 20.57 -7.05 5.56
CA ILE D 208 21.43 -6.25 6.44
C ILE D 208 22.68 -7.04 6.83
N VAL D 209 22.53 -8.32 7.17
CA VAL D 209 23.67 -9.17 7.52
C VAL D 209 24.60 -9.35 6.33
N ARG D 210 24.03 -9.47 5.13
CA ARG D 210 24.85 -9.53 3.92
C ARG D 210 25.66 -8.25 3.75
N ASP D 211 25.06 -7.11 4.10
CA ASP D 211 25.82 -5.85 4.06
C ASP D 211 26.94 -5.83 5.09
N ILE D 212 26.69 -6.37 6.29
CA ILE D 212 27.73 -6.48 7.31
C ILE D 212 28.87 -7.37 6.83
N LYS D 213 28.53 -8.44 6.11
CA LYS D 213 29.53 -9.34 5.56
C LYS D 213 30.38 -8.66 4.51
N GLU D 214 29.76 -7.82 3.67
CA GLU D 214 30.51 -7.15 2.63
C GLU D 214 31.40 -6.04 3.19
N LYS D 215 30.87 -5.25 4.11
CA LYS D 215 31.62 -4.11 4.62
C LYS D 215 32.73 -4.54 5.56
N LEU D 216 32.52 -5.63 6.30
CA LEU D 216 33.17 -5.74 7.58
C LEU D 216 33.66 -7.16 7.82
N CYS D 217 34.25 -7.79 6.82
CA CYS D 217 34.76 -9.15 6.97
C CYS D 217 36.06 -9.32 6.19
N TYR D 218 36.98 -10.10 6.75
CA TYR D 218 38.23 -10.49 6.12
C TYR D 218 38.45 -11.96 6.43
N VAL D 219 39.55 -12.52 5.92
CA VAL D 219 39.61 -13.97 5.79
C VAL D 219 40.56 -14.64 6.78
N ALA D 220 41.43 -13.88 7.49
CA ALA D 220 42.33 -14.40 8.52
C ALA D 220 43.31 -15.46 8.04
N LEU D 221 44.39 -15.01 7.38
CA LEU D 221 45.53 -15.81 6.93
C LEU D 221 45.94 -17.00 7.79
N ASP D 222 46.06 -16.80 9.09
CA ASP D 222 46.21 -17.92 10.02
C ASP D 222 45.05 -17.86 11.01
N PHE D 223 44.12 -18.80 10.89
CA PHE D 223 42.85 -18.68 11.59
C PHE D 223 42.99 -18.90 13.08
N GLU D 224 43.93 -19.74 13.51
CA GLU D 224 44.07 -20.02 14.94
C GLU D 224 44.68 -18.84 15.68
N ASN D 225 45.75 -18.26 15.12
CA ASN D 225 46.37 -17.11 15.78
C ASN D 225 45.54 -15.85 15.62
N GLU D 226 44.72 -15.76 14.59
CA GLU D 226 43.78 -14.65 14.50
C GLU D 226 42.66 -14.83 15.51
N MET D 227 42.27 -16.08 15.74
CA MET D 227 41.22 -16.40 16.69
C MET D 227 41.67 -16.05 18.11
N ALA D 228 42.90 -16.45 18.46
CA ALA D 228 43.44 -16.08 19.76
C ALA D 228 43.80 -14.59 19.83
N THR D 229 44.06 -13.96 18.68
CA THR D 229 44.26 -12.51 18.65
C THR D 229 42.99 -11.78 19.03
N ALA D 230 41.85 -12.23 18.49
CA ALA D 230 40.58 -11.64 18.90
C ALA D 230 40.21 -12.02 20.32
N ALA D 231 40.66 -13.19 20.79
CA ALA D 231 40.40 -13.57 22.18
C ALA D 231 41.26 -12.78 23.16
N SER D 232 42.40 -12.26 22.71
CA SER D 232 43.29 -11.55 23.62
C SER D 232 42.81 -10.15 23.90
N SER D 233 42.64 -9.35 22.85
CA SER D 233 42.26 -7.95 23.00
C SER D 233 41.09 -7.62 22.08
N SER D 234 40.59 -6.40 22.19
CA SER D 234 39.47 -5.90 21.40
C SER D 234 39.92 -5.06 20.22
N SER D 235 41.13 -5.31 19.71
CA SER D 235 41.66 -4.53 18.60
C SER D 235 41.09 -4.96 17.26
N LEU D 236 40.34 -6.05 17.22
CA LEU D 236 39.69 -6.53 16.01
C LEU D 236 38.21 -6.25 15.98
N GLU D 237 37.66 -5.75 17.09
CA GLU D 237 36.26 -5.38 17.15
C GLU D 237 36.00 -4.21 16.22
N LYS D 238 34.82 -4.19 15.61
CA LYS D 238 34.50 -3.06 14.75
C LYS D 238 32.99 -2.87 14.78
N SER D 239 32.57 -1.62 14.81
CA SER D 239 31.16 -1.27 14.94
C SER D 239 30.53 -1.05 13.59
N TYR D 240 29.24 -1.37 13.51
CA TYR D 240 28.44 -1.17 12.31
C TYR D 240 27.13 -0.57 12.76
N GLU D 241 26.78 0.59 12.22
CA GLU D 241 25.49 1.19 12.51
C GLU D 241 24.44 0.51 11.64
N LEU D 242 23.47 -0.14 12.29
CA LEU D 242 22.37 -0.76 11.59
C LEU D 242 21.48 0.33 10.99
N PRO D 243 20.65 -0.01 10.00
CA PRO D 243 19.64 0.96 9.56
C PRO D 243 18.70 1.28 10.68
N ASP D 244 18.46 2.57 10.85
CA ASP D 244 17.56 3.12 11.85
C ASP D 244 18.02 2.76 13.27
N GLY D 245 19.16 3.32 13.64
CA GLY D 245 19.55 3.36 15.02
C GLY D 245 20.74 2.53 15.47
N GLN D 246 20.43 1.40 16.12
CA GLN D 246 21.31 0.68 17.02
C GLN D 246 22.61 0.25 16.35
N VAL D 247 23.74 0.47 17.03
CA VAL D 247 25.03 0.06 16.50
C VAL D 247 25.40 -1.28 17.09
N ILE D 248 26.14 -2.07 16.31
CA ILE D 248 26.61 -3.37 16.74
C ILE D 248 28.13 -3.35 16.72
N THR D 249 28.73 -4.34 17.37
CA THR D 249 30.19 -4.39 17.47
C THR D 249 30.61 -5.84 17.33
N ILE D 250 31.22 -6.20 16.22
CA ILE D 250 31.54 -7.59 15.95
C ILE D 250 33.03 -7.83 16.11
N GLY D 251 33.38 -9.03 16.57
CA GLY D 251 34.74 -9.40 16.90
C GLY D 251 35.30 -10.50 16.04
N ASN D 252 35.33 -11.73 16.58
CA ASN D 252 35.80 -12.87 15.82
C ASN D 252 34.86 -13.30 14.70
N GLU D 253 33.63 -12.79 14.68
CA GLU D 253 32.70 -13.09 13.59
C GLU D 253 33.13 -12.44 12.30
N ARG D 254 33.98 -11.42 12.39
CA ARG D 254 34.53 -10.73 11.25
C ARG D 254 35.36 -11.65 10.37
N PHE D 255 36.02 -12.65 10.95
CA PHE D 255 36.81 -13.59 10.16
C PHE D 255 36.36 -15.03 10.31
N ARG D 256 35.42 -15.34 11.18
CA ARG D 256 34.85 -16.67 11.16
C ARG D 256 33.85 -16.86 10.04
N CYS D 257 33.37 -15.79 9.41
CA CYS D 257 32.42 -15.96 8.32
C CYS D 257 33.06 -16.53 7.05
N PRO D 258 34.17 -16.00 6.51
CA PRO D 258 34.75 -16.67 5.33
C PRO D 258 35.73 -17.78 5.65
N GLU D 259 35.98 -18.07 6.92
CA GLU D 259 36.72 -19.28 7.23
C GLU D 259 35.87 -20.50 6.94
N THR D 260 34.55 -20.35 6.96
CA THR D 260 33.64 -21.38 6.48
C THR D 260 33.91 -21.72 5.03
N LEU D 261 34.31 -20.73 4.24
CA LEU D 261 34.68 -20.98 2.85
C LEU D 261 35.96 -21.82 2.79
N PHE D 262 36.91 -21.57 3.69
CA PHE D 262 38.09 -22.43 3.75
C PHE D 262 37.92 -23.65 4.63
N GLN D 263 36.80 -23.78 5.30
CA GLN D 263 36.62 -24.88 6.23
C GLN D 263 35.13 -25.13 6.38
N PRO D 264 34.52 -25.89 5.46
CA PRO D 264 33.06 -25.96 5.38
C PRO D 264 32.38 -26.72 6.49
N SER D 265 33.12 -27.22 7.48
CA SER D 265 32.54 -27.90 8.61
C SER D 265 31.78 -26.94 9.52
N PHE D 266 32.02 -25.64 9.40
CA PHE D 266 31.37 -24.66 10.26
C PHE D 266 29.88 -24.58 9.96
N ILE D 267 29.52 -24.76 8.70
CA ILE D 267 28.13 -24.71 8.30
C ILE D 267 27.62 -26.15 8.16
N GLY D 268 28.42 -27.10 8.67
CA GLY D 268 28.01 -28.48 8.71
C GLY D 268 27.99 -29.16 7.36
N MET D 269 28.90 -28.78 6.47
CA MET D 269 28.89 -29.24 5.09
C MET D 269 30.14 -30.06 4.88
N GLU D 270 29.97 -31.34 4.57
CA GLU D 270 31.10 -32.24 4.35
C GLU D 270 31.75 -31.92 3.03
N SER D 271 32.89 -31.23 3.08
CA SER D 271 33.64 -30.90 1.88
C SER D 271 35.09 -30.71 2.25
N ALA D 272 35.90 -30.40 1.25
CA ALA D 272 37.33 -30.28 1.44
C ALA D 272 37.80 -28.86 1.61
N GLY D 273 36.94 -27.90 1.33
CA GLY D 273 37.35 -26.51 1.37
C GLY D 273 37.71 -26.00 0.00
N ILE D 274 37.86 -24.68 -0.08
CA ILE D 274 38.17 -24.02 -1.35
C ILE D 274 39.59 -24.36 -1.79
N HIS D 275 40.53 -24.28 -0.86
CA HIS D 275 41.94 -24.52 -1.15
C HIS D 275 42.23 -25.96 -1.54
N GLU D 276 41.46 -26.93 -1.04
CA GLU D 276 41.68 -28.30 -1.43
C GLU D 276 40.90 -28.71 -2.66
N THR D 277 39.82 -28.02 -3.00
CA THR D 277 39.17 -28.33 -4.27
C THR D 277 39.93 -27.73 -5.44
N THR D 278 40.68 -26.64 -5.22
CA THR D 278 41.59 -26.18 -6.26
C THR D 278 42.71 -27.18 -6.50
N TYR D 279 43.34 -27.64 -5.42
CA TYR D 279 44.44 -28.58 -5.54
C TYR D 279 43.98 -29.91 -6.09
N ASN D 280 42.76 -30.33 -5.72
CA ASN D 280 42.23 -31.57 -6.27
C ASN D 280 41.82 -31.42 -7.72
N SER D 281 41.38 -30.24 -8.13
CA SER D 281 41.15 -30.00 -9.55
C SER D 281 42.45 -29.99 -10.34
N ILE D 282 43.53 -29.53 -9.73
CA ILE D 282 44.82 -29.53 -10.42
C ILE D 282 45.36 -30.95 -10.51
N MET D 283 45.24 -31.72 -9.44
CA MET D 283 45.74 -33.09 -9.45
C MET D 283 44.90 -34.00 -10.32
N LYS D 284 43.65 -33.65 -10.61
CA LYS D 284 42.91 -34.42 -11.61
C LYS D 284 43.35 -34.13 -13.03
N CYS D 285 44.06 -33.04 -13.26
CA CYS D 285 44.62 -32.77 -14.57
C CYS D 285 45.85 -33.64 -14.80
N ASP D 286 46.37 -33.61 -16.02
CA ASP D 286 47.54 -34.42 -16.33
C ASP D 286 48.80 -33.79 -15.74
N ILE D 287 49.90 -34.53 -15.83
CA ILE D 287 51.13 -34.18 -15.13
C ILE D 287 51.76 -32.95 -15.74
N ASP D 288 51.61 -32.77 -17.06
CA ASP D 288 52.24 -31.70 -17.80
C ASP D 288 51.38 -30.45 -17.91
N ILE D 289 50.45 -30.28 -16.99
CA ILE D 289 49.51 -29.17 -17.05
C ILE D 289 49.71 -28.35 -15.78
N ARG D 290 50.21 -29.02 -14.74
CA ARG D 290 49.97 -28.58 -13.37
C ARG D 290 50.75 -27.33 -13.00
N LYS D 291 51.99 -27.18 -13.44
CA LYS D 291 52.70 -25.95 -13.11
C LYS D 291 52.16 -24.76 -13.87
N ASP D 292 51.54 -24.99 -15.02
CA ASP D 292 50.86 -23.91 -15.72
C ASP D 292 49.50 -23.62 -15.11
N LEU D 293 49.00 -24.50 -14.25
CA LEU D 293 47.84 -24.19 -13.44
C LEU D 293 48.22 -23.56 -12.12
N TYR D 294 49.39 -23.90 -11.59
CA TYR D 294 49.88 -23.31 -10.36
C TYR D 294 50.22 -21.84 -10.55
N ALA D 295 50.82 -21.49 -11.68
CA ALA D 295 51.21 -20.12 -11.94
C ALA D 295 50.09 -19.28 -12.50
N ASN D 296 48.93 -19.87 -12.76
CA ASN D 296 47.82 -19.18 -13.38
C ASN D 296 46.54 -19.48 -12.65
N ASN D 297 46.55 -19.38 -11.35
CA ASN D 297 45.41 -19.78 -10.54
C ASN D 297 44.50 -18.57 -10.33
N VAL D 298 43.59 -18.35 -11.27
CA VAL D 298 42.72 -17.19 -11.33
C VAL D 298 41.61 -17.37 -10.29
N MET D 299 41.29 -16.29 -9.57
CA MET D 299 40.46 -16.34 -8.36
C MET D 299 39.37 -15.26 -8.45
N SER D 300 38.56 -15.35 -9.49
CA SER D 300 37.93 -14.17 -10.06
C SER D 300 36.41 -14.20 -10.18
N GLY D 301 35.69 -14.35 -9.07
CA GLY D 301 34.29 -13.96 -9.07
C GLY D 301 33.94 -13.09 -7.87
N GLY D 302 32.69 -13.12 -7.43
CA GLY D 302 32.30 -12.50 -6.17
C GLY D 302 32.81 -13.32 -5.01
N THR D 303 32.46 -12.88 -3.78
CA THR D 303 32.88 -13.48 -2.49
C THR D 303 34.38 -13.75 -2.41
N THR D 304 35.18 -13.01 -3.17
CA THR D 304 36.62 -13.11 -3.14
C THR D 304 37.20 -11.74 -2.82
N MET D 305 36.35 -10.75 -2.56
CA MET D 305 36.81 -9.45 -2.10
C MET D 305 36.97 -9.40 -0.60
N TYR D 306 36.99 -10.55 0.06
CA TYR D 306 37.49 -10.61 1.42
C TYR D 306 38.96 -10.23 1.40
N PRO D 307 39.40 -9.31 2.24
CA PRO D 307 40.82 -8.94 2.26
C PRO D 307 41.69 -10.10 2.74
N GLY D 308 42.67 -10.45 1.92
CA GLY D 308 43.63 -11.47 2.26
C GLY D 308 43.30 -12.86 1.80
N ILE D 309 42.24 -13.04 1.00
CA ILE D 309 41.87 -14.39 0.59
C ILE D 309 42.82 -14.91 -0.50
N ALA D 310 43.50 -14.01 -1.20
CA ALA D 310 44.58 -14.46 -2.07
C ALA D 310 45.82 -14.82 -1.27
N ASP D 311 46.02 -14.19 -0.11
CA ASP D 311 47.14 -14.52 0.76
C ASP D 311 46.91 -15.86 1.45
N ARG D 312 45.70 -16.05 1.97
CA ARG D 312 45.30 -17.35 2.53
C ARG D 312 45.31 -18.41 1.44
N MET D 313 44.95 -18.02 0.23
CA MET D 313 44.80 -18.96 -0.87
C MET D 313 46.15 -19.48 -1.33
N GLN D 314 47.09 -18.56 -1.59
CA GLN D 314 48.45 -18.95 -1.93
C GLN D 314 49.13 -19.65 -0.77
N LYS D 315 48.89 -19.17 0.44
CA LYS D 315 49.52 -19.72 1.64
C LYS D 315 49.08 -21.15 1.90
N GLU D 316 47.88 -21.52 1.45
CA GLU D 316 47.41 -22.88 1.69
C GLU D 316 47.63 -23.80 0.49
N ILE D 317 47.56 -23.27 -0.74
CA ILE D 317 47.85 -24.10 -1.91
C ILE D 317 49.34 -24.43 -1.98
N THR D 318 50.20 -23.50 -1.55
CA THR D 318 51.63 -23.77 -1.44
C THR D 318 51.92 -24.91 -0.48
N ALA D 319 51.15 -25.01 0.59
CA ALA D 319 51.30 -26.11 1.54
C ALA D 319 50.83 -27.42 0.96
N LEU D 320 49.93 -27.41 -0.02
CA LEU D 320 49.49 -28.64 -0.67
C LEU D 320 50.34 -29.02 -1.87
N ALA D 321 50.64 -28.07 -2.75
CA ALA D 321 51.44 -28.31 -3.93
C ALA D 321 52.89 -28.60 -3.53
N PRO D 322 53.64 -29.32 -4.37
CA PRO D 322 55.05 -29.58 -4.04
C PRO D 322 55.87 -28.30 -4.08
N SER D 323 57.03 -28.37 -3.43
CA SER D 323 57.96 -27.27 -3.48
C SER D 323 58.58 -27.16 -4.87
N THR D 324 59.26 -26.04 -5.12
CA THR D 324 59.76 -25.61 -6.42
C THR D 324 58.65 -25.48 -7.47
N MET D 325 57.41 -25.28 -7.04
CA MET D 325 56.31 -24.85 -7.88
C MET D 325 55.98 -23.41 -7.56
N LYS D 326 55.62 -22.66 -8.59
CA LYS D 326 55.33 -21.24 -8.44
C LYS D 326 53.82 -21.08 -8.37
N ILE D 327 53.32 -20.81 -7.17
CA ILE D 327 51.89 -20.64 -6.94
C ILE D 327 51.57 -19.16 -7.09
N LYS D 328 50.85 -18.81 -8.14
CA LYS D 328 50.41 -17.44 -8.36
C LYS D 328 48.89 -17.41 -8.35
N ILE D 329 48.33 -16.77 -7.32
CA ILE D 329 46.88 -16.58 -7.22
C ILE D 329 46.55 -15.26 -7.89
N ILE D 330 45.89 -15.32 -9.03
CA ILE D 330 45.51 -14.11 -9.75
C ILE D 330 44.19 -13.62 -9.18
N ALA D 331 44.18 -12.43 -8.59
CA ALA D 331 43.00 -11.84 -7.97
C ALA D 331 42.78 -10.45 -8.53
N PRO D 332 42.25 -10.33 -9.74
CA PRO D 332 42.24 -9.05 -10.43
C PRO D 332 41.14 -8.18 -9.91
N PRO D 333 41.45 -6.99 -9.35
CA PRO D 333 40.47 -6.23 -8.53
C PRO D 333 39.17 -5.86 -9.22
N GLU D 334 39.11 -5.97 -10.54
CA GLU D 334 37.89 -5.93 -11.32
C GLU D 334 37.06 -7.21 -11.21
N ARG D 335 37.44 -8.20 -10.40
CA ARG D 335 36.54 -9.32 -10.19
C ARG D 335 35.35 -8.86 -9.35
N LYS D 336 34.34 -9.74 -9.27
CA LYS D 336 32.91 -9.58 -9.04
C LYS D 336 32.23 -9.14 -10.33
N TYR D 337 33.00 -8.80 -11.35
CA TYR D 337 32.51 -8.34 -12.62
C TYR D 337 33.15 -9.07 -13.78
N SER D 338 34.17 -9.87 -13.54
CA SER D 338 34.97 -10.45 -14.61
C SER D 338 34.29 -11.61 -15.30
N VAL D 339 33.30 -12.23 -14.68
CA VAL D 339 32.45 -13.15 -15.43
C VAL D 339 31.66 -12.39 -16.47
N TRP D 340 31.17 -11.21 -16.12
CA TRP D 340 30.50 -10.38 -17.11
C TRP D 340 31.50 -9.86 -18.14
N ILE D 341 32.69 -9.46 -17.69
CA ILE D 341 33.69 -8.87 -18.58
C ILE D 341 34.17 -9.89 -19.60
N GLY D 342 34.41 -11.11 -19.16
CA GLY D 342 34.73 -12.16 -20.11
C GLY D 342 33.56 -12.56 -20.97
N GLY D 343 32.34 -12.39 -20.46
CA GLY D 343 31.18 -12.50 -21.33
C GLY D 343 31.18 -11.46 -22.42
N SER D 344 31.61 -10.24 -22.08
CA SER D 344 31.70 -9.16 -23.05
C SER D 344 32.78 -9.44 -24.08
N ILE D 345 33.90 -10.04 -23.66
CA ILE D 345 34.95 -10.41 -24.60
C ILE D 345 34.46 -11.48 -25.55
N LEU D 346 33.90 -12.57 -25.00
CA LEU D 346 33.47 -13.71 -25.81
C LEU D 346 32.36 -13.33 -26.78
N ALA D 347 31.38 -12.54 -26.34
CA ALA D 347 30.33 -12.12 -27.24
C ALA D 347 30.81 -11.11 -28.27
N SER D 348 31.92 -10.42 -28.02
CA SER D 348 32.46 -9.49 -29.00
C SER D 348 33.50 -10.12 -29.90
N LEU D 349 33.82 -11.39 -29.73
CA LEU D 349 34.70 -12.08 -30.66
C LEU D 349 34.02 -12.33 -31.99
N SER D 350 34.80 -12.26 -33.06
CA SER D 350 34.31 -12.46 -34.42
C SER D 350 34.25 -13.93 -34.81
N THR D 351 35.06 -14.78 -34.19
CA THR D 351 34.96 -16.23 -34.38
C THR D 351 33.70 -16.78 -33.72
N PHE D 352 33.17 -16.07 -32.73
CA PHE D 352 32.07 -16.56 -31.92
C PHE D 352 30.71 -16.43 -32.62
N GLN D 353 30.59 -15.59 -33.65
CA GLN D 353 29.26 -15.30 -34.19
C GLN D 353 28.64 -16.43 -35.01
N GLN D 354 29.29 -17.58 -35.16
CA GLN D 354 28.59 -18.76 -35.64
C GLN D 354 28.38 -19.78 -34.54
N MET D 355 28.67 -19.40 -33.29
CA MET D 355 28.43 -20.27 -32.15
C MET D 355 27.19 -19.89 -31.37
N TRP D 356 26.50 -18.82 -31.76
CA TRP D 356 25.22 -18.49 -31.17
C TRP D 356 24.19 -19.54 -31.53
N ILE D 357 23.44 -20.00 -30.53
CA ILE D 357 22.25 -20.80 -30.80
C ILE D 357 21.22 -19.83 -31.35
N THR D 358 20.92 -19.93 -32.63
CA THR D 358 20.02 -18.98 -33.23
C THR D 358 18.61 -19.54 -33.32
N LYS D 359 17.65 -18.63 -33.46
CA LYS D 359 16.30 -19.04 -33.81
C LYS D 359 16.31 -19.44 -35.29
N GLN D 360 15.37 -20.32 -35.65
CA GLN D 360 15.22 -21.17 -36.84
C GLN D 360 16.17 -22.37 -36.70
N GLU D 361 17.03 -22.39 -35.71
CA GLU D 361 17.75 -23.57 -35.27
C GLU D 361 17.25 -24.04 -33.93
N TYR D 362 16.80 -23.12 -33.08
CA TYR D 362 15.97 -23.47 -31.94
C TYR D 362 14.64 -24.08 -32.39
N ASP D 363 14.00 -23.47 -33.38
CA ASP D 363 12.72 -23.96 -33.86
C ASP D 363 12.87 -25.27 -34.61
N GLU D 364 14.06 -25.54 -35.14
CA GLU D 364 14.31 -26.76 -35.88
C GLU D 364 14.59 -27.93 -34.96
N ALA D 365 15.34 -27.69 -33.88
CA ALA D 365 15.85 -28.76 -33.04
C ALA D 365 15.30 -28.73 -31.62
N GLY D 366 14.28 -27.92 -31.35
CA GLY D 366 13.71 -27.83 -30.04
C GLY D 366 14.63 -27.14 -29.04
N PRO D 367 14.30 -27.23 -27.75
CA PRO D 367 15.18 -26.63 -26.74
C PRO D 367 16.39 -27.47 -26.37
N SER D 368 16.55 -28.67 -26.92
CA SER D 368 17.72 -29.49 -26.59
C SER D 368 18.94 -29.16 -27.45
N ILE D 369 18.82 -28.15 -28.32
CA ILE D 369 19.91 -27.67 -29.17
C ILE D 369 21.10 -27.19 -28.35
N VAL D 370 20.83 -26.77 -27.10
CA VAL D 370 21.84 -26.25 -26.19
C VAL D 370 22.83 -27.34 -25.81
N HIS D 371 22.45 -28.59 -25.93
CA HIS D 371 23.39 -29.62 -25.57
C HIS D 371 24.19 -30.13 -26.77
N ARG D 372 24.12 -29.44 -27.91
CA ARG D 372 25.03 -29.72 -29.01
C ARG D 372 25.75 -28.48 -29.52
N LYS D 373 25.23 -27.28 -29.24
CA LYS D 373 25.89 -26.08 -29.70
C LYS D 373 26.60 -25.32 -28.60
N CYS D 374 26.06 -25.35 -27.39
CA CYS D 374 26.64 -24.57 -26.30
C CYS D 374 27.91 -25.22 -25.75
N PHE D 375 27.77 -26.40 -25.15
CA PHE D 375 28.94 -27.20 -24.78
C PHE D 375 28.65 -28.69 -24.94
N ASP E 1 34.99 -72.14 18.49
CA ASP E 1 35.79 -71.43 17.49
C ASP E 1 36.18 -72.34 16.33
N GLU E 2 37.42 -72.19 15.87
CA GLU E 2 37.98 -73.05 14.83
C GLU E 2 38.94 -74.02 15.50
N ASP E 3 38.61 -75.32 15.43
CA ASP E 3 39.36 -76.36 16.11
C ASP E 3 40.59 -76.80 15.32
N GLU E 4 40.87 -76.18 14.18
CA GLU E 4 42.03 -76.52 13.36
C GLU E 4 42.85 -75.29 13.04
N THR E 5 43.88 -75.50 12.24
CA THR E 5 44.79 -74.47 11.75
C THR E 5 44.49 -74.11 10.31
N THR E 6 43.21 -73.96 9.99
CA THR E 6 42.77 -73.63 8.64
C THR E 6 43.29 -72.25 8.25
N ALA E 7 43.77 -72.14 7.02
CA ALA E 7 44.32 -70.89 6.55
C ALA E 7 43.23 -69.85 6.33
N LEU E 8 43.56 -68.60 6.65
CA LEU E 8 42.69 -67.47 6.37
C LEU E 8 42.92 -67.01 4.95
N VAL E 9 41.84 -66.72 4.25
CA VAL E 9 41.91 -66.10 2.94
C VAL E 9 41.21 -64.75 3.09
N CYS E 10 42.00 -63.71 3.28
CA CYS E 10 41.49 -62.35 3.34
C CYS E 10 41.75 -61.66 2.01
N ASP E 11 40.71 -61.04 1.48
CA ASP E 11 40.77 -60.45 0.15
C ASP E 11 40.14 -59.07 0.22
N ASN E 12 40.98 -58.06 0.39
CA ASN E 12 40.56 -56.68 0.21
C ASN E 12 41.11 -56.23 -1.12
N GLY E 13 40.23 -56.06 -2.11
CA GLY E 13 40.69 -55.55 -3.37
C GLY E 13 41.03 -54.08 -3.28
N SER E 14 40.02 -53.21 -3.28
CA SER E 14 40.22 -51.85 -2.79
C SER E 14 38.95 -51.31 -2.14
N GLY E 15 37.84 -52.01 -2.24
CA GLY E 15 36.61 -51.42 -1.82
C GLY E 15 35.66 -52.33 -1.09
N LEU E 16 36.05 -53.58 -0.87
CA LEU E 16 35.16 -54.56 -0.26
C LEU E 16 36.03 -55.64 0.34
N VAL E 17 35.96 -55.81 1.66
CA VAL E 17 36.67 -56.89 2.32
C VAL E 17 35.83 -58.15 2.19
N LYS E 18 36.43 -59.21 1.68
CA LYS E 18 35.82 -60.53 1.67
C LYS E 18 36.85 -61.51 2.19
N ALA E 19 36.58 -62.03 3.38
CA ALA E 19 37.51 -62.87 4.11
C ALA E 19 36.83 -64.14 4.53
N GLY E 20 37.64 -65.16 4.82
CA GLY E 20 37.10 -66.40 5.31
C GLY E 20 38.19 -67.42 5.51
N PHE E 21 37.82 -68.68 5.39
CA PHE E 21 38.72 -69.79 5.65
C PHE E 21 39.07 -70.47 4.34
N ALA E 22 40.16 -71.23 4.35
CA ALA E 22 40.48 -72.00 3.17
C ALA E 22 39.66 -73.29 3.14
N GLY E 23 39.47 -73.84 1.96
CA GLY E 23 38.67 -75.03 1.82
C GLY E 23 37.21 -74.73 2.05
N ASP E 24 36.70 -73.73 1.34
CA ASP E 24 35.43 -73.12 1.68
C ASP E 24 34.82 -72.57 0.40
N ASP E 25 33.48 -72.62 0.31
CA ASP E 25 32.80 -72.18 -0.90
C ASP E 25 32.86 -70.67 -1.06
N ALA E 26 32.24 -69.95 -0.12
CA ALA E 26 32.05 -68.51 -0.16
C ALA E 26 32.82 -67.88 0.99
N PRO E 27 33.20 -66.60 0.85
CA PRO E 27 33.82 -65.90 1.99
C PRO E 27 32.81 -65.73 3.11
N ARG E 28 33.29 -65.90 4.33
CA ARG E 28 32.41 -65.86 5.48
C ARG E 28 32.01 -64.45 5.81
N ALA E 29 32.91 -63.50 5.59
CA ALA E 29 32.70 -62.09 5.94
C ALA E 29 32.87 -61.26 4.68
N VAL E 30 31.81 -60.58 4.27
CA VAL E 30 31.86 -59.63 3.17
C VAL E 30 31.29 -58.32 3.69
N PHE E 31 32.12 -57.29 3.77
CA PHE E 31 31.68 -56.01 4.30
C PHE E 31 32.44 -54.90 3.59
N PRO E 32 31.91 -53.67 3.59
CA PRO E 32 32.64 -52.57 2.95
C PRO E 32 33.95 -52.25 3.64
N SER E 33 34.97 -51.97 2.82
CA SER E 33 36.28 -51.59 3.31
C SER E 33 36.34 -50.09 3.58
N ILE E 34 35.53 -49.64 4.53
CA ILE E 34 35.47 -48.23 4.91
C ILE E 34 35.73 -48.13 6.40
N VAL E 35 36.21 -46.97 6.82
CA VAL E 35 36.28 -46.61 8.22
C VAL E 35 35.64 -45.24 8.38
N GLY E 36 34.57 -45.17 9.14
CA GLY E 36 33.83 -43.95 9.30
C GLY E 36 34.21 -43.25 10.59
N ARG E 37 33.90 -41.97 10.67
CA ARG E 37 34.40 -41.18 11.77
C ARG E 37 33.52 -39.94 11.94
N PRO E 38 33.08 -39.63 13.15
CA PRO E 38 32.05 -38.60 13.33
C PRO E 38 32.59 -37.20 13.04
N ARG E 39 31.82 -36.43 12.27
CA ARG E 39 32.27 -35.11 11.87
C ARG E 39 31.59 -33.98 12.63
N HIS E 40 30.74 -34.29 13.59
CA HIS E 40 30.23 -33.31 14.53
C HIS E 40 30.02 -33.98 15.89
N GLN E 41 29.67 -33.16 16.87
CA GLN E 41 29.92 -33.49 18.27
C GLN E 41 28.84 -34.40 18.86
N GLY E 42 29.26 -35.18 19.84
CA GLY E 42 28.35 -36.07 20.55
C GLY E 42 27.67 -35.32 21.69
N VAL E 43 26.35 -35.50 21.78
CA VAL E 43 25.52 -34.69 22.65
C VAL E 43 24.75 -35.55 23.65
N MET E 44 24.20 -36.67 23.21
CA MET E 44 23.64 -37.63 24.15
C MET E 44 24.76 -38.26 24.99
N VAL E 45 24.79 -37.87 26.26
CA VAL E 45 25.79 -38.36 27.21
C VAL E 45 25.40 -39.78 27.62
N GLY E 46 26.39 -40.66 27.74
CA GLY E 46 26.10 -42.05 28.04
C GLY E 46 25.55 -42.76 26.84
N MET E 47 26.36 -42.93 25.81
CA MET E 47 25.91 -43.41 24.52
C MET E 47 26.83 -44.49 23.96
N GLY E 48 28.08 -44.51 24.38
CA GLY E 48 29.08 -45.30 23.69
C GLY E 48 29.74 -44.39 22.68
N GLN E 49 29.24 -44.45 21.45
CA GLN E 49 29.61 -43.60 20.30
C GLN E 49 31.13 -43.48 20.13
N LYS E 50 31.71 -44.63 19.79
CA LYS E 50 33.13 -44.75 19.49
C LYS E 50 33.50 -43.86 18.30
N ASP E 51 34.74 -43.38 18.32
CA ASP E 51 35.20 -42.42 17.33
C ASP E 51 35.92 -43.13 16.19
N SER E 52 35.34 -44.23 15.71
CA SER E 52 35.73 -44.96 14.51
C SER E 52 34.69 -46.02 14.25
N TYR E 53 34.14 -46.09 13.05
CA TYR E 53 33.20 -47.13 12.67
C TYR E 53 33.74 -47.79 11.43
N VAL E 54 34.05 -49.06 11.51
CA VAL E 54 34.63 -49.81 10.41
C VAL E 54 33.59 -50.76 9.85
N GLY E 55 33.62 -50.92 8.54
CA GLY E 55 32.81 -51.95 7.91
C GLY E 55 31.36 -51.57 7.79
N ASP E 56 30.50 -52.57 7.92
CA ASP E 56 29.08 -52.43 7.66
C ASP E 56 28.40 -51.47 8.63
N GLU E 57 28.91 -51.38 9.86
CA GLU E 57 28.41 -50.44 10.84
C GLU E 57 28.56 -49.00 10.37
N ALA E 58 29.61 -48.72 9.61
CA ALA E 58 29.80 -47.38 9.08
C ALA E 58 28.69 -47.03 8.08
N GLN E 59 28.27 -47.98 7.25
CA GLN E 59 27.12 -47.71 6.41
C GLN E 59 25.82 -47.70 7.19
N SER E 60 25.80 -48.26 8.40
CA SER E 60 24.61 -48.08 9.23
C SER E 60 24.55 -46.68 9.82
N LYS E 61 25.67 -45.95 9.87
CA LYS E 61 25.71 -44.66 10.53
C LYS E 61 26.24 -43.57 9.62
N ARG E 62 26.25 -43.80 8.31
CA ARG E 62 26.94 -42.94 7.36
C ARG E 62 26.34 -41.54 7.24
N GLY E 63 25.16 -41.30 7.81
CA GLY E 63 24.61 -39.96 7.81
C GLY E 63 25.33 -39.00 8.73
N ILE E 64 26.07 -39.52 9.70
CA ILE E 64 26.81 -38.68 10.63
C ILE E 64 28.30 -38.96 10.61
N LEU E 65 28.78 -39.65 9.59
CA LEU E 65 30.18 -40.01 9.49
C LEU E 65 30.75 -39.49 8.18
N THR E 66 32.06 -39.31 8.16
CA THR E 66 32.78 -39.10 6.92
C THR E 66 33.47 -40.43 6.59
N LEU E 67 32.96 -41.10 5.56
CA LEU E 67 33.46 -42.41 5.21
C LEU E 67 34.76 -42.26 4.44
N LYS E 68 35.71 -43.15 4.70
CA LYS E 68 37.02 -43.01 4.11
C LYS E 68 37.58 -44.40 3.81
N TYR E 69 37.86 -44.64 2.54
CA TYR E 69 38.41 -45.91 2.10
C TYR E 69 39.92 -45.93 2.32
N PRO E 70 40.45 -46.84 3.14
CA PRO E 70 41.90 -46.87 3.38
C PRO E 70 42.72 -47.45 2.24
N ILE E 71 42.10 -47.84 1.14
CA ILE E 71 42.82 -48.51 0.05
C ILE E 71 42.25 -48.01 -1.27
N GLU E 72 43.13 -47.40 -2.08
CA GLU E 72 42.75 -46.62 -3.25
C GLU E 72 43.59 -47.09 -4.42
N HIS E 73 42.91 -47.51 -5.49
CA HIS E 73 43.52 -48.13 -6.68
C HIS E 73 44.37 -49.34 -6.32
N GLY E 74 43.92 -50.12 -5.35
CA GLY E 74 44.67 -51.28 -4.93
C GLY E 74 45.88 -50.97 -4.08
N ILE E 75 46.11 -49.72 -3.75
CA ILE E 75 47.23 -49.29 -2.94
C ILE E 75 46.69 -48.86 -1.59
N ILE E 76 47.28 -49.36 -0.51
CA ILE E 76 46.84 -48.99 0.82
C ILE E 76 47.44 -47.62 1.18
N THR E 77 46.58 -46.64 1.37
CA THR E 77 47.02 -45.27 1.63
C THR E 77 47.09 -44.97 3.13
N ASN E 78 46.00 -45.19 3.85
CA ASN E 78 46.01 -45.13 5.31
C ASN E 78 46.41 -46.49 5.84
N TRP E 79 47.49 -46.54 6.62
CA TRP E 79 47.92 -47.81 7.16
C TRP E 79 47.30 -48.12 8.51
N ASP E 80 47.10 -47.10 9.34
CA ASP E 80 46.40 -47.30 10.60
C ASP E 80 44.93 -47.63 10.40
N ASP E 81 44.29 -47.05 9.39
CA ASP E 81 42.92 -47.40 9.06
C ASP E 81 42.81 -48.77 8.42
N MET E 82 43.80 -49.18 7.64
CA MET E 82 43.81 -50.55 7.14
C MET E 82 44.06 -51.54 8.27
N GLU E 83 44.80 -51.13 9.30
CA GLU E 83 44.92 -51.94 10.50
C GLU E 83 43.60 -51.98 11.27
N LYS E 84 42.80 -50.92 11.22
CA LYS E 84 41.44 -50.98 11.75
C LYS E 84 40.60 -51.97 10.96
N ILE E 85 40.78 -51.99 9.64
CA ILE E 85 40.01 -52.87 8.77
C ILE E 85 40.39 -54.33 8.99
N TRP E 86 41.68 -54.60 9.11
CA TRP E 86 42.15 -55.95 9.40
C TRP E 86 41.78 -56.40 10.80
N HIS E 87 41.90 -55.49 11.79
CA HIS E 87 41.53 -55.81 13.16
C HIS E 87 40.05 -56.15 13.28
N HIS E 88 39.20 -55.36 12.62
CA HIS E 88 37.78 -55.68 12.54
C HIS E 88 37.53 -56.94 11.73
N THR E 89 38.39 -57.21 10.76
CA THR E 89 38.22 -58.40 9.93
C THR E 89 38.44 -59.65 10.74
N PHE E 90 39.57 -59.76 11.43
CA PHE E 90 39.85 -60.96 12.19
C PHE E 90 39.05 -61.05 13.48
N TYR E 91 38.93 -59.97 14.24
CA TYR E 91 38.44 -60.08 15.60
C TYR E 91 36.95 -59.83 15.76
N ASN E 92 36.31 -59.15 14.82
CA ASN E 92 34.89 -58.84 14.93
C ASN E 92 34.04 -59.62 13.94
N GLU E 93 34.39 -59.58 12.66
CA GLU E 93 33.59 -60.25 11.64
C GLU E 93 33.90 -61.73 11.58
N LEU E 94 35.14 -62.07 11.26
CA LEU E 94 35.51 -63.46 11.12
C LEU E 94 35.72 -64.11 12.47
N ARG E 95 36.02 -63.29 13.48
CA ARG E 95 35.91 -63.61 14.91
C ARG E 95 36.83 -64.79 15.28
N VAL E 96 38.12 -64.52 15.12
CA VAL E 96 39.15 -65.56 15.19
C VAL E 96 40.47 -64.87 15.55
N ALA E 97 41.44 -65.66 16.01
CA ALA E 97 42.74 -65.11 16.35
C ALA E 97 43.70 -65.32 15.18
N PRO E 98 44.40 -64.28 14.73
CA PRO E 98 45.33 -64.44 13.61
C PRO E 98 46.58 -65.21 13.97
N GLU E 99 46.87 -65.38 15.26
CA GLU E 99 48.04 -66.11 15.71
C GLU E 99 47.96 -67.60 15.38
N GLU E 100 46.76 -68.11 15.16
CA GLU E 100 46.53 -69.53 14.95
C GLU E 100 46.43 -69.91 13.49
N HIS E 101 46.41 -68.95 12.57
CA HIS E 101 46.06 -69.24 11.19
C HIS E 101 47.03 -68.57 10.23
N PRO E 102 47.60 -69.30 9.27
CA PRO E 102 48.29 -68.65 8.16
C PRO E 102 47.29 -67.85 7.34
N THR E 103 47.73 -66.70 6.84
CA THR E 103 46.82 -65.83 6.11
C THR E 103 47.29 -65.62 4.69
N LEU E 104 46.32 -65.55 3.78
CA LEU E 104 46.54 -65.36 2.36
C LEU E 104 45.94 -64.02 1.97
N LEU E 105 46.81 -63.05 1.73
CA LEU E 105 46.40 -61.76 1.24
C LEU E 105 46.49 -61.74 -0.27
N THR E 106 45.82 -60.77 -0.89
CA THR E 106 45.83 -60.60 -2.33
C THR E 106 46.20 -59.17 -2.66
N GLU E 107 46.91 -58.98 -3.77
CA GLU E 107 47.00 -57.65 -4.37
C GLU E 107 47.10 -57.79 -5.87
N ALA E 108 47.18 -56.65 -6.52
CA ALA E 108 47.24 -56.54 -7.96
C ALA E 108 48.68 -56.67 -8.44
N PRO E 109 48.88 -56.97 -9.72
CA PRO E 109 50.22 -56.83 -10.29
C PRO E 109 50.56 -55.36 -10.42
N LEU E 110 51.85 -55.11 -10.62
CA LEU E 110 52.39 -53.79 -10.93
C LEU E 110 52.03 -52.78 -9.84
N ASN E 111 52.12 -53.21 -8.62
CA ASN E 111 51.78 -52.41 -7.46
C ASN E 111 53.08 -51.92 -6.86
N PRO E 112 53.06 -50.88 -6.02
CA PRO E 112 54.27 -50.56 -5.26
C PRO E 112 54.63 -51.70 -4.32
N LYS E 113 55.92 -52.02 -4.27
CA LYS E 113 56.35 -53.15 -3.47
C LYS E 113 56.40 -52.84 -1.98
N ALA E 114 56.24 -51.57 -1.60
CA ALA E 114 56.08 -51.23 -0.19
C ALA E 114 54.68 -51.55 0.31
N ASN E 115 53.71 -51.67 -0.60
CA ASN E 115 52.39 -52.14 -0.23
C ASN E 115 52.46 -53.59 0.23
N ARG E 116 53.10 -54.41 -0.58
CA ARG E 116 53.26 -55.83 -0.31
C ARG E 116 54.15 -56.05 0.91
N GLU E 117 55.22 -55.26 0.99
CA GLU E 117 56.19 -55.39 2.06
C GLU E 117 55.64 -54.90 3.40
N LYS E 118 54.98 -53.75 3.40
CA LYS E 118 54.34 -53.28 4.62
C LYS E 118 53.14 -54.12 5.01
N MET E 119 52.49 -54.75 4.04
CA MET E 119 51.40 -55.66 4.36
C MET E 119 51.94 -56.90 5.05
N THR E 120 53.12 -57.37 4.64
CA THR E 120 53.76 -58.48 5.33
C THR E 120 54.25 -58.08 6.72
N GLN E 121 54.78 -56.86 6.84
CA GLN E 121 55.23 -56.36 8.14
C GLN E 121 54.07 -56.19 9.11
N ILE E 122 52.91 -55.75 8.61
CA ILE E 122 51.76 -55.62 9.49
C ILE E 122 51.18 -56.99 9.84
N MET E 123 51.24 -57.96 8.92
CA MET E 123 50.73 -59.29 9.26
C MET E 123 51.60 -60.00 10.28
N PHE E 124 52.92 -59.89 10.18
CA PHE E 124 53.73 -60.59 11.18
C PHE E 124 53.93 -59.77 12.45
N GLU E 125 54.20 -58.48 12.34
CA GLU E 125 54.52 -57.69 13.51
C GLU E 125 53.30 -57.39 14.37
N THR E 126 52.18 -57.03 13.74
CA THR E 126 51.01 -56.60 14.50
C THR E 126 50.08 -57.75 14.85
N PHE E 127 49.72 -58.58 13.87
CA PHE E 127 48.75 -59.62 14.12
C PHE E 127 49.37 -60.96 14.45
N ASN E 128 50.70 -61.10 14.29
CA ASN E 128 51.48 -62.28 14.68
C ASN E 128 50.99 -63.55 14.00
N VAL E 129 50.83 -63.49 12.69
CA VAL E 129 50.37 -64.67 11.95
C VAL E 129 51.54 -65.65 11.87
N PRO E 130 51.27 -66.95 11.84
CA PRO E 130 52.37 -67.92 11.71
C PRO E 130 52.98 -67.96 10.33
N ALA E 131 52.15 -67.75 9.31
CA ALA E 131 52.59 -67.73 7.93
C ALA E 131 51.71 -66.74 7.19
N MET E 132 52.15 -66.36 6.00
CA MET E 132 51.54 -65.26 5.30
C MET E 132 51.93 -65.39 3.83
N TYR E 133 51.06 -64.95 2.94
CA TYR E 133 51.37 -65.03 1.52
C TYR E 133 50.55 -64.02 0.75
N VAL E 134 51.19 -63.17 -0.02
CA VAL E 134 50.49 -62.23 -0.90
C VAL E 134 50.24 -62.99 -2.19
N ALA E 135 49.16 -62.69 -2.90
CA ALA E 135 48.88 -63.43 -4.11
C ALA E 135 48.30 -62.51 -5.18
N ILE E 136 48.74 -62.72 -6.41
CA ILE E 136 48.24 -61.91 -7.51
C ILE E 136 46.80 -62.31 -7.81
N GLN E 137 45.94 -61.31 -7.87
CA GLN E 137 44.52 -61.46 -7.66
C GLN E 137 43.84 -62.12 -8.85
N ALA E 138 44.26 -61.78 -10.08
CA ALA E 138 43.72 -62.40 -11.28
C ALA E 138 44.21 -63.82 -11.47
N VAL E 139 45.41 -64.15 -10.98
CA VAL E 139 45.89 -65.53 -10.97
C VAL E 139 44.94 -66.41 -10.16
N LEU E 140 44.59 -65.94 -8.96
CA LEU E 140 43.61 -66.63 -8.12
C LEU E 140 42.25 -66.65 -8.78
N SER E 141 41.92 -65.61 -9.55
CA SER E 141 40.70 -65.62 -10.32
C SER E 141 40.72 -66.68 -11.42
N LEU E 142 41.90 -67.13 -11.85
CA LEU E 142 41.96 -68.29 -12.74
C LEU E 142 41.97 -69.61 -11.97
N TYR E 143 42.44 -69.61 -10.71
CA TYR E 143 42.29 -70.79 -9.86
C TYR E 143 40.83 -71.14 -9.62
N ALA E 144 39.96 -70.15 -9.54
CA ALA E 144 38.54 -70.45 -9.34
C ALA E 144 37.89 -71.00 -10.60
N SER E 145 38.45 -70.73 -11.77
CA SER E 145 37.88 -71.21 -13.01
C SER E 145 38.13 -72.70 -13.24
N GLY E 146 39.06 -73.29 -12.49
CA GLY E 146 39.46 -74.64 -12.80
C GLY E 146 40.30 -74.76 -14.03
N ARG E 147 40.91 -73.67 -14.47
CA ARG E 147 41.72 -73.62 -15.67
C ARG E 147 43.15 -73.29 -15.31
N THR E 148 44.08 -73.80 -16.12
CA THR E 148 45.47 -73.39 -16.05
C THR E 148 45.93 -72.68 -17.31
N THR E 149 45.00 -72.40 -18.22
CA THR E 149 45.28 -71.61 -19.41
C THR E 149 44.14 -70.62 -19.60
N GLY E 150 44.50 -69.34 -19.66
CA GLY E 150 43.52 -68.31 -19.91
C GLY E 150 44.07 -66.95 -19.54
N ILE E 151 43.45 -65.93 -20.09
CA ILE E 151 43.75 -64.54 -19.75
C ILE E 151 42.62 -64.04 -18.86
N VAL E 152 42.98 -63.35 -17.78
CA VAL E 152 42.01 -63.01 -16.75
C VAL E 152 41.87 -61.51 -16.67
N LEU E 153 40.64 -61.04 -16.86
CA LEU E 153 40.20 -59.70 -16.53
C LEU E 153 39.35 -59.80 -15.28
N ASP E 154 39.55 -58.90 -14.31
CA ASP E 154 38.66 -58.96 -13.16
C ASP E 154 37.98 -57.64 -12.82
N SER E 155 38.73 -56.55 -12.75
CA SER E 155 38.23 -55.18 -12.56
C SER E 155 37.50 -55.01 -11.22
N GLY E 156 38.27 -55.01 -10.13
CA GLY E 156 37.66 -54.75 -8.82
C GLY E 156 37.24 -53.31 -8.56
N ASP E 157 37.38 -52.81 -7.35
CA ASP E 157 36.92 -51.44 -7.10
C ASP E 157 37.97 -50.39 -7.46
N GLY E 158 39.23 -50.76 -7.56
CA GLY E 158 40.25 -49.76 -7.83
C GLY E 158 41.21 -50.07 -8.95
N VAL E 159 41.18 -51.29 -9.48
CA VAL E 159 42.20 -51.75 -10.42
C VAL E 159 41.58 -52.82 -11.31
N THR E 160 42.04 -52.89 -12.57
CA THR E 160 41.75 -54.00 -13.45
C THR E 160 43.05 -54.58 -14.02
N HIS E 161 43.03 -55.87 -14.36
CA HIS E 161 44.24 -56.69 -14.35
C HIS E 161 44.69 -57.18 -15.72
N ASN E 162 43.95 -58.08 -16.36
CA ASN E 162 44.41 -58.84 -17.54
C ASN E 162 45.77 -59.50 -17.32
N VAL E 163 45.76 -60.57 -16.53
CA VAL E 163 46.93 -61.44 -16.37
C VAL E 163 46.76 -62.64 -17.31
N PRO E 164 47.61 -62.80 -18.32
CA PRO E 164 47.56 -64.00 -19.15
C PRO E 164 48.43 -65.13 -18.63
N ILE E 165 47.90 -66.35 -18.71
CA ILE E 165 48.55 -67.55 -18.20
C ILE E 165 48.36 -68.64 -19.25
N TYR E 166 49.43 -69.36 -19.57
CA TYR E 166 49.38 -70.46 -20.53
C TYR E 166 50.05 -71.68 -19.94
N GLU E 167 49.28 -72.77 -19.80
CA GLU E 167 49.74 -74.06 -19.30
C GLU E 167 50.39 -73.94 -17.93
N GLY E 168 49.86 -73.05 -17.10
CA GLY E 168 50.40 -72.87 -15.78
C GLY E 168 51.48 -71.81 -15.67
N TYR E 169 51.93 -71.27 -16.78
CA TYR E 169 53.02 -70.30 -16.81
C TYR E 169 52.42 -68.93 -17.10
N ALA E 170 52.63 -67.98 -16.21
CA ALA E 170 52.18 -66.63 -16.49
C ALA E 170 53.15 -65.94 -17.42
N LEU E 171 52.67 -64.88 -18.05
CA LEU E 171 53.42 -64.11 -19.03
C LEU E 171 53.55 -62.71 -18.45
N PRO E 172 54.50 -62.47 -17.55
CA PRO E 172 54.51 -61.21 -16.80
C PRO E 172 54.92 -60.01 -17.62
N HIS E 173 55.49 -60.19 -18.79
CA HIS E 173 55.69 -59.09 -19.72
C HIS E 173 54.40 -58.71 -20.43
N ALA E 174 53.48 -59.66 -20.56
CA ALA E 174 52.20 -59.43 -21.20
C ALA E 174 51.12 -59.03 -20.23
N ILE E 175 51.51 -58.73 -19.00
CA ILE E 175 50.55 -58.38 -17.97
C ILE E 175 50.07 -56.95 -18.20
N MET E 176 48.96 -56.59 -17.58
CA MET E 176 48.41 -55.27 -17.82
C MET E 176 48.01 -54.69 -16.47
N ARG E 177 47.72 -53.39 -16.43
CA ARG E 177 47.11 -52.77 -15.25
C ARG E 177 46.50 -51.46 -15.73
N LEU E 178 45.21 -51.31 -15.53
CA LEU E 178 44.54 -50.04 -15.71
C LEU E 178 43.90 -49.64 -14.39
N ASP E 179 44.04 -48.37 -14.02
CA ASP E 179 43.50 -47.87 -12.77
C ASP E 179 42.10 -47.30 -12.93
N LEU E 180 41.33 -47.87 -13.85
CA LEU E 180 39.95 -47.50 -14.06
C LEU E 180 39.08 -48.64 -13.57
N ALA E 181 38.28 -48.39 -12.56
CA ALA E 181 37.48 -49.44 -11.96
C ALA E 181 36.22 -48.83 -11.37
N GLY E 182 35.57 -49.55 -10.47
CA GLY E 182 34.21 -49.23 -10.09
C GLY E 182 34.04 -48.01 -9.23
N ARG E 183 35.08 -47.60 -8.50
CA ARG E 183 34.96 -46.36 -7.74
C ARG E 183 35.04 -45.17 -8.67
N ASP E 184 35.81 -45.30 -9.75
CA ASP E 184 35.84 -44.29 -10.79
C ASP E 184 34.52 -44.24 -11.56
N LEU E 185 33.89 -45.39 -11.73
CA LEU E 185 32.56 -45.40 -12.36
C LEU E 185 31.52 -44.81 -11.44
N THR E 186 31.68 -45.00 -10.14
CA THR E 186 30.78 -44.39 -9.16
C THR E 186 30.92 -42.87 -9.20
N ASP E 187 32.16 -42.38 -9.30
CA ASP E 187 32.36 -40.93 -9.35
C ASP E 187 31.84 -40.34 -10.65
N TYR E 188 32.00 -41.06 -11.75
CA TYR E 188 31.49 -40.57 -13.03
C TYR E 188 29.97 -40.59 -13.07
N LEU E 189 29.36 -41.63 -12.51
CA LEU E 189 27.90 -41.67 -12.41
C LEU E 189 27.40 -40.55 -11.53
N MET E 190 28.15 -40.22 -10.48
CA MET E 190 27.75 -39.14 -9.59
C MET E 190 27.81 -37.79 -10.31
N LYS E 191 28.78 -37.64 -11.21
CA LYS E 191 28.87 -36.46 -12.06
C LYS E 191 27.71 -36.34 -13.04
N ILE E 192 27.37 -37.42 -13.74
CA ILE E 192 26.29 -37.31 -14.72
C ILE E 192 24.91 -37.33 -14.07
N LEU E 193 24.80 -37.84 -12.85
CA LEU E 193 23.60 -37.59 -12.07
C LEU E 193 23.47 -36.14 -11.70
N THR E 194 24.60 -35.46 -11.48
CA THR E 194 24.53 -34.01 -11.30
C THR E 194 24.12 -33.34 -12.60
N GLU E 195 24.45 -33.93 -13.74
CA GLU E 195 23.97 -33.42 -15.04
C GLU E 195 22.45 -33.53 -15.18
N ARG E 196 21.86 -34.61 -14.68
CA ARG E 196 20.40 -34.73 -14.79
C ARG E 196 19.68 -33.80 -13.83
N GLY E 197 20.21 -33.59 -12.63
CA GLY E 197 19.53 -32.72 -11.69
C GLY E 197 19.69 -33.11 -10.24
N TYR E 198 20.31 -34.25 -9.99
CA TYR E 198 20.42 -34.80 -8.65
C TYR E 198 21.84 -34.61 -8.15
N SER E 199 22.00 -33.87 -7.06
CA SER E 199 23.32 -33.51 -6.56
C SER E 199 23.72 -34.45 -5.43
N PHE E 200 24.74 -35.26 -5.68
CA PHE E 200 25.32 -36.13 -4.68
C PHE E 200 26.77 -35.72 -4.51
N VAL E 201 27.14 -35.27 -3.31
CA VAL E 201 28.50 -34.82 -3.08
C VAL E 201 29.14 -35.39 -1.83
N THR E 202 28.37 -35.80 -0.84
CA THR E 202 28.92 -36.33 0.40
C THR E 202 29.40 -37.77 0.16
N THR E 203 30.30 -38.23 1.03
CA THR E 203 30.78 -39.61 0.96
C THR E 203 29.65 -40.60 1.18
N ALA E 204 28.68 -40.26 2.02
CA ALA E 204 27.50 -41.10 2.17
C ALA E 204 26.65 -41.06 0.91
N GLU E 205 26.54 -39.90 0.27
CA GLU E 205 25.84 -39.81 -0.99
C GLU E 205 26.60 -40.49 -2.11
N ARG E 206 27.93 -40.53 -2.01
CA ARG E 206 28.73 -41.37 -2.89
C ARG E 206 28.41 -42.84 -2.71
N GLU E 207 28.08 -43.24 -1.48
CA GLU E 207 27.70 -44.62 -1.26
C GLU E 207 26.31 -44.90 -1.82
N ILE E 208 25.43 -43.91 -1.78
CA ILE E 208 24.12 -44.01 -2.41
C ILE E 208 24.25 -44.15 -3.93
N VAL E 209 25.13 -43.35 -4.54
CA VAL E 209 25.36 -43.42 -5.98
C VAL E 209 25.96 -44.76 -6.37
N ARG E 210 26.85 -45.29 -5.53
CA ARG E 210 27.37 -46.63 -5.76
C ARG E 210 26.26 -47.67 -5.73
N ASP E 211 25.28 -47.49 -4.85
CA ASP E 211 24.14 -48.39 -4.83
C ASP E 211 23.30 -48.26 -6.11
N ILE E 212 23.12 -47.03 -6.61
CA ILE E 212 22.41 -46.81 -7.87
C ILE E 212 23.14 -47.49 -9.02
N LYS E 213 24.48 -47.45 -9.00
CA LYS E 213 25.29 -48.10 -10.02
C LYS E 213 25.13 -49.61 -9.98
N GLU E 214 25.05 -50.18 -8.78
CA GLU E 214 24.93 -51.63 -8.68
C GLU E 214 23.54 -52.11 -9.06
N LYS E 215 22.50 -51.41 -8.59
CA LYS E 215 21.14 -51.85 -8.85
C LYS E 215 20.72 -51.62 -10.29
N LEU E 216 21.23 -50.56 -10.91
CA LEU E 216 20.47 -49.93 -11.96
C LEU E 216 21.37 -49.50 -13.12
N CYS E 217 22.30 -50.36 -13.51
CA CYS E 217 23.18 -50.04 -14.63
C CYS E 217 23.47 -51.29 -15.45
N TYR E 218 23.58 -51.11 -16.76
CA TYR E 218 23.97 -52.14 -17.71
C TYR E 218 24.93 -51.51 -18.71
N VAL E 219 25.43 -52.30 -19.65
CA VAL E 219 26.64 -51.91 -20.35
C VAL E 219 26.42 -51.46 -21.79
N ALA E 220 25.24 -51.69 -22.38
CA ALA E 220 24.88 -51.23 -23.73
C ALA E 220 25.77 -51.77 -24.84
N LEU E 221 25.54 -53.02 -25.26
CA LEU E 221 26.18 -53.73 -26.37
C LEU E 221 26.56 -52.88 -27.58
N ASP E 222 25.67 -52.03 -28.07
CA ASP E 222 26.01 -51.02 -29.06
C ASP E 222 25.68 -49.67 -28.47
N PHE E 223 26.71 -48.89 -28.14
CA PHE E 223 26.51 -47.70 -27.33
C PHE E 223 25.82 -46.58 -28.09
N GLU E 224 26.05 -46.50 -29.41
CA GLU E 224 25.46 -45.41 -30.17
C GLU E 224 23.97 -45.61 -30.38
N ASN E 225 23.57 -46.84 -30.74
CA ASN E 225 22.15 -47.11 -30.93
C ASN E 225 21.40 -47.22 -29.61
N GLU E 226 22.09 -47.57 -28.53
CA GLU E 226 21.45 -47.49 -27.23
C GLU E 226 21.28 -46.05 -26.80
N MET E 227 22.24 -45.22 -27.16
CA MET E 227 22.21 -43.81 -26.83
C MET E 227 21.06 -43.12 -27.54
N ALA E 228 20.90 -43.40 -28.84
CA ALA E 228 19.77 -42.88 -29.58
C ALA E 228 18.46 -43.55 -29.19
N THR E 229 18.53 -44.78 -28.67
CA THR E 229 17.33 -45.43 -28.14
C THR E 229 16.82 -44.70 -26.90
N ALA E 230 17.72 -44.31 -26.01
CA ALA E 230 17.31 -43.50 -24.87
C ALA E 230 16.91 -42.09 -25.29
N ALA E 231 17.49 -41.58 -26.37
CA ALA E 231 17.09 -40.27 -26.86
C ALA E 231 15.73 -40.29 -27.54
N SER E 232 15.29 -41.46 -28.03
CA SER E 232 14.03 -41.53 -28.75
C SER E 232 12.85 -41.55 -27.79
N SER E 233 12.82 -42.52 -26.88
CA SER E 233 11.71 -42.71 -25.97
C SER E 233 12.22 -42.86 -24.55
N SER E 234 11.27 -42.94 -23.61
CA SER E 234 11.57 -43.07 -22.19
C SER E 234 11.44 -44.52 -21.71
N SER E 235 11.65 -45.48 -22.60
CA SER E 235 11.52 -46.88 -22.25
C SER E 235 12.73 -47.41 -21.49
N LEU E 236 13.80 -46.63 -21.39
CA LEU E 236 15.00 -47.01 -20.67
C LEU E 236 15.12 -46.28 -19.34
N GLU E 237 14.23 -45.34 -19.07
CA GLU E 237 14.20 -44.64 -17.80
C GLU E 237 13.84 -45.61 -16.70
N LYS E 238 14.42 -45.42 -15.51
CA LYS E 238 14.06 -46.28 -14.41
C LYS E 238 14.22 -45.48 -13.13
N SER E 239 13.29 -45.68 -12.20
CA SER E 239 13.25 -44.90 -10.97
C SER E 239 13.97 -45.64 -9.84
N TYR E 240 14.56 -44.87 -8.95
CA TYR E 240 15.23 -45.39 -7.77
C TYR E 240 14.79 -44.54 -6.59
N GLU E 241 14.23 -45.15 -5.57
CA GLU E 241 13.89 -44.43 -4.36
C GLU E 241 15.13 -44.24 -3.52
N LEU E 242 15.52 -42.99 -3.30
CA LEU E 242 16.64 -42.67 -2.45
C LEU E 242 16.30 -43.01 -1.01
N PRO E 243 17.30 -43.17 -0.14
CA PRO E 243 16.99 -43.29 1.28
C PRO E 243 16.32 -42.02 1.77
N ASP E 244 15.24 -42.22 2.52
CA ASP E 244 14.43 -41.18 3.13
C ASP E 244 13.85 -40.24 2.08
N GLY E 245 12.95 -40.82 1.28
CA GLY E 245 12.06 -40.01 0.47
C GLY E 245 12.22 -40.04 -1.04
N GLN E 246 12.84 -38.98 -1.56
CA GLN E 246 12.72 -38.54 -2.94
C GLN E 246 13.14 -39.61 -3.94
N VAL E 247 12.35 -39.81 -4.98
CA VAL E 247 12.68 -40.79 -6.01
C VAL E 247 13.35 -40.08 -7.16
N ILE E 248 14.25 -40.78 -7.84
CA ILE E 248 14.95 -40.27 -8.99
C ILE E 248 14.61 -41.15 -10.18
N THR E 249 14.91 -40.64 -11.37
CA THR E 249 14.58 -41.35 -12.61
C THR E 249 15.72 -41.16 -13.58
N ILE E 250 16.50 -42.22 -13.83
CA ILE E 250 17.69 -42.09 -14.64
C ILE E 250 17.47 -42.73 -16.01
N GLY E 251 18.09 -42.15 -17.02
CA GLY E 251 17.91 -42.53 -18.40
C GLY E 251 19.14 -43.09 -19.06
N ASN E 252 19.83 -42.27 -19.85
CA ASN E 252 21.06 -42.69 -20.50
C ASN E 252 22.23 -42.84 -19.53
N GLU E 253 22.11 -42.35 -18.30
CA GLU E 253 23.15 -42.54 -17.30
C GLU E 253 23.24 -43.97 -16.85
N ARG E 254 22.19 -44.74 -17.09
CA ARG E 254 22.15 -46.15 -16.77
C ARG E 254 23.19 -46.95 -17.55
N PHE E 255 23.53 -46.52 -18.77
CA PHE E 255 24.53 -47.21 -19.55
C PHE E 255 25.72 -46.34 -19.93
N ARG E 256 25.69 -45.05 -19.64
CA ARG E 256 26.90 -44.26 -19.82
C ARG E 256 27.89 -44.47 -18.70
N CYS E 257 27.48 -45.06 -17.58
CA CYS E 257 28.44 -45.28 -16.49
C CYS E 257 29.45 -46.38 -16.80
N PRO E 258 29.08 -47.60 -17.23
CA PRO E 258 30.14 -48.56 -17.58
C PRO E 258 30.64 -48.47 -19.00
N GLU E 259 30.11 -47.56 -19.82
CA GLU E 259 30.76 -47.31 -21.09
C GLU E 259 32.09 -46.61 -20.89
N THR E 260 32.24 -45.91 -19.77
CA THR E 260 33.54 -45.39 -19.35
C THR E 260 34.56 -46.51 -19.20
N LEU E 261 34.11 -47.68 -18.75
CA LEU E 261 34.99 -48.82 -18.66
C LEU E 261 35.42 -49.28 -20.05
N PHE E 262 34.51 -49.22 -21.02
CA PHE E 262 34.90 -49.53 -22.39
C PHE E 262 35.43 -48.35 -23.16
N GLN E 263 35.41 -47.17 -22.59
CA GLN E 263 35.83 -45.99 -23.31
C GLN E 263 36.27 -44.95 -22.30
N PRO E 264 37.53 -45.02 -21.82
CA PRO E 264 37.95 -44.25 -20.66
C PRO E 264 38.10 -42.75 -20.89
N SER E 265 37.79 -42.26 -22.09
CA SER E 265 37.83 -40.83 -22.36
C SER E 265 36.73 -40.07 -21.64
N PHE E 266 35.70 -40.77 -21.17
CA PHE E 266 34.58 -40.11 -20.50
C PHE E 266 35.02 -39.54 -19.17
N ILE E 267 35.94 -40.21 -18.50
CA ILE E 267 36.44 -39.75 -17.21
C ILE E 267 37.76 -39.05 -17.45
N GLY E 268 38.08 -38.78 -18.71
CA GLY E 268 39.25 -38.02 -19.06
C GLY E 268 40.55 -38.77 -18.86
N MET E 269 40.54 -40.08 -19.08
CA MET E 269 41.66 -40.95 -18.77
C MET E 269 42.17 -41.51 -20.09
N GLU E 270 43.42 -41.19 -20.44
CA GLU E 270 44.00 -41.65 -21.70
C GLU E 270 44.33 -43.12 -21.57
N SER E 271 43.50 -43.96 -22.17
CA SER E 271 43.74 -45.41 -22.17
C SER E 271 43.05 -46.00 -23.38
N ALA E 272 43.17 -47.32 -23.51
CA ALA E 272 42.66 -48.02 -24.67
C ALA E 272 41.32 -48.67 -24.43
N GLY E 273 40.88 -48.74 -23.18
CA GLY E 273 39.66 -49.44 -22.85
C GLY E 273 39.93 -50.86 -22.40
N ILE E 274 38.88 -51.46 -21.86
CA ILE E 274 38.99 -52.82 -21.33
C ILE E 274 39.19 -53.82 -22.46
N HIS E 275 38.40 -53.69 -23.52
CA HIS E 275 38.44 -54.61 -24.65
C HIS E 275 39.75 -54.54 -25.43
N GLU E 276 40.41 -53.39 -25.45
CA GLU E 276 41.69 -53.30 -26.13
C GLU E 276 42.87 -53.65 -25.25
N THR E 277 42.75 -53.54 -23.93
CA THR E 277 43.83 -54.02 -23.08
C THR E 277 43.84 -55.53 -22.99
N THR E 278 42.67 -56.17 -23.14
CA THR E 278 42.67 -57.62 -23.27
C THR E 278 43.36 -58.07 -24.55
N TYR E 279 42.99 -57.46 -25.67
CA TYR E 279 43.57 -57.82 -26.95
C TYR E 279 45.05 -57.49 -27.00
N ASN E 280 45.45 -56.39 -26.37
CA ASN E 280 46.87 -56.05 -26.33
C ASN E 280 47.64 -56.97 -25.40
N SER E 281 47.01 -57.45 -24.33
CA SER E 281 47.67 -58.46 -23.50
C SER E 281 47.80 -59.79 -24.24
N ILE E 282 46.86 -60.11 -25.11
CA ILE E 282 46.95 -61.34 -25.89
C ILE E 282 48.01 -61.20 -26.97
N MET E 283 48.07 -60.06 -27.64
CA MET E 283 49.07 -59.85 -28.68
C MET E 283 50.48 -59.70 -28.11
N LYS E 284 50.62 -59.35 -26.84
CA LYS E 284 51.96 -59.39 -26.25
C LYS E 284 52.42 -60.81 -25.93
N CYS E 285 51.50 -61.78 -25.91
CA CYS E 285 51.90 -63.16 -25.73
C CYS E 285 52.44 -63.71 -27.05
N ASP E 286 52.98 -64.92 -27.00
CA ASP E 286 53.54 -65.52 -28.20
C ASP E 286 52.43 -66.01 -29.12
N ILE E 287 52.84 -66.43 -30.32
CA ILE E 287 51.89 -66.71 -31.40
C ILE E 287 51.10 -67.97 -31.09
N ASP E 288 51.72 -68.92 -30.40
CA ASP E 288 51.14 -70.24 -30.12
C ASP E 288 50.37 -70.28 -28.80
N ILE E 289 49.95 -69.13 -28.30
CA ILE E 289 49.28 -69.04 -27.01
C ILE E 289 47.88 -68.49 -27.25
N ARG E 290 47.74 -67.77 -28.36
CA ARG E 290 46.68 -66.77 -28.47
C ARG E 290 45.30 -67.37 -28.63
N LYS E 291 45.14 -68.45 -29.39
CA LYS E 291 43.81 -69.05 -29.49
C LYS E 291 43.40 -69.74 -28.21
N ASP E 292 44.36 -70.17 -27.39
CA ASP E 292 44.03 -70.69 -26.09
C ASP E 292 43.76 -69.58 -25.09
N LEU E 293 44.10 -68.35 -25.42
CA LEU E 293 43.66 -67.21 -24.65
C LEU E 293 42.34 -66.66 -25.14
N TYR E 294 42.06 -66.79 -26.44
CA TYR E 294 40.80 -66.36 -27.00
C TYR E 294 39.65 -67.22 -26.50
N ALA E 295 39.86 -68.53 -26.40
CA ALA E 295 38.82 -69.43 -25.98
C ALA E 295 38.70 -69.52 -24.46
N ASN E 296 39.57 -68.86 -23.73
CA ASN E 296 39.60 -68.96 -22.28
C ASN E 296 39.73 -67.58 -21.66
N ASN E 297 38.92 -66.65 -22.12
CA ASN E 297 39.05 -65.27 -21.68
C ASN E 297 38.17 -65.03 -20.47
N VAL E 298 38.72 -65.30 -19.30
CA VAL E 298 38.01 -65.26 -18.02
C VAL E 298 37.81 -63.81 -17.61
N MET E 299 36.62 -63.48 -17.10
CA MET E 299 36.18 -62.09 -16.91
C MET E 299 35.61 -61.94 -15.50
N SER E 300 36.44 -62.23 -14.50
CA SER E 300 35.94 -62.73 -13.24
C SER E 300 36.37 -61.95 -11.99
N GLY E 301 36.04 -60.67 -11.91
CA GLY E 301 36.03 -60.02 -10.60
C GLY E 301 34.75 -59.26 -10.35
N GLY E 302 34.81 -58.21 -9.51
CA GLY E 302 33.70 -57.27 -9.38
C GLY E 302 33.59 -56.39 -10.61
N THR E 303 32.65 -55.44 -10.57
CA THR E 303 32.32 -54.50 -11.68
C THR E 303 32.16 -55.18 -13.04
N THR E 304 31.80 -56.46 -13.03
CA THR E 304 31.54 -57.21 -14.24
C THR E 304 30.14 -57.79 -14.19
N MET E 305 29.40 -57.48 -13.13
CA MET E 305 28.00 -57.84 -13.04
C MET E 305 27.09 -56.85 -13.71
N TYR E 306 27.64 -55.95 -14.51
CA TYR E 306 26.83 -55.20 -15.43
C TYR E 306 26.21 -56.18 -16.43
N PRO E 307 24.90 -56.12 -16.65
CA PRO E 307 24.28 -57.03 -17.63
C PRO E 307 24.77 -56.74 -19.04
N GLY E 308 25.28 -57.78 -19.68
CA GLY E 308 25.69 -57.68 -21.06
C GLY E 308 27.15 -57.35 -21.29
N ILE E 309 27.97 -57.28 -20.23
CA ILE E 309 29.36 -56.91 -20.43
C ILE E 309 30.16 -58.06 -21.03
N ALA E 310 29.67 -59.30 -20.89
CA ALA E 310 30.28 -60.38 -21.64
C ALA E 310 29.85 -60.35 -23.10
N ASP E 311 28.66 -59.82 -23.38
CA ASP E 311 28.21 -59.69 -24.76
C ASP E 311 28.93 -58.56 -25.46
N ARG E 312 29.08 -57.42 -24.78
CA ARG E 312 29.90 -56.33 -25.29
C ARG E 312 31.35 -56.75 -25.41
N MET E 313 31.79 -57.60 -24.48
CA MET E 313 33.18 -58.00 -24.40
C MET E 313 33.56 -58.91 -25.55
N GLN E 314 32.76 -59.96 -25.76
CA GLN E 314 32.95 -60.84 -26.92
C GLN E 314 32.72 -60.10 -28.22
N LYS E 315 31.72 -59.23 -28.25
CA LYS E 315 31.37 -58.49 -29.45
C LYS E 315 32.47 -57.53 -29.88
N GLU E 316 33.27 -57.07 -28.93
CA GLU E 316 34.34 -56.15 -29.28
C GLU E 316 35.69 -56.83 -29.45
N ILE E 317 35.96 -57.89 -28.70
CA ILE E 317 37.21 -58.63 -28.89
C ILE E 317 37.18 -59.39 -30.21
N THR E 318 36.02 -59.89 -30.61
CA THR E 318 35.85 -60.52 -31.91
C THR E 318 36.18 -59.55 -33.05
N ALA E 319 35.83 -58.27 -32.88
CA ALA E 319 36.15 -57.27 -33.87
C ALA E 319 37.64 -56.97 -33.91
N LEU E 320 38.36 -57.20 -32.81
CA LEU E 320 39.80 -56.99 -32.81
C LEU E 320 40.59 -58.23 -33.23
N ALA E 321 40.24 -59.39 -32.69
CA ALA E 321 40.91 -60.64 -33.00
C ALA E 321 40.61 -61.05 -34.44
N PRO E 322 41.48 -61.84 -35.08
CA PRO E 322 41.21 -62.29 -36.44
C PRO E 322 40.01 -63.23 -36.48
N SER E 323 39.46 -63.37 -37.68
CA SER E 323 38.38 -64.33 -37.88
C SER E 323 38.94 -65.75 -37.80
N THR E 324 38.02 -66.71 -37.73
CA THR E 324 38.28 -68.13 -37.43
C THR E 324 39.00 -68.33 -36.10
N MET E 325 38.87 -67.39 -35.18
CA MET E 325 39.24 -67.55 -33.79
C MET E 325 37.98 -67.64 -32.95
N LYS E 326 38.03 -68.49 -31.93
CA LYS E 326 36.87 -68.73 -31.08
C LYS E 326 37.03 -67.88 -29.83
N ILE E 327 36.27 -66.80 -29.74
CA ILE E 327 36.31 -65.89 -28.61
C ILE E 327 35.28 -66.35 -27.59
N LYS E 328 35.75 -66.87 -26.46
CA LYS E 328 34.87 -67.28 -25.38
C LYS E 328 35.16 -66.42 -24.16
N ILE E 329 34.21 -65.57 -23.78
CA ILE E 329 34.32 -64.75 -22.58
C ILE E 329 33.70 -65.55 -21.44
N ILE E 330 34.53 -66.01 -20.51
CA ILE E 330 34.03 -66.77 -19.38
C ILE E 330 33.63 -65.77 -18.29
N ALA E 331 32.34 -65.76 -17.94
CA ALA E 331 31.80 -64.84 -16.95
C ALA E 331 31.03 -65.64 -15.91
N PRO E 332 31.72 -66.29 -14.98
CA PRO E 332 31.08 -67.26 -14.11
C PRO E 332 30.32 -66.57 -13.00
N PRO E 333 29.00 -66.76 -12.89
CA PRO E 333 28.16 -65.86 -12.06
C PRO E 333 28.52 -65.78 -10.59
N GLU E 334 29.35 -66.70 -10.11
CA GLU E 334 30.03 -66.61 -8.82
C GLU E 334 31.18 -65.61 -8.80
N ARG E 335 31.43 -64.85 -9.88
CA ARG E 335 32.42 -63.79 -9.77
C ARG E 335 31.85 -62.67 -8.91
N LYS E 336 32.74 -61.72 -8.55
CA LYS E 336 32.79 -60.79 -7.42
C LYS E 336 33.32 -61.54 -6.20
N TYR E 337 33.43 -62.86 -6.27
CA TYR E 337 33.87 -63.70 -5.18
C TYR E 337 34.97 -64.65 -5.61
N SER E 338 35.23 -64.76 -6.90
CA SER E 338 36.12 -65.80 -7.42
C SER E 338 37.58 -65.52 -7.17
N VAL E 339 37.96 -64.28 -6.91
CA VAL E 339 39.30 -64.03 -6.39
C VAL E 339 39.45 -64.64 -5.00
N TRP E 340 38.40 -64.53 -4.18
CA TRP E 340 38.44 -65.19 -2.89
C TRP E 340 38.36 -66.71 -3.06
N ILE E 341 37.52 -67.18 -3.99
CA ILE E 341 37.33 -68.63 -4.16
C ILE E 341 38.60 -69.29 -4.66
N GLY E 342 39.30 -68.65 -5.60
CA GLY E 342 40.59 -69.16 -6.00
C GLY E 342 41.64 -69.00 -4.93
N GLY E 343 41.50 -68.00 -4.07
CA GLY E 343 42.33 -67.96 -2.88
C GLY E 343 42.08 -69.15 -1.98
N SER E 344 40.83 -69.57 -1.87
CA SER E 344 40.49 -70.74 -1.07
C SER E 344 41.03 -72.01 -1.69
N ILE E 345 41.02 -72.11 -3.01
CA ILE E 345 41.61 -73.26 -3.68
C ILE E 345 43.11 -73.31 -3.44
N LEU E 346 43.80 -72.21 -3.72
CA LEU E 346 45.26 -72.16 -3.61
C LEU E 346 45.75 -72.39 -2.19
N ALA E 347 45.08 -71.80 -1.20
CA ALA E 347 45.47 -72.04 0.18
C ALA E 347 45.12 -73.44 0.66
N SER E 348 44.18 -74.12 0.00
CA SER E 348 43.86 -75.49 0.37
C SER E 348 44.63 -76.52 -0.43
N LEU E 349 45.49 -76.11 -1.35
CA LEU E 349 46.36 -77.05 -2.03
C LEU E 349 47.46 -77.58 -1.11
N SER E 350 47.81 -78.84 -1.32
CA SER E 350 48.83 -79.50 -0.52
C SER E 350 50.24 -79.24 -1.01
N THR E 351 50.41 -78.92 -2.30
CA THR E 351 51.69 -78.48 -2.83
C THR E 351 52.05 -77.09 -2.33
N PHE E 352 51.05 -76.31 -1.94
CA PHE E 352 51.25 -74.91 -1.59
C PHE E 352 51.82 -74.71 -0.19
N GLN E 353 51.74 -75.72 0.69
CA GLN E 353 52.11 -75.48 2.08
C GLN E 353 53.60 -75.35 2.36
N GLN E 354 54.47 -75.41 1.35
CA GLN E 354 55.84 -74.94 1.52
C GLN E 354 56.09 -73.64 0.80
N MET E 355 55.03 -73.00 0.28
CA MET E 355 55.15 -71.71 -0.36
C MET E 355 54.69 -70.57 0.52
N TRP E 356 54.19 -70.86 1.72
CA TRP E 356 53.88 -69.82 2.68
C TRP E 356 55.17 -69.13 3.13
N ILE E 357 55.14 -67.80 3.15
CA ILE E 357 56.20 -67.05 3.81
C ILE E 357 55.96 -67.22 5.30
N THR E 358 56.81 -67.98 5.97
CA THR E 358 56.59 -68.28 7.37
C THR E 358 57.38 -67.35 8.26
N LYS E 359 56.95 -67.24 9.50
CA LYS E 359 57.77 -66.60 10.51
C LYS E 359 58.90 -67.56 10.86
N GLN E 360 60.02 -66.99 11.34
CA GLN E 360 61.39 -67.49 11.49
C GLN E 360 62.07 -67.49 10.12
N GLU E 361 61.34 -67.22 9.04
CA GLU E 361 61.90 -66.87 7.76
C GLU E 361 61.64 -65.42 7.43
N TYR E 362 60.54 -64.87 7.92
CA TYR E 362 60.37 -63.42 7.99
C TYR E 362 61.40 -62.80 8.92
N ASP E 363 61.59 -63.39 10.10
CA ASP E 363 62.55 -62.87 11.06
C ASP E 363 63.98 -63.04 10.59
N GLU E 364 64.22 -64.00 9.71
CA GLU E 364 65.56 -64.25 9.21
C GLU E 364 65.93 -63.30 8.08
N ALA E 365 64.98 -63.00 7.20
CA ALA E 365 65.26 -62.27 5.98
C ALA E 365 64.56 -60.92 5.91
N GLY E 366 63.99 -60.44 7.00
CA GLY E 366 63.32 -59.17 7.01
C GLY E 366 62.01 -59.19 6.25
N PRO E 367 61.44 -58.01 5.98
CA PRO E 367 60.21 -57.97 5.19
C PRO E 367 60.40 -58.06 3.68
N SER E 368 61.63 -58.13 3.19
CA SER E 368 61.85 -58.25 1.75
C SER E 368 61.79 -59.69 1.26
N ILE E 369 61.49 -60.64 2.15
CA ILE E 369 61.34 -62.06 1.81
C ILE E 369 60.23 -62.27 0.79
N VAL E 370 59.27 -61.35 0.75
CA VAL E 370 58.12 -61.41 -0.15
C VAL E 370 58.57 -61.30 -1.60
N HIS E 371 59.73 -60.73 -1.84
CA HIS E 371 60.15 -60.61 -3.22
C HIS E 371 61.04 -61.77 -3.65
N ARG E 372 61.13 -62.84 -2.85
CA ARG E 372 61.76 -64.07 -3.30
C ARG E 372 60.89 -65.29 -3.10
N LYS E 373 59.89 -65.22 -2.22
CA LYS E 373 59.02 -66.38 -2.00
C LYS E 373 57.65 -66.22 -2.62
N CYS E 374 57.13 -65.00 -2.66
CA CYS E 374 55.77 -64.80 -3.15
C CYS E 374 55.71 -64.85 -4.67
N PHE E 375 56.36 -63.91 -5.35
CA PHE E 375 56.54 -64.00 -6.79
C PHE E 375 57.88 -63.43 -7.21
N VAL F 1 -21.13 37.44 -64.76
CA VAL F 1 -21.31 36.00 -64.72
C VAL F 1 -20.89 35.43 -63.37
N LYS F 2 -20.75 34.11 -63.31
CA LYS F 2 -20.47 33.42 -62.06
C LYS F 2 -19.78 32.10 -62.34
N SER F 3 -19.01 31.63 -61.35
CA SER F 3 -18.45 30.30 -61.40
C SER F 3 -19.52 29.27 -61.08
N SER F 4 -19.67 28.27 -61.94
CA SER F 4 -20.77 27.32 -61.82
C SER F 4 -20.26 25.90 -62.00
N LEU F 5 -20.81 25.00 -61.20
CA LEU F 5 -20.55 23.58 -61.29
C LEU F 5 -21.42 22.90 -62.32
N LEU F 6 -22.44 23.61 -62.81
CA LEU F 6 -23.41 23.19 -63.81
C LEU F 6 -22.81 23.18 -65.21
N ASP F 7 -22.34 24.34 -65.66
CA ASP F 7 -21.57 24.48 -66.88
C ASP F 7 -20.13 24.83 -66.51
N ASN F 8 -19.18 24.18 -67.21
CA ASN F 8 -17.73 24.39 -67.03
C ASN F 8 -17.27 24.10 -65.60
N MET F 9 -17.37 22.82 -65.23
CA MET F 9 -16.91 22.31 -63.95
C MET F 9 -15.42 22.57 -63.73
N ILE F 10 -15.08 22.95 -62.50
CA ILE F 10 -13.69 23.17 -62.09
C ILE F 10 -13.37 22.21 -60.95
N GLY F 11 -12.54 21.20 -61.24
CA GLY F 11 -12.24 20.16 -60.26
C GLY F 11 -13.49 19.37 -59.94
N VAL F 12 -13.72 19.14 -58.65
CA VAL F 12 -15.06 18.88 -58.12
C VAL F 12 -15.28 19.85 -56.97
N GLY F 13 -16.50 20.36 -56.87
CA GLY F 13 -16.81 21.29 -55.80
C GLY F 13 -17.12 20.53 -54.54
N ASP F 14 -17.87 19.45 -54.68
CA ASP F 14 -18.19 18.55 -53.59
C ASP F 14 -17.29 17.34 -53.73
N THR F 15 -16.61 16.97 -52.65
CA THR F 15 -15.66 15.88 -52.73
C THR F 15 -16.28 14.54 -52.41
N VAL F 16 -17.58 14.49 -52.09
CA VAL F 16 -18.18 13.24 -51.63
C VAL F 16 -18.33 12.27 -52.79
N LEU F 17 -18.49 12.80 -54.00
CA LEU F 17 -18.64 11.98 -55.20
C LEU F 17 -17.33 11.85 -55.97
N LEU F 18 -16.23 12.38 -55.43
CA LEU F 18 -14.94 12.27 -56.09
C LEU F 18 -14.41 10.85 -55.99
N GLU F 19 -14.40 10.14 -57.12
CA GLU F 19 -13.78 8.83 -57.17
C GLU F 19 -12.73 8.84 -58.29
N PRO F 20 -11.60 8.13 -58.11
CA PRO F 20 -11.09 7.30 -57.00
C PRO F 20 -10.78 8.11 -55.74
N LEU F 21 -10.96 7.49 -54.58
CA LEU F 21 -10.86 8.21 -53.30
C LEU F 21 -9.72 7.62 -52.49
N ASN F 22 -8.70 8.44 -52.25
CA ASN F 22 -7.73 8.15 -51.21
C ASN F 22 -7.24 9.47 -50.65
N GLU F 23 -6.11 9.42 -49.95
CA GLU F 23 -5.49 10.65 -49.48
C GLU F 23 -4.87 11.42 -50.64
N GLU F 24 -4.39 10.70 -51.65
CA GLU F 24 -3.63 11.35 -52.72
C GLU F 24 -4.56 12.04 -53.71
N THR F 25 -5.72 11.45 -53.98
CA THR F 25 -6.67 12.04 -54.91
C THR F 25 -7.49 13.15 -54.27
N PHE F 26 -7.30 13.37 -52.98
CA PHE F 26 -7.90 14.46 -52.22
C PHE F 26 -6.94 15.61 -52.01
N ILE F 27 -5.67 15.32 -51.70
CA ILE F 27 -4.65 16.36 -51.69
C ILE F 27 -4.41 16.89 -53.11
N ASP F 28 -4.59 16.05 -54.14
CA ASP F 28 -4.47 16.55 -55.50
C ASP F 28 -5.65 17.46 -55.83
N ASN F 29 -6.81 17.18 -55.24
CA ASN F 29 -7.97 18.03 -55.46
C ASN F 29 -7.80 19.38 -54.78
N LEU F 30 -7.28 19.39 -53.55
CA LEU F 30 -7.07 20.65 -52.84
C LEU F 30 -5.95 21.46 -53.46
N LYS F 31 -4.92 20.79 -53.99
CA LYS F 31 -3.89 21.49 -54.75
C LYS F 31 -4.44 22.05 -56.05
N LYS F 32 -5.38 21.32 -56.68
CA LYS F 32 -5.92 21.75 -57.96
C LYS F 32 -6.86 22.95 -57.80
N ARG F 33 -7.72 22.92 -56.78
CA ARG F 33 -8.60 24.06 -56.56
C ARG F 33 -7.91 25.20 -55.84
N PHE F 34 -6.80 24.93 -55.15
CA PHE F 34 -5.93 26.00 -54.68
C PHE F 34 -5.17 26.64 -55.82
N ASP F 35 -4.93 25.89 -56.91
CA ASP F 35 -4.32 26.49 -58.10
C ASP F 35 -5.23 27.52 -58.73
N HIS F 36 -6.53 27.21 -58.85
CA HIS F 36 -7.48 28.12 -59.46
C HIS F 36 -8.07 29.10 -58.46
N ASN F 37 -7.48 29.18 -57.26
CA ASN F 37 -7.85 30.09 -56.17
C ASN F 37 -9.32 30.00 -55.78
N GLU F 38 -9.87 28.79 -55.82
CA GLU F 38 -11.21 28.50 -55.31
C GLU F 38 -11.01 27.74 -54.00
N ILE F 39 -10.96 28.48 -52.89
CA ILE F 39 -10.48 27.91 -51.64
C ILE F 39 -11.55 27.08 -50.93
N TYR F 40 -12.82 27.42 -51.10
CA TYR F 40 -13.87 26.69 -50.39
C TYR F 40 -14.23 25.45 -51.19
N THR F 41 -14.42 24.34 -50.48
CA THR F 41 -14.60 23.04 -51.13
C THR F 41 -15.54 22.21 -50.26
N TYR F 42 -16.72 21.88 -50.78
CA TYR F 42 -17.73 21.26 -49.93
C TYR F 42 -17.45 19.79 -49.71
N ILE F 43 -17.96 19.27 -48.58
CA ILE F 43 -18.11 17.85 -48.39
C ILE F 43 -19.60 17.65 -48.12
N GLY F 44 -20.42 18.43 -48.81
CA GLY F 44 -21.84 18.43 -48.60
C GLY F 44 -22.25 19.66 -47.82
N SER F 45 -22.64 19.47 -46.57
CA SER F 45 -22.93 20.57 -45.67
C SER F 45 -21.71 20.99 -44.86
N VAL F 46 -20.52 20.48 -45.21
CA VAL F 46 -19.28 20.77 -44.52
C VAL F 46 -18.36 21.49 -45.50
N VAL F 47 -17.82 22.63 -45.09
CA VAL F 47 -17.09 23.51 -45.98
C VAL F 47 -15.61 23.49 -45.62
N ILE F 48 -14.77 23.13 -46.58
CA ILE F 48 -13.32 23.22 -46.45
C ILE F 48 -12.91 24.64 -46.82
N SER F 49 -12.14 25.28 -45.96
CA SER F 49 -11.65 26.65 -46.19
C SER F 49 -10.13 26.64 -46.14
N VAL F 50 -9.49 26.66 -47.30
CA VAL F 50 -8.04 26.78 -47.36
C VAL F 50 -7.67 28.25 -47.23
N ASN F 51 -6.65 28.54 -46.42
CA ASN F 51 -6.23 29.92 -46.21
C ASN F 51 -5.50 30.44 -47.44
N PRO F 52 -5.98 31.50 -48.10
CA PRO F 52 -5.24 32.02 -49.25
C PRO F 52 -4.08 32.91 -48.85
N TYR F 53 -4.06 33.39 -47.60
CA TYR F 53 -3.05 34.34 -47.08
C TYR F 53 -2.98 35.63 -47.88
N ARG F 54 -4.09 36.00 -48.53
CA ARG F 54 -4.18 37.21 -49.33
C ARG F 54 -5.64 37.53 -49.56
N SER F 55 -5.89 38.73 -50.05
CA SER F 55 -7.25 39.23 -50.20
C SER F 55 -7.85 38.66 -51.49
N LEU F 56 -8.55 37.55 -51.37
CA LEU F 56 -9.40 37.11 -52.48
C LEU F 56 -10.62 38.01 -52.55
N PRO F 57 -10.95 38.57 -53.71
CA PRO F 57 -11.95 39.63 -53.75
C PRO F 57 -13.38 39.17 -53.60
N ILE F 58 -13.66 37.87 -53.49
CA ILE F 58 -15.05 37.40 -53.49
C ILE F 58 -15.52 37.41 -52.03
N TYR F 59 -15.71 38.62 -51.50
CA TYR F 59 -16.39 38.84 -50.23
C TYR F 59 -17.20 40.14 -50.29
N SER F 60 -17.49 40.62 -51.49
CA SER F 60 -18.15 41.89 -51.68
C SER F 60 -19.62 41.79 -51.29
N PRO F 61 -20.29 42.92 -51.03
CA PRO F 61 -21.75 42.88 -50.80
C PRO F 61 -22.54 42.41 -52.00
N GLU F 62 -22.00 42.55 -53.21
CA GLU F 62 -22.63 41.93 -54.37
C GLU F 62 -22.52 40.42 -54.32
N LYS F 63 -21.47 39.89 -53.68
CA LYS F 63 -21.39 38.45 -53.43
C LYS F 63 -22.34 38.06 -52.32
N VAL F 64 -22.58 38.97 -51.38
CA VAL F 64 -23.49 38.71 -50.27
C VAL F 64 -24.92 38.59 -50.76
N GLU F 65 -25.41 39.64 -51.45
CA GLU F 65 -26.75 39.59 -52.02
C GLU F 65 -26.85 38.59 -53.16
N ASP F 66 -25.72 38.31 -53.84
CA ASP F 66 -25.71 37.34 -54.92
C ASP F 66 -25.96 35.93 -54.43
N TYR F 67 -25.46 35.59 -53.24
CA TYR F 67 -25.65 34.26 -52.69
C TYR F 67 -26.86 34.16 -51.79
N ARG F 68 -27.66 35.23 -51.71
CA ARG F 68 -28.81 35.24 -50.83
C ARG F 68 -29.94 34.38 -51.42
N ASN F 69 -30.41 33.44 -50.62
CA ASN F 69 -31.35 32.38 -51.03
C ASN F 69 -30.82 31.64 -52.25
N ARG F 70 -29.68 30.97 -52.09
CA ARG F 70 -29.08 30.11 -53.09
C ARG F 70 -28.70 28.80 -52.42
N ASN F 71 -29.08 27.67 -53.02
CA ASN F 71 -28.82 26.40 -52.35
C ASN F 71 -27.36 25.96 -52.56
N PHE F 72 -27.07 24.72 -52.16
CA PHE F 72 -25.72 24.19 -52.23
C PHE F 72 -25.29 23.87 -53.65
N TYR F 73 -26.23 23.68 -54.58
CA TYR F 73 -25.94 23.05 -55.86
C TYR F 73 -26.23 23.97 -57.03
N GLU F 74 -26.28 25.28 -56.80
CA GLU F 74 -26.47 26.26 -57.87
C GLU F 74 -25.22 27.07 -58.14
N LEU F 75 -24.41 27.31 -57.12
CA LEU F 75 -23.29 28.21 -57.23
C LEU F 75 -21.98 27.45 -57.11
N SER F 76 -20.88 28.18 -57.09
CA SER F 76 -19.58 27.66 -56.71
C SER F 76 -19.59 27.43 -55.19
N PRO F 77 -18.70 26.57 -54.68
CA PRO F 77 -18.64 26.38 -53.22
C PRO F 77 -18.11 27.62 -52.51
N HIS F 78 -18.91 28.13 -51.59
CA HIS F 78 -18.51 29.30 -50.83
C HIS F 78 -19.24 29.31 -49.50
N ILE F 79 -18.62 29.94 -48.50
CA ILE F 79 -19.09 29.92 -47.12
C ILE F 79 -20.41 30.65 -46.93
N PHE F 80 -20.77 31.53 -47.87
CA PHE F 80 -22.01 32.28 -47.75
C PHE F 80 -23.22 31.41 -48.06
N ALA F 81 -23.02 30.28 -48.73
CA ALA F 81 -24.13 29.39 -48.99
C ALA F 81 -24.42 28.51 -47.78
N LEU F 82 -23.38 28.12 -47.04
CA LEU F 82 -23.61 27.41 -45.79
C LEU F 82 -24.17 28.34 -44.73
N SER F 83 -23.60 29.55 -44.63
CA SER F 83 -24.13 30.55 -43.70
C SER F 83 -25.55 30.95 -44.08
N ASP F 84 -25.87 30.95 -45.37
CA ASP F 84 -27.20 31.30 -45.78
C ASP F 84 -28.17 30.14 -45.60
N GLU F 85 -27.69 28.90 -45.71
CA GLU F 85 -28.51 27.74 -45.39
C GLU F 85 -28.85 27.71 -43.92
N ALA F 86 -27.89 28.07 -43.06
CA ALA F 86 -28.19 28.12 -41.64
C ALA F 86 -29.03 29.34 -41.30
N TYR F 87 -28.97 30.40 -42.10
CA TYR F 87 -29.93 31.48 -41.91
C TYR F 87 -31.32 31.07 -42.39
N ARG F 88 -31.40 30.22 -43.40
CA ARG F 88 -32.71 29.73 -43.83
C ARG F 88 -33.32 28.81 -42.78
N SER F 89 -32.51 27.91 -42.21
CA SER F 89 -33.01 27.02 -41.18
C SER F 89 -33.22 27.75 -39.86
N LEU F 90 -32.60 28.91 -39.67
CA LEU F 90 -32.96 29.73 -38.52
C LEU F 90 -34.28 30.44 -38.75
N ARG F 91 -34.46 30.99 -39.96
CA ARG F 91 -35.58 31.89 -40.23
C ARG F 91 -36.85 31.14 -40.55
N ASP F 92 -36.76 30.13 -41.42
CA ASP F 92 -37.96 29.42 -41.84
C ASP F 92 -38.34 28.31 -40.88
N GLN F 93 -37.38 27.53 -40.41
CA GLN F 93 -37.67 26.43 -39.51
C GLN F 93 -37.84 26.86 -38.07
N ASP F 94 -37.47 28.11 -37.74
CA ASP F 94 -37.65 28.73 -36.42
C ASP F 94 -36.95 27.94 -35.33
N LYS F 95 -35.78 27.39 -35.66
CA LYS F 95 -35.00 26.62 -34.70
C LYS F 95 -33.56 27.08 -34.75
N ASP F 96 -32.86 26.86 -33.64
CA ASP F 96 -31.54 27.45 -33.42
C ASP F 96 -30.52 26.84 -34.37
N GLN F 97 -29.54 27.66 -34.75
CA GLN F 97 -28.51 27.21 -35.68
C GLN F 97 -27.16 27.63 -35.14
N CYS F 98 -26.16 26.77 -35.29
CA CYS F 98 -24.80 27.09 -34.88
C CYS F 98 -23.83 26.65 -35.96
N ILE F 99 -22.70 27.33 -36.04
CA ILE F 99 -21.68 27.03 -37.02
C ILE F 99 -20.38 26.77 -36.29
N LEU F 100 -19.85 25.56 -36.44
CA LEU F 100 -18.67 25.13 -35.69
C LEU F 100 -17.47 25.20 -36.62
N ILE F 101 -16.57 26.13 -36.33
CA ILE F 101 -15.45 26.44 -37.21
C ILE F 101 -14.21 25.86 -36.55
N THR F 102 -13.63 24.81 -37.15
CA THR F 102 -12.46 24.13 -36.62
C THR F 102 -11.29 24.25 -37.59
N GLY F 103 -10.16 23.66 -37.21
CA GLY F 103 -8.96 23.67 -38.03
C GLY F 103 -7.75 24.17 -37.26
N GLU F 104 -6.60 23.99 -37.88
CA GLU F 104 -5.33 24.30 -37.23
C GLU F 104 -5.16 25.80 -37.01
N SER F 105 -4.24 26.14 -36.13
CA SER F 105 -4.01 27.54 -35.82
C SER F 105 -3.24 28.21 -36.95
N GLY F 106 -3.75 29.37 -37.37
CA GLY F 106 -3.14 30.05 -38.48
C GLY F 106 -3.76 29.68 -39.80
N ALA F 107 -4.79 28.84 -39.79
CA ALA F 107 -5.53 28.49 -40.99
C ALA F 107 -6.62 29.51 -41.29
N GLY F 108 -6.97 30.35 -40.33
CA GLY F 108 -7.99 31.34 -40.60
C GLY F 108 -9.35 30.94 -40.13
N LYS F 109 -9.47 30.57 -38.86
CA LYS F 109 -10.78 30.30 -38.28
C LYS F 109 -11.45 31.56 -37.79
N THR F 110 -10.67 32.45 -37.16
CA THR F 110 -11.20 33.69 -36.63
C THR F 110 -11.65 34.61 -37.76
N GLU F 111 -10.85 34.69 -38.83
CA GLU F 111 -11.23 35.48 -40.00
C GLU F 111 -12.47 34.92 -40.67
N ALA F 112 -12.56 33.59 -40.78
CA ALA F 112 -13.77 32.97 -41.33
C ALA F 112 -14.96 33.15 -40.41
N SER F 113 -14.74 33.27 -39.10
CA SER F 113 -15.85 33.57 -38.20
C SER F 113 -16.34 35.00 -38.40
N LYS F 114 -15.42 35.93 -38.61
CA LYS F 114 -15.79 37.32 -38.89
C LYS F 114 -16.54 37.43 -40.21
N LEU F 115 -16.16 36.61 -41.19
CA LEU F 115 -16.84 36.68 -42.48
C LEU F 115 -18.20 36.00 -42.43
N VAL F 116 -18.31 34.92 -41.66
CA VAL F 116 -19.62 34.28 -41.45
C VAL F 116 -20.57 35.25 -40.75
N MET F 117 -20.12 35.86 -39.64
CA MET F 117 -21.01 36.71 -38.88
C MET F 117 -21.30 38.02 -39.60
N SER F 118 -20.36 38.48 -40.42
CA SER F 118 -20.62 39.63 -41.29
C SER F 118 -21.69 39.31 -42.32
N TYR F 119 -21.66 38.10 -42.86
CA TYR F 119 -22.71 37.69 -43.80
C TYR F 119 -24.05 37.55 -43.10
N VAL F 120 -24.05 37.04 -41.86
CA VAL F 120 -25.30 36.83 -41.13
C VAL F 120 -25.96 38.15 -40.80
N ALA F 121 -25.17 39.12 -40.34
CA ALA F 121 -25.76 40.43 -40.11
C ALA F 121 -26.05 41.18 -41.41
N ALA F 122 -25.49 40.73 -42.53
CA ALA F 122 -25.83 41.36 -43.80
C ALA F 122 -27.14 40.87 -44.39
N VAL F 123 -27.39 39.56 -44.39
CA VAL F 123 -28.59 39.05 -45.06
C VAL F 123 -29.75 38.89 -44.10
N CYS F 124 -29.63 39.43 -42.89
CA CYS F 124 -30.77 39.37 -41.98
C CYS F 124 -31.86 40.33 -42.41
N GLY F 125 -31.51 41.38 -43.16
CA GLY F 125 -32.48 42.35 -43.63
C GLY F 125 -32.88 43.39 -42.63
N LYS F 126 -32.23 43.44 -41.47
CA LYS F 126 -32.56 44.40 -40.43
C LYS F 126 -31.34 45.24 -40.12
N GLY F 127 -30.68 45.76 -41.16
CA GLY F 127 -29.35 46.33 -41.07
C GLY F 127 -29.09 47.53 -40.17
N ALA F 128 -30.11 48.04 -39.48
CA ALA F 128 -29.94 49.17 -38.59
C ALA F 128 -29.62 48.74 -37.15
N GLU F 129 -30.35 47.75 -36.64
CA GLU F 129 -30.15 47.26 -35.28
C GLU F 129 -28.98 46.30 -35.16
N VAL F 130 -28.70 45.53 -36.21
CA VAL F 130 -27.67 44.50 -36.13
C VAL F 130 -26.27 45.04 -36.39
N ASN F 131 -26.15 46.28 -36.86
CA ASN F 131 -24.86 46.80 -37.27
C ASN F 131 -23.96 47.09 -36.07
N GLN F 132 -24.52 47.70 -35.01
CA GLN F 132 -23.69 47.99 -33.85
C GLN F 132 -23.39 46.73 -33.04
N VAL F 133 -24.26 45.73 -33.14
CA VAL F 133 -24.00 44.44 -32.50
C VAL F 133 -22.82 43.76 -33.16
N LYS F 134 -22.88 43.63 -34.49
CA LYS F 134 -21.77 43.09 -35.25
C LYS F 134 -20.50 43.90 -35.05
N GLU F 135 -20.63 45.23 -34.99
CA GLU F 135 -19.44 46.07 -34.90
C GLU F 135 -18.77 45.95 -33.53
N GLN F 136 -19.56 45.77 -32.46
CA GLN F 136 -18.91 45.57 -31.16
C GLN F 136 -18.32 44.17 -31.05
N LEU F 137 -18.90 43.19 -31.76
CA LEU F 137 -18.28 41.87 -31.76
C LEU F 137 -16.96 41.87 -32.55
N LEU F 138 -16.96 42.48 -33.74
CA LEU F 138 -15.78 42.54 -34.57
C LEU F 138 -14.70 43.42 -33.97
N GLN F 139 -15.08 44.53 -33.35
CA GLN F 139 -14.10 45.38 -32.71
C GLN F 139 -13.69 44.85 -31.34
N SER F 140 -14.42 43.88 -30.81
CA SER F 140 -13.98 43.15 -29.64
C SER F 140 -13.10 41.95 -29.98
N THR F 141 -13.06 41.56 -31.25
CA THR F 141 -12.19 40.47 -31.69
C THR F 141 -10.69 40.69 -31.41
N PRO F 142 -10.06 41.84 -31.74
CA PRO F 142 -8.61 41.93 -31.47
C PRO F 142 -8.28 42.05 -29.99
N VAL F 143 -9.23 42.50 -29.18
CA VAL F 143 -9.07 42.48 -27.73
C VAL F 143 -8.89 41.06 -27.24
N LEU F 144 -9.80 40.17 -27.62
CA LEU F 144 -9.69 38.78 -27.23
C LEU F 144 -8.52 38.08 -27.90
N GLU F 145 -8.06 38.57 -29.05
CA GLU F 145 -6.79 38.13 -29.59
C GLU F 145 -5.65 38.47 -28.63
N ALA F 146 -5.67 39.68 -28.07
CA ALA F 146 -4.58 40.10 -27.19
C ALA F 146 -4.61 39.38 -25.85
N PHE F 147 -5.78 39.26 -25.24
CA PHE F 147 -5.89 38.65 -23.92
C PHE F 147 -6.00 37.14 -23.97
N GLY F 148 -6.30 36.55 -25.12
CA GLY F 148 -6.57 35.14 -25.13
C GLY F 148 -5.80 34.28 -26.12
N ASN F 149 -5.05 34.89 -27.02
CA ASN F 149 -4.32 34.11 -28.01
C ASN F 149 -2.84 34.40 -27.88
N ALA F 150 -2.02 33.41 -28.20
CA ALA F 150 -0.59 33.53 -28.00
C ALA F 150 0.15 32.87 -29.14
N LYS F 151 1.48 32.89 -29.04
CA LYS F 151 2.35 32.34 -30.07
C LYS F 151 2.80 30.95 -29.64
N THR F 152 2.24 29.93 -30.28
CA THR F 152 2.82 28.59 -30.21
C THR F 152 3.98 28.50 -31.20
N VAL F 153 4.59 27.33 -31.29
CA VAL F 153 5.73 27.22 -32.19
C VAL F 153 5.26 27.17 -33.63
N ARG F 154 4.07 26.58 -33.86
CA ARG F 154 3.55 26.47 -35.22
C ARG F 154 3.00 27.79 -35.71
N ASN F 155 1.99 28.33 -35.02
CA ASN F 155 1.39 29.59 -35.43
C ASN F 155 2.18 30.76 -34.82
N ASP F 156 1.73 31.98 -35.07
CA ASP F 156 2.14 33.14 -34.30
C ASP F 156 0.98 33.81 -33.58
N ASN F 157 -0.26 33.39 -33.83
CA ASN F 157 -1.43 33.97 -33.20
C ASN F 157 -2.41 32.87 -32.84
N SER F 158 -1.91 31.83 -32.19
CA SER F 158 -2.66 30.58 -32.04
C SER F 158 -3.85 30.74 -31.12
N SER F 159 -4.98 30.14 -31.51
CA SER F 159 -6.23 30.23 -30.76
C SER F 159 -6.17 29.32 -29.54
N ARG F 160 -6.21 29.92 -28.35
CA ARG F 160 -6.01 29.18 -27.12
C ARG F 160 -7.23 29.21 -26.21
N PHE F 161 -8.41 29.45 -26.77
CA PHE F 161 -9.68 29.37 -26.07
C PHE F 161 -10.77 29.19 -27.12
N GLY F 162 -11.96 28.81 -26.65
CA GLY F 162 -13.06 28.67 -27.56
C GLY F 162 -13.92 29.92 -27.60
N LYS F 163 -13.70 30.76 -28.59
CA LYS F 163 -14.55 31.93 -28.76
C LYS F 163 -15.90 31.48 -29.32
N TYR F 164 -16.95 32.20 -28.97
CA TYR F 164 -18.28 31.80 -29.37
C TYR F 164 -19.18 33.03 -29.46
N MET F 165 -19.37 33.54 -30.67
CA MET F 165 -20.12 34.75 -30.91
C MET F 165 -21.54 34.41 -31.33
N ASP F 166 -22.52 34.91 -30.59
CA ASP F 166 -23.92 34.73 -30.91
C ASP F 166 -24.48 35.94 -31.63
N ILE F 167 -25.51 35.68 -32.43
CA ILE F 167 -26.42 36.72 -32.89
C ILE F 167 -27.82 36.22 -32.59
N GLU F 168 -28.65 37.08 -32.01
CA GLU F 168 -29.87 36.66 -31.34
C GLU F 168 -31.07 37.36 -31.95
N PHE F 169 -31.94 36.56 -32.56
CA PHE F 169 -33.08 37.07 -33.30
C PHE F 169 -34.37 36.69 -32.60
N ASP F 170 -35.40 37.50 -32.82
CA ASP F 170 -36.74 37.15 -32.41
C ASP F 170 -37.35 36.21 -33.44
N PHE F 171 -38.42 35.52 -33.04
CA PHE F 171 -39.15 34.68 -33.99
C PHE F 171 -39.93 35.48 -35.02
N LYS F 172 -40.12 36.78 -34.80
CA LYS F 172 -40.55 37.70 -35.84
C LYS F 172 -39.37 38.29 -36.61
N GLY F 173 -38.16 37.81 -36.35
CA GLY F 173 -36.99 38.24 -37.10
C GLY F 173 -36.48 39.60 -36.69
N ASP F 174 -36.42 39.85 -35.39
CA ASP F 174 -35.95 41.13 -34.87
C ASP F 174 -34.69 40.88 -34.05
N PRO F 175 -33.56 41.51 -34.37
CA PRO F 175 -32.32 41.26 -33.62
C PRO F 175 -32.33 41.86 -32.22
N LEU F 176 -32.34 41.00 -31.21
CA LEU F 176 -32.31 41.49 -29.84
C LEU F 176 -30.91 41.95 -29.47
N GLY F 177 -29.93 41.06 -29.62
CA GLY F 177 -28.55 41.41 -29.30
C GLY F 177 -27.64 40.27 -29.67
N GLY F 178 -26.57 40.11 -28.90
CA GLY F 178 -25.62 39.05 -29.14
C GLY F 178 -24.72 38.80 -27.95
N VAL F 179 -24.46 37.54 -27.63
CA VAL F 179 -23.73 37.15 -26.43
C VAL F 179 -22.45 36.43 -26.83
N ILE F 180 -21.32 36.97 -26.42
CA ILE F 180 -20.04 36.33 -26.65
C ILE F 180 -19.65 35.55 -25.40
N SER F 181 -19.03 34.38 -25.59
CA SER F 181 -18.82 33.46 -24.48
C SER F 181 -17.52 32.71 -24.66
N ASN F 182 -16.63 32.81 -23.68
CA ASN F 182 -15.38 32.08 -23.74
C ASN F 182 -15.58 30.62 -23.35
N TYR F 183 -14.68 29.78 -23.84
CA TYR F 183 -14.65 28.38 -23.46
C TYR F 183 -13.21 27.93 -23.43
N LEU F 184 -12.81 27.30 -22.33
CA LEU F 184 -11.54 26.58 -22.18
C LEU F 184 -10.35 27.51 -22.38
N LEU F 185 -10.31 28.58 -21.60
CA LEU F 185 -9.14 29.43 -21.60
C LEU F 185 -7.99 28.67 -20.95
N GLU F 186 -6.91 28.49 -21.69
CA GLU F 186 -5.70 27.84 -21.22
C GLU F 186 -5.05 28.68 -20.14
N LYS F 187 -5.24 28.29 -18.88
CA LYS F 187 -4.73 29.08 -17.77
C LYS F 187 -3.24 28.89 -17.54
N SER F 188 -2.71 27.70 -17.81
CA SER F 188 -1.34 27.42 -17.39
C SER F 188 -0.30 28.00 -18.35
N ARG F 189 -0.74 28.62 -19.45
CA ARG F 189 0.17 29.34 -20.31
C ARG F 189 0.68 30.61 -19.64
N VAL F 190 -0.10 31.16 -18.72
CA VAL F 190 0.27 32.38 -17.99
C VAL F 190 1.53 32.15 -17.16
N VAL F 191 1.73 30.94 -16.66
CA VAL F 191 2.78 30.68 -15.69
C VAL F 191 3.94 29.88 -16.26
N LYS F 192 3.77 29.20 -17.39
CA LYS F 192 4.85 28.42 -17.97
C LYS F 192 4.67 28.36 -19.48
N GLN F 193 5.77 28.56 -20.20
CA GLN F 193 5.73 28.59 -21.66
C GLN F 193 6.73 27.55 -22.18
N PRO F 194 6.27 26.56 -22.93
CA PRO F 194 7.12 25.39 -23.21
C PRO F 194 8.22 25.61 -24.25
N ARG F 195 9.23 26.41 -23.90
CA ARG F 195 10.57 26.37 -24.48
C ARG F 195 10.69 26.82 -25.92
N GLY F 196 9.57 27.05 -26.60
CA GLY F 196 9.59 27.59 -27.93
C GLY F 196 8.51 28.62 -28.10
N GLU F 197 7.63 28.69 -27.11
CA GLU F 197 6.44 29.51 -27.19
C GLU F 197 6.63 30.75 -26.33
N ARG F 198 5.63 31.62 -26.33
CA ARG F 198 5.60 32.75 -25.42
C ARG F 198 4.21 32.83 -24.81
N ASN F 199 4.08 33.77 -23.87
CA ASN F 199 2.88 33.94 -23.07
C ASN F 199 1.79 34.57 -23.95
N PHE F 200 0.62 34.78 -23.35
CA PHE F 200 -0.40 35.62 -23.98
C PHE F 200 0.19 36.99 -24.24
N HIS F 201 0.10 37.44 -25.49
CA HIS F 201 0.97 38.55 -25.89
C HIS F 201 0.45 39.92 -25.45
N VAL F 202 -0.53 39.98 -24.54
CA VAL F 202 -0.89 41.25 -23.93
C VAL F 202 0.20 41.69 -22.97
N PHE F 203 1.01 40.76 -22.48
CA PHE F 203 2.15 41.16 -21.65
C PHE F 203 3.24 41.79 -22.50
N TYR F 204 3.43 41.27 -23.71
CA TYR F 204 4.40 41.86 -24.63
C TYR F 204 3.89 43.19 -25.20
N GLN F 205 2.58 43.30 -25.42
CA GLN F 205 1.98 44.57 -25.81
C GLN F 205 2.11 45.59 -24.69
N LEU F 206 1.93 45.16 -23.44
CA LEU F 206 2.01 46.07 -22.32
C LEU F 206 3.45 46.46 -22.00
N LEU F 207 4.40 45.59 -22.28
CA LEU F 207 5.80 45.93 -22.05
C LEU F 207 6.47 46.52 -23.28
N SER F 208 5.77 46.57 -24.41
CA SER F 208 6.34 47.12 -25.63
C SER F 208 5.63 48.39 -26.09
N GLY F 209 4.32 48.32 -26.29
CA GLY F 209 3.59 49.44 -26.84
C GLY F 209 3.08 50.45 -25.84
N ALA F 210 3.59 50.46 -24.62
CA ALA F 210 3.05 51.34 -23.59
C ALA F 210 4.02 52.48 -23.27
N SER F 211 3.43 53.61 -22.89
CA SER F 211 4.16 54.82 -22.57
C SER F 211 4.94 54.66 -21.27
N GLU F 212 5.94 55.53 -21.09
CA GLU F 212 6.87 55.41 -19.97
C GLU F 212 6.21 55.71 -18.64
N GLU F 213 5.27 56.67 -18.62
CA GLU F 213 4.52 56.94 -17.40
C GLU F 213 3.59 55.78 -17.06
N LEU F 214 3.07 55.09 -18.08
CA LEU F 214 2.25 53.91 -17.85
C LEU F 214 3.09 52.74 -17.34
N LEU F 215 4.34 52.63 -17.80
CA LEU F 215 5.27 51.67 -17.20
C LEU F 215 5.61 52.05 -15.77
N HIS F 216 5.63 53.35 -15.45
CA HIS F 216 6.01 53.76 -14.12
C HIS F 216 4.90 53.49 -13.11
N LYS F 217 3.67 53.84 -13.45
CA LYS F 217 2.59 53.70 -12.48
C LYS F 217 2.11 52.27 -12.34
N LEU F 218 2.36 51.42 -13.33
CA LEU F 218 2.10 49.99 -13.23
C LEU F 218 3.29 49.23 -12.69
N LYS F 219 4.34 49.93 -12.30
CA LYS F 219 5.52 49.44 -11.61
C LYS F 219 6.29 48.39 -12.41
N LEU F 220 6.19 48.41 -13.73
CA LEU F 220 6.79 47.38 -14.54
C LEU F 220 8.19 47.79 -15.00
N GLU F 221 8.84 46.88 -15.70
CA GLU F 221 10.18 47.12 -16.24
C GLU F 221 10.21 46.55 -17.65
N ARG F 222 10.85 47.27 -18.56
CA ARG F 222 10.85 46.91 -19.97
C ARG F 222 11.70 45.70 -20.31
N ASP F 223 12.59 45.26 -19.41
CA ASP F 223 13.45 44.12 -19.69
C ASP F 223 12.63 42.84 -19.60
N PHE F 224 12.68 42.05 -20.67
CA PHE F 224 11.91 40.81 -20.70
C PHE F 224 12.54 39.71 -19.85
N SER F 225 13.81 39.85 -19.49
CA SER F 225 14.47 38.84 -18.68
C SER F 225 14.30 39.06 -17.18
N ARG F 226 13.54 40.09 -16.79
CA ARG F 226 13.26 40.28 -15.36
C ARG F 226 12.26 39.27 -14.83
N TYR F 227 11.31 38.87 -15.67
CA TYR F 227 10.07 38.25 -15.21
C TYR F 227 10.10 36.76 -15.48
N ASN F 228 9.76 35.97 -14.46
CA ASN F 228 9.79 34.51 -14.59
C ASN F 228 8.68 34.01 -15.50
N TYR F 229 7.55 34.71 -15.54
CA TYR F 229 6.43 34.34 -16.41
C TYR F 229 6.71 34.62 -17.88
N LEU F 230 7.86 35.20 -18.21
CA LEU F 230 8.06 35.86 -19.48
C LEU F 230 9.32 35.30 -20.13
N SER F 231 9.15 34.62 -21.25
CA SER F 231 10.28 34.02 -21.93
C SER F 231 11.08 35.08 -22.68
N LEU F 232 12.38 34.85 -22.76
CA LEU F 232 13.26 35.72 -23.55
C LEU F 232 13.74 35.06 -24.83
N ASP F 233 13.96 33.74 -24.81
CA ASP F 233 14.44 33.02 -25.98
C ASP F 233 13.42 32.95 -27.10
N SER F 234 12.15 33.21 -26.81
CA SER F 234 11.10 33.22 -27.83
C SER F 234 10.24 34.47 -27.70
N ALA F 235 10.82 35.57 -27.21
CA ALA F 235 10.04 36.77 -26.97
C ALA F 235 9.74 37.51 -28.27
N LYS F 236 10.75 37.66 -29.13
CA LYS F 236 10.62 38.43 -30.36
C LYS F 236 10.02 37.55 -31.46
N VAL F 237 8.95 38.04 -32.08
CA VAL F 237 8.27 37.34 -33.16
C VAL F 237 8.07 38.34 -34.29
N ASN F 238 8.50 37.99 -35.50
CA ASN F 238 8.30 38.85 -36.64
C ASN F 238 6.85 38.81 -37.12
N GLY F 239 6.51 39.74 -38.01
CA GLY F 239 5.19 39.75 -38.59
C GLY F 239 4.16 40.34 -37.66
N VAL F 240 3.76 39.58 -36.65
CA VAL F 240 3.04 40.12 -35.49
C VAL F 240 4.13 40.63 -34.57
N ASP F 241 4.48 41.90 -34.73
CA ASP F 241 5.62 42.45 -34.01
C ASP F 241 5.20 42.99 -32.66
N ASP F 242 6.08 42.84 -31.67
CA ASP F 242 5.86 43.44 -30.36
C ASP F 242 6.01 44.94 -30.53
N ALA F 243 4.89 45.61 -30.77
CA ALA F 243 4.88 46.92 -31.40
C ALA F 243 3.64 47.66 -30.89
N ALA F 244 3.19 48.63 -31.68
CA ALA F 244 1.99 49.44 -31.51
C ALA F 244 0.68 48.65 -31.75
N ASN F 245 0.71 47.32 -31.76
CA ASN F 245 -0.50 46.51 -31.58
C ASN F 245 -1.21 46.84 -30.26
N PHE F 246 -0.45 47.28 -29.25
CA PHE F 246 -1.02 47.64 -27.96
C PHE F 246 -1.99 48.81 -28.07
N ARG F 247 -1.64 49.82 -28.86
CA ARG F 247 -2.56 50.93 -29.00
C ARG F 247 -3.70 50.60 -29.96
N THR F 248 -3.52 49.61 -30.83
CA THR F 248 -4.65 49.10 -31.60
C THR F 248 -5.65 48.40 -30.69
N VAL F 249 -5.16 47.59 -29.76
CA VAL F 249 -6.02 46.89 -28.83
C VAL F 249 -6.68 47.87 -27.87
N ARG F 250 -5.92 48.84 -27.36
CA ARG F 250 -6.50 49.81 -26.42
C ARG F 250 -7.52 50.71 -27.10
N ASN F 251 -7.26 51.10 -28.36
CA ASN F 251 -8.28 51.83 -29.11
C ASN F 251 -9.51 50.98 -29.37
N ALA F 252 -9.33 49.68 -29.58
CA ALA F 252 -10.49 48.80 -29.73
C ALA F 252 -11.28 48.70 -28.43
N MET F 253 -10.57 48.68 -27.30
CA MET F 253 -11.21 48.73 -25.99
C MET F 253 -11.99 50.02 -25.79
N GLN F 254 -11.49 51.12 -26.36
CA GLN F 254 -12.25 52.36 -26.36
C GLN F 254 -13.48 52.25 -27.24
N ILE F 255 -13.40 51.49 -28.34
CA ILE F 255 -14.56 51.32 -29.21
C ILE F 255 -15.65 50.51 -28.51
N VAL F 256 -15.26 49.47 -27.78
CA VAL F 256 -16.23 48.56 -27.17
C VAL F 256 -16.98 49.24 -26.03
N GLY F 257 -16.30 50.08 -25.26
CA GLY F 257 -16.98 50.80 -24.20
C GLY F 257 -16.15 51.01 -22.95
N PHE F 258 -14.92 50.52 -22.96
CA PHE F 258 -14.08 50.61 -21.77
C PHE F 258 -13.64 52.05 -21.58
N SER F 259 -13.93 52.62 -20.42
CA SER F 259 -13.43 53.95 -20.12
C SER F 259 -11.94 53.87 -19.77
N ASP F 260 -11.32 55.04 -19.70
CA ASP F 260 -9.90 55.09 -19.37
C ASP F 260 -9.54 54.64 -17.96
N PRO F 261 -10.32 54.90 -16.90
CA PRO F 261 -10.04 54.19 -15.64
C PRO F 261 -10.34 52.72 -15.71
N GLU F 262 -11.26 52.30 -16.59
CA GLU F 262 -11.61 50.90 -16.70
C GLU F 262 -10.50 50.11 -17.38
N ALA F 263 -10.07 50.56 -18.56
CA ALA F 263 -8.97 49.91 -19.26
C ALA F 263 -7.65 50.11 -18.53
N GLU F 264 -7.51 51.23 -17.85
CA GLU F 264 -6.36 51.44 -16.96
C GLU F 264 -6.33 50.41 -15.84
N SER F 265 -7.50 50.08 -15.29
CA SER F 265 -7.59 49.07 -14.25
C SER F 265 -7.27 47.69 -14.81
N VAL F 266 -7.74 47.40 -16.02
CA VAL F 266 -7.50 46.10 -16.66
C VAL F 266 -6.01 45.89 -16.90
N LEU F 267 -5.34 46.91 -17.46
CA LEU F 267 -3.89 46.84 -17.63
C LEU F 267 -3.16 46.77 -16.31
N GLU F 268 -3.72 47.37 -15.26
CA GLU F 268 -3.09 47.27 -13.94
C GLU F 268 -3.18 45.87 -13.36
N VAL F 269 -4.29 45.18 -13.62
CA VAL F 269 -4.40 43.78 -13.19
C VAL F 269 -3.46 42.90 -14.00
N VAL F 270 -3.31 43.21 -15.29
CA VAL F 270 -2.35 42.48 -16.13
C VAL F 270 -0.92 42.73 -15.64
N ALA F 271 -0.65 43.93 -15.11
CA ALA F 271 0.66 44.18 -14.52
C ALA F 271 0.82 43.49 -13.18
N ALA F 272 -0.28 43.26 -12.47
CA ALA F 272 -0.20 42.56 -11.20
C ALA F 272 0.09 41.07 -11.40
N VAL F 273 -0.58 40.46 -12.38
CA VAL F 273 -0.33 39.05 -12.66
C VAL F 273 1.02 38.87 -13.34
N LEU F 274 1.48 39.88 -14.10
CA LEU F 274 2.82 39.81 -14.67
C LEU F 274 3.88 39.90 -13.58
N LYS F 275 3.73 40.88 -12.69
CA LYS F 275 4.72 41.18 -11.67
C LYS F 275 4.63 40.21 -10.51
N LEU F 276 3.57 39.40 -10.46
CA LEU F 276 3.38 38.42 -9.40
C LEU F 276 4.32 37.23 -9.55
N GLY F 277 4.89 37.03 -10.73
CA GLY F 277 5.74 35.88 -10.96
C GLY F 277 7.15 36.02 -10.43
N ASN F 278 7.58 37.22 -10.06
CA ASN F 278 8.92 37.39 -9.52
C ASN F 278 9.04 36.93 -8.08
N ILE F 279 7.92 36.65 -7.42
CA ILE F 279 7.93 36.18 -6.03
C ILE F 279 8.44 34.76 -6.00
N GLU F 280 9.60 34.56 -5.38
CA GLU F 280 10.18 33.24 -5.22
C GLU F 280 10.31 32.93 -3.74
N PHE F 281 10.20 31.64 -3.41
CA PHE F 281 10.11 31.17 -2.04
C PHE F 281 11.36 30.41 -1.66
N LYS F 282 11.62 30.37 -0.36
CA LYS F 282 12.71 29.63 0.23
C LYS F 282 12.17 28.90 1.44
N PRO F 283 12.75 27.77 1.82
CA PRO F 283 12.25 27.04 2.99
C PRO F 283 12.61 27.76 4.28
N GLU F 284 12.02 27.25 5.36
CA GLU F 284 12.24 27.77 6.71
C GLU F 284 11.81 26.69 7.69
N SER F 285 12.68 26.38 8.66
CA SER F 285 12.50 25.16 9.43
C SER F 285 11.40 25.29 10.49
N ARG F 286 11.50 26.29 11.36
CA ARG F 286 10.54 26.44 12.45
C ARG F 286 9.19 26.92 11.93
N MET F 287 8.10 26.34 12.44
CA MET F 287 8.08 25.28 13.47
C MET F 287 8.23 23.88 12.89
N ASN F 288 8.62 22.95 13.75
CA ASN F 288 8.97 21.61 13.31
C ASN F 288 7.72 20.85 12.88
N GLY F 289 7.41 20.91 11.60
CA GLY F 289 6.24 20.25 11.06
C GLY F 289 5.05 21.17 10.93
N LEU F 290 4.71 21.61 9.72
CA LEU F 290 5.50 21.40 8.51
C LEU F 290 6.40 22.62 8.37
N ASP F 291 7.34 22.60 7.43
CA ASP F 291 8.26 23.72 7.30
C ASP F 291 7.61 24.88 6.56
N GLU F 292 7.88 26.09 7.05
CA GLU F 292 7.29 27.28 6.48
C GLU F 292 7.97 27.66 5.17
N SER F 293 7.17 28.00 4.17
CA SER F 293 7.66 28.68 2.99
C SER F 293 7.71 30.17 3.29
N LYS F 294 8.82 30.79 2.93
CA LYS F 294 9.03 32.20 3.23
C LYS F 294 9.49 32.89 1.95
N ILE F 295 8.92 34.06 1.66
CA ILE F 295 9.30 34.79 0.46
C ILE F 295 10.72 35.30 0.61
N LYS F 296 11.39 35.50 -0.53
CA LYS F 296 12.80 35.83 -0.49
C LYS F 296 13.02 37.34 -0.50
N ASP F 297 12.53 38.01 -1.55
CA ASP F 297 12.70 39.45 -1.71
C ASP F 297 11.33 40.10 -1.71
N LYS F 298 11.11 41.02 -0.78
CA LYS F 298 9.79 41.60 -0.56
C LYS F 298 9.57 42.88 -1.37
N ASN F 299 10.45 43.20 -2.32
CA ASN F 299 10.28 44.43 -3.06
C ASN F 299 9.19 44.30 -4.11
N GLU F 300 9.15 43.17 -4.82
CA GLU F 300 8.12 42.93 -5.81
C GLU F 300 6.76 42.78 -5.16
N LEU F 301 6.71 42.12 -3.99
CA LEU F 301 5.48 42.02 -3.24
C LEU F 301 5.04 43.38 -2.70
N LYS F 302 6.00 44.18 -2.24
CA LYS F 302 5.68 45.50 -1.73
C LYS F 302 5.16 46.40 -2.85
N GLU F 303 5.64 46.21 -4.07
CA GLU F 303 5.18 47.08 -5.15
C GLU F 303 3.85 46.60 -5.75
N ILE F 304 3.57 45.30 -5.70
CA ILE F 304 2.24 44.88 -6.14
C ILE F 304 1.19 45.11 -5.06
N CYS F 305 1.60 45.20 -3.79
CA CYS F 305 0.67 45.58 -2.74
C CYS F 305 0.49 47.08 -2.69
N GLU F 306 1.50 47.84 -3.11
CA GLU F 306 1.29 49.27 -3.35
C GLU F 306 0.42 49.49 -4.57
N LEU F 307 0.53 48.60 -5.55
CA LEU F 307 -0.20 48.74 -6.80
C LEU F 307 -1.68 48.44 -6.61
N THR F 308 -1.99 47.23 -6.13
CA THR F 308 -3.37 46.81 -6.01
C THR F 308 -4.05 47.33 -4.75
N SER F 309 -3.31 48.03 -3.88
CA SER F 309 -3.78 48.58 -2.60
C SER F 309 -4.38 47.48 -1.72
N ILE F 310 -3.54 46.51 -1.39
CA ILE F 310 -3.86 45.49 -0.40
C ILE F 310 -2.81 45.55 0.70
N ASP F 311 -3.22 45.24 1.92
CA ASP F 311 -2.30 45.16 3.04
C ASP F 311 -1.28 44.06 2.80
N GLN F 312 0.00 44.41 2.95
CA GLN F 312 1.07 43.57 2.43
C GLN F 312 1.23 42.29 3.23
N VAL F 313 1.04 42.34 4.54
CA VAL F 313 1.25 41.15 5.35
C VAL F 313 0.06 40.21 5.24
N VAL F 314 -1.09 40.70 4.78
CA VAL F 314 -2.23 39.83 4.51
C VAL F 314 -1.95 38.93 3.32
N LEU F 315 -1.49 39.52 2.21
CA LEU F 315 -1.12 38.72 1.05
C LEU F 315 0.17 37.92 1.28
N GLU F 316 1.08 38.44 2.10
CA GLU F 316 2.29 37.69 2.47
C GLU F 316 1.93 36.44 3.28
N ARG F 317 0.93 36.55 4.16
CA ARG F 317 0.46 35.35 4.83
C ARG F 317 -0.48 34.53 3.98
N ALA F 318 -0.98 35.07 2.88
CA ALA F 318 -1.87 34.31 2.02
C ALA F 318 -1.12 33.34 1.13
N PHE F 319 0.20 33.47 1.00
CA PHE F 319 1.02 32.54 0.23
C PHE F 319 1.53 31.41 1.08
N SER F 320 1.92 31.70 2.32
CA SER F 320 2.52 30.68 3.17
C SER F 320 1.48 29.95 4.01
N PHE F 321 0.39 30.63 4.39
CA PHE F 321 -0.61 30.08 5.30
C PHE F 321 -1.94 29.98 4.58
N ARG F 322 -2.70 28.91 4.86
CA ARG F 322 -4.11 28.88 4.50
C ARG F 322 -4.89 28.58 5.77
N THR F 323 -6.03 29.25 5.93
CA THR F 323 -6.82 29.04 7.14
C THR F 323 -7.85 27.94 6.91
N VAL F 324 -8.09 27.17 7.96
CA VAL F 324 -9.27 26.33 8.03
C VAL F 324 -10.19 26.90 9.10
N GLU F 325 -11.48 26.75 8.87
CA GLU F 325 -12.52 27.50 9.56
C GLU F 325 -13.74 26.58 9.67
N ALA F 326 -13.85 25.90 10.81
CA ALA F 326 -14.95 24.95 10.99
C ALA F 326 -16.23 25.61 11.49
N LYS F 327 -16.20 26.11 12.72
CA LYS F 327 -17.36 26.80 13.28
C LYS F 327 -16.80 27.79 14.32
N GLN F 328 -16.71 29.06 13.90
CA GLN F 328 -16.26 30.18 14.72
C GLN F 328 -14.81 30.02 15.20
N GLU F 329 -14.01 29.26 14.46
CA GLU F 329 -12.58 29.15 14.70
C GLU F 329 -11.86 29.48 13.40
N LYS F 330 -10.68 30.05 13.52
CA LYS F 330 -9.96 30.58 12.37
C LYS F 330 -8.53 30.09 12.37
N VAL F 331 -8.32 28.79 12.49
CA VAL F 331 -6.96 28.34 12.75
C VAL F 331 -6.21 28.19 11.43
N SER F 332 -4.96 28.68 11.41
CA SER F 332 -4.20 28.91 10.19
C SER F 332 -3.04 27.92 10.09
N THR F 333 -2.97 27.19 9.00
CA THR F 333 -1.96 26.16 8.79
C THR F 333 -1.00 26.56 7.68
N THR F 334 0.06 25.77 7.53
CA THR F 334 1.23 26.15 6.77
C THR F 334 1.28 25.38 5.45
N LEU F 335 1.62 26.09 4.38
CA LEU F 335 1.82 25.48 3.08
C LEU F 335 3.26 25.05 2.88
N ASN F 336 3.43 24.11 1.96
CA ASN F 336 4.73 23.72 1.46
C ASN F 336 5.30 24.84 0.60
N VAL F 337 6.61 24.78 0.36
CA VAL F 337 7.23 25.66 -0.63
C VAL F 337 6.65 25.42 -2.01
N ALA F 338 6.48 24.14 -2.39
CA ALA F 338 5.85 23.81 -3.66
C ALA F 338 4.38 24.21 -3.66
N GLN F 339 3.72 24.11 -2.51
CA GLN F 339 2.35 24.62 -2.42
C GLN F 339 2.32 26.13 -2.46
N ALA F 340 3.41 26.78 -2.08
CA ALA F 340 3.45 28.23 -2.18
C ALA F 340 3.64 28.68 -3.62
N TYR F 341 4.41 27.93 -4.41
CA TYR F 341 4.45 28.25 -5.84
C TYR F 341 3.15 27.86 -6.52
N TYR F 342 2.45 26.86 -6.00
CA TYR F 342 1.16 26.50 -6.59
C TYR F 342 0.09 27.53 -6.25
N ALA F 343 0.18 28.13 -5.07
CA ALA F 343 -0.76 29.20 -4.73
C ALA F 343 -0.40 30.49 -5.44
N ARG F 344 0.91 30.71 -5.65
CA ARG F 344 1.37 31.85 -6.43
C ARG F 344 0.85 31.78 -7.86
N ASP F 345 1.09 30.64 -8.52
CA ASP F 345 0.67 30.46 -9.89
C ASP F 345 -0.84 30.35 -10.01
N ALA F 346 -1.50 29.78 -9.01
CA ALA F 346 -2.95 29.64 -9.06
C ALA F 346 -3.63 31.00 -8.91
N LEU F 347 -3.09 31.85 -8.04
CA LEU F 347 -3.58 33.22 -7.93
C LEU F 347 -3.35 33.99 -9.21
N ALA F 348 -2.20 33.77 -9.85
CA ALA F 348 -1.90 34.44 -11.11
C ALA F 348 -2.88 34.03 -12.20
N LYS F 349 -2.95 32.74 -12.52
CA LYS F 349 -3.75 32.31 -13.65
C LYS F 349 -5.24 32.39 -13.39
N ASN F 350 -5.67 32.38 -12.12
CA ASN F 350 -7.07 32.62 -11.84
C ASN F 350 -7.40 34.10 -11.90
N LEU F 351 -6.45 34.96 -11.54
CA LEU F 351 -6.65 36.39 -11.69
C LEU F 351 -6.72 36.79 -13.16
N TYR F 352 -5.88 36.15 -13.99
CA TYR F 352 -5.87 36.46 -15.42
C TYR F 352 -7.09 35.89 -16.12
N SER F 353 -7.38 34.61 -15.86
CA SER F 353 -8.54 33.95 -16.47
C SER F 353 -9.83 34.62 -16.05
N ARG F 354 -9.87 35.12 -14.84
CA ARG F 354 -11.08 35.76 -14.36
C ARG F 354 -11.19 37.21 -14.84
N LEU F 355 -10.06 37.90 -15.05
CA LEU F 355 -10.10 39.19 -15.73
C LEU F 355 -10.57 39.03 -17.17
N PHE F 356 -10.16 37.94 -17.82
CA PHE F 356 -10.62 37.62 -19.16
C PHE F 356 -12.12 37.37 -19.17
N SER F 357 -12.63 36.63 -18.18
CA SER F 357 -14.07 36.34 -18.14
C SER F 357 -14.87 37.60 -17.81
N TRP F 358 -14.33 38.46 -16.94
CA TRP F 358 -14.99 39.74 -16.64
C TRP F 358 -15.00 40.64 -17.87
N LEU F 359 -13.94 40.56 -18.66
CA LEU F 359 -13.83 41.35 -19.88
C LEU F 359 -14.88 40.93 -20.90
N VAL F 360 -15.03 39.61 -21.11
CA VAL F 360 -16.06 39.08 -21.99
C VAL F 360 -17.46 39.42 -21.46
N ASN F 361 -17.63 39.39 -20.13
CA ASN F 361 -18.93 39.74 -19.55
C ASN F 361 -19.25 41.22 -19.73
N ARG F 362 -18.22 42.08 -19.69
CA ARG F 362 -18.44 43.50 -19.87
C ARG F 362 -18.72 43.83 -21.32
N ILE F 363 -18.12 43.08 -22.26
CA ILE F 363 -18.52 43.19 -23.66
C ILE F 363 -19.96 42.69 -23.84
N ASN F 364 -20.34 41.66 -23.09
CA ASN F 364 -21.69 41.12 -23.18
C ASN F 364 -22.75 42.10 -22.69
N GLU F 365 -22.50 42.83 -21.60
CA GLU F 365 -23.57 43.67 -21.07
C GLU F 365 -23.71 45.00 -21.81
N SER F 366 -22.98 45.20 -22.89
CA SER F 366 -23.29 46.30 -23.79
C SER F 366 -24.37 45.90 -24.80
N ILE F 367 -24.26 44.70 -25.34
CA ILE F 367 -25.26 44.15 -26.25
C ILE F 367 -25.92 42.96 -25.55
N LYS F 368 -27.01 43.24 -24.84
CA LYS F 368 -27.71 42.18 -24.13
C LYS F 368 -29.18 42.19 -24.55
N ALA F 369 -29.78 41.00 -24.59
CA ALA F 369 -31.18 40.85 -24.96
C ALA F 369 -32.06 41.37 -23.82
N GLN F 370 -32.21 42.69 -23.79
CA GLN F 370 -33.07 43.35 -22.81
C GLN F 370 -34.53 43.03 -23.13
N THR F 371 -35.35 42.95 -22.06
CA THR F 371 -36.73 42.46 -22.08
C THR F 371 -36.78 41.07 -22.71
N LYS F 372 -36.16 40.14 -21.97
CA LYS F 372 -35.87 38.81 -22.50
C LYS F 372 -37.15 38.02 -22.76
N VAL F 373 -37.25 37.48 -23.95
CA VAL F 373 -38.42 36.72 -24.38
C VAL F 373 -37.92 35.40 -24.96
N ARG F 374 -38.84 34.59 -25.46
CA ARG F 374 -38.48 33.39 -26.19
C ARG F 374 -37.80 33.83 -27.49
N LYS F 375 -36.51 33.53 -27.62
CA LYS F 375 -35.71 34.00 -28.74
C LYS F 375 -35.05 32.80 -29.43
N LYS F 376 -34.47 33.07 -30.60
CA LYS F 376 -33.72 32.06 -31.33
C LYS F 376 -32.33 32.60 -31.64
N VAL F 377 -31.36 31.70 -31.70
CA VAL F 377 -29.95 32.03 -31.69
C VAL F 377 -29.30 31.44 -32.93
N MET F 378 -28.46 32.23 -33.59
CA MET F 378 -27.49 31.70 -34.54
C MET F 378 -26.09 31.97 -33.99
N GLY F 379 -25.32 30.90 -33.81
CA GLY F 379 -24.04 31.03 -33.15
C GLY F 379 -22.86 30.68 -34.03
N VAL F 380 -21.68 31.11 -33.63
CA VAL F 380 -20.43 30.83 -34.31
C VAL F 380 -19.41 30.40 -33.27
N LEU F 381 -18.87 29.20 -33.40
CA LEU F 381 -17.90 28.66 -32.47
C LEU F 381 -16.53 28.71 -33.14
N ASP F 382 -15.73 29.70 -32.76
CA ASP F 382 -14.32 29.74 -33.12
C ASP F 382 -13.58 28.85 -32.13
N ILE F 383 -13.46 27.58 -32.47
CA ILE F 383 -12.74 26.59 -31.65
C ILE F 383 -11.59 26.08 -32.51
N TYR F 384 -10.51 25.65 -31.86
CA TYR F 384 -9.32 25.17 -32.55
C TYR F 384 -9.56 23.89 -33.35
N GLY F 385 -8.50 23.44 -33.99
CA GLY F 385 -8.37 22.07 -34.41
C GLY F 385 -7.30 21.37 -33.60
N PHE F 386 -6.91 20.19 -34.07
CA PHE F 386 -6.06 19.27 -33.32
C PHE F 386 -4.65 19.83 -33.20
N GLU F 387 -4.40 20.52 -32.08
CA GLU F 387 -3.07 21.02 -31.81
C GLU F 387 -2.21 19.83 -31.44
N ILE F 388 -1.59 19.23 -32.45
CA ILE F 388 -0.72 18.09 -32.30
C ILE F 388 0.69 18.61 -32.49
N PHE F 389 1.38 18.76 -31.38
CA PHE F 389 2.70 19.37 -31.33
C PHE F 389 3.72 18.27 -31.05
N GLU F 390 4.98 18.54 -31.41
CA GLU F 390 6.02 17.53 -31.27
C GLU F 390 6.29 17.18 -29.82
N ASP F 391 6.05 18.11 -28.90
CA ASP F 391 6.15 17.86 -27.45
C ASP F 391 4.83 18.29 -26.83
N ASN F 392 3.86 17.38 -26.83
CA ASN F 392 2.54 17.66 -26.29
C ASN F 392 2.58 17.72 -24.77
N SER F 393 1.58 18.37 -24.19
CA SER F 393 1.56 18.59 -22.76
C SER F 393 0.12 18.48 -22.29
N PHE F 394 -0.13 18.97 -21.09
CA PHE F 394 -1.48 18.93 -20.52
C PHE F 394 -2.44 19.78 -21.32
N GLU F 395 -1.94 20.88 -21.91
CA GLU F 395 -2.81 21.80 -22.63
C GLU F 395 -3.29 21.21 -23.94
N GLN F 396 -2.37 20.62 -24.69
CA GLN F 396 -2.74 19.94 -25.93
C GLN F 396 -3.54 18.67 -25.64
N PHE F 397 -3.40 18.12 -24.44
CA PHE F 397 -4.27 17.04 -24.00
C PHE F 397 -5.71 17.51 -23.83
N ILE F 398 -5.91 18.67 -23.21
CA ILE F 398 -7.27 19.19 -23.06
C ILE F 398 -7.82 19.63 -24.40
N ILE F 399 -6.94 20.13 -25.27
CA ILE F 399 -7.32 20.55 -26.62
C ILE F 399 -7.81 19.36 -27.44
N ASN F 400 -7.03 18.27 -27.49
CA ASN F 400 -7.45 17.08 -28.22
C ASN F 400 -8.66 16.44 -27.57
N TYR F 401 -8.81 16.63 -26.26
CA TYR F 401 -9.98 16.06 -25.58
C TYR F 401 -11.26 16.77 -25.97
N CYS F 402 -11.28 18.11 -25.95
CA CYS F 402 -12.50 18.80 -26.36
C CYS F 402 -12.72 18.68 -27.87
N ASN F 403 -11.67 18.34 -28.64
CA ASN F 403 -11.94 17.81 -29.96
C ASN F 403 -12.66 16.46 -29.92
N GLU F 404 -12.37 15.60 -28.93
CA GLU F 404 -13.07 14.32 -28.87
C GLU F 404 -14.54 14.51 -28.52
N LYS F 405 -14.83 15.42 -27.58
CA LYS F 405 -16.21 15.78 -27.30
C LYS F 405 -16.86 16.49 -28.47
N LEU F 406 -16.05 17.21 -29.27
CA LEU F 406 -16.60 17.93 -30.41
C LEU F 406 -17.04 16.98 -31.51
N GLN F 407 -16.22 15.98 -31.81
CA GLN F 407 -16.65 14.91 -32.71
C GLN F 407 -17.78 14.10 -32.10
N GLN F 408 -17.88 14.03 -30.78
CA GLN F 408 -19.05 13.40 -30.18
C GLN F 408 -20.31 14.25 -30.38
N ILE F 409 -20.18 15.57 -30.49
CA ILE F 409 -21.36 16.38 -30.78
C ILE F 409 -21.62 16.46 -32.27
N PHE F 410 -20.70 15.98 -33.10
CA PHE F 410 -21.07 15.64 -34.48
C PHE F 410 -21.75 14.28 -34.58
N ILE F 411 -21.15 13.25 -33.99
CA ILE F 411 -21.59 11.88 -34.16
C ILE F 411 -22.87 11.60 -33.39
N GLU F 412 -23.19 12.42 -32.40
CA GLU F 412 -24.44 12.33 -31.66
C GLU F 412 -25.54 13.10 -32.39
N LEU F 413 -25.36 14.43 -32.49
CA LEU F 413 -26.37 15.30 -33.07
C LEU F 413 -26.63 14.96 -34.52
N THR F 414 -25.62 15.19 -35.38
CA THR F 414 -25.85 15.14 -36.82
C THR F 414 -26.11 13.72 -37.31
N LEU F 415 -25.27 12.77 -36.91
CA LEU F 415 -25.45 11.39 -37.39
C LEU F 415 -26.72 10.76 -36.83
N LYS F 416 -27.10 11.08 -35.59
CA LYS F 416 -28.29 10.45 -35.06
C LYS F 416 -29.56 11.15 -35.53
N GLU F 417 -29.47 12.43 -35.92
CA GLU F 417 -30.63 13.04 -36.56
C GLU F 417 -30.76 12.57 -38.00
N GLU F 418 -29.63 12.21 -38.62
CA GLU F 418 -29.69 11.50 -39.90
C GLU F 418 -30.41 10.18 -39.71
N GLN F 419 -30.09 9.46 -38.64
CA GLN F 419 -30.67 8.13 -38.47
C GLN F 419 -32.15 8.17 -38.09
N GLU F 420 -32.55 9.08 -37.21
CA GLU F 420 -33.97 9.18 -36.89
C GLU F 420 -34.73 9.77 -38.06
N GLU F 421 -34.08 10.61 -38.86
CA GLU F 421 -34.71 11.14 -40.06
C GLU F 421 -34.88 10.05 -41.12
N TYR F 422 -33.78 9.40 -41.50
CA TYR F 422 -33.71 8.33 -42.50
C TYR F 422 -34.66 7.19 -42.19
N ILE F 423 -34.65 6.72 -40.95
CA ILE F 423 -35.57 5.65 -40.57
C ILE F 423 -37.00 6.16 -40.47
N ARG F 424 -37.18 7.40 -40.00
CA ARG F 424 -38.52 7.95 -39.81
C ARG F 424 -39.23 8.26 -41.13
N GLU F 425 -38.51 8.63 -42.17
CA GLU F 425 -39.12 8.99 -43.46
C GLU F 425 -39.38 7.78 -44.35
N ASP F 426 -39.29 6.56 -43.79
CA ASP F 426 -39.58 5.25 -44.38
C ASP F 426 -38.57 4.77 -45.43
N ILE F 427 -37.27 4.95 -45.17
CA ILE F 427 -36.23 4.38 -46.03
C ILE F 427 -35.30 3.49 -45.20
N GLU F 428 -34.87 2.37 -45.76
CA GLU F 428 -34.55 1.14 -45.04
C GLU F 428 -33.05 0.92 -44.75
N TRP F 429 -32.38 1.91 -44.15
CA TRP F 429 -30.91 1.90 -44.25
C TRP F 429 -30.05 1.33 -43.13
N THR F 430 -30.05 1.96 -41.94
CA THR F 430 -29.01 1.89 -40.89
C THR F 430 -27.59 1.83 -41.47
N HIS F 431 -27.08 2.99 -41.95
CA HIS F 431 -25.77 3.13 -42.61
C HIS F 431 -24.63 2.43 -41.86
N ILE F 432 -23.61 2.02 -42.64
CA ILE F 432 -22.80 0.81 -42.43
C ILE F 432 -22.17 0.72 -41.04
N ASP F 433 -21.27 1.66 -40.72
CA ASP F 433 -20.74 1.77 -39.37
C ASP F 433 -20.12 3.14 -39.17
N TYR F 434 -19.98 3.50 -37.89
CA TYR F 434 -19.24 4.69 -37.50
C TYR F 434 -18.39 4.33 -36.31
N PHE F 435 -17.20 4.91 -36.22
CA PHE F 435 -16.40 4.75 -35.02
C PHE F 435 -16.87 5.75 -33.98
N ASN F 436 -17.64 5.27 -33.01
CA ASN F 436 -18.15 6.13 -31.94
C ASN F 436 -16.99 6.56 -31.04
N ASN F 437 -17.16 7.73 -30.42
CA ASN F 437 -16.14 8.36 -29.59
C ASN F 437 -16.43 8.24 -28.11
N ALA F 438 -17.52 7.57 -27.74
CA ALA F 438 -17.86 7.32 -26.35
C ALA F 438 -16.83 6.49 -25.63
N ILE F 439 -16.06 5.71 -26.38
CA ILE F 439 -14.95 4.95 -25.83
C ILE F 439 -13.81 5.88 -25.44
N ILE F 440 -13.59 6.94 -26.21
CA ILE F 440 -12.51 7.87 -25.88
C ILE F 440 -12.93 8.81 -24.76
N CYS F 441 -14.19 9.26 -24.77
CA CYS F 441 -14.71 10.02 -23.65
C CYS F 441 -14.67 9.19 -22.38
N ASP F 442 -15.05 7.92 -22.47
CA ASP F 442 -14.90 6.97 -21.37
C ASP F 442 -13.44 6.81 -20.95
N LEU F 443 -12.50 6.96 -21.89
CA LEU F 443 -11.09 6.93 -21.51
C LEU F 443 -10.73 8.16 -20.68
N ILE F 444 -11.31 9.31 -20.99
CA ILE F 444 -10.80 10.52 -20.34
C ILE F 444 -11.73 11.07 -19.26
N GLU F 445 -13.01 11.22 -19.54
CA GLU F 445 -13.88 11.88 -18.58
C GLU F 445 -14.59 10.95 -17.62
N ASN F 446 -14.21 9.68 -17.56
CA ASN F 446 -14.87 8.77 -16.63
C ASN F 446 -14.50 9.14 -15.20
N ASN F 447 -15.50 9.08 -14.32
CA ASN F 447 -15.32 9.55 -12.95
C ASN F 447 -14.48 8.61 -12.10
N THR F 448 -14.20 7.41 -12.58
CA THR F 448 -13.40 6.45 -11.86
C THR F 448 -12.24 5.92 -12.66
N ASN F 449 -12.44 5.67 -13.95
CA ASN F 449 -11.42 5.09 -14.80
C ASN F 449 -10.86 6.10 -15.78
N GLY F 450 -11.16 7.39 -15.63
CA GLY F 450 -10.73 8.39 -16.56
C GLY F 450 -9.25 8.70 -16.40
N ILE F 451 -8.76 9.53 -17.32
CA ILE F 451 -7.41 10.08 -17.20
C ILE F 451 -7.42 11.36 -16.37
N LEU F 452 -8.44 12.20 -16.54
CA LEU F 452 -8.58 13.38 -15.71
C LEU F 452 -8.93 13.03 -14.27
N ALA F 453 -9.64 11.93 -14.06
CA ALA F 453 -10.04 11.56 -12.71
C ALA F 453 -8.85 11.04 -11.92
N MET F 454 -7.93 10.36 -12.60
CA MET F 454 -6.72 9.88 -11.92
C MET F 454 -5.73 11.01 -11.75
N LEU F 455 -5.90 12.09 -12.49
CA LEU F 455 -5.13 13.30 -12.21
C LEU F 455 -5.71 14.07 -11.04
N ASP F 456 -7.03 14.05 -10.87
CA ASP F 456 -7.62 14.64 -9.68
C ASP F 456 -7.26 13.83 -8.44
N GLU F 457 -7.21 12.49 -8.57
CA GLU F 457 -6.59 11.63 -7.58
C GLU F 457 -5.17 12.07 -7.30
N GLU F 458 -4.37 12.17 -8.37
CA GLU F 458 -2.95 12.52 -8.31
C GLU F 458 -2.68 13.81 -7.58
N CYS F 459 -3.57 14.78 -7.67
CA CYS F 459 -3.44 16.00 -6.89
C CYS F 459 -4.11 15.91 -5.53
N LEU F 460 -4.92 14.89 -5.28
CA LEU F 460 -5.40 14.60 -3.93
C LEU F 460 -4.64 13.47 -3.24
N ARG F 461 -3.73 12.78 -3.93
CA ARG F 461 -3.01 11.69 -3.29
C ARG F 461 -2.10 12.25 -2.20
N PRO F 462 -2.04 11.61 -1.05
CA PRO F 462 -0.90 11.81 -0.17
C PRO F 462 0.35 11.18 -0.75
N GLY F 463 1.50 11.74 -0.38
CA GLY F 463 2.77 11.17 -0.79
C GLY F 463 3.44 11.94 -1.90
N THR F 464 4.46 11.34 -2.51
CA THR F 464 5.13 11.93 -3.65
C THR F 464 4.23 11.83 -4.86
N VAL F 465 3.96 12.96 -5.49
CA VAL F 465 2.93 13.07 -6.52
C VAL F 465 3.56 13.45 -7.85
N THR F 466 4.76 12.95 -8.11
CA THR F 466 5.42 13.23 -9.38
C THR F 466 4.68 12.59 -10.54
N ASP F 467 5.05 13.00 -11.75
CA ASP F 467 4.32 12.60 -12.93
C ASP F 467 4.58 11.16 -13.33
N GLU F 468 5.71 10.59 -12.93
CA GLU F 468 5.99 9.21 -13.26
C GLU F 468 5.11 8.26 -12.47
N THR F 469 4.69 8.67 -11.27
CA THR F 469 3.69 7.90 -10.55
C THR F 469 2.32 8.05 -11.18
N PHE F 470 2.07 9.16 -11.87
CA PHE F 470 0.83 9.28 -12.61
C PHE F 470 0.81 8.38 -13.82
N LEU F 471 1.91 8.35 -14.58
CA LEU F 471 1.98 7.43 -15.73
C LEU F 471 1.98 5.99 -15.27
N GLU F 472 2.56 5.71 -14.11
CA GLU F 472 2.48 4.37 -13.52
C GLU F 472 1.05 4.03 -13.14
N LYS F 473 0.28 5.01 -12.68
CA LYS F 473 -1.13 4.77 -12.39
C LYS F 473 -1.94 4.59 -13.66
N LEU F 474 -1.56 5.27 -14.73
CA LEU F 474 -2.21 5.06 -16.02
C LEU F 474 -1.90 3.68 -16.58
N ASN F 475 -0.66 3.22 -16.38
CA ASN F 475 -0.29 1.87 -16.76
C ASN F 475 -1.03 0.84 -15.93
N GLN F 476 -1.35 1.18 -14.68
CA GLN F 476 -1.93 0.20 -13.76
C GLN F 476 -3.39 -0.11 -14.11
N VAL F 477 -4.27 0.87 -14.03
CA VAL F 477 -5.68 0.57 -14.11
C VAL F 477 -6.36 1.28 -15.28
N CYS F 478 -5.73 2.33 -15.80
CA CYS F 478 -6.26 2.93 -17.02
C CYS F 478 -5.92 2.11 -18.25
N ALA F 479 -4.87 1.31 -18.18
CA ALA F 479 -4.37 0.58 -19.35
C ALA F 479 -4.90 -0.84 -19.43
N THR F 480 -6.22 -0.98 -19.30
CA THR F 480 -6.93 -2.15 -19.79
C THR F 480 -7.74 -1.77 -21.01
N HIS F 481 -7.43 -0.63 -21.60
CA HIS F 481 -8.23 0.06 -22.58
C HIS F 481 -7.71 -0.22 -23.97
N GLN F 482 -8.61 -0.23 -24.94
CA GLN F 482 -8.24 -0.51 -26.32
C GLN F 482 -7.39 0.60 -26.93
N HIS F 483 -7.65 1.85 -26.56
CA HIS F 483 -7.02 2.99 -27.21
C HIS F 483 -5.90 3.61 -26.40
N PHE F 484 -5.90 3.45 -25.09
CA PHE F 484 -4.76 3.92 -24.30
C PHE F 484 -3.55 3.04 -24.57
N GLU F 485 -2.56 3.59 -25.27
CA GLU F 485 -1.39 2.85 -25.71
C GLU F 485 -0.19 3.42 -24.98
N SER F 486 0.36 2.66 -24.04
CA SER F 486 1.57 3.05 -23.34
C SER F 486 2.62 1.97 -23.49
N ARG F 487 3.84 2.31 -23.08
CA ARG F 487 4.93 1.35 -23.28
C ARG F 487 4.99 0.34 -22.17
N MET F 488 5.02 0.79 -20.92
CA MET F 488 5.15 -0.10 -19.78
C MET F 488 3.82 -0.39 -19.12
N SER F 489 2.77 -0.57 -19.91
CA SER F 489 1.45 -0.85 -19.37
C SER F 489 1.37 -2.30 -18.90
N LYS F 490 0.20 -2.67 -18.39
CA LYS F 490 0.00 -3.97 -17.77
C LYS F 490 0.06 -5.12 -18.77
N CYS F 491 -0.80 -5.07 -19.78
CA CYS F 491 -0.92 -6.13 -20.78
C CYS F 491 -0.25 -5.72 -22.09
N SER F 492 0.91 -5.07 -21.97
CA SER F 492 1.46 -4.18 -23.00
C SER F 492 1.72 -4.85 -24.34
N ARG F 493 0.90 -4.51 -25.32
CA ARG F 493 1.17 -4.91 -26.70
C ARG F 493 2.21 -4.02 -27.35
N PHE F 494 2.42 -2.84 -26.80
CA PHE F 494 3.35 -1.87 -27.35
C PHE F 494 4.63 -1.82 -26.51
N LEU F 495 5.04 -2.99 -26.02
CA LEU F 495 6.17 -3.08 -25.10
C LEU F 495 7.49 -2.95 -25.84
N ASN F 496 7.61 -3.60 -27.00
CA ASN F 496 8.85 -3.66 -27.75
C ASN F 496 9.00 -2.52 -28.75
N ASP F 497 8.27 -1.43 -28.57
CA ASP F 497 8.24 -0.37 -29.57
C ASP F 497 9.12 0.79 -29.12
N THR F 498 10.14 1.08 -29.92
CA THR F 498 11.06 2.16 -29.66
C THR F 498 10.49 3.51 -30.04
N THR F 499 9.38 3.55 -30.77
CA THR F 499 8.72 4.80 -31.09
C THR F 499 7.97 5.39 -29.90
N LEU F 500 7.62 4.56 -28.92
CA LEU F 500 7.16 5.03 -27.61
C LEU F 500 8.35 5.21 -26.69
N PRO F 501 8.64 6.42 -26.24
CA PRO F 501 9.63 6.56 -25.16
C PRO F 501 8.98 6.43 -23.81
N HIS F 502 9.78 6.42 -22.75
CA HIS F 502 9.21 6.47 -21.41
C HIS F 502 8.86 7.92 -21.08
N SER F 503 8.08 8.08 -20.00
CA SER F 503 7.44 9.34 -19.62
C SER F 503 6.56 9.89 -20.75
N CYS F 504 5.90 9.00 -21.47
CA CYS F 504 5.01 9.36 -22.56
C CYS F 504 3.89 8.34 -22.64
N PHE F 505 2.80 8.73 -23.29
CA PHE F 505 1.76 7.76 -23.61
C PHE F 505 1.06 8.18 -24.88
N ARG F 506 0.74 7.21 -25.73
CA ARG F 506 -0.12 7.53 -26.86
C ARG F 506 -1.57 7.47 -26.45
N ILE F 507 -2.41 8.18 -27.19
CA ILE F 507 -3.84 7.95 -27.21
C ILE F 507 -4.25 7.81 -28.65
N GLN F 508 -4.82 6.67 -29.00
CA GLN F 508 -5.38 6.50 -30.33
C GLN F 508 -6.70 7.23 -30.33
N HIS F 509 -6.70 8.44 -30.87
CA HIS F 509 -7.93 9.19 -31.08
C HIS F 509 -8.67 8.60 -32.29
N TYR F 510 -9.78 9.22 -32.67
CA TYR F 510 -10.45 8.77 -33.88
C TYR F 510 -9.70 9.21 -35.12
N ALA F 511 -8.95 10.30 -35.02
CA ALA F 511 -8.16 10.77 -36.15
C ALA F 511 -6.86 9.98 -36.27
N GLY F 512 -6.15 9.83 -35.16
CA GLY F 512 -4.90 9.12 -35.17
C GLY F 512 -4.31 9.12 -33.77
N LYS F 513 -3.07 8.64 -33.68
CA LYS F 513 -2.41 8.49 -32.40
C LYS F 513 -1.69 9.78 -32.05
N VAL F 514 -1.86 10.24 -30.81
CA VAL F 514 -1.18 11.43 -30.33
C VAL F 514 -0.35 11.07 -29.10
N LEU F 515 0.95 11.38 -29.17
CA LEU F 515 1.93 11.01 -28.15
C LEU F 515 2.13 12.18 -27.18
N TYR F 516 1.91 11.91 -25.89
CA TYR F 516 1.91 12.93 -24.86
C TYR F 516 3.09 12.75 -23.92
N GLN F 517 3.85 13.84 -23.75
CA GLN F 517 4.80 13.97 -22.66
C GLN F 517 4.06 14.22 -21.36
N VAL F 518 4.51 13.58 -20.29
CA VAL F 518 3.90 13.78 -18.97
C VAL F 518 4.64 14.80 -18.15
N GLU F 519 5.60 15.51 -18.74
CA GLU F 519 6.37 16.48 -17.98
C GLU F 519 5.55 17.74 -17.74
N GLY F 520 5.45 18.15 -16.49
CA GLY F 520 4.70 19.34 -16.14
C GLY F 520 3.21 19.13 -16.08
N PHE F 521 2.76 17.91 -16.29
CA PHE F 521 1.36 17.53 -16.32
C PHE F 521 0.67 17.77 -14.98
N VAL F 522 1.27 17.22 -13.90
CA VAL F 522 0.68 17.39 -12.59
C VAL F 522 1.01 18.75 -11.99
N ASP F 523 2.03 19.43 -12.51
CA ASP F 523 2.30 20.80 -12.09
C ASP F 523 1.30 21.77 -12.68
N LYS F 524 0.65 21.39 -13.77
CA LYS F 524 -0.29 22.26 -14.43
C LYS F 524 -1.72 21.82 -14.27
N ASN F 525 -1.96 20.69 -13.59
CA ASN F 525 -3.28 20.47 -13.03
C ASN F 525 -3.61 21.43 -11.90
N ASN F 526 -2.59 21.90 -11.19
CA ASN F 526 -2.79 22.46 -9.85
C ASN F 526 -3.35 23.88 -9.91
N ASP F 527 -4.49 24.07 -9.25
CA ASP F 527 -5.19 25.34 -9.19
C ASP F 527 -5.57 25.61 -7.76
N LEU F 528 -4.58 25.57 -6.88
CA LEU F 528 -4.77 25.79 -5.45
C LEU F 528 -4.98 27.27 -5.17
N LEU F 529 -6.13 27.78 -5.61
CA LEU F 529 -6.58 29.11 -5.24
C LEU F 529 -7.33 28.95 -3.93
N TYR F 530 -6.59 29.07 -2.84
CA TYR F 530 -7.19 28.86 -1.53
C TYR F 530 -8.13 30.00 -1.19
N ARG F 531 -8.96 29.75 -0.16
CA ARG F 531 -9.94 30.72 0.29
C ARG F 531 -9.29 32.00 0.81
N ASP F 532 -8.05 31.91 1.26
CA ASP F 532 -7.35 33.08 1.74
C ASP F 532 -6.72 33.91 0.64
N LEU F 533 -6.57 33.36 -0.57
CA LEU F 533 -6.13 34.18 -1.68
C LEU F 533 -7.26 35.09 -2.16
N SER F 534 -8.43 34.51 -2.35
CA SER F 534 -9.61 35.31 -2.68
C SER F 534 -10.02 36.20 -1.52
N GLN F 535 -9.81 35.73 -0.29
CA GLN F 535 -10.17 36.52 0.89
C GLN F 535 -9.21 37.66 1.08
N ALA F 536 -7.93 37.46 0.72
CA ALA F 536 -6.97 38.54 0.70
C ALA F 536 -7.30 39.55 -0.40
N MET F 537 -7.58 39.07 -1.61
CA MET F 537 -7.82 39.97 -2.72
C MET F 537 -9.21 40.57 -2.75
N TRP F 538 -10.10 40.18 -1.83
CA TRP F 538 -11.42 40.81 -1.78
C TRP F 538 -11.33 42.20 -1.18
N LYS F 539 -10.34 42.44 -0.32
CA LYS F 539 -10.12 43.75 0.27
C LYS F 539 -9.14 44.59 -0.53
N ALA F 540 -8.71 44.11 -1.69
CA ALA F 540 -7.54 44.66 -2.37
C ALA F 540 -7.93 45.84 -3.23
N GLY F 541 -8.12 46.99 -2.59
CA GLY F 541 -8.11 48.22 -3.36
C GLY F 541 -9.27 48.44 -4.29
N HIS F 542 -9.02 48.08 -5.56
CA HIS F 542 -9.92 48.27 -6.70
C HIS F 542 -11.34 47.81 -6.44
N ALA F 543 -12.26 48.41 -7.18
CA ALA F 543 -13.59 47.86 -7.36
C ALA F 543 -13.65 46.85 -8.51
N LEU F 544 -12.50 46.39 -8.97
CA LEU F 544 -12.38 45.34 -9.97
C LEU F 544 -11.92 44.03 -9.34
N ILE F 545 -10.79 44.05 -8.65
CA ILE F 545 -10.27 42.85 -7.98
C ILE F 545 -11.21 42.40 -6.88
N LYS F 546 -11.84 43.35 -6.19
CA LYS F 546 -12.94 43.01 -5.29
C LYS F 546 -14.13 42.46 -6.06
N SER F 547 -14.42 43.02 -7.24
CA SER F 547 -15.53 42.50 -8.03
C SER F 547 -15.19 41.21 -8.75
N LEU F 548 -13.92 40.87 -8.88
CA LEU F 548 -13.58 39.59 -9.47
C LEU F 548 -13.87 38.43 -8.52
N PHE F 549 -13.64 38.62 -7.22
CA PHE F 549 -13.68 37.54 -6.24
C PHE F 549 -14.83 37.77 -5.26
N PRO F 550 -16.03 37.27 -5.53
CA PRO F 550 -17.05 37.24 -4.48
C PRO F 550 -16.84 36.11 -3.50
N GLU F 551 -15.91 35.20 -3.78
CA GLU F 551 -15.62 34.11 -2.87
C GLU F 551 -14.83 34.56 -1.67
N GLY F 552 -14.24 35.74 -1.73
CA GLY F 552 -13.49 36.28 -0.63
C GLY F 552 -14.30 37.04 0.38
N ASN F 553 -15.61 36.98 0.29
CA ASN F 553 -16.47 37.61 1.25
C ASN F 553 -16.52 36.76 2.50
N PRO F 554 -16.23 37.28 3.69
CA PRO F 554 -16.42 36.50 4.92
C PRO F 554 -17.88 36.21 5.23
N ALA F 555 -18.82 36.93 4.62
CA ALA F 555 -20.23 36.58 4.66
C ALA F 555 -20.59 35.53 3.62
N LYS F 556 -19.64 35.12 2.78
CA LYS F 556 -19.83 34.05 1.81
C LYS F 556 -18.81 32.94 2.15
N VAL F 557 -19.26 32.00 2.97
CA VAL F 557 -18.41 30.92 3.46
C VAL F 557 -18.44 29.83 2.41
N ASN F 558 -17.48 29.86 1.49
CA ASN F 558 -17.31 28.81 0.48
C ASN F 558 -16.21 27.90 1.01
N LEU F 559 -16.61 26.75 1.55
CA LEU F 559 -15.68 25.89 2.26
C LEU F 559 -15.03 24.84 1.37
N LYS F 560 -15.52 24.63 0.15
CA LYS F 560 -15.04 23.56 -0.71
C LYS F 560 -13.59 23.78 -1.15
N ARG F 561 -12.92 22.67 -1.43
CA ARG F 561 -11.56 22.74 -1.95
C ARG F 561 -11.57 23.24 -3.39
N PRO F 562 -10.46 23.82 -3.86
CA PRO F 562 -10.43 24.37 -5.23
C PRO F 562 -10.45 23.28 -6.28
N PRO F 563 -11.33 23.40 -7.28
CA PRO F 563 -11.31 22.44 -8.40
C PRO F 563 -10.08 22.65 -9.25
N THR F 564 -9.43 21.55 -9.64
CA THR F 564 -8.08 21.75 -10.14
C THR F 564 -7.98 22.15 -11.61
N ALA F 565 -8.01 21.20 -12.52
CA ALA F 565 -8.16 21.58 -13.92
C ALA F 565 -8.98 20.61 -14.73
N GLY F 566 -9.01 19.32 -14.37
CA GLY F 566 -9.94 18.42 -15.02
C GLY F 566 -11.35 18.74 -14.63
N SER F 567 -11.56 19.17 -13.38
CA SER F 567 -12.87 19.65 -12.98
C SER F 567 -13.22 20.94 -13.71
N GLN F 568 -12.25 21.85 -13.83
CA GLN F 568 -12.53 23.15 -14.43
C GLN F 568 -12.68 23.07 -15.93
N PHE F 569 -11.68 22.50 -16.62
CA PHE F 569 -11.77 22.39 -18.07
C PHE F 569 -12.84 21.39 -18.50
N LYS F 570 -13.04 20.32 -17.73
CA LYS F 570 -14.09 19.37 -18.07
C LYS F 570 -15.48 19.97 -17.85
N ALA F 571 -15.62 20.78 -16.81
CA ALA F 571 -16.89 21.47 -16.61
C ALA F 571 -17.11 22.54 -17.68
N SER F 572 -16.02 23.12 -18.21
CA SER F 572 -16.17 24.09 -19.29
C SER F 572 -16.54 23.41 -20.60
N VAL F 573 -16.02 22.19 -20.82
CA VAL F 573 -16.46 21.41 -21.97
C VAL F 573 -17.92 21.03 -21.84
N ALA F 574 -18.35 20.66 -20.62
CA ALA F 574 -19.76 20.34 -20.41
C ALA F 574 -20.65 21.56 -20.58
N THR F 575 -20.14 22.74 -20.26
CA THR F 575 -20.88 23.97 -20.53
C THR F 575 -20.96 24.23 -22.03
N LEU F 576 -19.89 23.92 -22.77
CA LEU F 576 -19.92 24.05 -24.22
C LEU F 576 -20.91 23.09 -24.85
N MET F 577 -20.95 21.86 -24.36
CA MET F 577 -21.90 20.88 -24.85
C MET F 577 -23.33 21.21 -24.45
N LYS F 578 -23.51 21.95 -23.35
CA LYS F 578 -24.82 22.48 -23.04
C LYS F 578 -25.23 23.58 -24.04
N ASN F 579 -24.26 24.31 -24.60
CA ASN F 579 -24.54 25.37 -25.55
C ASN F 579 -24.41 24.92 -26.99
N LEU F 580 -24.42 23.62 -27.26
CA LEU F 580 -24.41 23.11 -28.62
C LEU F 580 -25.45 22.05 -28.90
N GLN F 581 -25.91 21.30 -27.89
CA GLN F 581 -26.86 20.23 -28.15
C GLN F 581 -28.27 20.75 -28.40
N THR F 582 -28.53 22.02 -28.09
CA THR F 582 -29.81 22.62 -28.39
C THR F 582 -29.87 23.22 -29.78
N LYS F 583 -28.78 23.17 -30.53
CA LYS F 583 -28.64 23.88 -31.79
C LYS F 583 -28.36 22.89 -32.92
N ASN F 584 -28.45 23.38 -34.16
CA ASN F 584 -28.03 22.61 -35.32
C ASN F 584 -26.61 23.01 -35.67
N PRO F 585 -25.70 22.06 -35.87
CA PRO F 585 -24.35 22.42 -36.28
C PRO F 585 -24.18 22.38 -37.79
N ASN F 586 -23.31 23.26 -38.27
CA ASN F 586 -22.92 23.32 -39.68
C ASN F 586 -21.43 23.63 -39.63
N TYR F 587 -20.62 22.89 -40.38
CA TYR F 587 -19.19 22.86 -40.04
C TYR F 587 -18.33 23.66 -41.02
N ILE F 588 -17.25 24.23 -40.48
CA ILE F 588 -16.13 24.73 -41.27
C ILE F 588 -14.90 23.94 -40.87
N ARG F 589 -14.21 23.36 -41.84
CA ARG F 589 -12.95 22.67 -41.62
C ARG F 589 -11.90 23.52 -42.29
N CYS F 590 -10.99 24.05 -41.50
CA CYS F 590 -10.12 25.09 -42.01
C CYS F 590 -8.70 24.58 -42.12
N ILE F 591 -8.05 24.90 -43.25
CA ILE F 591 -6.78 24.27 -43.61
C ILE F 591 -5.71 25.31 -43.94
N LYS F 592 -4.53 25.21 -43.28
CA LYS F 592 -3.44 26.09 -43.72
C LYS F 592 -2.49 25.33 -44.63
N PRO F 593 -1.99 25.95 -45.69
CA PRO F 593 -1.01 25.27 -46.55
C PRO F 593 0.40 25.22 -46.00
N ASN F 594 0.93 26.31 -45.43
CA ASN F 594 2.25 26.24 -44.80
C ASN F 594 2.31 27.23 -43.64
N ASP F 595 3.34 27.05 -42.81
CA ASP F 595 3.52 27.91 -41.65
C ASP F 595 4.22 29.23 -41.99
N LYS F 596 4.75 29.38 -43.19
CA LYS F 596 5.52 30.56 -43.58
C LYS F 596 4.62 31.67 -44.13
N LYS F 597 3.30 31.55 -43.95
CA LYS F 597 2.30 32.56 -44.30
C LYS F 597 2.29 32.88 -45.79
N ALA F 598 2.63 31.90 -46.63
CA ALA F 598 2.76 32.16 -48.06
C ALA F 598 1.41 32.04 -48.76
N ALA F 599 1.21 32.90 -49.75
CA ALA F 599 -0.03 32.96 -50.50
C ALA F 599 -0.02 32.09 -51.74
N HIS F 600 1.13 31.53 -52.12
CA HIS F 600 1.22 30.70 -53.31
C HIS F 600 1.68 29.30 -52.95
N ILE F 601 2.59 29.19 -51.99
CA ILE F 601 3.24 27.93 -51.70
C ILE F 601 2.27 27.01 -50.95
N PHE F 602 2.03 25.85 -51.53
CA PHE F 602 1.09 24.85 -51.01
C PHE F 602 1.89 23.60 -50.68
N SER F 603 2.33 23.50 -49.42
CA SER F 603 3.09 22.32 -48.99
C SER F 603 2.16 21.13 -48.88
N GLU F 604 2.56 20.01 -49.49
CA GLU F 604 1.68 18.84 -49.55
C GLU F 604 1.65 18.10 -48.22
N SER F 605 2.77 18.05 -47.51
CA SER F 605 2.87 17.19 -46.34
C SER F 605 2.11 17.77 -45.16
N LEU F 606 2.13 19.09 -44.99
CA LEU F 606 1.39 19.71 -43.91
C LEU F 606 -0.11 19.61 -44.14
N VAL F 607 -0.54 19.73 -45.39
CA VAL F 607 -1.96 19.63 -45.64
C VAL F 607 -2.41 18.17 -45.52
N CYS F 608 -1.57 17.22 -45.92
CA CYS F 608 -1.88 15.80 -45.70
C CYS F 608 -1.93 15.41 -44.23
N HIS F 609 -1.05 16.01 -43.41
CA HIS F 609 -1.17 15.98 -41.96
C HIS F 609 -2.56 16.42 -41.52
N GLN F 610 -3.02 17.58 -42.02
CA GLN F 610 -4.30 18.12 -41.57
C GLN F 610 -5.49 17.37 -42.13
N ILE F 611 -5.35 16.75 -43.29
CA ILE F 611 -6.42 15.91 -43.81
C ILE F 611 -6.51 14.64 -42.98
N ARG F 612 -5.37 14.10 -42.57
CA ARG F 612 -5.34 12.91 -41.74
C ARG F 612 -5.95 13.15 -40.37
N TYR F 613 -5.76 14.33 -39.78
CA TYR F 613 -6.24 14.53 -38.42
C TYR F 613 -7.50 15.38 -38.30
N LEU F 614 -7.96 16.00 -39.37
CA LEU F 614 -9.30 16.59 -39.35
C LEU F 614 -10.39 15.60 -39.68
N GLY F 615 -10.02 14.37 -40.05
CA GLY F 615 -10.97 13.30 -40.28
C GLY F 615 -11.84 13.52 -41.50
N LEU F 616 -11.23 13.82 -42.64
CA LEU F 616 -11.98 14.21 -43.83
C LEU F 616 -12.32 13.03 -44.72
N LEU F 617 -11.41 12.06 -44.88
CA LEU F 617 -11.74 10.89 -45.69
C LEU F 617 -12.78 10.02 -45.03
N GLU F 618 -12.75 9.95 -43.69
CA GLU F 618 -13.84 9.31 -42.96
C GLU F 618 -15.12 10.09 -43.09
N ASN F 619 -15.04 11.42 -43.19
CA ASN F 619 -16.22 12.24 -43.44
C ASN F 619 -16.79 11.98 -44.82
N VAL F 620 -15.92 11.83 -45.83
CA VAL F 620 -16.37 11.51 -47.17
C VAL F 620 -16.99 10.12 -47.21
N ARG F 621 -16.44 9.19 -46.42
CA ARG F 621 -17.02 7.84 -46.35
C ARG F 621 -18.40 7.85 -45.70
N VAL F 622 -18.57 8.66 -44.65
CA VAL F 622 -19.86 8.70 -43.97
C VAL F 622 -20.89 9.43 -44.83
N ARG F 623 -20.48 10.46 -45.56
CA ARG F 623 -21.45 11.17 -46.39
C ARG F 623 -21.76 10.44 -47.69
N ARG F 624 -21.08 9.34 -48.00
CA ARG F 624 -21.48 8.44 -49.07
C ARG F 624 -22.42 7.35 -48.59
N ALA F 625 -23.13 7.58 -47.48
CA ALA F 625 -23.99 6.55 -46.89
C ALA F 625 -25.14 6.18 -47.80
N GLY F 626 -26.10 7.09 -47.96
CA GLY F 626 -27.01 6.94 -49.07
C GLY F 626 -27.22 8.19 -49.88
N TYR F 627 -27.14 9.36 -49.26
CA TYR F 627 -27.63 10.58 -49.88
C TYR F 627 -26.54 11.64 -50.00
N ALA F 628 -26.92 12.70 -50.70
CA ALA F 628 -26.29 14.00 -50.55
C ALA F 628 -27.30 15.13 -50.54
N PHE F 629 -28.60 14.85 -50.66
CA PHE F 629 -29.57 15.94 -50.69
C PHE F 629 -30.94 15.45 -50.24
N ARG F 630 -31.65 16.34 -49.55
CA ARG F 630 -32.96 16.07 -49.00
C ARG F 630 -33.76 17.37 -48.96
N GLN F 631 -35.07 17.26 -49.14
CA GLN F 631 -35.96 18.43 -49.14
C GLN F 631 -37.36 17.91 -48.83
N ALA F 632 -38.27 18.81 -48.49
CA ALA F 632 -39.67 18.39 -48.50
C ALA F 632 -40.20 18.45 -49.93
N TYR F 633 -41.45 17.99 -50.11
CA TYR F 633 -42.01 17.90 -51.44
C TYR F 633 -42.29 19.27 -52.05
N GLU F 634 -42.96 20.13 -51.29
CA GLU F 634 -43.64 21.29 -51.90
C GLU F 634 -42.69 22.39 -52.39
N PRO F 635 -41.63 22.80 -51.68
CA PRO F 635 -40.69 23.73 -52.32
C PRO F 635 -39.88 23.09 -53.42
N CYS F 636 -39.74 21.76 -53.41
CA CYS F 636 -39.04 21.09 -54.50
C CYS F 636 -39.87 21.09 -55.77
N LEU F 637 -41.17 20.85 -55.64
CA LEU F 637 -42.06 20.90 -56.81
C LEU F 637 -42.26 22.34 -57.26
N GLU F 638 -42.30 23.29 -56.31
CA GLU F 638 -42.46 24.69 -56.65
C GLU F 638 -41.23 25.24 -57.35
N ARG F 639 -40.03 24.85 -56.90
CA ARG F 639 -38.81 25.31 -57.54
C ARG F 639 -38.53 24.57 -58.84
N TYR F 640 -38.87 23.28 -58.91
CA TYR F 640 -38.42 22.42 -59.99
C TYR F 640 -39.53 22.01 -60.95
N LYS F 641 -40.71 22.61 -60.84
CA LYS F 641 -41.84 22.19 -61.68
C LYS F 641 -41.71 22.63 -63.13
N MET F 642 -40.75 23.51 -63.44
CA MET F 642 -40.57 23.99 -64.80
C MET F 642 -39.99 22.95 -65.74
N LEU F 643 -39.32 21.92 -65.20
CA LEU F 643 -38.64 20.95 -66.03
C LEU F 643 -39.59 19.92 -66.62
N CYS F 644 -40.80 19.80 -66.08
CA CYS F 644 -41.83 18.96 -66.66
C CYS F 644 -42.80 19.83 -67.44
N LYS F 645 -43.24 19.32 -68.59
CA LYS F 645 -44.25 20.02 -69.37
C LYS F 645 -45.59 20.05 -68.65
N GLN F 646 -45.90 19.00 -67.88
CA GLN F 646 -47.21 18.86 -67.28
C GLN F 646 -47.36 19.72 -66.02
N THR F 647 -46.37 19.70 -65.14
CA THR F 647 -46.46 20.48 -63.91
C THR F 647 -46.29 21.98 -64.14
N TRP F 648 -45.55 22.37 -65.18
CA TRP F 648 -45.40 23.79 -65.46
C TRP F 648 -46.54 24.27 -66.33
N PRO F 649 -47.15 25.43 -66.03
CA PRO F 649 -46.91 26.24 -64.83
C PRO F 649 -47.83 25.86 -63.69
N HIS F 650 -48.79 24.99 -63.98
CA HIS F 650 -49.86 24.70 -63.04
C HIS F 650 -50.40 23.30 -63.31
N TRP F 651 -50.37 22.43 -62.31
CA TRP F 651 -49.74 22.70 -61.01
C TRP F 651 -48.62 21.71 -60.58
N LYS F 652 -48.73 20.37 -60.63
CA LYS F 652 -49.91 19.54 -60.93
C LYS F 652 -50.23 18.62 -59.75
N GLY F 653 -51.50 18.61 -59.34
CA GLY F 653 -51.93 17.85 -58.18
C GLY F 653 -51.97 16.35 -58.40
N PRO F 654 -51.72 15.57 -57.34
CA PRO F 654 -51.28 15.97 -56.00
C PRO F 654 -49.80 16.31 -55.95
N ALA F 655 -49.29 16.68 -54.78
CA ALA F 655 -47.92 17.19 -54.67
C ALA F 655 -46.90 16.08 -54.92
N ARG F 656 -46.99 14.98 -54.17
CA ARG F 656 -46.04 13.88 -54.30
C ARG F 656 -46.17 13.17 -55.64
N SER F 657 -47.38 13.12 -56.19
CA SER F 657 -47.59 12.48 -57.48
C SER F 657 -47.04 13.33 -58.62
N GLY F 658 -47.21 14.65 -58.57
CA GLY F 658 -46.62 15.51 -59.58
C GLY F 658 -45.11 15.57 -59.46
N VAL F 659 -44.60 15.40 -58.24
CA VAL F 659 -43.17 15.17 -58.04
C VAL F 659 -42.72 13.88 -58.74
N GLU F 660 -43.53 12.82 -58.62
CA GLU F 660 -43.21 11.55 -59.27
C GLU F 660 -43.22 11.68 -60.79
N VAL F 661 -44.17 12.45 -61.32
CA VAL F 661 -44.19 12.75 -62.75
C VAL F 661 -42.98 13.59 -63.15
N LEU F 662 -42.52 14.47 -62.24
CA LEU F 662 -41.35 15.30 -62.53
C LEU F 662 -40.09 14.45 -62.62
N PHE F 663 -39.93 13.46 -61.73
CA PHE F 663 -38.77 12.59 -61.86
C PHE F 663 -38.92 11.59 -63.00
N ASN F 664 -40.14 11.21 -63.36
CA ASN F 664 -40.34 10.33 -64.50
C ASN F 664 -40.28 11.07 -65.83
N GLU F 665 -40.24 12.40 -65.81
CA GLU F 665 -40.25 13.17 -67.04
C GLU F 665 -38.84 13.34 -67.61
N LEU F 666 -37.86 13.61 -66.76
CA LEU F 666 -36.50 13.83 -67.19
C LEU F 666 -35.69 12.54 -67.32
N GLU F 667 -36.36 11.38 -67.30
CA GLU F 667 -35.76 10.05 -67.39
C GLU F 667 -34.72 9.83 -66.30
N ILE F 668 -35.04 10.29 -65.09
CA ILE F 668 -34.14 10.09 -63.95
C ILE F 668 -34.20 8.62 -63.52
N PRO F 669 -33.05 7.96 -63.33
CA PRO F 669 -33.07 6.56 -62.92
C PRO F 669 -33.62 6.38 -61.51
N VAL F 670 -34.23 5.22 -61.29
CA VAL F 670 -34.85 4.89 -60.00
C VAL F 670 -33.80 4.77 -58.91
N GLU F 671 -32.58 4.37 -59.27
CA GLU F 671 -31.48 4.33 -58.32
C GLU F 671 -31.09 5.71 -57.82
N GLU F 672 -31.29 6.75 -58.64
CA GLU F 672 -30.83 8.09 -58.28
C GLU F 672 -31.68 8.70 -57.18
N TYR F 673 -32.98 8.83 -57.40
CA TYR F 673 -33.84 9.44 -56.40
C TYR F 673 -34.26 8.40 -55.37
N SER F 674 -35.17 8.80 -54.48
CA SER F 674 -35.90 7.92 -53.59
C SER F 674 -37.12 8.64 -53.07
N PHE F 675 -38.18 7.89 -52.78
CA PHE F 675 -39.43 8.45 -52.28
C PHE F 675 -39.54 8.28 -50.78
N GLY F 676 -40.05 9.32 -50.11
CA GLY F 676 -40.25 9.29 -48.68
C GLY F 676 -41.71 9.50 -48.34
N ARG F 677 -41.99 9.63 -47.05
CA ARG F 677 -43.37 9.84 -46.63
C ARG F 677 -43.74 11.31 -46.71
N SER F 678 -42.92 12.18 -46.13
CA SER F 678 -43.22 13.59 -46.12
C SER F 678 -42.14 14.42 -46.77
N LYS F 679 -41.14 13.80 -47.38
CA LYS F 679 -39.97 14.50 -47.90
C LYS F 679 -39.52 13.80 -49.18
N ILE F 680 -38.98 14.57 -50.12
CA ILE F 680 -38.39 14.02 -51.34
C ILE F 680 -36.87 14.09 -51.24
N PHE F 681 -36.20 13.11 -51.83
CA PHE F 681 -34.84 12.71 -51.47
C PHE F 681 -34.01 12.43 -52.71
N ILE F 682 -32.75 12.88 -52.71
CA ILE F 682 -31.85 12.65 -53.85
C ILE F 682 -30.48 12.22 -53.34
N ARG F 683 -29.97 11.11 -53.89
CA ARG F 683 -28.69 10.56 -53.48
C ARG F 683 -27.50 11.41 -53.92
N ASN F 684 -27.49 11.86 -55.18
CA ASN F 684 -26.19 12.24 -55.73
C ASN F 684 -26.08 13.74 -56.01
N PRO F 685 -24.87 14.31 -55.91
CA PRO F 685 -24.69 15.74 -56.18
C PRO F 685 -24.76 16.07 -57.65
N ARG F 686 -24.29 15.17 -58.51
CA ARG F 686 -24.33 15.40 -59.94
C ARG F 686 -25.74 15.34 -60.50
N THR F 687 -26.66 14.70 -59.78
CA THR F 687 -28.08 14.77 -60.12
C THR F 687 -28.59 16.19 -59.99
N LEU F 688 -28.30 16.86 -58.88
CA LEU F 688 -28.70 18.26 -58.76
C LEU F 688 -27.86 19.19 -59.62
N PHE F 689 -26.65 18.78 -60.01
CA PHE F 689 -25.92 19.54 -61.02
C PHE F 689 -26.66 19.51 -62.35
N GLN F 690 -27.22 18.34 -62.70
CA GLN F 690 -27.99 18.23 -63.93
C GLN F 690 -29.33 18.95 -63.81
N LEU F 691 -29.97 18.87 -62.64
CA LEU F 691 -31.28 19.50 -62.46
C LEU F 691 -31.16 21.02 -62.45
N GLU F 692 -30.11 21.55 -61.83
CA GLU F 692 -29.93 22.99 -61.88
C GLU F 692 -29.40 23.44 -63.23
N ASP F 693 -28.69 22.56 -63.95
CA ASP F 693 -28.25 22.88 -65.30
C ASP F 693 -29.46 23.02 -66.24
N LEU F 694 -30.36 22.03 -66.21
CA LEU F 694 -31.59 22.10 -67.00
C LEU F 694 -32.51 23.20 -66.50
N ARG F 695 -32.44 23.53 -65.20
CA ARG F 695 -33.22 24.64 -64.69
C ARG F 695 -32.74 25.97 -65.25
N LYS F 696 -31.41 26.16 -65.30
CA LYS F 696 -30.85 27.38 -65.86
C LYS F 696 -31.11 27.48 -67.36
N GLN F 697 -31.04 26.35 -68.08
CA GLN F 697 -31.40 26.34 -69.49
C GLN F 697 -32.89 26.62 -69.69
N ARG F 698 -33.73 26.22 -68.73
CA ARG F 698 -35.14 26.56 -68.82
C ARG F 698 -35.37 28.05 -68.54
N LEU F 699 -34.63 28.61 -67.58
CA LEU F 699 -34.81 30.01 -67.22
C LEU F 699 -34.23 30.96 -68.25
N GLU F 700 -33.31 30.49 -69.09
CA GLU F 700 -32.86 31.33 -70.20
C GLU F 700 -33.95 31.47 -71.25
N ASP F 701 -34.62 30.36 -71.57
CA ASP F 701 -35.78 30.39 -72.46
C ASP F 701 -36.92 31.19 -71.85
N LEU F 702 -37.09 31.09 -70.53
CA LEU F 702 -38.14 31.81 -69.86
C LEU F 702 -37.86 33.31 -69.82
N ALA F 703 -36.57 33.67 -69.69
CA ALA F 703 -36.19 35.07 -69.73
C ALA F 703 -36.34 35.65 -71.13
N THR F 704 -36.06 34.83 -72.16
CA THR F 704 -36.31 35.25 -73.53
C THR F 704 -37.80 35.46 -73.76
N LEU F 705 -38.63 34.59 -73.17
CA LEU F 705 -40.07 34.72 -73.24
C LEU F 705 -40.56 36.00 -72.57
N ILE F 706 -40.00 36.34 -71.41
CA ILE F 706 -40.44 37.53 -70.70
C ILE F 706 -39.95 38.80 -71.41
N GLN F 707 -38.76 38.75 -72.00
CA GLN F 707 -38.24 39.90 -72.73
C GLN F 707 -39.01 40.15 -74.02
N LYS F 708 -39.47 39.08 -74.69
CA LYS F 708 -40.26 39.30 -75.89
C LYS F 708 -41.70 39.67 -75.57
N ILE F 709 -42.24 39.25 -74.42
CA ILE F 709 -43.56 39.72 -74.05
C ILE F 709 -43.50 41.18 -73.61
N TYR F 710 -42.38 41.60 -73.00
CA TYR F 710 -42.21 43.02 -72.69
C TYR F 710 -42.03 43.85 -73.95
N ARG F 711 -41.38 43.28 -74.98
CA ARG F 711 -41.35 43.96 -76.28
C ARG F 711 -42.74 44.02 -76.90
N GLY F 712 -43.57 43.01 -76.64
CA GLY F 712 -44.93 43.03 -77.18
C GLY F 712 -45.81 44.05 -76.49
N TRP F 713 -45.66 44.21 -75.18
CA TRP F 713 -46.39 45.25 -74.46
C TRP F 713 -45.87 46.64 -74.81
N LYS F 714 -44.57 46.73 -75.10
CA LYS F 714 -44.00 48.00 -75.53
C LYS F 714 -44.52 48.41 -76.91
N CYS F 715 -44.51 47.47 -77.87
CA CYS F 715 -45.03 47.77 -79.21
C CYS F 715 -46.54 47.94 -79.20
N ARG F 716 -47.23 47.30 -78.25
CA ARG F 716 -48.65 47.56 -78.08
C ARG F 716 -48.88 48.97 -77.53
N THR F 717 -48.00 49.43 -76.64
CA THR F 717 -48.11 50.78 -76.12
C THR F 717 -47.83 51.82 -77.21
N HIS F 718 -46.82 51.57 -78.06
CA HIS F 718 -46.57 52.47 -79.19
C HIS F 718 -47.67 52.37 -80.23
N PHE F 719 -48.36 51.23 -80.32
CA PHE F 719 -49.47 51.11 -81.27
C PHE F 719 -50.70 51.85 -80.77
N LEU F 720 -50.97 51.82 -79.46
CA LEU F 720 -52.09 52.57 -78.91
C LEU F 720 -51.80 54.06 -78.89
N LEU F 721 -50.53 54.44 -78.70
CA LEU F 721 -50.16 55.85 -78.79
C LEU F 721 -50.24 56.36 -80.22
N MET F 722 -49.80 55.53 -81.18
CA MET F 722 -49.88 55.89 -82.59
C MET F 722 -51.33 55.95 -83.07
N LYS F 723 -52.18 55.08 -82.55
CA LYS F 723 -53.61 55.15 -82.88
C LYS F 723 -54.26 56.37 -82.22
N GLY F 724 -53.83 56.71 -81.00
CA GLY F 724 -54.44 57.82 -80.28
C GLY F 724 -54.02 59.18 -80.80
N LEU F 725 -52.84 59.26 -81.43
CA LEU F 725 -52.32 60.54 -81.94
C LEU F 725 -52.64 60.74 -83.42
N ASN F 726 -53.78 60.24 -83.91
CA ASN F 726 -54.16 60.41 -85.30
C ASN F 726 -55.47 61.19 -85.45
N ASP F 727 -55.87 61.92 -84.41
CA ASP F 727 -57.05 62.79 -84.37
C ASP F 727 -58.34 62.01 -84.69
N ILE F 728 -58.66 61.08 -83.78
CA ILE F 728 -59.86 60.26 -83.93
C ILE F 728 -61.09 61.13 -83.69
N PHE F 729 -61.91 61.27 -84.72
CA PHE F 729 -63.13 62.06 -84.63
C PHE F 729 -64.29 61.24 -84.10
N ALA G 1 -64.05 27.17 -88.47
CA ALA G 1 -62.87 27.34 -89.30
C ALA G 1 -63.07 28.44 -90.34
N ASP G 2 -62.83 29.68 -89.94
CA ASP G 2 -63.00 30.81 -90.85
C ASP G 2 -61.85 30.97 -91.86
N GLN G 3 -60.56 31.05 -91.46
CA GLN G 3 -59.91 30.98 -90.13
C GLN G 3 -59.82 32.37 -89.48
N LEU G 4 -60.13 33.40 -90.26
CA LEU G 4 -60.14 34.78 -89.80
C LEU G 4 -61.45 35.44 -90.18
N THR G 5 -62.04 36.15 -89.22
CA THR G 5 -63.29 36.86 -89.48
C THR G 5 -63.03 38.12 -90.30
N GLU G 6 -64.11 38.70 -90.81
CA GLU G 6 -63.99 39.83 -91.74
C GLU G 6 -63.54 41.09 -91.03
N GLU G 7 -64.04 41.34 -89.82
CA GLU G 7 -63.65 42.53 -89.08
C GLU G 7 -62.21 42.41 -88.57
N GLN G 8 -61.73 41.18 -88.36
CA GLN G 8 -60.35 40.98 -87.94
C GLN G 8 -59.38 41.22 -89.09
N ILE G 9 -59.74 40.75 -90.29
CA ILE G 9 -58.96 41.05 -91.49
C ILE G 9 -59.00 42.55 -91.79
N ALA G 10 -60.13 43.20 -91.47
CA ALA G 10 -60.20 44.65 -91.56
C ALA G 10 -59.26 45.32 -90.56
N GLU G 11 -59.06 44.69 -89.40
CA GLU G 11 -58.07 45.21 -88.45
C GLU G 11 -56.65 44.96 -88.93
N PHE G 12 -56.41 43.86 -89.65
CA PHE G 12 -55.09 43.65 -90.24
C PHE G 12 -54.82 44.67 -91.34
N LYS G 13 -55.84 45.01 -92.12
CA LYS G 13 -55.68 46.01 -93.17
C LYS G 13 -55.52 47.40 -92.58
N GLU G 14 -56.21 47.69 -91.48
CA GLU G 14 -56.10 48.99 -90.83
C GLU G 14 -54.73 49.17 -90.18
N ALA G 15 -54.22 48.11 -89.54
CA ALA G 15 -52.90 48.20 -88.93
C ALA G 15 -51.80 48.23 -89.99
N PHE G 16 -51.98 47.46 -91.08
CA PHE G 16 -50.98 47.44 -92.15
C PHE G 16 -50.96 48.75 -92.92
N SER G 17 -52.11 49.40 -93.07
CA SER G 17 -52.15 50.70 -93.73
C SER G 17 -51.72 51.81 -92.79
N LEU G 18 -51.91 51.64 -91.49
CA LEU G 18 -51.53 52.68 -90.54
C LEU G 18 -50.03 52.69 -90.27
N PHE G 19 -49.43 51.50 -90.15
CA PHE G 19 -48.00 51.42 -89.85
C PHE G 19 -47.14 51.77 -91.06
N ASP G 20 -47.69 51.63 -92.27
CA ASP G 20 -46.93 51.85 -93.50
C ASP G 20 -46.69 53.34 -93.67
N LYS G 21 -45.53 53.80 -93.19
CA LYS G 21 -45.06 55.16 -93.40
C LYS G 21 -44.35 55.32 -94.74
N ASP G 22 -44.03 54.22 -95.42
CA ASP G 22 -43.44 54.30 -96.75
C ASP G 22 -44.48 54.59 -97.82
N GLY G 23 -45.71 54.15 -97.63
CA GLY G 23 -46.76 54.38 -98.61
C GLY G 23 -46.65 53.55 -99.87
N ASP G 24 -45.90 52.45 -99.83
CA ASP G 24 -45.70 51.60 -100.99
C ASP G 24 -46.48 50.29 -100.92
N GLY G 25 -47.30 50.10 -99.88
CA GLY G 25 -48.05 48.88 -99.73
C GLY G 25 -47.27 47.70 -99.21
N THR G 26 -46.08 47.93 -98.66
CA THR G 26 -45.29 46.86 -98.06
C THR G 26 -44.39 47.48 -97.00
N ILE G 27 -43.90 46.63 -96.11
CA ILE G 27 -43.01 47.03 -95.03
C ILE G 27 -41.72 46.22 -95.13
N THR G 28 -40.80 46.48 -94.21
CA THR G 28 -39.52 45.80 -94.18
C THR G 28 -39.61 44.55 -93.30
N THR G 29 -38.51 43.81 -93.24
CA THR G 29 -38.46 42.59 -92.42
C THR G 29 -38.15 42.90 -90.97
N LYS G 30 -37.44 43.99 -90.71
CA LYS G 30 -37.03 44.33 -89.35
C LYS G 30 -38.15 44.97 -88.53
N GLU G 31 -39.28 45.31 -89.14
CA GLU G 31 -40.40 45.92 -88.44
C GLU G 31 -41.68 45.09 -88.56
N LEU G 32 -41.60 43.89 -89.12
CA LEU G 32 -42.76 43.01 -89.15
C LEU G 32 -43.11 42.51 -87.74
N GLY G 33 -42.09 42.28 -86.91
CA GLY G 33 -42.34 41.89 -85.54
C GLY G 33 -42.85 43.03 -84.68
N THR G 34 -42.64 44.28 -85.12
CA THR G 34 -43.26 45.42 -84.45
C THR G 34 -44.77 45.39 -84.64
N VAL G 35 -45.22 45.03 -85.84
CA VAL G 35 -46.65 44.90 -86.10
C VAL G 35 -47.21 43.68 -85.39
N MET G 36 -46.51 42.53 -85.50
CA MET G 36 -46.99 41.28 -84.93
C MET G 36 -46.99 41.29 -83.41
N ARG G 37 -46.09 42.04 -82.78
CA ARG G 37 -46.13 42.20 -81.33
C ARG G 37 -46.95 43.40 -80.90
N SER G 38 -47.27 44.30 -81.82
CA SER G 38 -48.29 45.30 -81.54
C SER G 38 -49.68 44.68 -81.52
N LEU G 39 -49.91 43.69 -82.38
CA LEU G 39 -51.19 42.97 -82.36
C LEU G 39 -51.26 42.01 -81.18
N GLY G 40 -50.12 41.56 -80.68
CA GLY G 40 -50.10 40.81 -79.43
C GLY G 40 -50.11 39.31 -79.54
N GLN G 41 -49.22 38.74 -80.36
CA GLN G 41 -49.02 37.30 -80.38
C GLN G 41 -47.73 36.86 -79.69
N ASN G 42 -46.74 37.76 -79.56
CA ASN G 42 -45.42 37.56 -78.98
C ASN G 42 -44.66 36.35 -79.55
N PRO G 43 -44.18 36.39 -80.79
CA PRO G 43 -43.31 35.33 -81.28
C PRO G 43 -41.87 35.62 -80.88
N THR G 44 -40.98 34.71 -81.28
CA THR G 44 -39.56 34.93 -81.06
C THR G 44 -38.93 35.56 -82.30
N GLU G 45 -37.66 35.95 -82.14
CA GLU G 45 -36.93 36.52 -83.26
C GLU G 45 -36.47 35.45 -84.24
N ALA G 46 -36.05 34.29 -83.73
CA ALA G 46 -35.53 33.24 -84.60
C ALA G 46 -36.63 32.57 -85.41
N GLU G 47 -37.82 32.41 -84.82
CA GLU G 47 -38.95 31.88 -85.58
C GLU G 47 -39.44 32.87 -86.62
N LEU G 48 -39.38 34.16 -86.30
CA LEU G 48 -39.76 35.20 -87.25
C LEU G 48 -38.80 35.25 -88.43
N GLN G 49 -37.48 35.18 -88.16
CA GLN G 49 -36.52 35.11 -89.25
C GLN G 49 -36.61 33.78 -90.01
N ASP G 50 -37.08 32.73 -89.33
CA ASP G 50 -37.34 31.46 -90.01
C ASP G 50 -38.50 31.60 -91.00
N MET G 51 -39.54 32.34 -90.61
CA MET G 51 -40.69 32.50 -91.50
C MET G 51 -40.39 33.48 -92.63
N ILE G 52 -39.59 34.52 -92.35
CA ILE G 52 -39.16 35.45 -93.39
C ILE G 52 -38.25 34.74 -94.38
N ASN G 53 -37.31 33.93 -93.89
CA ASN G 53 -36.47 33.13 -94.78
C ASN G 53 -37.25 32.02 -95.47
N GLU G 54 -38.41 31.64 -94.93
CA GLU G 54 -39.24 30.64 -95.61
C GLU G 54 -40.01 31.27 -96.76
N VAL G 55 -40.57 32.48 -96.56
CA VAL G 55 -41.33 33.13 -97.63
C VAL G 55 -40.45 33.93 -98.57
N ASP G 56 -39.17 34.11 -98.25
CA ASP G 56 -38.25 34.91 -99.07
C ASP G 56 -36.91 34.19 -99.08
N ALA G 57 -36.59 33.56 -100.21
CA ALA G 57 -35.32 32.87 -100.37
C ALA G 57 -34.25 33.77 -101.00
N ASP G 58 -34.53 35.06 -101.15
CA ASP G 58 -33.59 35.99 -101.76
C ASP G 58 -33.32 37.23 -100.93
N GLY G 59 -34.11 37.51 -99.89
CA GLY G 59 -33.90 38.69 -99.09
C GLY G 59 -34.37 39.95 -99.79
N ASN G 60 -35.65 39.98 -100.16
CA ASN G 60 -36.19 41.13 -100.87
C ASN G 60 -36.44 42.30 -99.94
N GLY G 61 -36.84 42.02 -98.69
CA GLY G 61 -37.17 43.07 -97.75
C GLY G 61 -38.58 43.62 -97.89
N THR G 62 -39.44 42.98 -98.67
CA THR G 62 -40.81 43.41 -98.85
C THR G 62 -41.75 42.36 -98.24
N ILE G 63 -42.74 42.84 -97.48
CA ILE G 63 -43.71 41.97 -96.82
C ILE G 63 -45.08 42.26 -97.42
N ASP G 64 -45.72 41.21 -97.95
CA ASP G 64 -47.03 41.35 -98.55
C ASP G 64 -48.13 41.12 -97.53
N PHE G 65 -49.30 41.67 -97.82
CA PHE G 65 -50.47 41.54 -96.95
C PHE G 65 -51.15 40.16 -96.99
N PRO G 66 -51.27 39.45 -98.14
CA PRO G 66 -51.72 38.05 -98.03
C PRO G 66 -50.70 37.14 -97.35
N GLU G 67 -49.40 37.43 -97.51
CA GLU G 67 -48.39 36.72 -96.73
C GLU G 67 -48.55 37.02 -95.25
N PHE G 68 -48.93 38.26 -94.91
CA PHE G 68 -49.16 38.64 -93.52
C PHE G 68 -50.40 37.97 -92.96
N LEU G 69 -51.43 37.78 -93.79
CA LEU G 69 -52.62 37.05 -93.36
C LEU G 69 -52.31 35.56 -93.20
N THR G 70 -51.39 35.03 -94.00
CA THR G 70 -50.99 33.64 -93.85
C THR G 70 -50.17 33.44 -92.58
N MET G 71 -49.27 34.40 -92.27
CA MET G 71 -48.46 34.30 -91.06
C MET G 71 -49.32 34.48 -89.81
N MET G 72 -50.23 35.45 -89.81
CA MET G 72 -51.09 35.65 -88.64
C MET G 72 -52.15 34.56 -88.54
N ALA G 73 -52.49 33.91 -89.65
CA ALA G 73 -53.34 32.73 -89.55
C ALA G 73 -52.57 31.53 -89.00
N ARG G 74 -51.26 31.47 -89.27
CA ARG G 74 -50.42 30.44 -88.66
C ARG G 74 -50.21 30.72 -87.17
N LYS G 75 -50.06 32.00 -86.81
CA LYS G 75 -49.87 32.40 -85.43
C LYS G 75 -51.18 32.62 -84.68
N MET G 76 -52.31 32.17 -85.22
CA MET G 76 -53.59 32.35 -84.56
C MET G 76 -53.72 31.42 -83.36
N LYS G 77 -53.28 30.17 -83.51
CA LYS G 77 -53.39 29.19 -82.43
C LYS G 77 -52.38 29.40 -81.31
N ASP G 78 -51.35 30.22 -81.54
CA ASP G 78 -50.33 30.47 -80.52
C ASP G 78 -50.85 31.51 -79.54
N THR G 79 -51.54 31.03 -78.50
CA THR G 79 -52.11 31.88 -77.47
C THR G 79 -51.40 31.59 -76.15
N ASP G 80 -50.84 32.63 -75.55
CA ASP G 80 -50.15 32.50 -74.28
C ASP G 80 -51.16 32.56 -73.13
N SER G 81 -50.65 32.61 -71.90
CA SER G 81 -51.52 32.67 -70.73
C SER G 81 -50.90 33.61 -69.70
N GLU G 82 -51.76 34.29 -68.94
CA GLU G 82 -51.28 35.15 -67.86
C GLU G 82 -50.72 34.34 -66.70
N GLU G 83 -51.13 33.08 -66.56
CA GLU G 83 -50.72 32.30 -65.41
C GLU G 83 -49.28 31.81 -65.55
N GLU G 84 -48.87 31.44 -66.77
CA GLU G 84 -47.47 31.05 -67.00
C GLU G 84 -46.55 32.23 -66.81
N ILE G 85 -47.00 33.43 -67.21
CA ILE G 85 -46.26 34.66 -66.97
C ILE G 85 -46.15 34.94 -65.47
N ARG G 86 -47.27 34.77 -64.75
CA ARG G 86 -47.30 35.04 -63.32
C ARG G 86 -46.41 34.07 -62.54
N GLU G 87 -46.50 32.77 -62.87
CA GLU G 87 -45.61 31.78 -62.25
C GLU G 87 -44.16 32.00 -62.63
N ALA G 88 -43.90 32.56 -63.82
CA ALA G 88 -42.54 32.88 -64.21
C ALA G 88 -41.96 33.99 -63.34
N PHE G 89 -42.74 35.05 -63.10
CA PHE G 89 -42.26 36.09 -62.18
C PHE G 89 -42.25 35.60 -60.73
N ARG G 90 -43.05 34.59 -60.39
CA ARG G 90 -42.91 33.98 -59.07
C ARG G 90 -41.60 33.21 -58.94
N VAL G 91 -41.16 32.58 -60.03
CA VAL G 91 -39.88 31.88 -60.04
C VAL G 91 -38.74 32.89 -59.92
N PHE G 92 -38.79 33.96 -60.70
CA PHE G 92 -37.74 34.97 -60.62
C PHE G 92 -37.77 35.75 -59.31
N ASP G 93 -38.90 35.76 -58.61
CA ASP G 93 -38.95 36.22 -57.22
C ASP G 93 -38.27 35.16 -56.37
N LYS G 94 -37.05 35.43 -55.95
CA LYS G 94 -36.30 34.50 -55.11
C LYS G 94 -36.68 34.58 -53.65
N ASP G 95 -37.53 35.54 -53.28
CA ASP G 95 -37.87 35.81 -51.89
C ASP G 95 -39.22 35.25 -51.47
N GLY G 96 -40.23 35.34 -52.31
CA GLY G 96 -41.55 34.87 -51.95
C GLY G 96 -42.37 35.85 -51.16
N ASN G 97 -42.00 37.13 -51.16
CA ASN G 97 -42.78 38.18 -50.53
C ASN G 97 -43.61 38.98 -51.52
N GLY G 98 -43.63 38.58 -52.78
CA GLY G 98 -44.39 39.28 -53.80
C GLY G 98 -43.72 40.50 -54.39
N TYR G 99 -42.62 40.96 -53.82
CA TYR G 99 -41.93 42.17 -54.26
C TYR G 99 -40.58 41.77 -54.83
N ILE G 100 -40.50 41.62 -56.15
CA ILE G 100 -39.26 41.22 -56.80
C ILE G 100 -38.34 42.45 -56.91
N SER G 101 -37.04 42.22 -56.72
CA SER G 101 -36.10 43.31 -56.65
C SER G 101 -35.83 43.90 -58.03
N ALA G 102 -35.82 45.24 -58.10
CA ALA G 102 -35.70 45.92 -59.39
C ALA G 102 -34.30 45.79 -59.98
N ALA G 103 -33.28 45.68 -59.14
CA ALA G 103 -31.92 45.51 -59.66
C ALA G 103 -31.70 44.09 -60.17
N GLU G 104 -32.24 43.10 -59.46
CA GLU G 104 -32.19 41.73 -59.95
C GLU G 104 -33.06 41.55 -61.18
N LEU G 105 -34.20 42.24 -61.24
CA LEU G 105 -35.04 42.24 -62.43
C LEU G 105 -34.31 42.88 -63.61
N ARG G 106 -33.52 43.93 -63.34
CA ARG G 106 -32.69 44.53 -64.37
C ARG G 106 -31.60 43.57 -64.83
N HIS G 107 -31.06 42.77 -63.90
CA HIS G 107 -30.03 41.81 -64.27
C HIS G 107 -30.60 40.67 -65.11
N VAL G 108 -31.85 40.29 -64.86
CA VAL G 108 -32.50 39.29 -65.70
C VAL G 108 -32.83 39.87 -67.07
N MET G 109 -33.41 41.07 -67.09
CA MET G 109 -33.86 41.67 -68.35
C MET G 109 -32.71 42.20 -69.20
N THR G 110 -31.50 42.30 -68.67
CA THR G 110 -30.34 42.68 -69.48
C THR G 110 -29.35 41.55 -69.71
N ASN G 111 -29.09 40.72 -68.71
CA ASN G 111 -28.00 39.75 -68.76
C ASN G 111 -28.46 38.33 -69.04
N LEU G 112 -29.74 38.10 -69.28
CA LEU G 112 -30.23 36.77 -69.56
C LEU G 112 -31.34 36.84 -70.60
N GLY G 113 -31.26 35.97 -71.60
CA GLY G 113 -32.21 35.99 -72.69
C GLY G 113 -31.62 36.57 -73.97
N GLU G 114 -32.37 37.45 -74.63
CA GLU G 114 -31.91 38.09 -75.84
C GLU G 114 -31.25 39.45 -75.59
N LYS G 115 -30.93 39.74 -74.33
CA LYS G 115 -30.00 40.81 -73.92
C LYS G 115 -30.46 42.19 -74.38
N LEU G 116 -31.55 42.64 -73.74
CA LEU G 116 -32.18 43.90 -74.10
C LEU G 116 -31.27 45.09 -73.81
N THR G 117 -31.62 46.23 -74.43
CA THR G 117 -30.81 47.43 -74.34
C THR G 117 -31.14 48.20 -73.07
N ASP G 118 -30.44 49.32 -72.88
CA ASP G 118 -30.61 50.15 -71.70
C ASP G 118 -31.94 50.89 -71.71
N GLU G 119 -32.47 51.23 -72.89
CA GLU G 119 -33.63 52.11 -72.96
C GLU G 119 -34.92 51.38 -72.60
N GLU G 120 -35.04 50.10 -72.99
CA GLU G 120 -36.25 49.36 -72.71
C GLU G 120 -36.34 48.96 -71.25
N VAL G 121 -35.22 48.56 -70.65
CA VAL G 121 -35.21 48.27 -69.22
C VAL G 121 -35.29 49.56 -68.41
N ASP G 122 -34.86 50.69 -69.00
CA ASP G 122 -35.07 51.98 -68.37
C ASP G 122 -36.55 52.33 -68.37
N GLU G 123 -37.25 52.00 -69.45
CA GLU G 123 -38.70 52.15 -69.47
C GLU G 123 -39.37 51.17 -68.52
N MET G 124 -38.75 50.01 -68.27
CA MET G 124 -39.35 49.04 -67.36
C MET G 124 -39.21 49.48 -65.90
N ILE G 125 -38.05 50.03 -65.55
CA ILE G 125 -37.86 50.55 -64.19
C ILE G 125 -38.67 51.83 -63.99
N ARG G 126 -38.77 52.65 -65.03
CA ARG G 126 -39.61 53.85 -64.98
C ARG G 126 -41.08 53.48 -64.85
N GLU G 127 -41.49 52.36 -65.45
CA GLU G 127 -42.86 51.88 -65.27
C GLU G 127 -43.05 51.28 -63.88
N ALA G 128 -42.01 50.65 -63.34
CA ALA G 128 -42.05 50.10 -62.00
C ALA G 128 -41.68 51.12 -60.93
N ASP G 129 -41.62 52.41 -61.29
CA ASP G 129 -41.40 53.46 -60.30
C ASP G 129 -42.60 53.59 -59.36
N ILE G 130 -43.80 53.27 -59.85
CA ILE G 130 -45.00 53.32 -59.04
C ILE G 130 -44.97 52.21 -57.97
N ASP G 131 -44.21 51.14 -58.21
CA ASP G 131 -43.96 50.12 -57.20
C ASP G 131 -42.59 50.25 -56.56
N GLY G 132 -41.65 50.95 -57.21
CA GLY G 132 -40.31 51.08 -56.72
C GLY G 132 -40.17 52.13 -55.63
N ASP G 133 -38.92 52.43 -55.27
CA ASP G 133 -37.72 51.85 -55.89
C ASP G 133 -37.20 50.67 -55.07
N GLY G 134 -36.53 49.74 -55.76
CA GLY G 134 -35.97 48.56 -55.14
C GLY G 134 -36.90 47.36 -55.08
N GLN G 135 -38.22 47.58 -55.13
CA GLN G 135 -39.18 46.50 -55.09
C GLN G 135 -40.16 46.67 -56.24
N VAL G 136 -40.60 45.56 -56.82
CA VAL G 136 -41.52 45.57 -57.94
C VAL G 136 -42.64 44.60 -57.64
N ASN G 137 -43.88 45.11 -57.57
CA ASN G 137 -45.05 44.26 -57.49
C ASN G 137 -45.28 43.65 -58.87
N TYR G 138 -44.85 42.40 -59.05
CA TYR G 138 -45.03 41.74 -60.34
C TYR G 138 -46.49 41.37 -60.58
N GLU G 139 -47.25 41.16 -59.51
CA GLU G 139 -48.65 40.75 -59.66
C GLU G 139 -49.50 41.88 -60.22
N GLU G 140 -49.22 43.12 -59.82
CA GLU G 140 -49.85 44.26 -60.47
C GLU G 140 -49.28 44.48 -61.86
N PHE G 141 -47.99 44.21 -62.04
CA PHE G 141 -47.29 44.49 -63.29
C PHE G 141 -47.77 43.60 -64.44
N VAL G 142 -48.06 42.33 -64.16
CA VAL G 142 -48.57 41.45 -65.20
C VAL G 142 -50.01 41.79 -65.57
N GLN G 143 -50.76 42.39 -64.66
CA GLN G 143 -52.10 42.83 -65.01
C GLN G 143 -52.08 44.16 -65.73
N MET G 144 -51.02 44.96 -65.53
CA MET G 144 -50.86 46.18 -66.31
C MET G 144 -50.31 45.88 -67.70
N MET G 145 -49.57 44.77 -67.86
CA MET G 145 -49.14 44.37 -69.19
C MET G 145 -50.29 43.76 -69.99
N THR G 146 -50.96 42.76 -69.42
CA THR G 146 -51.91 41.92 -70.14
C THR G 146 -53.36 42.36 -69.94
N ALA G 147 -53.59 43.67 -69.83
CA ALA G 147 -54.94 44.19 -69.70
C ALA G 147 -55.67 44.33 -71.02
N LYS G 148 -54.96 44.76 -72.07
CA LYS G 148 -55.57 44.97 -73.38
C LYS G 148 -54.90 44.13 -74.45
N ALA H 1 20.56 -5.71 19.26
CA ALA H 1 19.68 -5.35 18.19
C ALA H 1 18.82 -6.31 17.93
N ALA H 5 15.06 -7.57 24.19
CA ALA H 5 15.85 -8.59 24.77
C ALA H 5 17.01 -8.72 24.02
N TRP H 6 17.07 -9.09 22.76
CA TRP H 6 18.29 -8.98 22.10
C TRP H 6 18.70 -7.66 22.11
#